data_8I4Z
#
_entry.id   8I4Z
#
loop_
_entity.id
_entity.type
_entity.pdbx_description
1 polymer 'Beta-ketoacyl-acyl-carrier-protein synthase I'
2 non-polymer '11-oxidanylidene-11-(1~{H}-pyrrol-2-yl)undecanoic acid'
#
_entity_poly.entity_id   1
_entity_poly.type   'polypeptide(L)'
_entity_poly.pdbx_seq_one_letter_code
;MPDEEKLQKYLRKVTAELQQARRRLAAAESQSQEPIAVLGIGCRFPGGVRSPEDLWDLVDSGGDAVGGLPAGRGWQAGSA
LDGVNAGFIHGVEEFDPYFFGLDPVEAAAMDPQQRLLLETTWEAFERAGIDPVAARGSRTAVYAGVQFGGYPLLMREAPP
PQVLDHLGLGNSVGAASGRLAYQFGLLGGAVTVDTQCTSSIVALHLAVKALRNGECALALAGGACVMSLPTVLMDFHRRS
LLAPDGRSKSFAAAADGVSLAEGAGMLLLERLSDARRNGHPVMAVIRGTAINQDGATNGIISPSGRAQERVIRAALADGR
VTADSVDAVEGHGVGATLGDGVEVTSLLSTYGQERPAGRPLLLGSVKSNIGHTQTVGAVAGIVKLVMALRNERLPRTVHV
DGPTPHADWSSGTVRLLTEPEPWRRGERVRRAGLTCLTLSGTNGHLILEEPPADEPAARPANPERTVPLVLSAKSPTALR
EQAERLRATITAAEPVDVGHSLHTTRSSFRHRAVVLGTGREELAAGLDALAGDRTADGLVRGVARAQGQTALLFGGAGDG
TSGDRPADAEGPRTARGLYEAFPAFAEALDEVTEHLAGLLGPEVRAAVREPGPACAEPTVVGQAVAFALNTALHRLLTAF
AVRPDATLGHGAGEVAAAYAAGALSLADGAALVTALGRITERVATGPGASVWVRATEDEVRAALSGSQEQVGAAVAAVDE
PGTTVVSGDAGAVARVAAHWRAHGRATGAPRPARLLLSPDDEQAALAELRAIVAGLAFREPEVPLLSTVTGQPVEPAELR
SAEHWLDHLRGPTRFLDGVRRLRTDGVTRLVGLDLSGDLTGPAGRSAAGFGEPGRPLLLASVPGGGRPPGQALLSALGEL
HTDGVAIDWSQAFEGRGARRVDLPTYPYQKVRCWLVPPEPQVSVVAAPPHPLLGTALDLVDATGQSFTQQLTPGQVAGVF
GQQLYGTPVLPAGARLEWLLAAARHGSPDSAWTLTGIRLPGTVSAASGTPVALQTSREDSGDGHRVRAFVKGPGTGGGRW
AERGGATVVPAVTRPAPDRVDPESLPEGLAELDVAEVYRRLWRQGSDYAEPLRVLRRVWLGGDEAVALVGTADVPTGPSG
WSRWAAVLEAAVQLAALSGSGPRTPVSVDRLEVSGPPSEVVWLRVRHGADGAADAVVLSGEGVRLAAVQGLRLRPMAGRE
PAGLAEAPLERHEVVWHALAEDGRPGAIGGGTGSWLVFSDDPERAAAWCDELALFGVPAVALAGEDAEGRDGTETVPVGT
GDPDVVGKTFAELRERGVTVAGLLVHDAGDAREPASGADDPLDAACRRGGRTLALVRGFLQEYAEQTPRIVLCSAGAAAG
LAGGPPHPAQAPLTALFTSLVWEHPELPCAQVDLDPAEDPPTVVSLLGQVMRLPGAGRLAVRGGRWFEARLERRPAPADR
GERLALRPDATYLVAGGDTRHAAAALEWLAARGARSVVLAGAESERGDLAGARTTGHAGIERLEHVAVDLSSAADVARLA
ELCADGRPPLRGVLLLPQPVAGGGLDELDGARFGAELAGALRGPVELTRRFTDVGLTGGTDFFVLSTSVVSLPGRAGTVV
GSAADAFLTALARHHRQAGLPVVAAAWGPWLESVDESDEAPAVAFAEAGVYPAPGGEMLDALLPLPAAGEADGSGEAGLA
RVDWDRYLTAGHRPLPYTVLETRASYDEEKAPGFGQNRM
;
_entity_poly.pdbx_strand_id   A,B
#
loop_
_chem_comp.id
_chem_comp.type
_chem_comp.name
_chem_comp.formula
ONF non-polymer '11-oxidanylidene-11-(1~{H}-pyrrol-2-yl)undecanoic acid' 'C15 H23 N O3'
#
# COMPACT_ATOMS: atom_id res chain seq x y z
N GLN A 33 19.94 -32.27 -15.65
CA GLN A 33 19.11 -31.46 -14.75
C GLN A 33 17.97 -32.26 -14.13
N GLU A 34 17.77 -32.07 -12.82
CA GLU A 34 17.14 -33.02 -11.93
C GLU A 34 15.72 -32.64 -11.49
N PRO A 35 14.90 -33.63 -11.07
CA PRO A 35 13.67 -33.38 -10.34
C PRO A 35 13.89 -32.76 -8.96
N ILE A 36 12.94 -31.95 -8.51
CA ILE A 36 12.92 -31.33 -7.18
C ILE A 36 11.77 -31.92 -6.35
N ALA A 37 12.04 -32.29 -5.10
CA ALA A 37 11.14 -33.02 -4.23
C ALA A 37 10.42 -32.11 -3.22
N VAL A 38 9.10 -32.25 -3.08
CA VAL A 38 8.31 -31.61 -2.02
C VAL A 38 8.43 -32.44 -0.76
N LEU A 39 9.17 -31.96 0.24
CA LEU A 39 9.40 -32.67 1.50
C LEU A 39 8.30 -32.41 2.53
N GLY A 40 7.59 -31.29 2.42
CA GLY A 40 6.52 -30.95 3.34
C GLY A 40 5.63 -29.83 2.82
N ILE A 41 4.40 -29.81 3.31
CA ILE A 41 3.36 -28.82 3.01
C ILE A 41 2.80 -28.35 4.35
N GLY A 42 2.61 -27.05 4.51
CA GLY A 42 1.72 -26.50 5.54
C GLY A 42 0.74 -25.55 4.88
N CYS A 43 -0.48 -25.44 5.40
CA CYS A 43 -1.47 -24.54 4.82
C CYS A 43 -2.61 -24.11 5.77
N ARG A 44 -3.25 -22.99 5.44
CA ARG A 44 -4.50 -22.52 6.00
C ARG A 44 -5.43 -22.17 4.84
N PHE A 45 -6.66 -22.66 4.86
CA PHE A 45 -7.67 -22.44 3.82
C PHE A 45 -9.05 -22.32 4.47
N PRO A 46 -10.07 -21.79 3.79
CA PRO A 46 -11.42 -21.69 4.34
C PRO A 46 -12.00 -23.03 4.78
N GLY A 47 -12.96 -23.01 5.70
CA GLY A 47 -13.55 -24.22 6.27
C GLY A 47 -12.72 -24.87 7.39
N GLY A 48 -11.84 -24.11 8.03
CA GLY A 48 -11.08 -24.57 9.19
C GLY A 48 -9.90 -25.47 8.88
N VAL A 49 -9.47 -25.55 7.62
CA VAL A 49 -8.37 -26.40 7.17
C VAL A 49 -7.06 -25.95 7.80
N ARG A 50 -6.40 -26.84 8.55
CA ARG A 50 -5.08 -26.61 9.17
C ARG A 50 -4.02 -27.63 8.75
N SER A 51 -4.28 -28.43 7.72
CA SER A 51 -3.39 -29.46 7.21
C SER A 51 -3.82 -29.92 5.82
N PRO A 52 -2.95 -30.61 5.07
CA PRO A 52 -3.35 -31.35 3.88
C PRO A 52 -4.49 -32.33 4.13
N GLU A 53 -4.47 -33.03 5.27
CA GLU A 53 -5.52 -33.99 5.64
C GLU A 53 -6.88 -33.32 5.84
N ASP A 54 -6.94 -32.12 6.40
CA ASP A 54 -8.20 -31.39 6.48
C ASP A 54 -8.75 -31.03 5.10
N LEU A 55 -7.88 -30.64 4.16
CA LEU A 55 -8.34 -30.33 2.81
C LEU A 55 -8.88 -31.59 2.14
N TRP A 56 -8.20 -32.73 2.33
CA TRP A 56 -8.64 -33.98 1.75
C TRP A 56 -9.99 -34.41 2.32
N ASP A 57 -10.24 -34.26 3.62
CA ASP A 57 -11.54 -34.57 4.19
C ASP A 57 -12.67 -33.72 3.58
N LEU A 58 -12.46 -32.41 3.43
CA LEU A 58 -13.44 -31.51 2.81
C LEU A 58 -13.72 -31.91 1.37
N VAL A 59 -12.66 -32.14 0.60
CA VAL A 59 -12.76 -32.44 -0.83
C VAL A 59 -13.36 -33.83 -1.07
N ASP A 60 -12.94 -34.84 -0.33
CA ASP A 60 -13.44 -36.21 -0.47
C ASP A 60 -14.90 -36.35 0.02
N SER A 61 -15.32 -35.57 1.00
CA SER A 61 -16.73 -35.47 1.42
C SER A 61 -17.57 -34.55 0.49
N GLY A 62 -16.98 -33.99 -0.56
CA GLY A 62 -17.70 -33.24 -1.60
C GLY A 62 -18.34 -31.94 -1.11
N GLY A 63 -17.79 -31.32 -0.05
CA GLY A 63 -18.31 -30.06 0.49
C GLY A 63 -17.80 -28.81 -0.24
N ASP A 64 -18.29 -27.64 0.18
CA ASP A 64 -17.67 -26.36 -0.12
C ASP A 64 -17.65 -25.43 1.10
N ALA A 65 -16.79 -24.42 1.06
CA ALA A 65 -16.38 -23.65 2.23
C ALA A 65 -16.58 -22.13 2.10
N VAL A 66 -17.22 -21.65 1.03
CA VAL A 66 -17.66 -20.26 0.91
C VAL A 66 -18.83 -20.00 1.87
N GLY A 67 -18.78 -18.90 2.62
CA GLY A 67 -19.75 -18.58 3.67
C GLY A 67 -19.93 -17.09 3.92
N GLY A 68 -20.41 -16.74 5.11
CA GLY A 68 -20.72 -15.36 5.50
C GLY A 68 -19.51 -14.51 5.85
N LEU A 69 -19.66 -13.19 5.75
CA LEU A 69 -18.60 -12.21 6.03
C LEU A 69 -18.13 -12.29 7.50
N PRO A 70 -16.85 -12.02 7.78
CA PRO A 70 -16.29 -12.20 9.10
C PRO A 70 -16.81 -11.16 10.09
N ALA A 71 -17.20 -11.61 11.28
CA ALA A 71 -17.23 -10.78 12.47
C ALA A 71 -15.81 -10.56 13.03
N GLY A 72 -15.67 -9.77 14.09
CA GLY A 72 -14.41 -9.64 14.85
C GLY A 72 -13.36 -8.72 14.21
N ARG A 73 -13.23 -8.70 12.88
CA ARG A 73 -12.47 -7.67 12.15
C ARG A 73 -13.27 -6.36 12.19
N GLY A 74 -12.62 -5.22 12.35
CA GLY A 74 -13.23 -3.91 12.60
C GLY A 74 -13.86 -3.23 11.39
N TRP A 75 -14.41 -3.97 10.44
CA TRP A 75 -14.79 -3.46 9.10
C TRP A 75 -15.88 -2.40 9.13
N GLN A 76 -15.63 -1.28 8.44
CA GLN A 76 -16.59 -0.20 8.22
C GLN A 76 -17.37 -0.36 6.90
N ALA A 77 -17.79 -1.59 6.61
CA ALA A 77 -18.65 -1.91 5.47
C ALA A 77 -20.12 -1.76 5.88
N GLY A 78 -20.82 -0.80 5.27
CA GLY A 78 -22.26 -0.63 5.39
C GLY A 78 -23.01 -1.60 4.47
N SER A 79 -24.02 -1.10 3.76
CA SER A 79 -24.71 -1.87 2.72
C SER A 79 -23.81 -2.30 1.55
N ALA A 80 -22.61 -1.75 1.41
CA ALA A 80 -21.71 -2.02 0.28
C ALA A 80 -21.22 -3.49 0.17
N LEU A 81 -21.36 -4.30 1.22
CA LEU A 81 -21.17 -5.76 1.19
C LEU A 81 -22.46 -6.56 1.54
N ASP A 82 -23.64 -5.93 1.53
CA ASP A 82 -24.89 -6.64 1.85
C ASP A 82 -25.12 -7.80 0.87
N GLY A 83 -25.26 -9.02 1.39
CA GLY A 83 -25.52 -10.23 0.60
C GLY A 83 -24.30 -10.87 -0.08
N VAL A 84 -23.09 -10.31 0.10
CA VAL A 84 -21.84 -10.90 -0.41
C VAL A 84 -21.42 -12.12 0.42
N ASN A 85 -21.00 -13.20 -0.23
CA ASN A 85 -20.42 -14.40 0.40
C ASN A 85 -19.00 -14.65 -0.13
N ALA A 86 -18.10 -15.17 0.70
CA ALA A 86 -16.69 -15.40 0.35
C ALA A 86 -16.06 -16.42 1.32
N GLY A 87 -14.86 -16.92 1.03
CA GLY A 87 -14.18 -17.94 1.85
C GLY A 87 -13.12 -17.33 2.76
N PHE A 88 -13.31 -17.38 4.08
CA PHE A 88 -12.43 -16.69 5.03
C PHE A 88 -11.69 -17.65 5.95
N ILE A 89 -10.48 -17.29 6.34
CA ILE A 89 -9.77 -17.92 7.45
C ILE A 89 -10.36 -17.33 8.73
N HIS A 90 -11.21 -18.09 9.41
CA HIS A 90 -11.73 -17.68 10.71
C HIS A 90 -10.59 -17.52 11.70
N GLY A 91 -10.64 -16.48 12.53
CA GLY A 91 -9.68 -16.31 13.61
C GLY A 91 -8.29 -15.84 13.18
N VAL A 92 -8.12 -15.29 11.98
CA VAL A 92 -6.82 -14.73 11.54
C VAL A 92 -6.32 -13.60 12.45
N GLU A 93 -7.22 -12.97 13.22
CA GLU A 93 -6.91 -11.96 14.23
C GLU A 93 -6.31 -12.51 15.52
N GLU A 94 -6.24 -13.83 15.69
CA GLU A 94 -5.66 -14.49 16.85
C GLU A 94 -4.32 -15.16 16.53
N PHE A 95 -3.34 -14.99 17.42
CA PHE A 95 -1.93 -15.36 17.23
C PHE A 95 -1.28 -15.64 18.59
N ASP A 96 -0.06 -16.18 18.63
CA ASP A 96 0.61 -16.57 19.88
C ASP A 96 2.03 -15.98 19.99
N PRO A 97 2.18 -14.71 20.39
CA PRO A 97 3.43 -13.96 20.25
C PRO A 97 4.62 -14.55 20.98
N TYR A 98 4.38 -15.16 22.14
CA TYR A 98 5.42 -15.73 22.98
C TYR A 98 6.13 -16.92 22.33
N PHE A 99 5.48 -17.66 21.43
CA PHE A 99 6.11 -18.81 20.77
C PHE A 99 7.26 -18.38 19.86
N PHE A 100 7.06 -17.33 19.07
CA PHE A 100 8.05 -16.82 18.12
C PHE A 100 9.03 -15.82 18.72
N GLY A 101 8.78 -15.31 19.92
CA GLY A 101 9.64 -14.37 20.61
C GLY A 101 9.36 -12.90 20.28
N LEU A 102 8.10 -12.56 20.02
CA LEU A 102 7.65 -11.19 19.78
C LEU A 102 6.96 -10.60 21.01
N ASP A 103 7.28 -9.36 21.35
CA ASP A 103 6.48 -8.54 22.27
C ASP A 103 5.10 -8.25 21.63
N PRO A 104 3.95 -8.43 22.32
CA PRO A 104 2.64 -8.31 21.69
C PRO A 104 2.32 -7.01 20.95
N VAL A 105 2.95 -5.88 21.28
CA VAL A 105 2.78 -4.64 20.50
C VAL A 105 3.41 -4.74 19.11
N GLU A 106 4.56 -5.42 18.95
CA GLU A 106 5.08 -5.71 17.61
C GLU A 106 4.18 -6.71 16.88
N ALA A 107 3.68 -7.74 17.57
CA ALA A 107 2.77 -8.71 16.96
C ALA A 107 1.42 -8.09 16.54
N ALA A 108 0.97 -7.01 17.18
CA ALA A 108 -0.17 -6.22 16.72
C ALA A 108 0.18 -5.35 15.50
N ALA A 109 1.40 -4.83 15.40
CA ALA A 109 1.83 -4.01 14.28
C ALA A 109 1.92 -4.77 12.95
N MET A 110 2.25 -6.07 12.96
CA MET A 110 2.47 -6.86 11.75
C MET A 110 1.20 -7.13 10.95
N ASP A 111 1.29 -6.94 9.63
CA ASP A 111 0.31 -7.38 8.65
C ASP A 111 -0.05 -8.86 8.87
N PRO A 112 -1.33 -9.27 8.89
CA PRO A 112 -1.73 -10.66 9.06
C PRO A 112 -1.05 -11.64 8.09
N GLN A 113 -0.65 -11.18 6.91
CA GLN A 113 0.08 -11.99 5.93
C GLN A 113 1.46 -12.40 6.44
N GLN A 114 2.22 -11.51 7.09
CA GLN A 114 3.49 -11.89 7.71
C GLN A 114 3.29 -12.88 8.85
N ARG A 115 2.19 -12.78 9.60
CA ARG A 115 1.89 -13.73 10.68
C ARG A 115 1.52 -15.12 10.16
N LEU A 116 0.66 -15.24 9.16
CA LEU A 116 0.28 -16.53 8.61
C LEU A 116 1.47 -17.27 7.97
N LEU A 117 2.35 -16.58 7.23
CA LEU A 117 3.54 -17.22 6.65
C LEU A 117 4.45 -17.77 7.74
N LEU A 118 4.64 -17.03 8.82
CA LEU A 118 5.50 -17.39 9.94
C LEU A 118 4.95 -18.61 10.68
N GLU A 119 3.64 -18.66 10.93
CA GLU A 119 2.98 -19.83 11.49
C GLU A 119 3.09 -21.05 10.57
N THR A 120 2.75 -20.87 9.29
CA THR A 120 2.72 -21.95 8.30
C THR A 120 4.10 -22.55 8.03
N THR A 121 5.16 -21.74 8.10
CA THR A 121 6.54 -22.23 7.94
C THR A 121 6.93 -23.22 9.02
N TRP A 122 6.55 -23.02 10.28
CA TRP A 122 6.91 -23.95 11.35
C TRP A 122 6.28 -25.34 11.15
N GLU A 123 5.00 -25.35 10.78
CA GLU A 123 4.27 -26.54 10.39
C GLU A 123 4.90 -27.25 9.19
N ALA A 124 5.44 -26.52 8.21
CA ALA A 124 6.13 -27.12 7.08
C ALA A 124 7.38 -27.88 7.53
N PHE A 125 8.25 -27.27 8.34
CA PHE A 125 9.43 -27.94 8.88
C PHE A 125 9.07 -29.16 9.76
N GLU A 126 8.06 -29.07 10.62
CA GLU A 126 7.68 -30.21 11.48
C GLU A 126 7.17 -31.42 10.70
N ARG A 127 6.67 -31.27 9.47
CA ARG A 127 6.33 -32.40 8.60
C ARG A 127 7.45 -32.81 7.66
N ALA A 128 8.33 -31.89 7.29
CA ALA A 128 9.55 -32.20 6.55
C ALA A 128 10.54 -33.05 7.36
N GLY A 129 10.30 -33.26 8.65
CA GLY A 129 11.15 -34.07 9.51
C GLY A 129 12.44 -33.36 9.92
N ILE A 130 12.53 -32.04 9.76
CA ILE A 130 13.68 -31.26 10.17
C ILE A 130 13.29 -30.43 11.40
N ASP A 131 14.00 -30.60 12.50
CA ASP A 131 13.91 -29.74 13.68
C ASP A 131 14.37 -28.32 13.31
N PRO A 132 13.57 -27.26 13.48
CA PRO A 132 14.00 -25.92 13.15
C PRO A 132 15.26 -25.45 13.88
N VAL A 133 15.62 -26.05 15.01
CA VAL A 133 16.88 -25.75 15.70
C VAL A 133 18.08 -26.30 14.92
N ALA A 134 17.91 -27.37 14.15
CA ALA A 134 18.96 -27.92 13.28
C ALA A 134 19.12 -27.15 11.98
N ALA A 135 18.09 -26.44 11.51
CA ALA A 135 18.10 -25.67 10.27
C ALA A 135 18.84 -24.33 10.37
N ARG A 136 19.14 -23.83 11.57
CA ARG A 136 19.81 -22.53 11.78
C ARG A 136 21.22 -22.58 11.21
N GLY A 137 21.55 -21.67 10.31
CA GLY A 137 22.81 -21.70 9.54
C GLY A 137 22.79 -22.53 8.25
N SER A 138 21.66 -23.11 7.87
CA SER A 138 21.51 -23.75 6.54
C SER A 138 21.44 -22.73 5.41
N ARG A 139 21.93 -23.11 4.22
CA ARG A 139 21.75 -22.35 2.97
C ARG A 139 20.38 -22.61 2.38
N THR A 140 19.35 -22.10 3.04
CA THR A 140 17.95 -22.21 2.61
C THR A 140 17.51 -20.88 2.04
N ALA A 141 16.99 -20.86 0.82
CA ALA A 141 16.42 -19.68 0.21
C ALA A 141 14.92 -19.53 0.50
N VAL A 142 14.40 -18.31 0.47
CA VAL A 142 12.99 -17.98 0.73
C VAL A 142 12.40 -17.20 -0.44
N TYR A 143 11.32 -17.68 -1.06
CA TYR A 143 10.61 -17.00 -2.15
C TYR A 143 9.12 -16.94 -1.84
N ALA A 144 8.61 -15.78 -1.44
CA ALA A 144 7.21 -15.65 -1.03
C ALA A 144 6.40 -14.80 -2.01
N GLY A 145 5.27 -15.30 -2.49
CA GLY A 145 4.29 -14.51 -3.24
C GLY A 145 3.36 -13.76 -2.29
N VAL A 146 3.45 -12.44 -2.20
CA VAL A 146 2.79 -11.61 -1.18
C VAL A 146 2.35 -10.28 -1.80
N GLN A 147 1.33 -9.62 -1.27
CA GLN A 147 0.85 -8.31 -1.76
C GLN A 147 0.59 -7.31 -0.62
N PHE A 148 0.71 -6.01 -0.88
CA PHE A 148 0.49 -5.01 0.18
C PHE A 148 -0.95 -5.04 0.68
N GLY A 149 -1.14 -5.27 1.98
CA GLY A 149 -2.46 -5.55 2.56
C GLY A 149 -3.21 -4.32 3.07
N GLY A 150 -2.63 -3.13 3.07
CA GLY A 150 -3.29 -1.91 3.56
C GLY A 150 -3.68 -1.94 5.05
N TYR A 151 -3.23 -2.91 5.84
CA TYR A 151 -3.64 -3.10 7.23
C TYR A 151 -3.55 -1.84 8.13
N PRO A 152 -2.55 -0.96 8.02
CA PRO A 152 -2.52 0.29 8.78
C PRO A 152 -3.71 1.21 8.51
N LEU A 153 -4.34 1.12 7.34
CA LEU A 153 -5.51 1.91 6.98
C LEU A 153 -6.81 1.43 7.68
N LEU A 154 -6.78 0.35 8.47
CA LEU A 154 -7.87 0.04 9.39
C LEU A 154 -8.01 1.10 10.48
N MET A 155 -6.92 1.76 10.88
CA MET A 155 -6.93 2.66 12.03
C MET A 155 -7.71 3.95 11.75
N ARG A 156 -8.76 4.19 12.55
CA ARG A 156 -9.65 5.37 12.42
C ARG A 156 -9.10 6.63 13.10
N GLU A 157 -7.90 6.54 13.67
CA GLU A 157 -7.21 7.56 14.44
C GLU A 157 -5.69 7.33 14.36
N ALA A 158 -4.88 8.34 14.66
CA ALA A 158 -3.43 8.15 14.79
C ALA A 158 -3.09 7.07 15.85
N PRO A 159 -2.10 6.22 15.60
CA PRO A 159 -1.76 5.12 16.51
C PRO A 159 -1.08 5.60 17.81
N PRO A 160 -1.02 4.76 18.84
CA PRO A 160 -0.16 4.98 20.00
C PRO A 160 1.32 5.07 19.63
N PRO A 161 2.12 5.91 20.31
CA PRO A 161 3.52 6.09 19.96
C PRO A 161 4.39 4.85 20.18
N GLN A 162 3.91 3.84 20.94
CA GLN A 162 4.62 2.57 21.10
C GLN A 162 4.61 1.69 19.84
N VAL A 163 3.48 1.64 19.10
CA VAL A 163 3.33 0.82 17.89
C VAL A 163 3.81 1.51 16.62
N LEU A 164 3.78 2.84 16.58
CA LEU A 164 4.12 3.64 15.40
C LEU A 164 5.51 3.29 14.80
N ASP A 165 6.53 3.13 15.63
CA ASP A 165 7.88 2.79 15.18
C ASP A 165 8.07 1.33 14.70
N HIS A 166 7.06 0.48 14.84
CA HIS A 166 7.06 -0.89 14.31
C HIS A 166 6.20 -1.06 13.05
N LEU A 167 5.33 -0.12 12.69
CA LEU A 167 4.44 -0.30 11.54
C LEU A 167 5.20 -0.42 10.21
N GLY A 168 6.38 0.18 10.06
CA GLY A 168 7.18 0.16 8.82
C GLY A 168 7.57 -1.26 8.40
N LEU A 169 8.53 -1.87 9.08
CA LEU A 169 8.89 -3.28 8.86
C LEU A 169 7.75 -4.26 9.22
N GLY A 170 6.71 -3.79 9.91
CA GLY A 170 5.49 -4.55 10.11
C GLY A 170 4.65 -4.72 8.85
N ASN A 171 4.77 -3.83 7.85
CA ASN A 171 3.84 -3.80 6.72
C ASN A 171 4.48 -3.64 5.33
N SER A 172 5.75 -3.27 5.22
CA SER A 172 6.43 -3.30 3.91
C SER A 172 6.46 -4.71 3.33
N VAL A 173 6.08 -4.92 2.07
CA VAL A 173 6.00 -6.25 1.47
C VAL A 173 7.36 -6.94 1.46
N GLY A 174 8.43 -6.20 1.12
CA GLY A 174 9.81 -6.71 1.14
C GLY A 174 10.33 -7.14 2.51
N ALA A 175 9.65 -6.84 3.61
CA ALA A 175 9.98 -7.41 4.91
C ALA A 175 9.51 -8.87 5.05
N ALA A 176 8.51 -9.32 4.29
CA ALA A 176 7.91 -10.63 4.47
C ALA A 176 8.84 -11.80 4.14
N SER A 177 9.79 -11.65 3.20
CA SER A 177 10.85 -12.63 2.99
C SER A 177 11.89 -12.56 4.11
N GLY A 178 12.38 -11.37 4.44
CA GLY A 178 13.49 -11.20 5.38
C GLY A 178 13.16 -11.63 6.80
N ARG A 179 11.95 -11.36 7.28
CA ARG A 179 11.53 -11.74 8.63
C ARG A 179 11.49 -13.26 8.82
N LEU A 180 11.06 -14.03 7.82
CA LEU A 180 11.14 -15.49 7.90
C LEU A 180 12.58 -15.94 8.06
N ALA A 181 13.48 -15.36 7.25
CA ALA A 181 14.88 -15.73 7.27
C ALA A 181 15.54 -15.37 8.61
N TYR A 182 15.12 -14.29 9.25
CA TYR A 182 15.59 -13.91 10.58
C TYR A 182 15.10 -14.89 11.65
N GLN A 183 13.80 -15.20 11.70
CA GLN A 183 13.24 -16.08 12.73
C GLN A 183 13.89 -17.47 12.72
N PHE A 184 14.17 -18.02 11.55
CA PHE A 184 14.75 -19.35 11.40
C PHE A 184 16.27 -19.33 11.16
N GLY A 185 16.92 -18.17 11.09
CA GLY A 185 18.36 -18.07 10.88
C GLY A 185 18.83 -18.68 9.55
N LEU A 186 18.20 -18.32 8.44
CA LEU A 186 18.45 -18.90 7.12
C LEU A 186 19.31 -17.95 6.30
N LEU A 187 20.38 -18.46 5.67
CA LEU A 187 21.39 -17.63 5.03
C LEU A 187 21.19 -17.41 3.52
N GLY A 188 20.24 -18.07 2.88
CA GLY A 188 20.05 -17.96 1.44
C GLY A 188 19.47 -16.63 1.00
N GLY A 189 19.21 -16.48 -0.30
CA GLY A 189 18.48 -15.33 -0.83
C GLY A 189 17.04 -15.29 -0.30
N ALA A 190 16.50 -14.10 -0.10
CA ALA A 190 15.17 -13.93 0.47
C ALA A 190 14.40 -12.83 -0.27
N VAL A 191 13.54 -13.20 -1.22
CA VAL A 191 12.82 -12.26 -2.08
C VAL A 191 11.30 -12.38 -1.98
N THR A 192 10.57 -11.30 -2.17
CA THR A 192 9.12 -11.37 -2.36
C THR A 192 8.79 -11.04 -3.80
N VAL A 193 7.83 -11.74 -4.37
CA VAL A 193 7.41 -11.58 -5.76
C VAL A 193 5.93 -11.23 -5.82
N ASP A 194 5.52 -10.44 -6.79
CA ASP A 194 4.10 -10.15 -7.02
C ASP A 194 3.82 -10.09 -8.51
N THR A 195 2.81 -10.85 -8.93
CA THR A 195 2.18 -10.84 -10.23
C THR A 195 0.71 -11.25 -10.07
N GLN A 196 0.01 -10.73 -9.07
CA GLN A 196 -1.40 -11.03 -8.81
C GLN A 196 -1.64 -12.54 -8.61
N CYS A 197 -2.70 -13.15 -9.15
CA CYS A 197 -3.05 -14.55 -8.85
C CYS A 197 -1.89 -15.53 -9.06
N THR A 198 -1.10 -15.36 -10.11
CA THR A 198 -0.01 -16.31 -10.41
C THR A 198 1.22 -16.15 -9.51
N SER A 199 1.18 -15.29 -8.49
CA SER A 199 2.35 -15.05 -7.63
C SER A 199 2.89 -16.30 -6.95
N SER A 200 2.07 -17.32 -6.73
CA SER A 200 2.54 -18.61 -6.22
C SER A 200 3.32 -19.44 -7.23
N ILE A 201 2.90 -19.57 -8.50
CA ILE A 201 3.69 -20.30 -9.50
C ILE A 201 5.01 -19.59 -9.74
N VAL A 202 5.01 -18.26 -9.81
CA VAL A 202 6.26 -17.51 -10.01
C VAL A 202 7.25 -17.80 -8.87
N ALA A 203 6.80 -17.87 -7.62
CA ALA A 203 7.66 -18.23 -6.51
C ALA A 203 8.23 -19.65 -6.63
N LEU A 204 7.40 -20.64 -6.99
CA LEU A 204 7.88 -22.01 -7.24
C LEU A 204 8.90 -22.08 -8.38
N HIS A 205 8.63 -21.46 -9.53
CA HIS A 205 9.52 -21.51 -10.68
C HIS A 205 10.91 -20.99 -10.34
N LEU A 206 11.00 -19.85 -9.67
CA LEU A 206 12.27 -19.27 -9.26
C LEU A 206 12.98 -20.14 -8.22
N ALA A 207 12.24 -20.79 -7.30
CA ALA A 207 12.83 -21.71 -6.35
C ALA A 207 13.35 -23.00 -7.00
N VAL A 208 12.61 -23.58 -7.94
CA VAL A 208 13.06 -24.76 -8.71
C VAL A 208 14.32 -24.42 -9.50
N LYS A 209 14.34 -23.29 -10.19
CA LYS A 209 15.53 -22.85 -10.93
C LYS A 209 16.70 -22.52 -10.01
N ALA A 210 16.47 -22.02 -8.79
CA ALA A 210 17.55 -21.81 -7.82
C ALA A 210 18.18 -23.12 -7.35
N LEU A 211 17.37 -24.14 -7.03
CA LEU A 211 17.88 -25.44 -6.59
C LEU A 211 18.63 -26.19 -7.69
N ARG A 212 18.15 -26.13 -8.93
CA ARG A 212 18.80 -26.75 -10.10
C ARG A 212 20.16 -26.14 -10.40
N ASN A 213 20.30 -24.83 -10.30
CA ASN A 213 21.57 -24.13 -10.51
C ASN A 213 22.54 -24.20 -9.31
N GLY A 214 22.22 -24.93 -8.25
CA GLY A 214 23.15 -25.14 -7.13
C GLY A 214 23.36 -23.93 -6.22
N GLU A 215 22.49 -22.92 -6.27
CA GLU A 215 22.62 -21.73 -5.42
C GLU A 215 22.41 -22.04 -3.92
N CYS A 216 21.64 -23.08 -3.60
CA CYS A 216 21.18 -23.39 -2.24
C CYS A 216 20.91 -24.88 -2.03
N ALA A 217 20.84 -25.31 -0.77
CA ALA A 217 20.67 -26.72 -0.38
C ALA A 217 19.21 -27.10 -0.11
N LEU A 218 18.40 -26.14 0.31
CA LEU A 218 16.95 -26.21 0.49
C LEU A 218 16.33 -24.93 -0.05
N ALA A 219 15.03 -24.95 -0.35
CA ALA A 219 14.30 -23.76 -0.67
C ALA A 219 12.88 -23.83 -0.14
N LEU A 220 12.32 -22.69 0.24
CA LEU A 220 10.98 -22.56 0.76
C LEU A 220 10.20 -21.62 -0.15
N ALA A 221 9.12 -22.09 -0.74
CA ALA A 221 8.35 -21.33 -1.71
C ALA A 221 6.86 -21.42 -1.44
N GLY A 222 6.12 -20.32 -1.56
CA GLY A 222 4.70 -20.30 -1.21
C GLY A 222 4.10 -18.90 -1.25
N GLY A 223 3.08 -18.62 -0.44
CA GLY A 223 2.49 -17.29 -0.38
C GLY A 223 1.42 -17.15 0.69
N ALA A 224 0.85 -15.95 0.80
CA ALA A 224 -0.30 -15.70 1.65
C ALA A 224 -1.23 -14.64 1.05
N CYS A 225 -2.51 -14.71 1.39
CA CYS A 225 -3.51 -13.73 1.04
C CYS A 225 -4.58 -13.63 2.12
N VAL A 226 -4.75 -12.45 2.70
CA VAL A 226 -5.76 -12.16 3.72
C VAL A 226 -6.44 -10.84 3.38
N MET A 227 -7.76 -10.78 3.53
CA MET A 227 -8.55 -9.56 3.42
C MET A 227 -8.62 -8.88 4.78
N SER A 228 -7.54 -8.18 5.14
CA SER A 228 -7.50 -7.17 6.18
C SER A 228 -8.56 -6.08 5.94
N LEU A 229 -8.49 -5.39 4.81
CA LEU A 229 -9.48 -4.43 4.35
C LEU A 229 -10.56 -5.11 3.48
N PRO A 230 -11.79 -4.58 3.44
CA PRO A 230 -12.87 -5.10 2.62
C PRO A 230 -12.80 -4.67 1.14
N THR A 231 -11.92 -3.74 0.76
CA THR A 231 -12.09 -2.97 -0.48
C THR A 231 -12.07 -3.80 -1.76
N VAL A 232 -11.28 -4.87 -1.83
CA VAL A 232 -11.27 -5.75 -3.02
C VAL A 232 -12.59 -6.50 -3.18
N LEU A 233 -13.26 -6.90 -2.09
CA LEU A 233 -14.62 -7.43 -2.18
C LEU A 233 -15.63 -6.34 -2.56
N MET A 234 -15.52 -5.13 -2.01
CA MET A 234 -16.43 -4.04 -2.39
C MET A 234 -16.37 -3.77 -3.90
N ASP A 235 -15.18 -3.68 -4.50
CA ASP A 235 -15.06 -3.40 -5.92
C ASP A 235 -15.50 -4.56 -6.82
N PHE A 236 -15.18 -5.81 -6.47
CA PHE A 236 -15.66 -6.96 -7.24
C PHE A 236 -17.18 -7.05 -7.21
N HIS A 237 -17.83 -6.64 -6.11
CA HIS A 237 -19.29 -6.54 -6.03
C HIS A 237 -19.83 -5.34 -6.80
N ARG A 238 -19.22 -4.16 -6.67
CA ARG A 238 -19.59 -2.93 -7.40
C ARG A 238 -19.65 -3.15 -8.91
N ARG A 239 -18.62 -3.78 -9.50
CA ARG A 239 -18.56 -4.10 -10.94
C ARG A 239 -19.29 -5.40 -11.33
N SER A 240 -19.96 -6.04 -10.38
CA SER A 240 -20.77 -7.26 -10.57
C SER A 240 -20.01 -8.44 -11.18
N LEU A 241 -18.77 -8.65 -10.77
CA LEU A 241 -17.94 -9.79 -11.21
C LEU A 241 -18.21 -11.07 -10.41
N LEU A 242 -18.72 -10.94 -9.18
CA LEU A 242 -19.04 -12.06 -8.29
C LEU A 242 -20.26 -12.85 -8.76
N ALA A 243 -20.23 -14.18 -8.64
CA ALA A 243 -21.45 -14.97 -8.77
C ALA A 243 -22.43 -14.61 -7.64
N PRO A 244 -23.74 -14.45 -7.90
CA PRO A 244 -24.70 -14.03 -6.88
C PRO A 244 -24.96 -15.08 -5.80
N ASP A 245 -24.60 -16.34 -6.01
CA ASP A 245 -24.62 -17.41 -4.98
C ASP A 245 -23.23 -17.71 -4.39
N GLY A 246 -22.18 -17.03 -4.86
CA GLY A 246 -20.83 -17.10 -4.35
C GLY A 246 -20.03 -18.34 -4.73
N ARG A 247 -20.45 -19.19 -5.68
CA ARG A 247 -19.72 -20.44 -6.00
C ARG A 247 -18.92 -20.35 -7.30
N SER A 248 -17.66 -20.76 -7.25
CA SER A 248 -16.83 -21.04 -8.42
C SER A 248 -17.24 -22.36 -9.08
N LYS A 249 -18.26 -22.34 -9.94
CA LYS A 249 -18.76 -23.49 -10.72
C LYS A 249 -17.76 -23.85 -11.84
N SER A 250 -16.60 -24.36 -11.48
CA SER A 250 -15.33 -24.24 -12.20
C SER A 250 -15.33 -24.35 -13.73
N PHE A 251 -15.96 -25.36 -14.32
CA PHE A 251 -16.05 -25.51 -15.79
C PHE A 251 -17.47 -25.78 -16.28
N ALA A 252 -18.46 -25.61 -15.41
CA ALA A 252 -19.83 -25.95 -15.69
C ALA A 252 -20.44 -25.00 -16.73
N ALA A 253 -21.50 -25.46 -17.39
CA ALA A 253 -22.47 -24.57 -18.00
C ALA A 253 -23.09 -23.65 -16.94
N ALA A 254 -23.61 -22.49 -17.35
CA ALA A 254 -24.29 -21.53 -16.47
C ALA A 254 -23.47 -21.09 -15.24
N ALA A 255 -22.15 -21.02 -15.36
CA ALA A 255 -21.28 -20.43 -14.35
C ALA A 255 -21.38 -18.89 -14.39
N ASP A 256 -21.84 -18.27 -13.31
CA ASP A 256 -22.26 -16.88 -13.31
C ASP A 256 -21.12 -15.85 -13.16
N GLY A 257 -20.05 -16.18 -12.45
CA GLY A 257 -19.01 -15.22 -12.03
C GLY A 257 -18.02 -15.78 -11.02
N VAL A 258 -17.02 -15.00 -10.64
CA VAL A 258 -15.91 -15.45 -9.75
C VAL A 258 -16.36 -15.48 -8.29
N SER A 259 -15.52 -15.94 -7.38
CA SER A 259 -15.77 -15.81 -5.93
C SER A 259 -14.48 -15.80 -5.11
N LEU A 260 -14.24 -14.74 -4.33
CA LEU A 260 -12.98 -14.55 -3.61
C LEU A 260 -12.89 -15.39 -2.33
N ALA A 261 -11.66 -15.73 -1.97
CA ALA A 261 -11.32 -16.42 -0.74
C ALA A 261 -9.88 -16.13 -0.29
N GLU A 262 -9.58 -16.40 0.97
CA GLU A 262 -8.28 -16.23 1.62
C GLU A 262 -7.45 -17.52 1.61
N GLY A 263 -6.18 -17.46 1.98
CA GLY A 263 -5.36 -18.66 2.07
C GLY A 263 -3.89 -18.39 2.35
N ALA A 264 -3.18 -19.38 2.87
CA ALA A 264 -1.73 -19.34 3.02
C ALA A 264 -1.13 -20.73 2.89
N GLY A 265 0.09 -20.83 2.41
CA GLY A 265 0.77 -22.11 2.25
C GLY A 265 2.25 -21.96 1.95
N MET A 266 3.06 -22.90 2.41
CA MET A 266 4.48 -23.00 2.11
C MET A 266 4.83 -24.45 1.76
N LEU A 267 5.67 -24.61 0.74
CA LEU A 267 6.20 -25.87 0.28
C LEU A 267 7.70 -25.86 0.49
N LEU A 268 8.25 -26.90 1.08
CA LEU A 268 9.67 -27.02 1.37
C LEU A 268 10.31 -28.01 0.38
N LEU A 269 11.36 -27.59 -0.34
CA LEU A 269 11.90 -28.26 -1.51
C LEU A 269 13.38 -28.63 -1.40
N GLU A 270 13.79 -29.75 -2.00
CA GLU A 270 15.18 -30.21 -2.11
C GLU A 270 15.43 -30.99 -3.41
N ARG A 271 16.68 -31.06 -3.90
CA ARG A 271 17.05 -31.89 -5.06
C ARG A 271 16.82 -33.37 -4.74
N LEU A 272 16.21 -34.15 -5.64
CA LEU A 272 15.79 -35.52 -5.32
C LEU A 272 16.96 -36.42 -4.87
N SER A 273 18.14 -36.26 -5.45
CA SER A 273 19.32 -37.04 -5.05
C SER A 273 19.77 -36.70 -3.62
N ASP A 274 19.87 -35.41 -3.27
CA ASP A 274 20.20 -34.98 -1.92
C ASP A 274 19.13 -35.39 -0.91
N ALA A 275 17.85 -35.32 -1.28
CA ALA A 275 16.75 -35.76 -0.44
C ALA A 275 16.86 -37.25 -0.11
N ARG A 276 17.14 -38.10 -1.10
CA ARG A 276 17.25 -39.56 -0.90
C ARG A 276 18.42 -39.96 -0.01
N ARG A 277 19.61 -39.37 -0.18
CA ARG A 277 20.77 -39.74 0.66
C ARG A 277 20.70 -39.21 2.09
N ASN A 278 20.02 -38.09 2.33
CA ASN A 278 19.78 -37.60 3.70
C ASN A 278 18.61 -38.31 4.38
N GLY A 279 17.69 -38.91 3.63
CA GLY A 279 16.63 -39.79 4.16
C GLY A 279 15.38 -39.08 4.66
N HIS A 280 15.14 -37.84 4.25
CA HIS A 280 13.89 -37.12 4.52
C HIS A 280 12.69 -37.75 3.79
N PRO A 281 11.44 -37.57 4.25
CA PRO A 281 10.26 -38.02 3.52
C PRO A 281 10.02 -37.22 2.24
N VAL A 282 9.46 -37.85 1.20
CA VAL A 282 9.10 -37.19 -0.08
C VAL A 282 7.63 -37.42 -0.39
N MET A 283 6.86 -36.35 -0.59
CA MET A 283 5.43 -36.45 -0.90
C MET A 283 5.11 -36.43 -2.39
N ALA A 284 5.88 -35.70 -3.20
CA ALA A 284 5.75 -35.63 -4.66
C ALA A 284 7.00 -35.01 -5.31
N VAL A 285 7.14 -35.17 -6.61
CA VAL A 285 8.20 -34.57 -7.42
C VAL A 285 7.63 -33.50 -8.36
N ILE A 286 8.19 -32.28 -8.31
CA ILE A 286 7.99 -31.27 -9.35
C ILE A 286 9.00 -31.56 -10.43
N ARG A 287 8.53 -31.83 -11.65
CA ARG A 287 9.41 -32.24 -12.75
C ARG A 287 9.77 -31.13 -13.73
N GLY A 288 8.89 -30.16 -13.96
CA GLY A 288 9.21 -29.01 -14.79
C GLY A 288 8.18 -27.89 -14.72
N THR A 289 8.59 -26.67 -15.07
CA THR A 289 7.82 -25.45 -14.83
C THR A 289 7.99 -24.44 -15.96
N ALA A 290 6.99 -23.61 -16.24
CA ALA A 290 7.10 -22.53 -17.22
C ALA A 290 6.17 -21.35 -16.92
N ILE A 291 6.55 -20.17 -17.38
CA ILE A 291 5.82 -18.89 -17.27
C ILE A 291 5.86 -18.20 -18.63
N ASN A 292 4.80 -17.50 -19.04
CA ASN A 292 4.81 -16.63 -20.22
C ASN A 292 3.75 -15.54 -20.16
N GLN A 293 3.80 -14.56 -21.06
CA GLN A 293 2.92 -13.40 -21.07
C GLN A 293 2.00 -13.36 -22.29
N ASP A 294 0.77 -12.92 -22.12
CA ASP A 294 -0.26 -12.88 -23.17
C ASP A 294 -0.01 -11.92 -24.33
N GLY A 295 0.82 -10.88 -24.18
CA GLY A 295 0.95 -9.83 -25.18
C GLY A 295 -0.23 -8.88 -25.16
N ALA A 296 -0.70 -8.41 -26.32
CA ALA A 296 -1.77 -7.42 -26.45
C ALA A 296 -2.68 -7.68 -27.67
N THR A 297 -3.91 -7.15 -27.65
CA THR A 297 -4.89 -7.27 -28.76
C THR A 297 -5.84 -6.08 -28.83
N ASN A 298 -6.34 -5.77 -30.02
CA ASN A 298 -7.44 -4.83 -30.26
C ASN A 298 -8.84 -5.38 -29.84
N GLY A 299 -8.94 -6.68 -29.55
CA GLY A 299 -10.16 -7.34 -29.06
C GLY A 299 -10.98 -8.14 -30.08
N ILE A 300 -10.58 -8.20 -31.36
CA ILE A 300 -11.26 -9.07 -32.35
C ILE A 300 -10.96 -10.56 -32.11
N ILE A 301 -9.82 -10.86 -31.48
CA ILE A 301 -9.39 -12.20 -31.05
C ILE A 301 -8.57 -12.08 -29.76
N SER A 302 -8.64 -13.09 -28.89
CA SER A 302 -7.89 -13.13 -27.62
C SER A 302 -6.62 -13.97 -27.77
N PRO A 303 -5.44 -13.46 -27.39
CA PRO A 303 -4.18 -14.19 -27.52
C PRO A 303 -4.02 -15.30 -26.46
N SER A 304 -4.81 -15.29 -25.39
CA SER A 304 -4.59 -16.17 -24.23
C SER A 304 -4.66 -17.66 -24.56
N GLY A 305 -5.48 -18.08 -25.54
CA GLY A 305 -5.48 -19.46 -26.02
C GLY A 305 -4.13 -19.88 -26.62
N ARG A 306 -3.53 -19.01 -27.45
CA ARG A 306 -2.22 -19.25 -28.06
C ARG A 306 -1.10 -19.19 -27.02
N ALA A 307 -1.18 -18.26 -26.07
CA ALA A 307 -0.22 -18.17 -24.99
C ALA A 307 -0.25 -19.41 -24.07
N GLN A 308 -1.43 -19.89 -23.71
CA GLN A 308 -1.58 -21.13 -22.94
C GLN A 308 -1.01 -22.31 -23.72
N GLU A 309 -1.21 -22.37 -25.04
CA GLU A 309 -0.67 -23.44 -25.87
C GLU A 309 0.86 -23.44 -25.87
N ARG A 310 1.51 -22.27 -25.88
CA ARG A 310 2.97 -22.18 -25.71
C ARG A 310 3.42 -22.63 -24.32
N VAL A 311 2.76 -22.20 -23.25
CA VAL A 311 3.24 -22.47 -21.88
C VAL A 311 3.15 -23.96 -21.53
N ILE A 312 2.14 -24.66 -22.03
CA ILE A 312 2.00 -26.10 -21.81
C ILE A 312 3.14 -26.86 -22.50
N ARG A 313 3.43 -26.59 -23.77
CA ARG A 313 4.56 -27.21 -24.47
C ARG A 313 5.89 -26.85 -23.82
N ALA A 314 6.08 -25.62 -23.35
CA ALA A 314 7.28 -25.24 -22.61
C ALA A 314 7.46 -26.06 -21.33
N ALA A 315 6.42 -26.27 -20.54
CA ALA A 315 6.52 -27.04 -19.31
C ALA A 315 6.84 -28.52 -19.57
N LEU A 316 6.20 -29.12 -20.58
CA LEU A 316 6.49 -30.49 -21.00
C LEU A 316 7.94 -30.63 -21.50
N ALA A 317 8.46 -29.64 -22.23
CA ALA A 317 9.84 -29.61 -22.68
C ALA A 317 10.83 -29.45 -21.51
N ASP A 318 10.54 -28.60 -20.52
CA ASP A 318 11.39 -28.41 -19.34
C ASP A 318 11.56 -29.71 -18.54
N GLY A 319 10.48 -30.48 -18.37
CA GLY A 319 10.50 -31.75 -17.65
C GLY A 319 10.94 -32.97 -18.46
N ARG A 320 11.18 -32.80 -19.76
CA ARG A 320 11.47 -33.87 -20.75
C ARG A 320 10.40 -34.99 -20.80
N VAL A 321 9.12 -34.65 -20.68
CA VAL A 321 8.01 -35.62 -20.67
C VAL A 321 7.17 -35.56 -21.94
N THR A 322 6.81 -36.71 -22.51
CA THR A 322 5.83 -36.80 -23.60
C THR A 322 4.41 -36.61 -23.06
N ALA A 323 3.56 -35.88 -23.79
CA ALA A 323 2.25 -35.44 -23.30
C ALA A 323 1.29 -36.61 -22.96
N ASP A 324 1.42 -37.74 -23.65
CA ASP A 324 0.65 -38.95 -23.43
C ASP A 324 0.81 -39.56 -22.03
N SER A 325 1.87 -39.21 -21.30
CA SER A 325 2.14 -39.70 -19.95
C SER A 325 1.40 -38.95 -18.83
N VAL A 326 0.77 -37.81 -19.12
CA VAL A 326 -0.02 -37.05 -18.13
C VAL A 326 -1.44 -37.59 -18.07
N ASP A 327 -1.96 -37.90 -16.88
CA ASP A 327 -3.30 -38.45 -16.67
C ASP A 327 -4.38 -37.37 -16.41
N ALA A 328 -4.03 -36.28 -15.75
CA ALA A 328 -5.00 -35.27 -15.32
C ALA A 328 -4.43 -33.86 -15.31
N VAL A 329 -5.27 -32.84 -15.44
CA VAL A 329 -4.89 -31.44 -15.22
C VAL A 329 -5.80 -30.80 -14.21
N GLU A 330 -5.22 -30.21 -13.19
CA GLU A 330 -5.88 -29.40 -12.17
C GLU A 330 -6.03 -27.98 -12.73
N GLY A 331 -6.97 -27.82 -13.65
CA GLY A 331 -7.17 -26.59 -14.41
C GLY A 331 -7.60 -25.41 -13.54
N HIS A 332 -7.56 -24.20 -14.09
CA HIS A 332 -7.85 -23.00 -13.33
C HIS A 332 -9.31 -22.96 -12.91
N GLY A 333 -10.25 -22.85 -13.86
CA GLY A 333 -11.67 -23.04 -13.57
C GLY A 333 -12.21 -22.11 -12.48
N VAL A 334 -12.14 -20.80 -12.70
CA VAL A 334 -12.59 -19.83 -11.70
C VAL A 334 -14.12 -19.69 -11.64
N GLY A 335 -14.82 -20.06 -12.71
CA GLY A 335 -16.27 -19.92 -12.88
C GLY A 335 -16.68 -18.70 -13.69
N ALA A 336 -15.78 -18.11 -14.47
CA ALA A 336 -16.09 -17.04 -15.39
C ALA A 336 -16.81 -17.59 -16.65
N THR A 337 -17.48 -16.73 -17.41
CA THR A 337 -18.24 -17.15 -18.60
C THR A 337 -17.35 -17.55 -19.77
N LEU A 338 -16.23 -16.84 -20.00
CA LEU A 338 -15.36 -17.06 -21.16
C LEU A 338 -14.06 -17.79 -20.80
N GLY A 339 -13.28 -17.27 -19.85
CA GLY A 339 -11.87 -17.65 -19.68
C GLY A 339 -11.64 -19.14 -19.42
N ASP A 340 -12.54 -19.77 -18.67
CA ASP A 340 -12.47 -21.21 -18.40
C ASP A 340 -12.79 -22.06 -19.65
N GLY A 341 -13.64 -21.58 -20.56
CA GLY A 341 -13.86 -22.23 -21.86
C GLY A 341 -12.64 -22.11 -22.79
N VAL A 342 -11.96 -20.97 -22.78
CA VAL A 342 -10.68 -20.81 -23.48
C VAL A 342 -9.63 -21.77 -22.92
N GLU A 343 -9.58 -21.97 -21.60
CA GLU A 343 -8.68 -22.97 -21.02
C GLU A 343 -9.01 -24.38 -21.52
N VAL A 344 -10.28 -24.79 -21.53
CA VAL A 344 -10.64 -26.12 -22.04
C VAL A 344 -10.20 -26.27 -23.49
N THR A 345 -10.37 -25.22 -24.29
CA THR A 345 -9.91 -25.20 -25.67
C THR A 345 -8.40 -25.40 -25.77
N SER A 346 -7.61 -24.77 -24.91
CA SER A 346 -6.16 -24.96 -24.87
C SER A 346 -5.77 -26.38 -24.45
N LEU A 347 -6.51 -27.02 -23.55
CA LEU A 347 -6.21 -28.38 -23.14
C LEU A 347 -6.51 -29.36 -24.28
N LEU A 348 -7.62 -29.17 -24.97
CA LEU A 348 -7.97 -29.96 -26.15
C LEU A 348 -6.93 -29.85 -27.25
N SER A 349 -6.36 -28.65 -27.46
CA SER A 349 -5.34 -28.41 -28.49
C SER A 349 -3.91 -28.81 -28.09
N THR A 350 -3.62 -29.04 -26.80
CA THR A 350 -2.27 -29.40 -26.32
C THR A 350 -2.17 -30.88 -25.96
N TYR A 351 -2.71 -31.29 -24.82
CA TYR A 351 -2.80 -32.69 -24.40
C TYR A 351 -3.82 -33.48 -25.22
N GLY A 352 -4.93 -32.85 -25.58
CA GLY A 352 -6.14 -33.54 -26.07
C GLY A 352 -6.04 -34.19 -27.44
N GLN A 353 -4.94 -33.97 -28.17
CA GLN A 353 -4.69 -34.57 -29.49
C GLN A 353 -3.92 -35.91 -29.45
N GLU A 354 -3.33 -36.29 -28.32
CA GLU A 354 -2.30 -37.36 -28.26
C GLU A 354 -2.63 -38.51 -27.29
N ARG A 355 -3.90 -38.68 -26.91
CA ARG A 355 -4.31 -39.61 -25.84
C ARG A 355 -4.13 -41.09 -26.23
N PRO A 356 -3.56 -41.93 -25.35
CA PRO A 356 -3.61 -43.40 -25.48
C PRO A 356 -5.04 -43.95 -25.44
N ALA A 357 -5.23 -45.15 -25.98
CA ALA A 357 -6.54 -45.82 -26.00
C ALA A 357 -7.09 -46.04 -24.57
N GLY A 358 -8.30 -45.56 -24.30
CA GLY A 358 -8.96 -45.68 -23.00
C GLY A 358 -8.41 -44.79 -21.88
N ARG A 359 -7.60 -43.76 -22.19
CA ARG A 359 -6.98 -42.85 -21.21
C ARG A 359 -7.32 -41.36 -21.44
N PRO A 360 -8.58 -40.91 -21.36
CA PRO A 360 -8.92 -39.49 -21.48
C PRO A 360 -8.26 -38.65 -20.38
N LEU A 361 -7.92 -37.40 -20.69
CA LEU A 361 -7.41 -36.47 -19.67
C LEU A 361 -8.54 -36.14 -18.71
N LEU A 362 -8.35 -36.41 -17.42
CA LEU A 362 -9.30 -36.02 -16.39
C LEU A 362 -9.05 -34.56 -15.97
N LEU A 363 -10.10 -33.74 -15.90
CA LEU A 363 -10.02 -32.32 -15.55
C LEU A 363 -10.87 -31.99 -14.33
N GLY A 364 -10.33 -31.17 -13.43
CA GLY A 364 -11.05 -30.63 -12.27
C GLY A 364 -10.42 -29.37 -11.70
N SER A 365 -11.05 -28.75 -10.70
CA SER A 365 -10.51 -27.57 -10.01
C SER A 365 -10.97 -27.44 -8.57
N VAL A 366 -10.02 -27.42 -7.64
CA VAL A 366 -10.21 -27.20 -6.20
C VAL A 366 -10.84 -25.84 -5.90
N LYS A 367 -10.80 -24.89 -6.83
CA LYS A 367 -11.51 -23.61 -6.67
C LYS A 367 -13.00 -23.82 -6.48
N SER A 368 -13.59 -24.90 -6.99
CA SER A 368 -14.98 -25.24 -6.72
C SER A 368 -15.28 -25.53 -5.25
N ASN A 369 -14.34 -26.06 -4.47
CA ASN A 369 -14.54 -26.34 -3.06
C ASN A 369 -14.19 -25.14 -2.16
N ILE A 370 -13.13 -24.39 -2.47
CA ILE A 370 -12.59 -23.35 -1.57
C ILE A 370 -12.52 -21.93 -2.18
N GLY A 371 -13.15 -21.68 -3.31
CA GLY A 371 -13.12 -20.38 -3.99
C GLY A 371 -11.79 -20.07 -4.66
N HIS A 372 -11.63 -18.84 -5.14
CA HIS A 372 -10.50 -18.41 -5.97
C HIS A 372 -9.13 -18.50 -5.28
N THR A 373 -9.05 -18.15 -4.00
CA THR A 373 -7.84 -18.05 -3.15
C THR A 373 -6.75 -17.06 -3.57
N GLN A 374 -6.94 -16.31 -4.65
CA GLN A 374 -6.05 -15.23 -5.09
C GLN A 374 -4.58 -15.67 -5.21
N THR A 375 -3.63 -15.07 -4.49
CA THR A 375 -2.20 -15.26 -4.75
C THR A 375 -1.67 -16.67 -4.46
N VAL A 376 -2.39 -17.49 -3.68
CA VAL A 376 -1.99 -18.88 -3.39
C VAL A 376 -2.70 -19.90 -4.27
N GLY A 377 -3.28 -19.49 -5.39
CA GLY A 377 -4.09 -20.35 -6.27
C GLY A 377 -3.43 -21.64 -6.73
N ALA A 378 -2.10 -21.67 -6.85
CA ALA A 378 -1.34 -22.87 -7.20
C ALA A 378 -0.89 -23.73 -6.01
N VAL A 379 -0.77 -23.20 -4.79
CA VAL A 379 -0.46 -24.06 -3.62
C VAL A 379 -1.65 -24.97 -3.33
N ALA A 380 -2.88 -24.45 -3.36
CA ALA A 380 -4.08 -25.24 -3.12
C ALA A 380 -4.19 -26.43 -4.08
N GLY A 381 -3.89 -26.22 -5.35
CA GLY A 381 -3.84 -27.28 -6.34
C GLY A 381 -2.82 -28.36 -6.01
N ILE A 382 -1.62 -27.99 -5.54
CA ILE A 382 -0.62 -28.98 -5.10
C ILE A 382 -1.13 -29.76 -3.90
N VAL A 383 -1.74 -29.12 -2.91
CA VAL A 383 -2.23 -29.85 -1.73
C VAL A 383 -3.25 -30.91 -2.15
N LYS A 384 -4.14 -30.60 -3.09
CA LYS A 384 -5.06 -31.59 -3.66
C LYS A 384 -4.32 -32.71 -4.39
N LEU A 385 -3.49 -32.43 -5.38
CA LEU A 385 -2.87 -33.48 -6.19
C LEU A 385 -1.91 -34.36 -5.38
N VAL A 386 -1.20 -33.80 -4.39
CA VAL A 386 -0.35 -34.60 -3.50
C VAL A 386 -1.18 -35.57 -2.67
N MET A 387 -2.30 -35.12 -2.11
CA MET A 387 -3.18 -36.01 -1.36
C MET A 387 -3.85 -37.07 -2.25
N ALA A 388 -4.20 -36.72 -3.49
CA ALA A 388 -4.73 -37.67 -4.46
C ALA A 388 -3.73 -38.79 -4.78
N LEU A 389 -2.44 -38.47 -4.93
CA LEU A 389 -1.42 -39.47 -5.22
C LEU A 389 -1.23 -40.45 -4.06
N ARG A 390 -1.23 -39.96 -2.81
CA ARG A 390 -1.11 -40.79 -1.59
C ARG A 390 -2.26 -41.78 -1.45
N ASN A 391 -3.48 -41.33 -1.73
CA ASN A 391 -4.72 -42.09 -1.49
C ASN A 391 -5.27 -42.80 -2.73
N GLU A 392 -4.63 -42.67 -3.89
CA GLU A 392 -4.94 -43.40 -5.12
C GLU A 392 -6.36 -43.19 -5.68
N ARG A 393 -6.90 -41.98 -5.52
CA ARG A 393 -8.21 -41.52 -6.00
C ARG A 393 -8.12 -40.08 -6.48
N LEU A 394 -8.87 -39.70 -7.51
CA LEU A 394 -9.05 -38.31 -7.95
C LEU A 394 -10.47 -37.86 -7.60
N PRO A 395 -10.65 -36.79 -6.80
CA PRO A 395 -11.96 -36.35 -6.34
C PRO A 395 -12.88 -35.77 -7.40
N ARG A 396 -14.18 -35.83 -7.13
CA ARG A 396 -15.24 -35.16 -7.90
C ARG A 396 -15.09 -33.63 -7.87
N THR A 397 -15.51 -32.94 -8.93
CA THR A 397 -15.60 -31.46 -8.94
C THR A 397 -17.04 -31.01 -8.72
N VAL A 398 -17.28 -30.18 -7.70
CA VAL A 398 -18.64 -29.89 -7.20
C VAL A 398 -19.40 -28.88 -8.07
N HIS A 399 -20.73 -28.91 -7.97
CA HIS A 399 -21.70 -28.07 -8.68
C HIS A 399 -21.78 -28.23 -10.21
N VAL A 400 -20.90 -29.00 -10.84
CA VAL A 400 -21.00 -29.32 -12.27
C VAL A 400 -22.26 -30.15 -12.54
N ASP A 401 -23.16 -29.64 -13.38
CA ASP A 401 -24.38 -30.32 -13.84
C ASP A 401 -24.51 -30.35 -15.37
N GLY A 402 -23.47 -29.91 -16.08
CA GLY A 402 -23.27 -30.05 -17.52
C GLY A 402 -21.96 -29.37 -17.93
N PRO A 403 -21.13 -29.95 -18.80
CA PRO A 403 -19.90 -29.33 -19.25
C PRO A 403 -20.18 -28.07 -20.10
N THR A 404 -19.34 -27.03 -19.98
CA THR A 404 -19.60 -25.73 -20.63
C THR A 404 -19.76 -25.83 -22.15
N PRO A 405 -20.74 -25.13 -22.76
CA PRO A 405 -20.94 -25.13 -24.21
C PRO A 405 -19.83 -24.44 -25.00
N HIS A 406 -19.01 -23.58 -24.36
CA HIS A 406 -17.93 -22.83 -25.01
C HIS A 406 -16.67 -23.68 -25.33
N ALA A 407 -16.76 -25.00 -25.34
CA ALA A 407 -15.69 -25.89 -25.80
C ALA A 407 -16.24 -27.13 -26.54
N ASP A 408 -15.48 -27.65 -27.50
CA ASP A 408 -15.82 -28.83 -28.29
C ASP A 408 -15.40 -30.13 -27.59
N TRP A 409 -16.12 -30.52 -26.53
CA TRP A 409 -15.94 -31.78 -25.80
C TRP A 409 -16.15 -33.06 -26.65
N SER A 410 -16.64 -32.92 -27.88
CA SER A 410 -17.08 -34.00 -28.77
C SER A 410 -16.01 -35.05 -29.10
N SER A 411 -14.72 -34.73 -28.94
CA SER A 411 -13.62 -35.68 -29.15
C SER A 411 -13.62 -36.83 -28.13
N GLY A 412 -14.20 -36.63 -26.94
CA GLY A 412 -14.13 -37.57 -25.83
C GLY A 412 -12.74 -37.70 -25.19
N THR A 413 -11.74 -36.94 -25.65
CA THR A 413 -10.36 -37.03 -25.15
C THR A 413 -10.11 -36.30 -23.83
N VAL A 414 -11.05 -35.48 -23.37
CA VAL A 414 -11.02 -34.78 -22.08
C VAL A 414 -12.40 -34.91 -21.42
N ARG A 415 -12.48 -35.16 -20.12
CA ARG A 415 -13.76 -35.08 -19.37
C ARG A 415 -13.59 -34.45 -17.99
N LEU A 416 -14.65 -33.79 -17.52
CA LEU A 416 -14.74 -33.33 -16.14
C LEU A 416 -14.91 -34.54 -15.21
N LEU A 417 -14.32 -34.45 -14.01
CA LEU A 417 -14.51 -35.43 -12.93
C LEU A 417 -15.91 -35.28 -12.32
N THR A 418 -16.94 -35.68 -13.07
CA THR A 418 -18.34 -35.68 -12.63
C THR A 418 -18.68 -36.81 -11.66
N GLU A 419 -17.85 -37.85 -11.62
CA GLU A 419 -17.80 -38.88 -10.58
C GLU A 419 -16.34 -39.02 -10.10
N PRO A 420 -16.07 -39.39 -8.83
CA PRO A 420 -14.71 -39.66 -8.38
C PRO A 420 -14.14 -40.90 -9.08
N GLU A 421 -12.85 -40.92 -9.40
CA GLU A 421 -12.22 -41.99 -10.18
C GLU A 421 -10.95 -42.56 -9.52
N PRO A 422 -10.68 -43.87 -9.65
CA PRO A 422 -9.46 -44.48 -9.12
C PRO A 422 -8.22 -44.07 -9.91
N TRP A 423 -7.07 -43.99 -9.23
CA TRP A 423 -5.78 -43.60 -9.80
C TRP A 423 -4.65 -44.37 -9.11
N ARG A 424 -4.68 -45.69 -9.25
CA ARG A 424 -3.80 -46.65 -8.55
C ARG A 424 -2.37 -46.68 -9.10
N ARG A 425 -1.38 -46.85 -8.23
CA ARG A 425 0.03 -47.09 -8.59
C ARG A 425 0.17 -48.39 -9.38
N GLY A 426 1.06 -48.42 -10.37
CA GLY A 426 1.28 -49.58 -11.25
C GLY A 426 2.39 -49.37 -12.28
N GLU A 427 2.30 -50.05 -13.41
CA GLU A 427 3.32 -50.04 -14.47
C GLU A 427 3.48 -48.70 -15.20
N ARG A 428 2.50 -47.79 -15.08
CA ARG A 428 2.49 -46.46 -15.71
C ARG A 428 2.75 -45.39 -14.65
N VAL A 429 3.74 -44.53 -14.87
CA VAL A 429 4.08 -43.45 -13.92
C VAL A 429 2.96 -42.41 -13.91
N ARG A 430 2.29 -42.21 -12.77
CA ARG A 430 1.19 -41.24 -12.64
C ARG A 430 1.74 -39.81 -12.70
N ARG A 431 1.11 -38.93 -13.49
CA ARG A 431 1.52 -37.53 -13.64
C ARG A 431 0.31 -36.62 -13.80
N ALA A 432 0.42 -35.38 -13.33
CA ALA A 432 -0.63 -34.39 -13.47
C ALA A 432 -0.08 -32.98 -13.64
N GLY A 433 -0.83 -32.12 -14.33
CA GLY A 433 -0.47 -30.73 -14.54
C GLY A 433 -1.26 -29.75 -13.67
N LEU A 434 -0.72 -28.56 -13.44
CA LEU A 434 -1.40 -27.43 -12.78
C LEU A 434 -1.31 -26.17 -13.65
N THR A 435 -2.34 -25.34 -13.66
CA THR A 435 -2.37 -24.06 -14.39
C THR A 435 -2.70 -22.90 -13.47
N CYS A 436 -2.31 -21.68 -13.85
CA CYS A 436 -2.74 -20.46 -13.20
C CYS A 436 -2.87 -19.33 -14.22
N LEU A 437 -3.87 -18.45 -14.09
CA LEU A 437 -4.20 -17.39 -15.05
C LEU A 437 -4.51 -16.08 -14.32
N THR A 438 -4.42 -14.92 -14.98
CA THR A 438 -4.59 -13.61 -14.32
C THR A 438 -4.95 -12.48 -15.28
N LEU A 439 -5.51 -11.38 -14.78
CA LEU A 439 -5.78 -10.15 -15.55
C LEU A 439 -4.52 -9.56 -16.19
N SER A 440 -3.39 -9.60 -15.49
CA SER A 440 -2.11 -9.08 -15.98
C SER A 440 -1.41 -9.96 -17.02
N GLY A 441 -2.03 -11.04 -17.52
CA GLY A 441 -1.51 -11.81 -18.65
C GLY A 441 -0.39 -12.81 -18.39
N THR A 442 0.21 -12.89 -17.20
CA THR A 442 1.24 -13.89 -16.92
C THR A 442 0.62 -15.23 -16.61
N ASN A 443 0.66 -16.18 -17.54
CA ASN A 443 0.19 -17.56 -17.30
C ASN A 443 1.25 -18.39 -16.57
N GLY A 444 1.00 -19.68 -16.34
CA GLY A 444 2.02 -20.61 -15.91
C GLY A 444 1.57 -22.07 -15.91
N HIS A 445 2.51 -23.01 -15.90
CA HIS A 445 2.22 -24.44 -15.77
C HIS A 445 3.28 -25.19 -14.94
N LEU A 446 2.89 -26.24 -14.24
CA LEU A 446 3.78 -27.13 -13.47
C LEU A 446 3.44 -28.59 -13.80
N ILE A 447 4.42 -29.47 -13.94
CA ILE A 447 4.20 -30.92 -14.08
C ILE A 447 4.62 -31.62 -12.79
N LEU A 448 3.73 -32.43 -12.22
CA LEU A 448 3.88 -33.10 -10.93
C LEU A 448 3.84 -34.62 -11.11
N GLU A 449 4.64 -35.35 -10.34
CA GLU A 449 4.92 -36.78 -10.51
C GLU A 449 5.03 -37.53 -9.17
N GLU A 450 4.81 -38.85 -9.18
CA GLU A 450 4.91 -39.74 -8.02
C GLU A 450 6.28 -39.71 -7.32
N PRO A 451 6.34 -39.98 -6.00
CA PRO A 451 7.57 -40.35 -5.35
C PRO A 451 8.13 -41.67 -5.90
N PRO A 452 9.45 -41.90 -5.83
CA PRO A 452 10.04 -43.20 -6.08
C PRO A 452 9.46 -44.28 -5.14
N ALA A 453 9.33 -45.52 -5.63
CA ALA A 453 8.79 -46.62 -4.83
C ALA A 453 9.71 -46.95 -3.63
N ASP A 454 9.13 -47.13 -2.44
CA ASP A 454 9.90 -47.33 -1.20
C ASP A 454 10.50 -48.74 -1.10
N GLU A 455 11.64 -48.86 -0.41
CA GLU A 455 12.23 -50.17 -0.08
C GLU A 455 11.38 -50.88 0.99
N PRO A 456 11.17 -52.22 0.92
CA PRO A 456 10.44 -52.97 1.95
C PRO A 456 11.08 -52.84 3.35
N ALA A 457 10.25 -52.77 4.39
CA ALA A 457 10.71 -52.59 5.77
C ALA A 457 11.48 -53.79 6.33
N ALA A 458 11.17 -55.02 5.87
CA ALA A 458 11.77 -56.28 6.34
C ALA A 458 11.80 -56.41 7.88
N ARG A 459 10.73 -55.93 8.53
CA ARG A 459 10.73 -55.53 9.94
C ARG A 459 10.82 -56.74 10.89
N PRO A 460 11.78 -56.78 11.83
CA PRO A 460 11.98 -57.93 12.72
C PRO A 460 10.87 -58.08 13.77
N ALA A 461 10.65 -59.30 14.24
CA ALA A 461 9.85 -59.59 15.44
C ALA A 461 10.63 -59.26 16.73
N ASN A 462 9.91 -58.90 17.80
CA ASN A 462 10.50 -58.60 19.12
C ASN A 462 9.50 -58.84 20.27
N PRO A 463 9.99 -59.06 21.51
CA PRO A 463 9.19 -58.92 22.73
C PRO A 463 8.87 -57.46 23.07
N GLU A 464 7.89 -57.23 23.95
CA GLU A 464 7.35 -55.90 24.30
C GLU A 464 8.26 -55.12 25.28
N ARG A 465 9.47 -54.79 24.85
CA ARG A 465 10.44 -53.96 25.60
C ARG A 465 9.95 -52.50 25.74
N THR A 466 10.32 -51.81 26.82
CA THR A 466 9.83 -50.46 27.14
C THR A 466 10.22 -49.40 26.09
N VAL A 467 9.34 -48.44 25.80
CA VAL A 467 9.55 -47.30 24.91
C VAL A 467 9.64 -46.00 25.72
N PRO A 468 10.67 -45.17 25.56
CA PRO A 468 10.69 -43.83 26.10
C PRO A 468 10.02 -42.85 25.13
N LEU A 469 8.91 -42.26 25.53
CA LEU A 469 8.13 -41.33 24.72
C LEU A 469 8.32 -39.93 25.30
N VAL A 470 8.84 -38.99 24.50
CA VAL A 470 9.27 -37.66 24.95
C VAL A 470 8.42 -36.55 24.35
N LEU A 471 7.93 -35.62 25.16
CA LEU A 471 7.20 -34.42 24.73
C LEU A 471 7.89 -33.16 25.25
N SER A 472 7.80 -32.05 24.51
CA SER A 472 8.23 -30.74 25.00
C SER A 472 7.34 -29.61 24.49
N ALA A 473 7.27 -28.52 25.23
CA ALA A 473 6.43 -27.36 24.94
C ALA A 473 7.05 -26.08 25.51
N LYS A 474 6.64 -24.91 25.01
CA LYS A 474 7.17 -23.62 25.49
C LYS A 474 6.38 -23.04 26.66
N SER A 475 5.21 -23.59 26.99
CA SER A 475 4.41 -23.24 28.18
C SER A 475 3.60 -24.44 28.69
N PRO A 476 3.14 -24.47 29.95
CA PRO A 476 2.55 -25.67 30.54
C PRO A 476 1.27 -26.14 29.85
N THR A 477 0.36 -25.24 29.50
CA THR A 477 -0.92 -25.63 28.90
C THR A 477 -0.73 -26.30 27.56
N ALA A 478 0.22 -25.84 26.75
CA ALA A 478 0.52 -26.46 25.46
C ALA A 478 1.00 -27.91 25.61
N LEU A 479 1.69 -28.26 26.70
CA LEU A 479 2.11 -29.64 26.96
C LEU A 479 0.89 -30.55 27.14
N ARG A 480 -0.10 -30.09 27.91
CA ARG A 480 -1.32 -30.86 28.16
C ARG A 480 -2.16 -30.98 26.91
N GLU A 481 -2.28 -29.94 26.09
CA GLU A 481 -2.96 -30.06 24.79
C GLU A 481 -2.24 -31.00 23.83
N GLN A 482 -0.90 -31.03 23.86
CA GLN A 482 -0.12 -31.94 23.03
C GLN A 482 -0.36 -33.40 23.39
N ALA A 483 -0.55 -33.69 24.67
CA ALA A 483 -0.89 -35.03 25.12
C ALA A 483 -2.27 -35.49 24.63
N GLU A 484 -3.27 -34.60 24.57
CA GLU A 484 -4.57 -34.96 23.99
C GLU A 484 -4.51 -35.24 22.49
N ARG A 485 -3.69 -34.51 21.72
CA ARG A 485 -3.47 -34.84 20.30
C ARG A 485 -2.78 -36.20 20.14
N LEU A 486 -1.66 -36.42 20.83
CA LEU A 486 -0.84 -37.61 20.60
C LEU A 486 -1.54 -38.90 21.06
N ARG A 487 -2.36 -38.84 22.12
CA ARG A 487 -3.14 -39.97 22.64
C ARG A 487 -4.05 -40.63 21.60
N ALA A 488 -4.55 -39.87 20.62
CA ALA A 488 -5.37 -40.40 19.54
C ALA A 488 -4.57 -41.07 18.41
N THR A 489 -3.23 -40.95 18.38
CA THR A 489 -2.35 -41.52 17.34
C THR A 489 -1.59 -42.75 17.81
N ILE A 490 -1.21 -42.85 19.09
CA ILE A 490 -0.56 -44.04 19.66
C ILE A 490 -1.42 -45.32 19.56
N THR A 491 -2.73 -45.16 19.32
CA THR A 491 -3.65 -46.27 19.07
C THR A 491 -3.48 -46.92 17.69
N ALA A 492 -2.99 -46.18 16.69
CA ALA A 492 -2.87 -46.67 15.32
C ALA A 492 -1.48 -47.22 15.01
N ALA A 493 -0.43 -46.41 15.21
CA ALA A 493 0.96 -46.80 14.95
C ALA A 493 1.54 -47.64 16.11
N GLU A 494 2.63 -48.36 15.89
CA GLU A 494 3.35 -49.02 16.98
C GLU A 494 4.14 -48.02 17.83
N PRO A 495 4.24 -48.24 19.16
CA PRO A 495 4.82 -47.25 20.06
C PRO A 495 6.31 -47.01 19.79
N VAL A 496 7.05 -48.04 19.38
CA VAL A 496 8.47 -47.88 19.04
C VAL A 496 8.68 -46.94 17.85
N ASP A 497 7.76 -46.92 16.89
CA ASP A 497 7.83 -46.02 15.73
C ASP A 497 7.42 -44.59 16.09
N VAL A 498 6.41 -44.41 16.94
CA VAL A 498 6.04 -43.08 17.44
C VAL A 498 7.17 -42.48 18.27
N GLY A 499 7.77 -43.26 19.17
CA GLY A 499 8.88 -42.79 20.00
C GLY A 499 10.12 -42.45 19.19
N HIS A 500 10.45 -43.25 18.17
CA HIS A 500 11.53 -42.94 17.24
C HIS A 500 11.29 -41.66 16.44
N SER A 501 10.04 -41.38 16.11
CA SER A 501 9.66 -40.14 15.43
C SER A 501 9.83 -38.92 16.33
N LEU A 502 9.26 -38.89 17.54
CA LEU A 502 9.33 -37.72 18.43
C LEU A 502 10.74 -37.40 18.92
N HIS A 503 11.61 -38.39 19.05
CA HIS A 503 13.02 -38.14 19.36
C HIS A 503 13.74 -37.34 18.26
N THR A 504 13.34 -37.46 17.00
CA THR A 504 14.12 -36.95 15.85
C THR A 504 13.46 -35.82 15.07
N THR A 505 12.14 -35.80 14.91
CA THR A 505 11.43 -34.79 14.09
C THR A 505 10.95 -33.56 14.87
N ARG A 506 11.43 -33.32 16.09
CA ARG A 506 10.93 -32.27 17.01
C ARG A 506 12.06 -31.60 17.79
N SER A 507 11.83 -30.36 18.21
CA SER A 507 12.77 -29.56 19.00
C SER A 507 12.89 -30.03 20.45
N SER A 508 13.74 -29.39 21.24
CA SER A 508 13.88 -29.62 22.68
C SER A 508 13.63 -28.34 23.48
N PHE A 509 12.36 -28.00 23.72
CA PHE A 509 11.97 -26.81 24.48
C PHE A 509 12.15 -26.96 26.00
N ARG A 510 11.82 -25.89 26.73
CA ARG A 510 12.03 -25.69 28.17
C ARG A 510 11.12 -26.52 29.09
N HIS A 511 9.82 -26.62 28.84
CA HIS A 511 8.93 -27.50 29.62
C HIS A 511 8.93 -28.89 29.01
N ARG A 512 9.06 -29.92 29.83
CA ARG A 512 9.36 -31.28 29.37
C ARG A 512 8.56 -32.33 30.12
N ALA A 513 8.29 -33.44 29.46
CA ALA A 513 7.74 -34.63 30.07
C ALA A 513 8.21 -35.89 29.36
N VAL A 514 8.34 -36.97 30.12
CA VAL A 514 8.73 -38.29 29.63
C VAL A 514 7.73 -39.30 30.14
N VAL A 515 7.26 -40.16 29.24
CA VAL A 515 6.36 -41.28 29.53
C VAL A 515 7.06 -42.59 29.18
N LEU A 516 7.04 -43.56 30.07
CA LEU A 516 7.57 -44.91 29.85
C LEU A 516 6.44 -45.95 29.86
N GLY A 517 6.51 -46.93 28.97
CA GLY A 517 5.58 -48.06 28.98
C GLY A 517 6.02 -49.20 28.05
N THR A 518 5.55 -50.41 28.32
CA THR A 518 5.89 -51.62 27.55
C THR A 518 5.08 -51.76 26.26
N GLY A 519 3.91 -51.15 26.20
CA GLY A 519 2.97 -51.32 25.11
C GLY A 519 1.80 -50.36 25.20
N ARG A 520 0.89 -50.46 24.23
CA ARG A 520 -0.12 -49.44 23.93
C ARG A 520 -1.03 -49.10 25.10
N GLU A 521 -1.43 -50.10 25.87
CA GLU A 521 -2.32 -49.93 27.00
C GLU A 521 -1.71 -49.10 28.13
N GLU A 522 -0.41 -49.28 28.42
CA GLU A 522 0.29 -48.51 29.44
C GLU A 522 0.60 -47.09 28.98
N LEU A 523 1.05 -46.92 27.74
CA LEU A 523 1.41 -45.61 27.20
C LEU A 523 0.19 -44.70 27.08
N ALA A 524 -0.97 -45.26 26.73
CA ALA A 524 -2.21 -44.50 26.71
C ALA A 524 -2.59 -43.99 28.11
N ALA A 525 -2.37 -44.79 29.16
CA ALA A 525 -2.64 -44.37 30.53
C ALA A 525 -1.69 -43.24 30.96
N GLY A 526 -0.42 -43.30 30.58
CA GLY A 526 0.52 -42.20 30.80
C GLY A 526 0.11 -40.89 30.11
N LEU A 527 -0.26 -40.94 28.82
CA LEU A 527 -0.66 -39.74 28.10
C LEU A 527 -1.98 -39.16 28.64
N ASP A 528 -2.91 -40.00 29.08
CA ASP A 528 -4.10 -39.54 29.81
C ASP A 528 -3.74 -38.87 31.14
N ALA A 529 -2.77 -39.42 31.88
CA ALA A 529 -2.34 -38.85 33.14
C ALA A 529 -1.74 -37.44 32.95
N LEU A 530 -0.99 -37.24 31.87
CA LEU A 530 -0.47 -35.94 31.48
C LEU A 530 -1.61 -34.99 31.07
N ALA A 531 -2.53 -35.46 30.22
CA ALA A 531 -3.64 -34.66 29.71
C ALA A 531 -4.58 -34.13 30.80
N GLY A 532 -4.86 -34.91 31.85
CA GLY A 532 -5.65 -34.47 33.01
C GLY A 532 -4.83 -33.82 34.14
N ASP A 533 -3.50 -33.88 34.04
CA ASP A 533 -2.52 -33.47 35.04
C ASP A 533 -2.68 -34.15 36.41
N ARG A 534 -2.45 -35.46 36.46
CA ARG A 534 -2.41 -36.28 37.67
C ARG A 534 -1.19 -37.20 37.66
N THR A 535 -0.50 -37.34 38.80
CA THR A 535 0.74 -38.14 38.89
C THR A 535 0.44 -39.63 38.81
N ALA A 536 1.26 -40.36 38.04
CA ALA A 536 1.20 -41.80 37.88
C ALA A 536 2.60 -42.37 37.62
N ASP A 537 2.81 -43.66 37.90
CA ASP A 537 4.09 -44.32 37.65
C ASP A 537 4.45 -44.28 36.17
N GLY A 538 5.73 -44.08 35.86
CA GLY A 538 6.20 -43.98 34.48
C GLY A 538 5.97 -42.64 33.80
N LEU A 539 5.41 -41.63 34.47
CA LEU A 539 5.35 -40.23 34.00
C LEU A 539 6.29 -39.35 34.82
N VAL A 540 7.08 -38.50 34.16
CA VAL A 540 8.01 -37.55 34.78
C VAL A 540 7.82 -36.18 34.14
N ARG A 541 7.88 -35.10 34.93
CA ARG A 541 7.60 -33.71 34.50
C ARG A 541 8.61 -32.74 35.08
N GLY A 542 8.86 -31.61 34.41
CA GLY A 542 9.74 -30.57 34.92
C GLY A 542 10.06 -29.44 33.94
N VAL A 543 10.80 -28.44 34.42
CA VAL A 543 11.21 -27.26 33.67
C VAL A 543 12.72 -27.19 33.62
N ALA A 544 13.30 -27.18 32.44
CA ALA A 544 14.75 -27.24 32.26
C ALA A 544 15.43 -25.91 32.55
N ARG A 545 16.59 -25.96 33.20
CA ARG A 545 17.56 -24.85 33.35
C ARG A 545 18.87 -25.27 32.68
N ALA A 546 19.33 -24.49 31.73
CA ALA A 546 20.15 -24.98 30.62
C ALA A 546 21.58 -25.47 30.97
N GLN A 547 22.10 -25.09 32.12
CA GLN A 547 23.51 -25.30 32.46
C GLN A 547 23.83 -26.79 32.73
N GLY A 548 25.04 -27.24 32.40
CA GLY A 548 25.45 -28.67 32.44
C GLY A 548 25.71 -29.22 33.86
N GLN A 549 26.73 -28.71 34.55
CA GLN A 549 26.92 -28.78 36.00
C GLN A 549 26.72 -30.18 36.63
N THR A 550 27.19 -31.25 35.99
CA THR A 550 26.89 -32.65 36.37
C THR A 550 28.08 -33.39 36.92
N ALA A 551 27.92 -34.14 38.00
CA ALA A 551 28.96 -35.01 38.55
C ALA A 551 28.45 -36.43 38.82
N LEU A 552 29.38 -37.37 38.86
CA LEU A 552 29.08 -38.80 38.83
C LEU A 552 29.84 -39.54 39.94
N LEU A 553 29.14 -40.34 40.74
CA LEU A 553 29.65 -41.02 41.93
C LEU A 553 29.85 -42.51 41.72
N PHE A 554 30.99 -43.04 42.14
CA PHE A 554 31.43 -44.43 41.96
C PHE A 554 31.75 -45.08 43.29
N GLY A 555 31.51 -46.38 43.43
CA GLY A 555 31.76 -47.11 44.69
C GLY A 555 32.38 -48.49 44.49
N GLY A 556 33.14 -48.95 45.48
CA GLY A 556 33.77 -50.28 45.50
C GLY A 556 32.83 -51.41 45.92
N ALA A 557 33.33 -52.64 45.92
CA ALA A 557 32.53 -53.82 46.24
C ALA A 557 32.23 -53.94 47.73
N GLY A 558 33.26 -53.86 48.56
CA GLY A 558 33.23 -54.34 49.95
C GLY A 558 32.34 -53.55 50.91
N ASP A 559 32.02 -52.30 50.58
CA ASP A 559 31.14 -51.46 51.41
C ASP A 559 29.73 -52.04 51.56
N GLY A 560 29.27 -52.86 50.61
CA GLY A 560 28.01 -53.60 50.70
C GLY A 560 27.95 -54.62 51.86
N THR A 561 29.08 -54.97 52.47
CA THR A 561 29.15 -55.80 53.68
C THR A 561 28.88 -55.00 54.98
N SER A 562 28.82 -53.66 54.92
CA SER A 562 28.54 -52.81 56.09
C SER A 562 27.13 -52.99 56.67
N GLY A 563 26.13 -53.23 55.81
CA GLY A 563 24.74 -53.45 56.20
C GLY A 563 23.84 -53.78 55.00
N ASP A 564 22.72 -54.47 55.25
CA ASP A 564 21.72 -54.90 54.25
C ASP A 564 22.32 -55.56 52.98
N ARG A 565 23.37 -56.37 53.16
CA ARG A 565 24.17 -57.02 52.10
C ARG A 565 23.35 -57.71 51.00
N PRO A 566 22.23 -58.42 51.27
CA PRO A 566 21.42 -59.02 50.21
C PRO A 566 20.85 -58.02 49.19
N ALA A 567 20.60 -56.76 49.56
CA ALA A 567 20.17 -55.73 48.61
C ALA A 567 21.28 -55.38 47.60
N ASP A 568 22.54 -55.41 48.01
CA ASP A 568 23.71 -55.26 47.13
C ASP A 568 24.10 -56.56 46.41
N ALA A 569 23.38 -57.66 46.63
CA ALA A 569 23.27 -58.73 45.64
C ALA A 569 22.11 -58.44 44.67
N GLU A 570 20.93 -58.06 45.18
CA GLU A 570 19.73 -57.87 44.36
C GLU A 570 19.84 -56.75 43.30
N GLY A 571 20.56 -55.67 43.61
CA GLY A 571 20.89 -54.64 42.62
C GLY A 571 21.65 -55.24 41.42
N PRO A 572 22.84 -55.83 41.61
CA PRO A 572 23.56 -56.53 40.54
C PRO A 572 22.79 -57.68 39.88
N ARG A 573 22.02 -58.48 40.62
CA ARG A 573 21.10 -59.50 40.04
C ARG A 573 20.05 -58.89 39.11
N THR A 574 19.60 -57.67 39.40
CA THR A 574 18.74 -56.88 38.51
C THR A 574 19.57 -56.33 37.32
N ALA A 575 20.75 -55.79 37.59
CA ALA A 575 21.59 -55.12 36.59
C ALA A 575 21.99 -56.03 35.41
N ARG A 576 22.12 -57.34 35.64
CA ARG A 576 22.30 -58.35 34.58
C ARG A 576 21.27 -58.25 33.45
N GLY A 577 20.03 -57.88 33.74
CA GLY A 577 18.97 -57.74 32.72
C GLY A 577 19.26 -56.67 31.67
N LEU A 578 20.12 -55.69 31.97
CA LEU A 578 20.52 -54.67 31.00
C LEU A 578 21.26 -55.24 29.77
N TYR A 579 21.91 -56.41 29.90
CA TYR A 579 22.68 -57.03 28.83
C TYR A 579 21.84 -57.41 27.61
N GLU A 580 20.58 -57.80 27.82
CA GLU A 580 19.62 -58.03 26.74
C GLU A 580 18.96 -56.74 26.26
N ALA A 581 18.89 -55.71 27.10
CA ALA A 581 18.04 -54.54 26.90
C ALA A 581 18.67 -53.47 25.99
N PHE A 582 20.00 -53.31 26.00
CA PHE A 582 20.69 -52.22 25.30
C PHE A 582 21.91 -52.71 24.47
N PRO A 583 22.12 -52.24 23.23
CA PRO A 583 23.29 -52.61 22.41
C PRO A 583 24.63 -52.18 22.98
N ALA A 584 24.77 -50.96 23.48
CA ALA A 584 26.07 -50.43 23.91
C ALA A 584 26.67 -51.14 25.14
N PHE A 585 25.83 -51.59 26.09
CA PHE A 585 26.28 -52.14 27.36
C PHE A 585 27.01 -53.48 27.21
N ALA A 586 26.45 -54.37 26.38
CA ALA A 586 26.96 -55.73 26.24
C ALA A 586 28.41 -55.75 25.77
N GLU A 587 28.72 -55.01 24.70
CA GLU A 587 30.07 -54.96 24.15
C GLU A 587 31.07 -54.39 25.17
N ALA A 588 30.70 -53.34 25.89
CA ALA A 588 31.56 -52.75 26.90
C ALA A 588 31.87 -53.76 28.03
N LEU A 589 30.84 -54.42 28.57
CA LEU A 589 31.04 -55.38 29.64
C LEU A 589 31.87 -56.57 29.18
N ASP A 590 31.61 -57.08 27.97
CA ASP A 590 32.36 -58.21 27.42
C ASP A 590 33.82 -57.85 27.18
N GLU A 591 34.12 -56.68 26.63
CA GLU A 591 35.50 -56.22 26.46
C GLU A 591 36.25 -56.18 27.80
N VAL A 592 35.64 -55.60 28.84
CA VAL A 592 36.28 -55.57 30.17
C VAL A 592 36.43 -56.97 30.74
N THR A 593 35.41 -57.81 30.61
CA THR A 593 35.39 -59.16 31.21
C THR A 593 36.46 -60.06 30.61
N GLU A 594 36.56 -60.10 29.29
CA GLU A 594 37.61 -60.90 28.63
C GLU A 594 39.00 -60.29 28.85
N HIS A 595 39.12 -58.97 28.98
CA HIS A 595 40.39 -58.33 29.31
C HIS A 595 40.87 -58.66 30.75
N LEU A 596 39.95 -58.80 31.70
CA LEU A 596 40.27 -59.14 33.10
C LEU A 596 40.70 -60.60 33.27
N ALA A 597 40.17 -61.53 32.48
CA ALA A 597 40.38 -62.96 32.69
C ALA A 597 41.87 -63.36 32.72
N GLY A 598 42.69 -62.75 31.86
CA GLY A 598 44.14 -63.00 31.81
C GLY A 598 44.91 -62.64 33.09
N LEU A 599 44.34 -61.81 33.97
CA LEU A 599 44.89 -61.45 35.28
C LEU A 599 44.39 -62.35 36.42
N LEU A 600 43.35 -63.16 36.19
CA LEU A 600 42.54 -63.75 37.26
C LEU A 600 42.23 -65.25 37.11
N GLY A 601 42.30 -65.80 35.90
CA GLY A 601 41.72 -67.10 35.57
C GLY A 601 40.23 -67.00 35.19
N PRO A 602 39.58 -68.13 34.84
CA PRO A 602 38.27 -68.14 34.21
C PRO A 602 37.10 -67.77 35.12
N GLU A 603 37.20 -67.92 36.44
CA GLU A 603 36.06 -67.79 37.35
C GLU A 603 35.41 -66.40 37.33
N VAL A 604 36.16 -65.34 36.99
CA VAL A 604 35.61 -63.99 36.83
C VAL A 604 34.50 -63.94 35.78
N ARG A 605 34.58 -64.77 34.72
CA ARG A 605 33.60 -64.78 33.63
C ARG A 605 32.26 -65.35 34.10
N ALA A 606 32.30 -66.42 34.90
CA ALA A 606 31.12 -66.91 35.59
C ALA A 606 30.58 -65.86 36.57
N ALA A 607 31.43 -65.19 37.33
CA ALA A 607 31.00 -64.19 38.31
C ALA A 607 30.31 -62.98 37.66
N VAL A 608 30.78 -62.48 36.52
CA VAL A 608 30.08 -61.41 35.78
C VAL A 608 28.71 -61.89 35.27
N ARG A 609 28.59 -63.15 34.83
CA ARG A 609 27.30 -63.74 34.40
C ARG A 609 26.37 -64.11 35.57
N GLU A 610 26.91 -64.32 36.77
CA GLU A 610 26.18 -64.61 38.00
C GLU A 610 26.58 -63.61 39.10
N PRO A 611 26.17 -62.33 38.99
CA PRO A 611 26.52 -61.28 39.95
C PRO A 611 25.66 -61.42 41.23
N GLY A 612 25.96 -62.45 42.02
CA GLY A 612 25.40 -62.67 43.36
C GLY A 612 26.12 -61.85 44.44
N PRO A 613 26.16 -62.32 45.69
CA PRO A 613 26.70 -61.58 46.84
C PRO A 613 28.17 -61.13 46.74
N ALA A 614 28.98 -61.71 45.84
CA ALA A 614 30.37 -61.28 45.63
C ALA A 614 30.51 -59.78 45.34
N CYS A 615 29.54 -59.17 44.64
CA CYS A 615 29.51 -57.73 44.36
C CYS A 615 29.46 -56.85 45.63
N ALA A 616 29.06 -57.40 46.78
CA ALA A 616 28.99 -56.70 48.06
C ALA A 616 30.13 -57.05 49.03
N GLU A 617 30.97 -58.03 48.70
CA GLU A 617 31.89 -58.69 49.65
C GLU A 617 33.36 -58.43 49.31
N PRO A 618 34.18 -57.99 50.27
CA PRO A 618 35.59 -57.63 50.05
C PRO A 618 36.42 -58.86 49.67
N THR A 619 36.55 -59.10 48.37
CA THR A 619 37.22 -60.24 47.73
C THR A 619 37.74 -59.82 46.37
N VAL A 620 38.77 -60.48 45.83
CA VAL A 620 39.30 -60.16 44.48
C VAL A 620 38.24 -60.35 43.41
N VAL A 621 37.49 -61.45 43.44
CA VAL A 621 36.37 -61.67 42.50
C VAL A 621 35.33 -60.56 42.63
N GLY A 622 34.95 -60.18 43.85
CA GLY A 622 33.99 -59.10 44.10
C GLY A 622 34.46 -57.76 43.53
N GLN A 623 35.71 -57.39 43.79
CA GLN A 623 36.27 -56.14 43.27
C GLN A 623 36.37 -56.16 41.75
N ALA A 624 36.71 -57.30 41.15
CA ALA A 624 36.77 -57.44 39.70
C ALA A 624 35.41 -57.25 39.04
N VAL A 625 34.36 -57.89 39.58
CA VAL A 625 33.00 -57.73 39.06
C VAL A 625 32.52 -56.29 39.25
N ALA A 626 32.86 -55.65 40.38
CA ALA A 626 32.51 -54.26 40.59
C ALA A 626 33.17 -53.32 39.59
N PHE A 627 34.47 -53.49 39.28
CA PHE A 627 35.13 -52.70 38.25
C PHE A 627 34.53 -52.90 36.87
N ALA A 628 34.21 -54.14 36.52
CA ALA A 628 33.57 -54.46 35.26
C ALA A 628 32.23 -53.73 35.12
N LEU A 629 31.33 -53.90 36.08
CA LEU A 629 30.00 -53.32 35.98
C LEU A 629 30.05 -51.78 36.02
N ASN A 630 30.89 -51.17 36.85
CA ASN A 630 31.04 -49.70 36.86
C ASN A 630 31.56 -49.18 35.52
N THR A 631 32.56 -49.83 34.94
CA THR A 631 33.13 -49.41 33.67
C THR A 631 32.10 -49.53 32.55
N ALA A 632 31.35 -50.63 32.53
CA ALA A 632 30.31 -50.83 31.55
C ALA A 632 29.21 -49.77 31.66
N LEU A 633 28.69 -49.50 32.86
CA LEU A 633 27.66 -48.47 33.04
C LEU A 633 28.18 -47.07 32.69
N HIS A 634 29.46 -46.76 32.90
CA HIS A 634 29.99 -45.48 32.44
C HIS A 634 29.94 -45.33 30.91
N ARG A 635 30.28 -46.40 30.17
CA ARG A 635 30.14 -46.41 28.71
C ARG A 635 28.69 -46.35 28.28
N LEU A 636 27.77 -46.91 29.06
CA LEU A 636 26.33 -46.79 28.82
C LEU A 636 25.88 -45.32 28.91
N LEU A 637 26.24 -44.61 29.99
CA LEU A 637 25.83 -43.22 30.19
C LEU A 637 26.43 -42.29 29.13
N THR A 638 27.68 -42.52 28.75
CA THR A 638 28.30 -41.73 27.66
C THR A 638 27.71 -42.08 26.29
N ALA A 639 27.20 -43.29 26.07
CA ALA A 639 26.40 -43.59 24.88
C ALA A 639 25.05 -42.87 24.87
N PHE A 640 24.38 -42.70 26.03
CA PHE A 640 23.21 -41.83 26.20
C PHE A 640 23.58 -40.33 26.23
N ALA A 641 24.85 -39.98 26.01
CA ALA A 641 25.35 -38.61 25.89
C ALA A 641 25.28 -37.77 27.18
N VAL A 642 25.23 -38.38 28.35
CA VAL A 642 25.53 -37.71 29.62
C VAL A 642 27.05 -37.51 29.72
N ARG A 643 27.53 -36.28 29.91
CA ARG A 643 28.96 -35.97 30.00
C ARG A 643 29.30 -35.40 31.38
N PRO A 644 30.18 -36.03 32.17
CA PRO A 644 30.49 -35.54 33.51
C PRO A 644 31.45 -34.34 33.49
N ASP A 645 31.24 -33.39 34.39
CA ASP A 645 32.17 -32.31 34.70
C ASP A 645 33.09 -32.61 35.90
N ALA A 646 32.74 -33.61 36.73
CA ALA A 646 33.55 -34.09 37.85
C ALA A 646 33.24 -35.55 38.20
N THR A 647 34.18 -36.27 38.80
CA THR A 647 33.99 -37.64 39.28
C THR A 647 34.53 -37.82 40.69
N LEU A 648 33.87 -38.64 41.51
CA LEU A 648 34.30 -38.97 42.88
C LEU A 648 34.13 -40.47 43.10
N GLY A 649 35.13 -41.12 43.68
CA GLY A 649 35.10 -42.54 44.02
C GLY A 649 35.25 -42.81 45.50
N HIS A 650 34.43 -43.69 46.06
CA HIS A 650 34.44 -44.06 47.48
C HIS A 650 35.10 -45.42 47.67
N GLY A 651 36.12 -45.49 48.50
CA GLY A 651 36.85 -46.72 48.77
C GLY A 651 37.61 -47.26 47.56
N ALA A 652 37.88 -48.56 47.56
CA ALA A 652 38.76 -49.22 46.59
C ALA A 652 38.28 -49.13 45.12
N GLY A 653 37.02 -48.77 44.88
CA GLY A 653 36.46 -48.53 43.55
C GLY A 653 36.92 -47.24 42.89
N GLU A 654 37.77 -46.43 43.54
CA GLU A 654 38.26 -45.15 43.00
C GLU A 654 38.88 -45.27 41.59
N VAL A 655 39.44 -46.42 41.25
CA VAL A 655 39.97 -46.69 39.91
C VAL A 655 38.92 -46.50 38.82
N ALA A 656 37.66 -46.86 39.08
CA ALA A 656 36.59 -46.64 38.11
C ALA A 656 36.36 -45.16 37.84
N ALA A 657 36.34 -44.33 38.88
CA ALA A 657 36.20 -42.88 38.73
C ALA A 657 37.38 -42.27 37.96
N ALA A 658 38.56 -42.85 38.12
CA ALA A 658 39.75 -42.43 37.40
C ALA A 658 39.70 -42.81 35.92
N TYR A 659 39.19 -44.00 35.58
CA TYR A 659 38.97 -44.39 34.18
C TYR A 659 37.98 -43.46 33.49
N ALA A 660 36.87 -43.15 34.16
CA ALA A 660 35.88 -42.21 33.64
C ALA A 660 36.46 -40.82 33.39
N ALA A 661 37.46 -40.40 34.16
CA ALA A 661 38.14 -39.11 33.99
C ALA A 661 39.17 -39.10 32.85
N GLY A 662 39.42 -40.25 32.23
CA GLY A 662 40.40 -40.40 31.15
C GLY A 662 41.87 -40.51 31.62
N ALA A 663 42.12 -40.58 32.93
CA ALA A 663 43.48 -40.57 33.48
C ALA A 663 44.22 -41.92 33.34
N LEU A 664 43.49 -43.02 33.18
CA LEU A 664 43.99 -44.39 33.05
C LEU A 664 43.37 -45.05 31.81
N SER A 665 44.13 -45.91 31.13
CA SER A 665 43.53 -46.85 30.17
C SER A 665 42.76 -47.96 30.88
N LEU A 666 41.90 -48.69 30.17
CA LEU A 666 41.27 -49.89 30.71
C LEU A 666 42.31 -50.90 31.21
N ALA A 667 43.44 -51.04 30.51
CA ALA A 667 44.53 -51.91 30.94
C ALA A 667 45.14 -51.47 32.27
N ASP A 668 45.39 -50.17 32.45
CA ASP A 668 45.88 -49.66 33.72
C ASP A 668 44.87 -49.90 34.85
N GLY A 669 43.58 -49.65 34.57
CA GLY A 669 42.53 -49.86 35.56
C GLY A 669 42.41 -51.34 35.97
N ALA A 670 42.47 -52.25 35.00
CA ALA A 670 42.41 -53.69 35.24
C ALA A 670 43.60 -54.16 36.08
N ALA A 671 44.80 -53.65 35.83
CA ALA A 671 45.95 -53.96 36.65
C ALA A 671 45.77 -53.44 38.08
N LEU A 672 45.40 -52.18 38.25
CA LEU A 672 45.36 -51.55 39.55
C LEU A 672 44.28 -52.16 40.45
N VAL A 673 43.07 -52.38 39.95
CA VAL A 673 42.00 -53.01 40.74
C VAL A 673 42.41 -54.40 41.20
N THR A 674 42.92 -55.24 40.30
CA THR A 674 43.29 -56.61 40.67
C THR A 674 44.46 -56.64 41.65
N ALA A 675 45.36 -55.65 41.66
CA ALA A 675 46.37 -55.51 42.69
C ALA A 675 45.77 -55.09 44.04
N LEU A 676 44.99 -54.01 44.09
CA LEU A 676 44.37 -53.51 45.34
C LEU A 676 43.44 -54.54 45.98
N GLY A 677 42.81 -55.40 45.18
CA GLY A 677 41.99 -56.51 45.67
C GLY A 677 42.75 -57.46 46.60
N ARG A 678 44.00 -57.81 46.27
CA ARG A 678 44.80 -58.72 47.11
C ARG A 678 45.15 -58.10 48.47
N ILE A 679 45.48 -56.82 48.50
CA ILE A 679 45.64 -56.09 49.76
C ILE A 679 44.33 -56.09 50.56
N THR A 680 43.20 -55.87 49.88
CA THR A 680 41.87 -55.85 50.51
C THR A 680 41.55 -57.19 51.18
N GLU A 681 41.90 -58.33 50.57
CA GLU A 681 41.72 -59.65 51.17
C GLU A 681 42.43 -59.76 52.52
N ARG A 682 43.68 -59.30 52.59
CA ARG A 682 44.52 -59.40 53.80
C ARG A 682 43.93 -58.62 54.97
N VAL A 683 43.28 -57.48 54.70
CA VAL A 683 42.50 -56.74 55.70
C VAL A 683 41.22 -57.49 56.07
N ALA A 684 40.41 -57.90 55.08
CA ALA A 684 39.09 -58.50 55.31
C ALA A 684 39.16 -59.83 56.07
N THR A 685 40.21 -60.61 55.86
CA THR A 685 40.46 -61.90 56.54
C THR A 685 41.02 -61.75 57.97
N GLY A 686 41.41 -60.55 58.40
CA GLY A 686 42.09 -60.33 59.67
C GLY A 686 41.22 -60.49 60.93
N PRO A 687 41.81 -60.31 62.12
CA PRO A 687 41.10 -60.45 63.40
C PRO A 687 40.16 -59.27 63.76
N GLY A 688 40.31 -58.11 63.10
CA GLY A 688 39.60 -56.87 63.45
C GLY A 688 38.11 -56.81 63.05
N ALA A 689 37.45 -55.71 63.42
CA ALA A 689 36.01 -55.48 63.21
C ALA A 689 35.69 -54.02 62.86
N SER A 690 34.44 -53.73 62.50
CA SER A 690 33.91 -52.38 62.27
C SER A 690 32.44 -52.25 62.71
N VAL A 691 32.02 -51.02 63.05
CA VAL A 691 30.65 -50.63 63.45
C VAL A 691 30.32 -49.21 63.02
N TRP A 692 29.04 -48.87 62.91
CA TRP A 692 28.56 -47.48 62.79
C TRP A 692 27.93 -46.98 64.08
N VAL A 693 28.16 -45.71 64.41
CA VAL A 693 27.64 -45.03 65.60
C VAL A 693 27.05 -43.70 65.16
N ARG A 694 25.88 -43.32 65.68
CA ARG A 694 25.16 -42.10 65.29
C ARG A 694 25.71 -40.85 65.99
N ALA A 695 27.00 -40.65 65.84
CA ALA A 695 27.76 -39.54 66.40
C ALA A 695 28.74 -39.01 65.36
N THR A 696 28.97 -37.69 65.37
CA THR A 696 29.79 -37.03 64.35
C THR A 696 31.28 -37.14 64.64
N GLU A 697 32.13 -36.76 63.68
CA GLU A 697 33.59 -36.96 63.77
C GLU A 697 34.17 -36.36 65.05
N ASP A 698 33.75 -35.16 65.43
CA ASP A 698 34.21 -34.51 66.66
C ASP A 698 33.85 -35.30 67.92
N GLU A 699 32.61 -35.79 68.00
CA GLU A 699 32.11 -36.54 69.15
C GLU A 699 32.84 -37.87 69.33
N VAL A 700 33.03 -38.63 68.23
CA VAL A 700 33.75 -39.90 68.27
C VAL A 700 35.24 -39.68 68.51
N ARG A 701 35.87 -38.68 67.86
CA ARG A 701 37.28 -38.37 68.08
C ARG A 701 37.54 -37.86 69.49
N ALA A 702 36.59 -37.16 70.10
CA ALA A 702 36.67 -36.79 71.51
C ALA A 702 36.56 -38.03 72.43
N ALA A 703 35.57 -38.90 72.20
CA ALA A 703 35.46 -40.14 72.97
C ALA A 703 36.71 -41.04 72.84
N LEU A 704 37.42 -40.99 71.70
CA LEU A 704 38.70 -41.66 71.48
C LEU A 704 39.79 -41.25 72.48
N SER A 705 39.70 -40.04 73.05
CA SER A 705 40.61 -39.52 74.08
C SER A 705 40.02 -39.56 75.49
N GLY A 706 38.70 -39.55 75.63
CA GLY A 706 38.00 -39.34 76.91
C GLY A 706 38.27 -40.36 78.01
N SER A 707 38.65 -41.59 77.67
CA SER A 707 39.15 -42.61 78.62
C SER A 707 40.07 -43.62 77.92
N GLN A 708 41.05 -44.16 78.65
CA GLN A 708 42.11 -44.99 78.06
C GLN A 708 41.65 -46.40 77.68
N GLU A 709 40.57 -46.89 78.28
CA GLU A 709 40.13 -48.27 78.09
C GLU A 709 39.70 -48.60 76.65
N GLN A 710 39.19 -47.62 75.90
CA GLN A 710 38.63 -47.83 74.57
C GLN A 710 39.59 -47.58 73.39
N VAL A 711 40.88 -47.29 73.63
CA VAL A 711 41.88 -47.15 72.55
C VAL A 711 42.09 -48.48 71.80
N GLY A 712 42.26 -48.44 70.48
CA GLY A 712 42.47 -49.62 69.62
C GLY A 712 41.62 -49.70 68.35
N ALA A 713 40.78 -48.69 68.10
CA ALA A 713 39.97 -48.52 66.89
C ALA A 713 39.88 -47.03 66.50
N ALA A 714 39.59 -46.74 65.24
CA ALA A 714 39.75 -45.40 64.65
C ALA A 714 38.64 -45.06 63.65
N VAL A 715 38.51 -43.78 63.31
CA VAL A 715 37.47 -43.26 62.42
C VAL A 715 37.78 -43.64 60.98
N ALA A 716 37.14 -44.70 60.50
CA ALA A 716 37.40 -45.30 59.20
C ALA A 716 36.66 -44.61 58.05
N ALA A 717 35.50 -43.99 58.30
CA ALA A 717 34.74 -43.28 57.27
C ALA A 717 33.85 -42.17 57.85
N VAL A 718 33.63 -41.15 57.04
CA VAL A 718 32.76 -40.01 57.32
C VAL A 718 31.80 -39.87 56.14
N ASP A 719 30.85 -40.79 56.05
CA ASP A 719 29.89 -40.90 54.94
C ASP A 719 28.82 -39.81 54.95
N GLU A 720 28.52 -39.24 56.11
CA GLU A 720 27.41 -38.30 56.35
C GLU A 720 27.67 -37.55 57.65
N PRO A 721 26.95 -36.45 57.95
CA PRO A 721 27.12 -35.76 59.22
C PRO A 721 26.70 -36.63 60.42
N GLY A 722 25.67 -37.45 60.23
CA GLY A 722 24.95 -38.13 61.32
C GLY A 722 25.58 -39.43 61.83
N THR A 723 26.44 -40.09 61.05
CA THR A 723 27.15 -41.31 61.48
C THR A 723 28.59 -41.31 61.00
N THR A 724 29.45 -41.96 61.77
CA THR A 724 30.86 -42.22 61.42
C THR A 724 31.19 -43.66 61.78
N VAL A 725 32.17 -44.26 61.10
CA VAL A 725 32.47 -45.69 61.22
C VAL A 725 33.71 -45.89 62.05
N VAL A 726 33.65 -46.77 63.05
CA VAL A 726 34.78 -47.13 63.90
C VAL A 726 35.25 -48.53 63.53
N SER A 727 36.56 -48.71 63.27
CA SER A 727 37.14 -50.01 62.95
C SER A 727 38.55 -50.19 63.51
N GLY A 728 38.92 -51.44 63.83
CA GLY A 728 40.20 -51.80 64.44
C GLY A 728 40.12 -53.15 65.16
N ASP A 729 40.82 -53.27 66.29
CA ASP A 729 40.74 -54.43 67.19
C ASP A 729 39.29 -54.66 67.67
N ALA A 730 38.80 -55.91 67.58
CA ALA A 730 37.46 -56.28 68.03
C ALA A 730 37.21 -55.96 69.51
N GLY A 731 38.24 -55.96 70.36
CA GLY A 731 38.12 -55.57 71.76
C GLY A 731 37.77 -54.08 71.93
N ALA A 732 38.42 -53.21 71.18
CA ALA A 732 38.11 -51.79 71.17
C ALA A 732 36.72 -51.51 70.58
N VAL A 733 36.39 -52.15 69.46
CA VAL A 733 35.08 -52.01 68.81
C VAL A 733 33.94 -52.34 69.78
N ALA A 734 34.01 -53.43 70.52
CA ALA A 734 32.95 -53.83 71.45
C ALA A 734 32.69 -52.78 72.55
N ARG A 735 33.74 -52.31 73.22
CA ARG A 735 33.60 -51.35 74.34
C ARG A 735 33.27 -49.92 73.88
N VAL A 736 33.67 -49.52 72.67
CA VAL A 736 33.16 -48.29 72.04
C VAL A 736 31.65 -48.39 71.81
N ALA A 737 31.18 -49.50 71.25
CA ALA A 737 29.77 -49.67 70.91
C ALA A 737 28.87 -49.61 72.16
N ALA A 738 29.26 -50.28 73.25
CA ALA A 738 28.51 -50.19 74.50
C ALA A 738 28.41 -48.76 75.04
N HIS A 739 29.56 -48.05 75.13
CA HIS A 739 29.65 -46.71 75.71
C HIS A 739 28.67 -45.71 75.08
N TRP A 740 28.52 -45.74 73.75
CA TRP A 740 27.59 -44.84 73.08
C TRP A 740 26.11 -45.17 73.29
N ARG A 741 25.73 -46.44 73.49
CA ARG A 741 24.35 -46.79 73.90
C ARG A 741 24.04 -46.32 75.32
N ALA A 742 25.05 -46.31 76.20
CA ALA A 742 24.93 -45.75 77.55
C ALA A 742 24.81 -44.21 77.55
N HIS A 743 25.48 -43.52 76.65
CA HIS A 743 25.28 -42.08 76.39
C HIS A 743 23.95 -41.77 75.66
N GLY A 744 23.35 -42.75 74.98
CA GLY A 744 21.99 -42.69 74.41
C GLY A 744 21.89 -42.69 72.87
N ARG A 745 22.98 -42.90 72.13
CA ARG A 745 23.01 -42.99 70.66
C ARG A 745 22.76 -44.43 70.17
N ALA A 746 22.30 -44.57 68.92
CA ALA A 746 22.14 -45.86 68.24
C ALA A 746 23.47 -46.40 67.65
N THR A 747 23.62 -47.73 67.61
CA THR A 747 24.85 -48.40 67.17
C THR A 747 24.56 -49.67 66.38
N GLY A 748 25.31 -49.93 65.31
CA GLY A 748 25.16 -51.15 64.50
C GLY A 748 25.78 -52.40 65.13
N ALA A 749 25.42 -53.57 64.59
CA ALA A 749 26.10 -54.83 64.88
C ALA A 749 27.48 -54.89 64.21
N PRO A 750 28.46 -55.65 64.73
CA PRO A 750 29.79 -55.73 64.16
C PRO A 750 29.84 -56.39 62.77
N ARG A 751 30.80 -55.92 61.96
CA ARG A 751 31.15 -56.42 60.62
C ARG A 751 32.70 -56.47 60.49
N PRO A 752 33.28 -57.03 59.40
CA PRO A 752 34.74 -57.21 59.27
C PRO A 752 35.58 -55.92 59.33
N ALA A 753 36.90 -56.05 59.46
CA ALA A 753 37.84 -54.93 59.51
C ALA A 753 37.84 -54.10 58.21
N ARG A 754 38.21 -52.82 58.30
CA ARG A 754 38.20 -51.86 57.18
C ARG A 754 39.41 -50.92 57.12
N LEU A 755 40.42 -51.15 57.96
CA LEU A 755 41.69 -50.41 58.01
C LEU A 755 42.85 -51.39 58.23
N LEU A 756 44.09 -51.03 57.88
CA LEU A 756 45.27 -51.81 58.27
C LEU A 756 45.33 -51.97 59.80
N LEU A 757 45.79 -53.14 60.27
CA LEU A 757 45.85 -53.49 61.69
C LEU A 757 47.28 -53.43 62.27
N SER A 758 48.31 -53.34 61.44
CA SER A 758 49.71 -53.12 61.84
C SER A 758 50.48 -52.27 60.81
N PRO A 759 51.49 -51.47 61.20
CA PRO A 759 52.48 -50.92 60.26
C PRO A 759 53.31 -52.00 59.53
N ASP A 760 53.33 -53.25 60.01
CA ASP A 760 53.81 -54.38 59.22
C ASP A 760 52.96 -54.58 57.96
N ASP A 761 51.63 -54.41 58.06
CA ASP A 761 50.73 -54.50 56.90
C ASP A 761 51.05 -53.42 55.87
N GLU A 762 51.50 -52.25 56.32
CA GLU A 762 51.96 -51.21 55.40
C GLU A 762 53.17 -51.73 54.62
N GLN A 763 54.09 -52.45 55.26
CA GLN A 763 55.22 -53.03 54.55
C GLN A 763 54.77 -54.16 53.60
N ALA A 764 53.75 -54.93 53.98
CA ALA A 764 53.16 -55.94 53.12
C ALA A 764 52.48 -55.34 51.87
N ALA A 765 51.85 -54.18 52.00
CA ALA A 765 51.32 -53.45 50.85
C ALA A 765 52.42 -52.80 50.00
N LEU A 766 53.40 -52.15 50.62
CA LEU A 766 54.52 -51.50 49.91
C LEU A 766 55.44 -52.50 49.20
N ALA A 767 55.47 -53.76 49.64
CA ALA A 767 56.09 -54.84 48.89
C ALA A 767 55.36 -55.16 47.56
N GLU A 768 54.12 -54.70 47.40
CA GLU A 768 53.27 -55.00 46.25
C GLU A 768 53.08 -53.82 45.30
N LEU A 769 52.56 -52.68 45.78
CA LEU A 769 52.06 -51.64 44.87
C LEU A 769 53.14 -50.90 44.06
N ARG A 770 54.39 -50.77 44.53
CA ARG A 770 55.32 -49.78 43.97
C ARG A 770 55.62 -49.99 42.49
N ALA A 771 56.15 -51.15 42.13
CA ALA A 771 56.45 -51.46 40.74
C ALA A 771 55.18 -51.50 39.87
N ILE A 772 54.08 -52.04 40.39
CA ILE A 772 52.80 -52.12 39.68
C ILE A 772 52.35 -50.70 39.30
N VAL A 773 52.28 -49.78 40.25
CA VAL A 773 51.83 -48.42 40.01
C VAL A 773 52.77 -47.69 39.05
N ALA A 774 54.08 -47.84 39.21
CA ALA A 774 55.06 -47.29 38.27
C ALA A 774 54.94 -47.87 36.84
N GLY A 775 54.34 -49.05 36.68
CA GLY A 775 54.09 -49.70 35.39
C GLY A 775 52.79 -49.27 34.69
N LEU A 776 51.95 -48.45 35.31
CA LEU A 776 50.72 -47.94 34.70
C LEU A 776 50.99 -46.77 33.73
N ALA A 777 50.37 -46.78 32.56
CA ALA A 777 50.48 -45.74 31.54
C ALA A 777 49.52 -44.56 31.80
N PHE A 778 49.62 -43.95 32.99
CA PHE A 778 48.81 -42.79 33.37
C PHE A 778 48.93 -41.63 32.37
N ARG A 779 47.89 -40.79 32.30
CA ARG A 779 47.85 -39.55 31.51
C ARG A 779 47.05 -38.49 32.27
N GLU A 780 47.27 -37.22 31.95
CA GLU A 780 46.68 -36.11 32.71
C GLU A 780 45.15 -36.08 32.59
N PRO A 781 44.42 -35.76 33.67
CA PRO A 781 42.97 -35.89 33.70
C PRO A 781 42.25 -34.93 32.74
N GLU A 782 41.20 -35.41 32.08
CA GLU A 782 40.35 -34.57 31.22
C GLU A 782 39.44 -33.63 32.03
N VAL A 783 39.06 -34.05 33.25
CA VAL A 783 38.11 -33.39 34.17
C VAL A 783 38.52 -33.67 35.62
N PRO A 784 38.18 -32.82 36.60
CA PRO A 784 38.61 -32.98 37.97
C PRO A 784 38.17 -34.30 38.60
N LEU A 785 39.15 -35.05 39.06
CA LEU A 785 39.02 -36.31 39.80
C LEU A 785 39.16 -35.99 41.28
N LEU A 786 38.11 -36.24 42.06
CA LEU A 786 38.11 -36.13 43.51
C LEU A 786 38.25 -37.50 44.18
N SER A 787 38.92 -37.58 45.31
CA SER A 787 39.26 -38.85 45.98
C SER A 787 38.87 -38.85 47.45
N THR A 788 38.35 -39.95 47.98
CA THR A 788 38.05 -40.07 49.42
C THR A 788 39.29 -40.19 50.31
N VAL A 789 40.50 -40.25 49.76
CA VAL A 789 41.75 -40.04 50.51
C VAL A 789 42.04 -38.57 50.75
N THR A 790 41.50 -37.66 49.94
CA THR A 790 41.93 -36.25 49.91
C THR A 790 40.82 -35.25 50.20
N GLY A 791 39.61 -35.49 49.71
CA GLY A 791 38.58 -34.44 49.61
C GLY A 791 38.93 -33.28 48.66
N GLN A 792 39.93 -33.45 47.78
CA GLN A 792 40.50 -32.41 46.90
C GLN A 792 40.93 -32.98 45.53
N PRO A 793 41.00 -32.17 44.47
CA PRO A 793 41.54 -32.59 43.17
C PRO A 793 42.95 -33.16 43.29
N VAL A 794 43.17 -34.33 42.71
CA VAL A 794 44.50 -34.96 42.67
C VAL A 794 45.37 -34.29 41.61
N GLU A 795 46.59 -33.89 41.94
CA GLU A 795 47.53 -33.32 40.96
C GLU A 795 48.23 -34.40 40.11
N PRO A 796 48.66 -34.10 38.87
CA PRO A 796 49.34 -35.07 38.02
C PRO A 796 50.63 -35.69 38.61
N ALA A 797 51.31 -34.96 39.48
CA ALA A 797 52.46 -35.46 40.22
C ALA A 797 52.07 -36.39 41.39
N GLU A 798 50.86 -36.26 41.93
CA GLU A 798 50.38 -37.08 43.06
C GLU A 798 49.83 -38.42 42.58
N LEU A 799 49.10 -38.45 41.45
CA LEU A 799 48.35 -39.62 41.00
C LEU A 799 49.24 -40.85 40.79
N ARG A 800 50.49 -40.59 40.41
CA ARG A 800 51.52 -41.58 40.07
C ARG A 800 52.18 -42.23 41.29
N SER A 801 51.79 -41.89 42.51
CA SER A 801 52.42 -42.41 43.74
C SER A 801 51.62 -43.53 44.40
N ALA A 802 52.26 -44.67 44.67
CA ALA A 802 51.64 -45.77 45.41
C ALA A 802 51.20 -45.36 46.84
N GLU A 803 51.83 -44.33 47.41
CA GLU A 803 51.46 -43.80 48.73
C GLU A 803 50.08 -43.11 48.74
N HIS A 804 49.59 -42.62 47.59
CA HIS A 804 48.19 -42.20 47.48
C HIS A 804 47.26 -43.40 47.66
N TRP A 805 47.38 -44.39 46.76
CA TRP A 805 46.45 -45.51 46.70
C TRP A 805 46.43 -46.35 47.97
N LEU A 806 47.54 -46.41 48.70
CA LEU A 806 47.62 -47.10 49.99
C LEU A 806 46.87 -46.36 51.12
N ASP A 807 46.62 -45.06 51.02
CA ASP A 807 45.93 -44.33 52.08
C ASP A 807 44.47 -44.76 52.28
N HIS A 808 43.83 -45.37 51.28
CA HIS A 808 42.49 -45.95 51.43
C HIS A 808 42.43 -47.04 52.50
N LEU A 809 43.53 -47.77 52.72
CA LEU A 809 43.62 -48.77 53.77
C LEU A 809 44.10 -48.18 55.11
N ARG A 810 44.88 -47.09 55.07
CA ARG A 810 45.45 -46.47 56.27
C ARG A 810 44.47 -45.54 56.98
N GLY A 811 43.88 -44.60 56.25
CA GLY A 811 43.26 -43.39 56.78
C GLY A 811 41.73 -43.35 56.76
N PRO A 812 41.14 -42.22 57.18
CA PRO A 812 39.70 -42.01 57.13
C PRO A 812 39.21 -41.87 55.68
N THR A 813 38.08 -42.49 55.37
CA THR A 813 37.37 -42.32 54.09
C THR A 813 36.55 -41.02 54.13
N ARG A 814 37.12 -39.90 53.68
CA ARG A 814 36.54 -38.55 53.86
C ARG A 814 35.49 -38.19 52.79
N PHE A 815 34.46 -39.02 52.64
CA PHE A 815 33.44 -38.83 51.61
C PHE A 815 32.66 -37.53 51.73
N LEU A 816 32.29 -37.10 52.93
CA LEU A 816 31.58 -35.85 53.14
C LEU A 816 32.34 -34.64 52.56
N ASP A 817 33.64 -34.52 52.84
CA ASP A 817 34.42 -33.39 52.35
C ASP A 817 34.53 -33.34 50.81
N GLY A 818 34.55 -34.51 50.15
CA GLY A 818 34.50 -34.59 48.69
C GLY A 818 33.18 -34.05 48.12
N VAL A 819 32.05 -34.55 48.62
CA VAL A 819 30.73 -34.08 48.16
C VAL A 819 30.55 -32.59 48.43
N ARG A 820 31.07 -32.08 49.54
CA ARG A 820 31.04 -30.65 49.84
C ARG A 820 31.81 -29.82 48.82
N ARG A 821 32.98 -30.27 48.35
CA ARG A 821 33.71 -29.54 47.30
C ARG A 821 33.02 -29.61 45.93
N LEU A 822 32.31 -30.69 45.60
CA LEU A 822 31.46 -30.68 44.40
C LEU A 822 30.44 -29.53 44.45
N ARG A 823 29.74 -29.35 45.58
CA ARG A 823 28.72 -28.30 45.69
C ARG A 823 29.28 -26.89 45.87
N THR A 824 30.44 -26.68 46.50
CA THR A 824 31.09 -25.35 46.42
C THR A 824 31.45 -25.00 44.98
N ASP A 825 31.82 -25.98 44.18
CA ASP A 825 32.32 -25.79 42.82
C ASP A 825 31.22 -25.90 41.76
N GLY A 826 29.97 -25.61 42.14
CA GLY A 826 28.86 -25.38 41.22
C GLY A 826 28.14 -26.63 40.67
N VAL A 827 28.44 -27.84 41.17
CA VAL A 827 27.74 -29.06 40.73
C VAL A 827 26.29 -29.04 41.21
N THR A 828 25.36 -28.99 40.26
CA THR A 828 23.92 -28.92 40.53
C THR A 828 23.28 -30.30 40.67
N ARG A 829 23.73 -31.29 39.90
CA ARG A 829 23.08 -32.59 39.77
C ARG A 829 24.09 -33.71 39.85
N LEU A 830 23.73 -34.77 40.56
CA LEU A 830 24.67 -35.72 41.14
C LEU A 830 24.18 -37.16 40.94
N VAL A 831 24.80 -37.90 40.02
CA VAL A 831 24.34 -39.19 39.52
C VAL A 831 25.08 -40.34 40.20
N GLY A 832 24.37 -41.39 40.62
CA GLY A 832 24.95 -42.48 41.42
C GLY A 832 24.97 -43.84 40.73
N LEU A 833 26.17 -44.39 40.49
CA LEU A 833 26.36 -45.74 39.95
C LEU A 833 26.29 -46.79 41.08
N ASP A 834 25.16 -46.87 41.76
CA ASP A 834 24.95 -47.63 43.00
C ASP A 834 24.88 -49.17 42.85
N LEU A 835 25.92 -49.80 42.32
CA LEU A 835 26.01 -51.27 42.24
C LEU A 835 26.24 -51.96 43.60
N SER A 836 26.89 -51.28 44.54
CA SER A 836 27.07 -51.69 45.95
C SER A 836 27.24 -50.44 46.83
N GLY A 837 26.87 -50.49 48.10
CA GLY A 837 27.03 -49.38 49.06
C GLY A 837 25.99 -48.25 48.99
N ASP A 838 25.04 -48.29 48.03
CA ASP A 838 23.91 -47.35 47.94
C ASP A 838 24.30 -45.86 47.98
N LEU A 839 25.39 -45.50 47.28
CA LEU A 839 26.11 -44.24 47.45
C LEU A 839 25.27 -42.97 47.22
N THR A 840 24.22 -43.01 46.41
CA THR A 840 23.27 -41.89 46.30
C THR A 840 22.59 -41.50 47.62
N GLY A 841 22.44 -42.40 48.57
CA GLY A 841 21.84 -42.11 49.88
C GLY A 841 22.73 -41.19 50.72
N PRO A 842 23.96 -41.62 51.03
CA PRO A 842 24.96 -40.77 51.66
C PRO A 842 25.21 -39.46 50.91
N ALA A 843 25.17 -39.47 49.59
CA ALA A 843 25.32 -38.24 48.82
C ALA A 843 24.22 -37.24 49.17
N GLY A 844 22.95 -37.63 49.12
CA GLY A 844 21.84 -36.73 49.41
C GLY A 844 21.89 -36.16 50.84
N ARG A 845 22.09 -37.02 51.83
CA ARG A 845 22.15 -36.61 53.24
C ARG A 845 23.35 -35.73 53.57
N SER A 846 24.49 -35.88 52.89
CA SER A 846 25.66 -35.02 53.08
C SER A 846 25.58 -33.70 52.29
N ALA A 847 24.85 -33.68 51.18
CA ALA A 847 24.72 -32.51 50.32
C ALA A 847 23.64 -31.51 50.76
N ALA A 848 22.51 -31.99 51.28
CA ALA A 848 21.27 -31.21 51.37
C ALA A 848 21.19 -30.21 52.54
N GLY A 849 22.30 -29.95 53.25
CA GLY A 849 22.38 -29.06 54.41
C GLY A 849 23.52 -28.04 54.35
N PHE A 850 23.95 -27.64 53.17
CA PHE A 850 25.13 -26.80 52.93
C PHE A 850 24.96 -25.90 51.69
N GLY A 851 25.64 -24.76 51.64
CA GLY A 851 25.45 -23.72 50.61
C GLY A 851 24.19 -22.89 50.81
N GLU A 852 23.77 -22.12 49.80
CA GLU A 852 22.57 -21.27 49.88
C GLU A 852 21.27 -22.08 49.96
N PRO A 853 20.22 -21.59 50.65
CA PRO A 853 18.91 -22.21 50.65
C PRO A 853 18.33 -22.28 49.24
N GLY A 854 17.64 -23.38 48.91
CA GLY A 854 16.83 -23.49 47.70
C GLY A 854 17.60 -23.58 46.37
N ARG A 855 18.94 -23.51 46.38
CA ARG A 855 19.76 -23.86 45.20
C ARG A 855 19.47 -25.32 44.83
N PRO A 856 19.32 -25.68 43.56
CA PRO A 856 18.89 -27.01 43.17
C PRO A 856 19.87 -28.12 43.57
N LEU A 857 19.31 -29.31 43.75
CA LEU A 857 20.02 -30.55 44.01
C LEU A 857 19.19 -31.71 43.46
N LEU A 858 19.63 -32.28 42.35
CA LEU A 858 19.06 -33.51 41.80
C LEU A 858 19.98 -34.68 42.12
N LEU A 859 19.40 -35.76 42.63
CA LEU A 859 20.07 -37.04 42.86
C LEU A 859 19.30 -38.15 42.14
N ALA A 860 20.00 -39.11 41.56
CA ALA A 860 19.37 -40.21 40.83
C ALA A 860 20.26 -41.45 40.85
N SER A 861 19.73 -42.58 41.32
CA SER A 861 20.40 -43.86 41.12
C SER A 861 20.24 -44.31 39.68
N VAL A 862 21.32 -44.64 38.97
CA VAL A 862 21.24 -45.11 37.57
C VAL A 862 21.00 -46.61 37.39
N PRO A 863 21.55 -47.53 38.20
CA PRO A 863 21.15 -48.93 38.11
C PRO A 863 19.79 -49.21 38.78
N GLY A 864 19.49 -48.54 39.89
CA GLY A 864 18.31 -48.83 40.74
C GLY A 864 17.01 -48.15 40.29
N GLY A 865 15.88 -48.82 40.53
CA GLY A 865 14.54 -48.32 40.19
C GLY A 865 13.45 -49.40 40.24
N GLY A 866 12.40 -49.22 39.43
CA GLY A 866 11.29 -50.18 39.27
C GLY A 866 11.71 -51.55 38.72
N ARG A 867 10.84 -52.55 38.87
CA ARG A 867 11.21 -53.97 38.67
C ARG A 867 11.72 -54.34 37.27
N PRO A 868 11.13 -53.88 36.15
CA PRO A 868 11.70 -54.15 34.83
C PRO A 868 13.03 -53.40 34.66
N PRO A 869 14.18 -54.07 34.39
CA PRO A 869 15.49 -53.43 34.46
C PRO A 869 15.66 -52.21 33.53
N GLY A 870 15.02 -52.21 32.37
CA GLY A 870 15.05 -51.06 31.46
C GLY A 870 14.33 -49.83 32.01
N GLN A 871 13.22 -50.00 32.72
CA GLN A 871 12.45 -48.89 33.27
C GLN A 871 13.23 -48.13 34.33
N ALA A 872 14.07 -48.79 35.11
CA ALA A 872 14.94 -48.10 36.06
C ALA A 872 15.85 -47.09 35.35
N LEU A 873 16.66 -47.54 34.39
CA LEU A 873 17.63 -46.69 33.72
C LEU A 873 16.97 -45.60 32.87
N LEU A 874 15.93 -45.93 32.12
CA LEU A 874 15.19 -44.94 31.34
C LEU A 874 14.50 -43.91 32.24
N SER A 875 14.03 -44.29 33.42
CA SER A 875 13.45 -43.32 34.35
C SER A 875 14.52 -42.42 34.99
N ALA A 876 15.65 -42.98 35.41
CA ALA A 876 16.76 -42.20 35.96
C ALA A 876 17.33 -41.19 34.95
N LEU A 877 17.57 -41.61 33.71
CA LEU A 877 17.92 -40.71 32.61
C LEU A 877 16.77 -39.73 32.30
N GLY A 878 15.51 -40.17 32.42
CA GLY A 878 14.37 -39.32 32.18
C GLY A 878 14.32 -38.13 33.12
N GLU A 879 14.69 -38.32 34.38
CA GLU A 879 14.77 -37.24 35.34
C GLU A 879 15.90 -36.26 35.01
N LEU A 880 17.07 -36.75 34.58
CA LEU A 880 18.16 -35.88 34.11
C LEU A 880 17.77 -35.09 32.86
N HIS A 881 17.05 -35.70 31.92
CA HIS A 881 16.54 -35.01 30.72
C HIS A 881 15.52 -33.95 31.07
N THR A 882 14.65 -34.28 32.01
CA THR A 882 13.63 -33.37 32.53
C THR A 882 14.23 -32.16 33.24
N ASP A 883 15.33 -32.33 33.97
CA ASP A 883 16.00 -31.25 34.68
C ASP A 883 16.84 -30.35 33.75
N GLY A 884 17.32 -30.90 32.64
CA GLY A 884 17.89 -30.10 31.54
C GLY A 884 19.02 -30.72 30.71
N VAL A 885 19.57 -31.87 31.09
CA VAL A 885 20.69 -32.48 30.36
C VAL A 885 20.21 -32.96 28.98
N ALA A 886 20.96 -32.67 27.91
CA ALA A 886 20.58 -33.01 26.53
C ALA A 886 20.76 -34.50 26.17
N ILE A 887 20.09 -35.41 26.87
CA ILE A 887 20.25 -36.85 26.71
C ILE A 887 19.79 -37.33 25.33
N ASP A 888 20.62 -38.17 24.70
CA ASP A 888 20.33 -38.80 23.41
C ASP A 888 19.69 -40.19 23.62
N TRP A 889 18.37 -40.26 23.48
CA TRP A 889 17.59 -41.47 23.68
C TRP A 889 17.81 -42.58 22.65
N SER A 890 18.60 -42.37 21.60
CA SER A 890 18.69 -43.32 20.49
C SER A 890 19.10 -44.74 20.88
N GLN A 891 19.92 -44.95 21.90
CA GLN A 891 20.23 -46.28 22.42
C GLN A 891 19.00 -47.08 22.89
N ALA A 892 17.90 -46.44 23.28
CA ALA A 892 16.69 -47.15 23.65
C ALA A 892 15.98 -47.80 22.45
N PHE A 893 16.21 -47.27 21.25
CA PHE A 893 15.60 -47.72 20.00
C PHE A 893 16.58 -48.48 19.08
N GLU A 894 17.89 -48.28 19.21
CA GLU A 894 18.89 -48.95 18.39
C GLU A 894 18.78 -50.49 18.48
N GLY A 895 18.86 -51.17 17.35
CA GLY A 895 18.72 -52.63 17.26
C GLY A 895 17.27 -53.15 17.29
N ARG A 896 16.29 -52.27 17.50
CA ARG A 896 14.84 -52.59 17.43
C ARG A 896 14.26 -52.14 16.08
N GLY A 897 13.05 -52.58 15.75
CA GLY A 897 12.45 -52.46 14.41
C GLY A 897 11.91 -51.08 14.01
N ALA A 898 12.50 -49.99 14.49
CA ALA A 898 11.88 -48.67 14.44
C ALA A 898 11.72 -48.09 13.03
N ARG A 899 10.54 -47.52 12.75
CA ARG A 899 10.19 -46.71 11.56
C ARG A 899 9.89 -45.25 11.96
N ARG A 900 9.56 -44.41 10.97
CA ARG A 900 9.18 -42.99 11.15
C ARG A 900 7.77 -42.73 10.60
N VAL A 901 6.98 -41.88 11.26
CA VAL A 901 5.58 -41.57 10.87
C VAL A 901 5.24 -40.08 10.99
N ASP A 902 4.22 -39.62 10.27
CA ASP A 902 3.68 -38.25 10.44
C ASP A 902 2.89 -38.17 11.76
N LEU A 903 3.23 -37.19 12.59
CA LEU A 903 2.61 -36.92 13.89
C LEU A 903 2.03 -35.51 13.94
N PRO A 904 1.01 -35.25 14.77
CA PRO A 904 0.44 -33.93 14.93
C PRO A 904 1.48 -32.88 15.32
N THR A 905 1.27 -31.66 14.85
CA THR A 905 2.15 -30.49 15.05
C THR A 905 1.79 -29.71 16.32
N TYR A 906 2.62 -28.73 16.68
CA TYR A 906 2.52 -28.00 17.95
C TYR A 906 1.17 -27.28 18.18
N PRO A 907 0.58 -27.31 19.38
CA PRO A 907 -0.69 -26.65 19.68
C PRO A 907 -0.52 -25.21 20.17
N TYR A 908 -0.78 -24.22 19.31
CA TYR A 908 -0.66 -22.79 19.66
C TYR A 908 -1.66 -22.37 20.73
N GLN A 909 -1.25 -21.47 21.65
CA GLN A 909 -2.11 -20.93 22.71
C GLN A 909 -2.50 -19.48 22.38
N LYS A 910 -3.36 -19.32 21.37
CA LYS A 910 -3.63 -18.04 20.72
C LYS A 910 -4.39 -17.02 21.58
N VAL A 911 -4.15 -15.74 21.30
CA VAL A 911 -4.77 -14.54 21.89
C VAL A 911 -4.97 -13.47 20.81
N ARG A 912 -5.90 -12.53 20.99
CA ARG A 912 -6.19 -11.49 19.98
C ARG A 912 -5.04 -10.51 19.83
N CYS A 913 -4.53 -10.38 18.59
CA CYS A 913 -3.53 -9.41 18.15
C CYS A 913 -4.06 -8.69 16.90
N TRP A 914 -4.62 -7.50 17.08
CA TRP A 914 -5.17 -6.69 16.01
C TRP A 914 -5.07 -5.20 16.37
N LEU A 915 -4.97 -4.31 15.40
CA LEU A 915 -4.86 -2.86 15.68
C LEU A 915 -6.15 -2.26 16.24
N VAL A 916 -7.31 -2.78 15.84
CA VAL A 916 -8.62 -2.19 16.12
C VAL A 916 -9.43 -3.06 17.10
N PRO A 917 -9.95 -2.50 18.21
CA PRO A 917 -10.87 -3.19 19.11
C PRO A 917 -12.19 -3.54 18.42
N PRO A 918 -12.78 -4.72 18.65
CA PRO A 918 -13.87 -5.25 17.83
C PRO A 918 -15.12 -4.37 17.87
N GLU A 919 -15.66 -4.04 16.69
CA GLU A 919 -16.77 -3.12 16.54
C GLU A 919 -18.12 -3.73 16.97
N PRO A 920 -18.99 -2.98 17.67
CA PRO A 920 -20.29 -3.47 18.13
C PRO A 920 -21.29 -3.69 16.99
N GLN A 921 -22.03 -4.79 17.05
CA GLN A 921 -22.92 -5.28 15.97
C GLN A 921 -24.29 -4.57 15.96
N VAL A 922 -24.28 -3.24 15.82
CA VAL A 922 -25.47 -2.37 15.82
C VAL A 922 -25.79 -1.91 14.40
N SER A 923 -27.03 -2.07 13.95
CA SER A 923 -27.51 -1.59 12.64
C SER A 923 -27.73 -0.07 12.63
N VAL A 924 -27.36 0.60 11.54
CA VAL A 924 -27.43 2.07 11.37
C VAL A 924 -27.80 2.45 9.92
N VAL A 925 -28.28 3.68 9.71
CA VAL A 925 -28.65 4.21 8.38
C VAL A 925 -27.42 4.33 7.48
N ALA A 926 -27.52 3.90 6.22
CA ALA A 926 -26.38 3.74 5.32
C ALA A 926 -25.71 5.05 4.87
N ALA A 927 -26.50 6.07 4.52
CA ALA A 927 -26.00 7.39 4.06
C ALA A 927 -26.99 8.54 4.40
N PRO A 928 -27.25 8.81 5.69
CA PRO A 928 -28.29 9.76 6.11
C PRO A 928 -28.11 11.24 5.73
N PRO A 929 -26.91 11.84 5.57
CA PRO A 929 -26.81 13.29 5.34
C PRO A 929 -27.30 13.70 3.95
N HIS A 930 -28.25 14.63 3.89
CA HIS A 930 -28.69 15.28 2.66
C HIS A 930 -27.63 16.29 2.18
N PRO A 931 -27.33 16.41 0.87
CA PRO A 931 -26.10 17.05 0.41
C PRO A 931 -25.94 18.53 0.76
N LEU A 932 -27.05 19.25 0.92
CA LEU A 932 -27.04 20.66 1.32
C LEU A 932 -27.30 20.86 2.83
N LEU A 933 -28.20 20.09 3.44
CA LEU A 933 -28.62 20.26 4.82
C LEU A 933 -27.51 19.89 5.82
N GLY A 934 -26.75 18.85 5.51
CA GLY A 934 -25.57 18.47 6.28
C GLY A 934 -25.87 17.94 7.69
N THR A 935 -25.06 18.37 8.66
CA THR A 935 -25.04 17.85 10.03
C THR A 935 -25.76 18.79 10.99
N ALA A 936 -26.65 18.25 11.82
CA ALA A 936 -27.39 19.01 12.82
C ALA A 936 -26.54 19.20 14.09
N LEU A 937 -26.29 20.44 14.50
CA LEU A 937 -25.50 20.74 15.69
C LEU A 937 -26.33 20.60 16.97
N ASP A 938 -25.65 20.33 18.10
CA ASP A 938 -26.23 20.26 19.44
C ASP A 938 -25.69 21.38 20.35
N LEU A 939 -25.73 22.62 19.87
CA LEU A 939 -25.40 23.80 20.67
C LEU A 939 -26.38 23.90 21.86
N VAL A 940 -25.86 23.82 23.08
CA VAL A 940 -26.67 23.59 24.30
C VAL A 940 -27.59 24.77 24.61
N ASP A 941 -27.10 25.99 24.46
CA ASP A 941 -27.85 27.21 24.79
C ASP A 941 -28.75 27.71 23.65
N ALA A 942 -28.81 27.01 22.50
CA ALA A 942 -29.55 27.44 21.32
C ALA A 942 -31.08 27.51 21.56
N THR A 943 -31.73 28.51 20.96
CA THR A 943 -33.21 28.66 20.95
C THR A 943 -33.90 27.70 19.99
N GLY A 944 -33.18 27.22 18.98
CA GLY A 944 -33.68 26.31 17.94
C GLY A 944 -32.53 25.81 17.07
N GLN A 945 -32.73 24.70 16.36
CA GLN A 945 -31.63 23.97 15.76
C GLN A 945 -30.98 24.69 14.57
N SER A 946 -29.68 24.52 14.44
CA SER A 946 -28.89 24.97 13.30
C SER A 946 -28.07 23.83 12.72
N PHE A 947 -27.79 23.89 11.42
CA PHE A 947 -27.18 22.82 10.63
C PHE A 947 -26.07 23.39 9.77
N THR A 948 -24.99 22.64 9.54
CA THR A 948 -23.84 23.09 8.75
C THR A 948 -23.34 22.05 7.75
N GLN A 949 -22.80 22.51 6.62
CA GLN A 949 -22.09 21.68 5.64
C GLN A 949 -20.91 22.44 5.05
N GLN A 950 -19.80 21.76 4.80
CA GLN A 950 -18.74 22.21 3.89
C GLN A 950 -18.76 21.32 2.65
N LEU A 951 -18.78 21.89 1.47
CA LEU A 951 -18.68 21.16 0.21
C LEU A 951 -17.25 21.29 -0.32
N THR A 952 -16.61 20.17 -0.61
CA THR A 952 -15.28 20.15 -1.22
C THR A 952 -15.36 20.38 -2.74
N PRO A 953 -14.30 20.87 -3.40
CA PRO A 953 -14.37 21.25 -4.81
C PRO A 953 -14.90 20.19 -5.77
N GLY A 954 -14.63 18.91 -5.54
CA GLY A 954 -15.17 17.81 -6.32
C GLY A 954 -16.64 17.52 -6.06
N GLN A 955 -17.18 17.89 -4.90
CA GLN A 955 -18.61 17.78 -4.61
C GLN A 955 -19.41 18.90 -5.29
N VAL A 956 -18.85 20.11 -5.40
CA VAL A 956 -19.61 21.29 -5.85
C VAL A 956 -20.26 21.06 -7.20
N ALA A 957 -19.52 20.55 -8.18
CA ALA A 957 -20.06 20.27 -9.51
C ALA A 957 -21.13 19.16 -9.52
N GLY A 958 -21.13 18.26 -8.55
CA GLY A 958 -22.12 17.19 -8.41
C GLY A 958 -23.45 17.68 -7.84
N VAL A 959 -23.42 18.59 -6.87
CA VAL A 959 -24.63 19.19 -6.29
C VAL A 959 -25.17 20.32 -7.17
N PHE A 960 -24.33 21.21 -7.68
CA PHE A 960 -24.72 22.32 -8.56
C PHE A 960 -24.85 21.85 -10.03
N GLY A 961 -25.98 21.27 -10.41
CA GLY A 961 -26.19 20.69 -11.74
C GLY A 961 -26.48 21.67 -12.89
N GLN A 962 -26.37 22.99 -12.69
CA GLN A 962 -26.73 23.99 -13.70
C GLN A 962 -25.57 24.94 -13.93
N GLN A 963 -25.35 25.35 -15.18
CA GLN A 963 -24.36 26.34 -15.55
C GLN A 963 -25.04 27.57 -16.15
N LEU A 964 -24.89 28.75 -15.55
CA LEU A 964 -25.69 29.91 -15.91
C LEU A 964 -25.12 30.58 -17.16
N TYR A 965 -23.84 30.93 -17.10
CA TYR A 965 -23.01 31.32 -18.25
C TYR A 965 -21.62 30.74 -18.00
N GLY A 966 -21.52 29.42 -18.06
CA GLY A 966 -20.30 28.67 -17.76
C GLY A 966 -20.02 28.49 -16.27
N THR A 967 -20.32 29.45 -15.40
CA THR A 967 -20.13 29.27 -13.96
C THR A 967 -21.19 28.33 -13.36
N PRO A 968 -20.84 27.39 -12.47
CA PRO A 968 -21.81 26.56 -11.80
C PRO A 968 -22.69 27.31 -10.80
N VAL A 969 -23.98 27.01 -10.79
CA VAL A 969 -24.99 27.62 -9.90
C VAL A 969 -25.94 26.56 -9.35
N LEU A 970 -26.47 26.80 -8.16
CA LEU A 970 -27.40 25.88 -7.52
C LEU A 970 -28.77 25.99 -8.21
N PRO A 971 -29.40 24.90 -8.69
CA PRO A 971 -30.67 25.00 -9.39
C PRO A 971 -31.76 25.58 -8.50
N ALA A 972 -32.69 26.37 -9.05
CA ALA A 972 -33.77 26.93 -8.27
C ALA A 972 -34.61 25.86 -7.56
N GLY A 973 -34.91 24.74 -8.22
CA GLY A 973 -35.63 23.63 -7.61
C GLY A 973 -34.88 22.96 -6.45
N ALA A 974 -33.55 23.04 -6.43
CA ALA A 974 -32.77 22.51 -5.33
C ALA A 974 -32.89 23.37 -4.07
N ARG A 975 -33.10 24.68 -4.20
CA ARG A 975 -33.32 25.55 -3.03
C ARG A 975 -34.64 25.25 -2.34
N LEU A 976 -35.71 25.04 -3.09
CA LEU A 976 -36.98 24.57 -2.53
C LEU A 976 -36.79 23.26 -1.77
N GLU A 977 -36.03 22.32 -2.33
CA GLU A 977 -35.71 21.07 -1.64
C GLU A 977 -34.87 21.28 -0.38
N TRP A 978 -33.88 22.17 -0.38
CA TRP A 978 -33.06 22.47 0.81
C TRP A 978 -33.95 22.97 1.95
N LEU A 979 -34.88 23.86 1.64
CA LEU A 979 -35.84 24.36 2.61
C LEU A 979 -36.79 23.25 3.08
N LEU A 980 -37.35 22.46 2.17
CA LEU A 980 -38.27 21.38 2.56
C LEU A 980 -37.56 20.29 3.38
N ALA A 981 -36.31 19.97 3.05
CA ALA A 981 -35.49 19.02 3.79
C ALA A 981 -35.23 19.50 5.21
N ALA A 982 -34.95 20.79 5.40
CA ALA A 982 -34.86 21.37 6.72
C ALA A 982 -36.20 21.27 7.45
N ALA A 983 -37.30 21.65 6.79
CA ALA A 983 -38.60 21.70 7.41
C ALA A 983 -39.03 20.35 7.99
N ARG A 984 -38.97 19.27 7.20
CA ARG A 984 -39.49 17.96 7.63
C ARG A 984 -38.61 17.20 8.64
N HIS A 985 -37.42 17.69 8.95
CA HIS A 985 -36.37 16.87 9.58
C HIS A 985 -36.75 16.24 10.94
N GLY A 986 -37.47 16.98 11.78
CA GLY A 986 -37.79 16.57 13.16
C GLY A 986 -39.04 15.69 13.33
N SER A 987 -39.72 15.29 12.25
CA SER A 987 -41.01 14.61 12.30
C SER A 987 -41.17 13.54 11.21
N PRO A 988 -41.88 12.43 11.46
CA PRO A 988 -42.20 11.43 10.46
C PRO A 988 -43.36 11.82 9.53
N ASP A 989 -44.07 12.92 9.79
CA ASP A 989 -45.34 13.24 9.13
C ASP A 989 -45.21 13.46 7.61
N SER A 990 -46.21 13.04 6.84
CA SER A 990 -46.15 12.88 5.39
C SER A 990 -46.56 14.11 4.58
N ALA A 991 -47.25 15.08 5.17
CA ALA A 991 -47.80 16.23 4.45
C ALA A 991 -47.34 17.57 5.03
N TRP A 992 -47.04 18.54 4.15
CA TRP A 992 -46.32 19.75 4.49
C TRP A 992 -46.79 20.97 3.68
N THR A 993 -46.60 22.18 4.23
CA THR A 993 -46.86 23.43 3.53
C THR A 993 -45.80 24.46 3.86
N LEU A 994 -45.31 25.14 2.82
CA LEU A 994 -44.33 26.20 2.89
C LEU A 994 -44.95 27.46 2.29
N THR A 995 -44.81 28.61 2.94
CA THR A 995 -45.40 29.87 2.49
C THR A 995 -44.40 31.02 2.57
N GLY A 996 -44.67 32.07 1.81
CA GLY A 996 -43.87 33.31 1.84
C GLY A 996 -42.41 33.07 1.48
N ILE A 997 -42.13 32.08 0.63
CA ILE A 997 -40.77 31.70 0.25
C ILE A 997 -40.17 32.81 -0.59
N ARG A 998 -39.02 33.34 -0.18
CA ARG A 998 -38.26 34.37 -0.90
C ARG A 998 -36.84 33.87 -1.13
N LEU A 999 -36.33 34.01 -2.35
CA LEU A 999 -35.10 33.37 -2.84
C LEU A 999 -34.20 34.38 -3.57
N PRO A 1000 -33.68 35.40 -2.88
CA PRO A 1000 -32.79 36.38 -3.49
C PRO A 1000 -31.48 35.77 -3.99
N GLY A 1001 -30.81 36.48 -4.90
CA GLY A 1001 -29.46 36.20 -5.37
C GLY A 1001 -29.27 34.90 -6.15
N THR A 1002 -28.07 34.69 -6.68
CA THR A 1002 -27.64 33.42 -7.29
C THR A 1002 -26.56 32.76 -6.45
N VAL A 1003 -26.79 31.56 -5.94
CA VAL A 1003 -25.76 30.78 -5.24
C VAL A 1003 -24.82 30.20 -6.26
N SER A 1004 -23.55 30.59 -6.23
CA SER A 1004 -22.57 30.24 -7.26
C SER A 1004 -21.19 30.00 -6.67
N ALA A 1005 -20.37 29.26 -7.39
CA ALA A 1005 -19.00 28.96 -7.00
C ALA A 1005 -18.14 28.74 -8.23
N ALA A 1006 -17.16 29.60 -8.45
CA ALA A 1006 -16.22 29.46 -9.56
C ALA A 1006 -15.41 28.16 -9.43
N SER A 1007 -14.91 27.64 -10.55
CA SER A 1007 -14.18 26.36 -10.60
C SER A 1007 -13.03 26.28 -9.59
N GLY A 1008 -12.94 25.17 -8.87
CA GLY A 1008 -11.89 24.93 -7.88
C GLY A 1008 -12.06 25.62 -6.52
N THR A 1009 -13.24 26.15 -6.19
CA THR A 1009 -13.49 26.92 -4.95
C THR A 1009 -14.29 26.09 -3.93
N PRO A 1010 -13.84 25.92 -2.68
CA PRO A 1010 -14.65 25.32 -1.62
C PRO A 1010 -15.87 26.17 -1.25
N VAL A 1011 -16.96 25.55 -0.78
CA VAL A 1011 -18.22 26.25 -0.45
C VAL A 1011 -18.70 25.87 0.96
N ALA A 1012 -19.08 26.86 1.75
CA ALA A 1012 -19.73 26.69 3.05
C ALA A 1012 -21.23 26.96 3.00
N LEU A 1013 -22.05 26.18 3.70
CA LEU A 1013 -23.50 26.34 3.77
C LEU A 1013 -24.00 26.22 5.22
N GLN A 1014 -25.00 26.99 5.60
CA GLN A 1014 -25.61 26.95 6.93
C GLN A 1014 -27.12 27.19 6.86
N THR A 1015 -27.88 26.61 7.77
CA THR A 1015 -29.35 26.80 7.86
C THR A 1015 -29.84 26.71 9.30
N SER A 1016 -30.97 27.33 9.62
CA SER A 1016 -31.54 27.35 10.97
C SER A 1016 -33.06 27.34 10.99
N ARG A 1017 -33.62 26.87 12.11
CA ARG A 1017 -35.05 26.82 12.42
C ARG A 1017 -35.34 27.57 13.71
N GLU A 1018 -36.41 28.35 13.74
CA GLU A 1018 -36.82 29.12 14.91
C GLU A 1018 -38.34 29.10 15.09
N ASP A 1019 -38.81 29.20 16.33
CA ASP A 1019 -40.23 29.35 16.63
C ASP A 1019 -40.74 30.73 16.16
N SER A 1020 -41.88 30.78 15.47
CA SER A 1020 -42.54 32.04 15.08
C SER A 1020 -43.35 32.70 16.22
N GLY A 1021 -43.69 31.93 17.26
CA GLY A 1021 -44.63 32.31 18.31
C GLY A 1021 -46.10 31.97 18.00
N ASP A 1022 -46.46 31.69 16.75
CA ASP A 1022 -47.82 31.28 16.37
C ASP A 1022 -48.01 29.74 16.45
N GLY A 1023 -47.98 29.20 17.68
CA GLY A 1023 -48.19 27.77 17.96
C GLY A 1023 -47.20 26.86 17.22
N HIS A 1024 -47.71 26.08 16.27
CA HIS A 1024 -46.93 25.10 15.49
C HIS A 1024 -46.08 25.71 14.34
N ARG A 1025 -46.30 26.99 13.99
CA ARG A 1025 -45.62 27.66 12.86
C ARG A 1025 -44.13 27.91 13.15
N VAL A 1026 -43.26 27.50 12.23
CA VAL A 1026 -41.78 27.54 12.36
C VAL A 1026 -41.18 28.36 11.21
N ARG A 1027 -40.10 29.11 11.43
CA ARG A 1027 -39.39 29.91 10.42
C ARG A 1027 -38.07 29.23 10.04
N ALA A 1028 -37.75 29.13 8.75
CA ALA A 1028 -36.52 28.52 8.23
C ALA A 1028 -35.69 29.52 7.43
N PHE A 1029 -34.38 29.53 7.62
CA PHE A 1029 -33.42 30.38 6.91
C PHE A 1029 -32.33 29.55 6.25
N VAL A 1030 -31.84 29.93 5.08
CA VAL A 1030 -30.66 29.33 4.44
C VAL A 1030 -29.66 30.42 4.08
N LYS A 1031 -28.40 30.23 4.46
CA LYS A 1031 -27.35 31.25 4.37
C LYS A 1031 -26.14 30.71 3.62
N GLY A 1032 -25.69 31.49 2.64
CA GLY A 1032 -24.63 31.12 1.69
C GLY A 1032 -23.27 31.65 2.13
N PRO A 1033 -22.20 31.18 1.49
CA PRO A 1033 -20.84 31.30 2.00
C PRO A 1033 -20.36 32.74 2.07
N GLY A 1034 -19.37 32.98 2.93
CA GLY A 1034 -18.64 34.26 2.94
C GLY A 1034 -17.88 34.46 1.62
N THR A 1035 -18.13 35.56 0.92
CA THR A 1035 -17.44 35.91 -0.33
C THR A 1035 -16.10 36.57 -0.01
N GLY A 1036 -15.01 35.80 -0.09
CA GLY A 1036 -13.68 36.27 0.36
C GLY A 1036 -13.69 36.66 1.84
N GLY A 1037 -13.31 37.90 2.14
CA GLY A 1037 -13.41 38.48 3.48
C GLY A 1037 -14.84 38.86 3.91
N GLY A 1038 -15.79 38.88 2.99
CA GLY A 1038 -17.21 39.15 3.28
C GLY A 1038 -17.85 38.06 4.14
N ARG A 1039 -18.74 38.48 5.04
CA ARG A 1039 -19.47 37.59 5.96
C ARG A 1039 -20.61 36.84 5.26
N TRP A 1040 -21.29 35.97 6.01
CA TRP A 1040 -22.46 35.21 5.56
C TRP A 1040 -23.59 36.11 5.06
N ALA A 1041 -24.39 35.61 4.12
CA ALA A 1041 -25.52 36.34 3.54
C ALA A 1041 -26.73 35.43 3.32
N GLU A 1042 -27.94 36.01 3.40
CA GLU A 1042 -29.18 35.30 3.15
C GLU A 1042 -29.35 34.95 1.68
N ARG A 1043 -29.73 33.71 1.40
CA ARG A 1043 -30.00 33.20 0.04
C ARG A 1043 -31.34 32.50 -0.09
N GLY A 1044 -32.13 32.52 0.96
CA GLY A 1044 -33.47 31.96 1.01
C GLY A 1044 -34.09 32.06 2.39
N GLY A 1045 -35.37 32.37 2.46
CA GLY A 1045 -36.14 32.42 3.70
C GLY A 1045 -37.56 31.93 3.49
N ALA A 1046 -38.11 31.17 4.43
CA ALA A 1046 -39.43 30.57 4.31
C ALA A 1046 -40.11 30.37 5.66
N THR A 1047 -41.44 30.37 5.67
CA THR A 1047 -42.25 30.00 6.83
C THR A 1047 -42.92 28.65 6.59
N VAL A 1048 -42.87 27.79 7.60
CA VAL A 1048 -43.34 26.40 7.58
C VAL A 1048 -44.61 26.31 8.43
N VAL A 1049 -45.65 25.66 7.92
CA VAL A 1049 -46.78 25.20 8.75
C VAL A 1049 -46.86 23.68 8.67
N PRO A 1050 -46.74 22.94 9.79
CA PRO A 1050 -46.58 21.49 9.78
C PRO A 1050 -47.90 20.70 9.72
N ALA A 1051 -48.95 21.26 9.11
CA ALA A 1051 -50.27 20.63 9.03
C ALA A 1051 -51.07 21.05 7.78
N VAL A 1052 -51.91 20.14 7.30
CA VAL A 1052 -52.94 20.37 6.25
C VAL A 1052 -54.16 19.51 6.56
N THR A 1053 -55.36 19.96 6.15
CA THR A 1053 -56.64 19.28 6.47
C THR A 1053 -57.59 19.16 5.27
N ARG A 1054 -57.61 20.18 4.39
CA ARG A 1054 -58.41 20.22 3.15
C ARG A 1054 -58.26 18.94 2.28
N PRO A 1055 -59.36 18.38 1.73
CA PRO A 1055 -59.32 17.13 0.97
C PRO A 1055 -58.71 17.32 -0.43
N ALA A 1056 -57.99 16.30 -0.91
CA ALA A 1056 -57.51 16.26 -2.28
C ALA A 1056 -58.66 16.02 -3.28
N PRO A 1057 -58.65 16.64 -4.48
CA PRO A 1057 -59.66 16.38 -5.52
C PRO A 1057 -59.63 14.95 -6.08
N ASP A 1058 -60.59 14.65 -6.95
CA ASP A 1058 -60.66 13.39 -7.72
C ASP A 1058 -59.44 13.20 -8.65
N ARG A 1059 -59.18 11.97 -9.11
CA ARG A 1059 -58.07 11.64 -10.00
C ARG A 1059 -58.20 12.35 -11.36
N VAL A 1060 -57.34 13.34 -11.59
CA VAL A 1060 -57.28 14.10 -12.85
C VAL A 1060 -56.71 13.18 -13.94
N ASP A 1061 -57.45 12.99 -15.03
CA ASP A 1061 -57.05 12.06 -16.10
C ASP A 1061 -55.71 12.50 -16.74
N PRO A 1062 -54.61 11.72 -16.67
CA PRO A 1062 -53.36 12.09 -17.30
C PRO A 1062 -53.51 12.32 -18.82
N GLU A 1063 -54.36 11.55 -19.49
CA GLU A 1063 -54.58 11.70 -20.92
C GLU A 1063 -55.28 13.02 -21.27
N SER A 1064 -55.97 13.65 -20.31
CA SER A 1064 -56.69 14.89 -20.54
C SER A 1064 -55.77 16.12 -20.56
N LEU A 1065 -54.60 15.99 -19.94
CA LEU A 1065 -53.67 17.10 -19.75
C LEU A 1065 -53.21 17.74 -21.08
N PRO A 1066 -52.72 17.01 -22.09
CA PRO A 1066 -52.18 17.61 -23.31
C PRO A 1066 -53.23 18.05 -24.35
N GLU A 1067 -54.52 17.80 -24.13
CA GLU A 1067 -55.52 17.81 -25.21
C GLU A 1067 -55.74 19.17 -25.91
N GLY A 1068 -55.44 20.28 -25.25
CA GLY A 1068 -55.55 21.64 -25.81
C GLY A 1068 -54.26 22.18 -26.46
N LEU A 1069 -53.19 21.39 -26.55
CA LEU A 1069 -51.82 21.87 -26.69
C LEU A 1069 -51.06 21.20 -27.85
N ALA A 1070 -49.98 21.83 -28.32
CA ALA A 1070 -49.10 21.33 -29.38
C ALA A 1070 -47.74 20.87 -28.81
N GLU A 1071 -47.22 19.74 -29.31
CA GLU A 1071 -45.99 19.11 -28.80
C GLU A 1071 -44.69 19.78 -29.30
N LEU A 1072 -43.62 19.69 -28.50
CA LEU A 1072 -42.24 20.09 -28.82
C LEU A 1072 -41.29 18.90 -28.66
N ASP A 1073 -40.22 18.85 -29.44
CA ASP A 1073 -39.11 17.90 -29.24
C ASP A 1073 -38.36 18.21 -27.93
N VAL A 1074 -37.98 17.20 -27.15
CA VAL A 1074 -37.16 17.41 -25.94
C VAL A 1074 -35.83 18.08 -26.29
N ALA A 1075 -35.25 17.76 -27.45
CA ALA A 1075 -34.07 18.45 -27.94
C ALA A 1075 -34.33 19.94 -28.22
N GLU A 1076 -35.54 20.31 -28.64
CA GLU A 1076 -35.90 21.72 -28.83
C GLU A 1076 -36.01 22.45 -27.50
N VAL A 1077 -36.54 21.81 -26.46
CA VAL A 1077 -36.66 22.44 -25.14
C VAL A 1077 -35.29 22.77 -24.56
N TYR A 1078 -34.36 21.81 -24.53
CA TYR A 1078 -33.01 22.09 -24.03
C TYR A 1078 -32.17 22.97 -24.95
N ARG A 1079 -32.47 23.07 -26.26
CA ARG A 1079 -31.92 24.14 -27.11
C ARG A 1079 -32.46 25.51 -26.72
N ARG A 1080 -33.77 25.67 -26.59
CA ARG A 1080 -34.38 26.96 -26.28
C ARG A 1080 -33.86 27.51 -24.96
N LEU A 1081 -33.69 26.66 -23.96
CA LEU A 1081 -33.12 27.08 -22.68
C LEU A 1081 -31.72 27.70 -22.87
N TRP A 1082 -30.84 27.07 -23.65
CA TRP A 1082 -29.44 27.50 -23.88
C TRP A 1082 -29.28 28.92 -24.40
N ARG A 1083 -30.29 29.47 -25.09
CA ARG A 1083 -30.26 30.84 -25.58
C ARG A 1083 -30.38 31.88 -24.46
N GLN A 1084 -30.91 31.50 -23.30
CA GLN A 1084 -30.94 32.33 -22.09
C GLN A 1084 -29.75 32.03 -21.15
N GLY A 1085 -28.68 31.40 -21.65
CA GLY A 1085 -27.72 30.72 -20.78
C GLY A 1085 -28.33 29.43 -20.24
N SER A 1086 -28.04 29.05 -19.01
CA SER A 1086 -28.69 27.91 -18.36
C SER A 1086 -28.58 26.59 -19.14
N ASP A 1087 -27.35 26.16 -19.45
CA ASP A 1087 -27.13 24.75 -19.75
C ASP A 1087 -27.35 23.89 -18.49
N TYR A 1088 -27.86 22.68 -18.68
CA TYR A 1088 -28.12 21.72 -17.61
C TYR A 1088 -27.35 20.44 -17.84
N ALA A 1089 -26.76 19.89 -16.76
CA ALA A 1089 -26.20 18.55 -16.75
C ALA A 1089 -27.28 17.45 -16.85
N GLU A 1090 -26.91 16.26 -17.29
CA GLU A 1090 -27.84 15.17 -17.59
C GLU A 1090 -28.76 14.76 -16.43
N PRO A 1091 -28.35 14.73 -15.16
CA PRO A 1091 -29.25 14.44 -14.04
C PRO A 1091 -30.43 15.41 -13.86
N LEU A 1092 -30.41 16.59 -14.49
CA LEU A 1092 -31.52 17.54 -14.50
C LEU A 1092 -32.20 17.68 -15.86
N ARG A 1093 -31.77 16.96 -16.90
CA ARG A 1093 -32.46 16.91 -18.20
C ARG A 1093 -33.63 15.92 -18.12
N VAL A 1094 -34.56 16.18 -17.21
CA VAL A 1094 -35.62 15.23 -16.81
C VAL A 1094 -36.90 15.30 -17.64
N LEU A 1095 -37.10 16.29 -18.50
CA LEU A 1095 -38.29 16.36 -19.35
C LEU A 1095 -38.25 15.25 -20.43
N ARG A 1096 -39.39 14.58 -20.69
CA ARG A 1096 -39.48 13.44 -21.65
C ARG A 1096 -40.46 13.66 -22.78
N ARG A 1097 -41.52 14.45 -22.55
CA ARG A 1097 -42.40 15.04 -23.56
C ARG A 1097 -42.87 16.40 -23.04
N VAL A 1098 -43.01 17.39 -23.91
CA VAL A 1098 -43.45 18.74 -23.53
C VAL A 1098 -44.45 19.28 -24.55
N TRP A 1099 -45.50 19.94 -24.08
CA TRP A 1099 -46.53 20.54 -24.92
C TRP A 1099 -46.84 21.96 -24.45
N LEU A 1100 -47.15 22.85 -25.39
CA LEU A 1100 -47.41 24.27 -25.14
C LEU A 1100 -48.63 24.77 -25.94
N GLY A 1101 -49.35 25.75 -25.41
CA GLY A 1101 -50.54 26.36 -26.03
C GLY A 1101 -50.64 27.87 -25.85
N GLY A 1102 -49.50 28.56 -25.72
CA GLY A 1102 -49.43 29.99 -25.39
C GLY A 1102 -49.32 30.22 -23.89
N ASP A 1103 -50.43 30.52 -23.24
CA ASP A 1103 -50.49 30.86 -21.81
C ASP A 1103 -50.56 29.65 -20.84
N GLU A 1104 -50.48 28.41 -21.32
CA GLU A 1104 -50.23 27.24 -20.46
C GLU A 1104 -49.52 26.09 -21.21
N ALA A 1105 -48.94 25.19 -20.44
CA ALA A 1105 -48.11 24.07 -20.90
C ALA A 1105 -48.24 22.86 -19.97
N VAL A 1106 -47.91 21.67 -20.47
CA VAL A 1106 -47.82 20.43 -19.68
C VAL A 1106 -46.61 19.62 -20.07
N ALA A 1107 -46.18 18.71 -19.21
CA ALA A 1107 -45.03 17.87 -19.46
C ALA A 1107 -45.08 16.55 -18.73
N LEU A 1108 -44.32 15.60 -19.26
CA LEU A 1108 -44.03 14.31 -18.66
C LEU A 1108 -42.62 14.35 -18.09
N VAL A 1109 -42.46 14.03 -16.81
CA VAL A 1109 -41.17 14.05 -16.12
C VAL A 1109 -40.65 12.63 -15.93
N GLY A 1110 -39.40 12.38 -16.34
CA GLY A 1110 -38.71 11.11 -16.19
C GLY A 1110 -38.33 10.78 -14.74
N THR A 1111 -37.63 9.68 -14.53
CA THR A 1111 -37.25 9.22 -13.18
C THR A 1111 -36.18 10.16 -12.60
N ALA A 1112 -36.63 11.17 -11.85
CA ALA A 1112 -35.86 12.35 -11.44
C ALA A 1112 -34.91 12.07 -10.24
N ASP A 1113 -34.22 10.95 -10.28
CA ASP A 1113 -33.66 10.20 -9.14
C ASP A 1113 -32.38 10.80 -8.53
N VAL A 1114 -32.49 11.99 -7.93
CA VAL A 1114 -31.51 12.56 -6.98
C VAL A 1114 -31.30 11.57 -5.81
N PRO A 1115 -30.07 11.34 -5.30
CA PRO A 1115 -29.79 10.35 -4.26
C PRO A 1115 -30.70 10.45 -3.03
N THR A 1116 -31.16 9.30 -2.52
CA THR A 1116 -32.32 9.19 -1.59
C THR A 1116 -33.62 9.73 -2.21
N GLY A 1117 -33.99 9.17 -3.37
CA GLY A 1117 -35.19 9.49 -4.15
C GLY A 1117 -36.07 8.28 -4.50
N PRO A 1118 -35.49 7.14 -4.97
CA PRO A 1118 -36.22 5.87 -5.10
C PRO A 1118 -36.76 5.35 -3.75
N SER A 1119 -36.04 5.64 -2.66
CA SER A 1119 -36.57 5.75 -1.30
C SER A 1119 -35.99 7.02 -0.65
N GLY A 1120 -36.82 7.80 0.05
CA GLY A 1120 -36.49 9.17 0.48
C GLY A 1120 -36.98 10.26 -0.49
N TRP A 1121 -36.94 11.51 -0.03
CA TRP A 1121 -37.66 12.62 -0.66
C TRP A 1121 -36.89 13.37 -1.76
N SER A 1122 -35.58 13.19 -1.89
CA SER A 1122 -34.71 14.13 -2.62
C SER A 1122 -35.04 14.30 -4.10
N ARG A 1123 -35.73 13.34 -4.70
CA ARG A 1123 -36.32 13.41 -6.06
C ARG A 1123 -37.13 14.70 -6.25
N TRP A 1124 -37.69 15.29 -5.20
CA TRP A 1124 -38.41 16.55 -5.29
C TRP A 1124 -37.58 17.70 -5.86
N ALA A 1125 -36.26 17.73 -5.67
CA ALA A 1125 -35.43 18.79 -6.24
C ALA A 1125 -35.55 18.81 -7.77
N ALA A 1126 -35.31 17.66 -8.39
CA ALA A 1126 -35.31 17.57 -9.84
C ALA A 1126 -36.71 17.73 -10.43
N VAL A 1127 -37.76 17.25 -9.74
CA VAL A 1127 -39.14 17.48 -10.19
C VAL A 1127 -39.51 18.97 -10.14
N LEU A 1128 -39.18 19.67 -9.05
CA LEU A 1128 -39.46 21.11 -8.98
C LEU A 1128 -38.59 21.91 -9.96
N GLU A 1129 -37.38 21.46 -10.27
CA GLU A 1129 -36.58 22.09 -11.32
C GLU A 1129 -37.26 21.96 -12.68
N ALA A 1130 -37.98 20.87 -12.93
CA ALA A 1130 -38.74 20.75 -14.17
C ALA A 1130 -39.82 21.82 -14.27
N ALA A 1131 -40.47 22.19 -13.16
CA ALA A 1131 -41.42 23.29 -13.15
C ALA A 1131 -40.74 24.63 -13.48
N VAL A 1132 -39.52 24.85 -13.00
CA VAL A 1132 -38.74 26.04 -13.36
C VAL A 1132 -38.34 26.03 -14.84
N GLN A 1133 -37.90 24.89 -15.40
CA GLN A 1133 -37.58 24.78 -16.82
C GLN A 1133 -38.78 25.11 -17.70
N LEU A 1134 -39.95 24.56 -17.41
CA LEU A 1134 -41.17 24.85 -18.18
C LEU A 1134 -41.63 26.30 -18.00
N ALA A 1135 -41.48 26.88 -16.82
CA ALA A 1135 -41.82 28.28 -16.61
C ALA A 1135 -40.95 29.19 -17.48
N ALA A 1136 -39.66 28.89 -17.60
CA ALA A 1136 -38.75 29.63 -18.48
C ALA A 1136 -39.06 29.44 -19.97
N LEU A 1137 -39.40 28.21 -20.40
CA LEU A 1137 -39.66 27.85 -21.80
C LEU A 1137 -40.68 28.76 -22.47
N SER A 1138 -41.78 29.08 -21.78
CA SER A 1138 -42.88 29.88 -22.33
C SER A 1138 -42.55 31.36 -22.54
N GLY A 1139 -41.47 31.86 -21.94
CA GLY A 1139 -41.12 33.28 -21.91
C GLY A 1139 -40.14 33.73 -23.00
N SER A 1140 -39.49 34.87 -22.78
CA SER A 1140 -38.35 35.36 -23.56
C SER A 1140 -37.39 36.19 -22.70
N GLY A 1141 -36.10 36.21 -23.07
CA GLY A 1141 -35.04 36.84 -22.29
C GLY A 1141 -34.64 36.07 -21.02
N PRO A 1142 -33.44 36.28 -20.49
CA PRO A 1142 -32.92 35.55 -19.34
C PRO A 1142 -33.63 35.94 -18.05
N ARG A 1143 -33.91 34.95 -17.20
CA ARG A 1143 -34.64 35.11 -15.94
C ARG A 1143 -34.34 33.97 -14.97
N THR A 1144 -34.60 34.18 -13.68
CA THR A 1144 -34.45 33.17 -12.63
C THR A 1144 -35.50 33.38 -11.53
N PRO A 1145 -36.01 32.33 -10.85
CA PRO A 1145 -37.04 32.48 -9.84
C PRO A 1145 -36.64 33.34 -8.65
N VAL A 1146 -37.59 34.14 -8.17
CA VAL A 1146 -37.39 35.10 -7.07
C VAL A 1146 -38.22 34.74 -5.84
N SER A 1147 -39.46 34.30 -6.04
CA SER A 1147 -40.39 34.02 -4.94
C SER A 1147 -41.41 32.95 -5.31
N VAL A 1148 -41.95 32.30 -4.28
CA VAL A 1148 -43.11 31.42 -4.33
C VAL A 1148 -44.00 31.77 -3.13
N ASP A 1149 -45.31 31.87 -3.31
CA ASP A 1149 -46.22 32.23 -2.20
C ASP A 1149 -46.79 31.04 -1.43
N ARG A 1150 -47.12 29.95 -2.11
CA ARG A 1150 -47.42 28.66 -1.46
C ARG A 1150 -46.78 27.52 -2.23
N LEU A 1151 -46.26 26.54 -1.49
CA LEU A 1151 -45.89 25.22 -1.98
C LEU A 1151 -46.45 24.20 -0.98
N GLU A 1152 -47.15 23.19 -1.47
CA GLU A 1152 -47.79 22.17 -0.64
C GLU A 1152 -47.47 20.80 -1.21
N VAL A 1153 -47.20 19.82 -0.35
CA VAL A 1153 -46.68 18.50 -0.75
C VAL A 1153 -47.31 17.40 0.10
N SER A 1154 -47.52 16.22 -0.48
CA SER A 1154 -47.84 14.99 0.24
C SER A 1154 -46.99 13.83 -0.25
N GLY A 1155 -45.99 13.44 0.55
CA GLY A 1155 -45.08 12.32 0.25
C GLY A 1155 -44.10 12.54 -0.91
N PRO A 1156 -43.37 11.49 -1.33
CA PRO A 1156 -42.44 11.55 -2.45
C PRO A 1156 -43.13 11.68 -3.82
N PRO A 1157 -42.42 12.09 -4.89
CA PRO A 1157 -42.89 11.94 -6.25
C PRO A 1157 -42.78 10.47 -6.67
N SER A 1158 -43.79 9.92 -7.33
CA SER A 1158 -43.72 8.59 -7.96
C SER A 1158 -42.65 8.53 -9.07
N GLU A 1159 -42.24 7.33 -9.51
CA GLU A 1159 -41.18 7.16 -10.51
C GLU A 1159 -41.45 7.92 -11.82
N VAL A 1160 -42.72 8.11 -12.17
CA VAL A 1160 -43.19 9.06 -13.19
C VAL A 1160 -44.21 10.01 -12.57
N VAL A 1161 -44.18 11.29 -12.96
CA VAL A 1161 -45.18 12.30 -12.59
C VAL A 1161 -45.47 13.21 -13.78
N TRP A 1162 -46.65 13.81 -13.80
CA TRP A 1162 -47.06 14.80 -14.79
C TRP A 1162 -47.07 16.19 -14.18
N LEU A 1163 -46.52 17.17 -14.91
CA LEU A 1163 -46.50 18.58 -14.52
C LEU A 1163 -47.41 19.38 -15.44
N ARG A 1164 -48.14 20.32 -14.87
CA ARG A 1164 -48.90 21.33 -15.61
C ARG A 1164 -48.60 22.69 -15.02
N VAL A 1165 -48.37 23.68 -15.89
CA VAL A 1165 -48.01 25.04 -15.49
C VAL A 1165 -48.85 26.04 -16.27
N ARG A 1166 -49.34 27.08 -15.60
CA ARG A 1166 -50.16 28.14 -16.22
C ARG A 1166 -49.52 29.49 -16.03
N HIS A 1167 -49.69 30.37 -17.00
CA HIS A 1167 -48.97 31.64 -17.11
C HIS A 1167 -49.93 32.85 -17.30
N GLY A 1168 -51.22 32.68 -17.01
CA GLY A 1168 -52.24 33.72 -17.22
C GLY A 1168 -52.16 34.91 -16.27
N ALA A 1169 -51.57 34.74 -15.07
CA ALA A 1169 -51.45 35.80 -14.07
C ALA A 1169 -50.36 36.83 -14.41
N ASP A 1170 -50.52 38.06 -13.91
CA ASP A 1170 -49.57 39.16 -14.12
C ASP A 1170 -48.24 38.90 -13.41
N GLY A 1171 -47.18 38.59 -14.17
CA GLY A 1171 -45.82 38.36 -13.64
C GLY A 1171 -45.65 37.10 -12.78
N ALA A 1172 -46.62 36.18 -12.79
CA ALA A 1172 -46.66 35.01 -11.91
C ALA A 1172 -47.23 33.76 -12.59
N ALA A 1173 -46.93 32.59 -12.02
CA ALA A 1173 -47.35 31.29 -12.51
C ALA A 1173 -47.80 30.37 -11.37
N ASP A 1174 -48.70 29.45 -11.69
CA ASP A 1174 -49.16 28.39 -10.79
C ASP A 1174 -48.90 27.02 -11.45
N ALA A 1175 -48.61 25.99 -10.66
CA ALA A 1175 -48.22 24.69 -11.16
C ALA A 1175 -48.77 23.54 -10.32
N VAL A 1176 -48.96 22.39 -10.95
CA VAL A 1176 -49.59 21.20 -10.36
C VAL A 1176 -48.74 19.97 -10.66
N VAL A 1177 -48.55 19.09 -9.69
CA VAL A 1177 -47.85 17.81 -9.86
C VAL A 1177 -48.81 16.65 -9.59
N LEU A 1178 -48.90 15.71 -10.53
CA LEU A 1178 -49.87 14.61 -10.52
C LEU A 1178 -49.17 13.26 -10.60
N SER A 1179 -49.70 12.27 -9.88
CA SER A 1179 -49.23 10.87 -9.92
C SER A 1179 -49.55 10.20 -11.26
N GLY A 1180 -49.02 8.99 -11.48
CA GLY A 1180 -49.38 8.18 -12.65
C GLY A 1180 -50.87 7.80 -12.73
N GLU A 1181 -51.56 7.75 -11.59
CA GLU A 1181 -53.01 7.56 -11.50
C GLU A 1181 -53.81 8.86 -11.61
N GLY A 1182 -53.15 10.02 -11.44
CA GLY A 1182 -53.80 11.34 -11.44
C GLY A 1182 -54.11 11.92 -10.06
N VAL A 1183 -53.56 11.34 -8.98
CA VAL A 1183 -53.68 11.88 -7.62
C VAL A 1183 -52.80 13.12 -7.45
N ARG A 1184 -53.26 14.14 -6.74
CA ARG A 1184 -52.51 15.35 -6.45
C ARG A 1184 -51.36 15.08 -5.46
N LEU A 1185 -50.11 15.15 -5.94
CA LEU A 1185 -48.92 14.94 -5.11
C LEU A 1185 -48.36 16.24 -4.53
N ALA A 1186 -48.38 17.33 -5.30
CA ALA A 1186 -47.94 18.64 -4.87
C ALA A 1186 -48.56 19.74 -5.73
N ALA A 1187 -48.53 20.98 -5.24
CA ALA A 1187 -48.97 22.14 -5.97
C ALA A 1187 -48.16 23.39 -5.59
N VAL A 1188 -48.09 24.34 -6.50
CA VAL A 1188 -47.34 25.60 -6.36
C VAL A 1188 -48.23 26.76 -6.76
N GLN A 1189 -48.23 27.84 -5.99
CA GLN A 1189 -48.93 29.07 -6.34
C GLN A 1189 -48.03 30.29 -6.17
N GLY A 1190 -48.15 31.23 -7.11
CA GLY A 1190 -47.42 32.50 -7.06
C GLY A 1190 -45.92 32.35 -7.28
N LEU A 1191 -45.49 31.44 -8.15
CA LEU A 1191 -44.10 31.37 -8.63
C LEU A 1191 -43.80 32.59 -9.50
N ARG A 1192 -42.77 33.38 -9.18
CA ARG A 1192 -42.43 34.61 -9.92
C ARG A 1192 -40.99 34.63 -10.41
N LEU A 1193 -40.79 35.21 -11.59
CA LEU A 1193 -39.49 35.37 -12.23
C LEU A 1193 -39.15 36.82 -12.61
N ARG A 1194 -40.16 37.68 -12.83
CA ARG A 1194 -39.99 39.04 -13.37
C ARG A 1194 -39.01 39.95 -12.60
N PRO A 1195 -38.91 39.95 -11.26
CA PRO A 1195 -37.95 40.82 -10.54
C PRO A 1195 -36.47 40.46 -10.74
N MET A 1196 -36.17 39.30 -11.34
CA MET A 1196 -34.83 38.93 -11.80
C MET A 1196 -34.78 38.61 -13.31
N ALA A 1197 -35.68 39.20 -14.10
CA ALA A 1197 -35.49 39.25 -15.55
C ALA A 1197 -34.34 40.22 -15.88
N GLY A 1198 -33.33 39.75 -16.61
CA GLY A 1198 -32.25 40.60 -17.14
C GLY A 1198 -31.14 40.99 -16.15
N ARG A 1199 -30.95 40.25 -15.05
CA ARG A 1199 -29.80 40.47 -14.15
C ARG A 1199 -28.47 40.25 -14.88
N GLU A 1200 -27.45 41.03 -14.55
CA GLU A 1200 -26.28 41.21 -15.41
C GLU A 1200 -25.40 39.95 -15.49
N PRO A 1201 -25.06 39.45 -16.69
CA PRO A 1201 -24.17 38.30 -16.86
C PRO A 1201 -22.71 38.64 -16.63
N ALA A 1202 -22.31 39.91 -16.70
CA ALA A 1202 -20.91 40.32 -16.68
C ALA A 1202 -20.16 39.88 -15.41
N GLY A 1203 -20.83 39.82 -14.25
CA GLY A 1203 -20.25 39.31 -13.01
C GLY A 1203 -20.40 37.80 -12.79
N LEU A 1204 -21.27 37.14 -13.56
CA LEU A 1204 -21.48 35.70 -13.51
C LEU A 1204 -20.55 34.95 -14.46
N ALA A 1205 -20.16 35.55 -15.59
CA ALA A 1205 -19.29 34.92 -16.56
C ALA A 1205 -17.92 34.56 -15.96
N GLU A 1206 -17.40 33.38 -16.31
CA GLU A 1206 -16.13 32.86 -15.79
C GLU A 1206 -14.96 33.03 -16.78
N ALA A 1207 -15.18 33.69 -17.92
CA ALA A 1207 -14.19 33.92 -18.98
C ALA A 1207 -13.34 35.19 -18.73
N PRO A 1208 -12.01 35.11 -18.63
CA PRO A 1208 -11.15 36.26 -18.37
C PRO A 1208 -10.84 37.09 -19.62
N LEU A 1209 -10.32 38.31 -19.41
CA LEU A 1209 -9.89 39.25 -20.44
C LEU A 1209 -8.59 38.76 -21.11
N GLU A 1210 -8.55 38.68 -22.44
CA GLU A 1210 -7.47 38.04 -23.19
C GLU A 1210 -7.18 38.79 -24.50
N ARG A 1211 -5.98 38.54 -25.05
CA ARG A 1211 -5.55 39.05 -26.35
C ARG A 1211 -5.97 38.04 -27.41
N HIS A 1212 -6.71 38.47 -28.41
CA HIS A 1212 -7.23 37.65 -29.51
C HIS A 1212 -6.51 37.98 -30.80
N GLU A 1213 -5.95 36.98 -31.48
CA GLU A 1213 -5.09 37.16 -32.64
C GLU A 1213 -5.45 36.20 -33.76
N VAL A 1214 -5.59 36.69 -34.99
CA VAL A 1214 -5.68 35.87 -36.20
C VAL A 1214 -4.26 35.57 -36.65
N VAL A 1215 -3.77 34.39 -36.34
CA VAL A 1215 -2.40 33.96 -36.65
C VAL A 1215 -2.42 33.02 -37.85
N TRP A 1216 -1.58 33.30 -38.84
CA TRP A 1216 -1.36 32.40 -39.97
C TRP A 1216 -0.41 31.26 -39.61
N HIS A 1217 -0.74 30.05 -40.00
CA HIS A 1217 0.11 28.87 -39.86
C HIS A 1217 0.31 28.24 -41.24
N ALA A 1218 1.50 27.72 -41.51
CA ALA A 1218 1.80 27.08 -42.78
C ALA A 1218 1.14 25.70 -42.88
N LEU A 1219 0.56 25.37 -44.03
CA LEU A 1219 0.02 24.04 -44.34
C LEU A 1219 1.09 23.08 -44.87
N ALA A 1220 2.28 23.06 -44.28
CA ALA A 1220 3.38 22.18 -44.72
C ALA A 1220 3.01 20.68 -44.66
N GLU A 1221 2.08 20.29 -43.77
CA GLU A 1221 1.54 18.93 -43.64
C GLU A 1221 0.46 18.57 -44.68
N ASP A 1222 -0.08 19.53 -45.42
CA ASP A 1222 -1.38 19.39 -46.11
C ASP A 1222 -1.39 20.09 -47.49
N GLY A 1223 -0.21 20.24 -48.11
CA GLY A 1223 -0.02 21.05 -49.32
C GLY A 1223 -0.29 20.32 -50.64
N ARG A 1224 -0.60 19.02 -50.58
CA ARG A 1224 -0.86 18.14 -51.73
C ARG A 1224 -2.27 18.42 -52.29
N PRO A 1225 -2.44 19.04 -53.47
CA PRO A 1225 -3.70 19.68 -53.83
C PRO A 1225 -4.93 18.76 -53.89
N GLY A 1226 -4.77 17.50 -54.27
CA GLY A 1226 -5.89 16.57 -54.44
C GLY A 1226 -6.77 16.85 -55.66
N ALA A 1227 -7.58 15.88 -56.05
CA ALA A 1227 -8.36 15.95 -57.28
C ALA A 1227 -9.51 16.96 -57.19
N ILE A 1228 -9.71 17.74 -58.26
CA ILE A 1228 -10.88 18.60 -58.47
C ILE A 1228 -12.14 17.76 -58.62
N GLY A 1229 -11.99 16.53 -59.13
CA GLY A 1229 -13.06 15.56 -59.24
C GLY A 1229 -14.04 15.84 -60.38
N GLY A 1230 -15.04 14.97 -60.51
CA GLY A 1230 -16.11 15.09 -61.51
C GLY A 1230 -17.19 16.11 -61.17
N GLY A 1231 -18.40 15.87 -61.66
CA GLY A 1231 -19.54 16.78 -61.59
C GLY A 1231 -19.68 17.58 -62.87
N THR A 1232 -20.88 17.59 -63.46
CA THR A 1232 -21.13 18.22 -64.77
C THR A 1232 -21.21 19.75 -64.70
N GLY A 1233 -21.41 20.32 -63.52
CA GLY A 1233 -21.51 21.75 -63.33
C GLY A 1233 -20.19 22.46 -63.61
N SER A 1234 -20.24 23.49 -64.44
CA SER A 1234 -19.10 24.32 -64.80
C SER A 1234 -18.61 25.20 -63.63
N TRP A 1235 -17.39 25.72 -63.75
CA TRP A 1235 -16.89 26.80 -62.93
C TRP A 1235 -16.98 28.12 -63.72
N LEU A 1236 -17.70 29.09 -63.18
CA LEU A 1236 -17.65 30.46 -63.68
C LEU A 1236 -16.37 31.13 -63.18
N VAL A 1237 -15.63 31.80 -64.06
CA VAL A 1237 -14.47 32.62 -63.69
C VAL A 1237 -14.74 34.06 -64.07
N PHE A 1238 -14.72 34.97 -63.11
CA PHE A 1238 -14.83 36.40 -63.32
C PHE A 1238 -13.54 37.10 -62.87
N SER A 1239 -13.04 38.07 -63.63
CA SER A 1239 -11.90 38.89 -63.24
C SER A 1239 -12.04 40.33 -63.71
N ASP A 1240 -11.35 41.24 -63.03
CA ASP A 1240 -11.13 42.61 -63.50
C ASP A 1240 -10.30 42.68 -64.80
N ASP A 1241 -9.45 41.68 -65.05
CA ASP A 1241 -8.62 41.58 -66.25
C ASP A 1241 -9.16 40.48 -67.18
N PRO A 1242 -9.70 40.81 -68.37
CA PRO A 1242 -10.21 39.81 -69.30
C PRO A 1242 -9.14 38.81 -69.75
N GLU A 1243 -7.88 39.25 -69.84
CA GLU A 1243 -6.75 38.38 -70.11
C GLU A 1243 -6.48 37.36 -68.98
N ARG A 1244 -6.65 37.73 -67.71
CA ARG A 1244 -6.52 36.79 -66.59
C ARG A 1244 -7.66 35.77 -66.58
N ALA A 1245 -8.89 36.23 -66.82
CA ALA A 1245 -10.05 35.35 -66.90
C ALA A 1245 -9.84 34.30 -68.00
N ALA A 1246 -9.40 34.74 -69.18
CA ALA A 1246 -9.05 33.86 -70.28
C ALA A 1246 -7.91 32.89 -69.91
N ALA A 1247 -6.88 33.37 -69.19
CA ALA A 1247 -5.76 32.52 -68.81
C ALA A 1247 -6.18 31.33 -67.95
N TRP A 1248 -6.91 31.56 -66.85
CA TRP A 1248 -7.39 30.44 -66.02
C TRP A 1248 -8.40 29.57 -66.78
N CYS A 1249 -9.23 30.13 -67.65
CA CYS A 1249 -10.18 29.31 -68.40
C CYS A 1249 -9.48 28.39 -69.42
N ASP A 1250 -8.35 28.82 -69.98
CA ASP A 1250 -7.51 27.94 -70.78
C ASP A 1250 -6.87 26.84 -69.91
N GLU A 1251 -6.33 27.16 -68.73
CA GLU A 1251 -5.78 26.13 -67.84
C GLU A 1251 -6.83 25.06 -67.49
N LEU A 1252 -8.04 25.46 -67.11
CA LEU A 1252 -9.10 24.51 -66.79
C LEU A 1252 -9.49 23.65 -67.99
N ALA A 1253 -9.44 24.19 -69.21
CA ALA A 1253 -9.75 23.44 -70.41
C ALA A 1253 -8.76 22.27 -70.66
N LEU A 1254 -7.47 22.45 -70.38
CA LEU A 1254 -6.47 21.38 -70.55
C LEU A 1254 -6.76 20.20 -69.61
N PHE A 1255 -7.12 20.50 -68.37
CA PHE A 1255 -7.56 19.50 -67.38
C PHE A 1255 -9.00 19.03 -67.60
N GLY A 1256 -9.71 19.57 -68.59
CA GLY A 1256 -11.07 19.14 -68.93
C GLY A 1256 -12.13 19.51 -67.89
N VAL A 1257 -11.81 20.40 -66.95
CA VAL A 1257 -12.78 20.93 -65.97
C VAL A 1257 -13.62 21.98 -66.69
N PRO A 1258 -14.93 21.77 -66.90
CA PRO A 1258 -15.73 22.70 -67.71
C PRO A 1258 -15.77 24.09 -67.06
N ALA A 1259 -15.53 25.14 -67.84
CA ALA A 1259 -15.49 26.51 -67.33
C ALA A 1259 -16.04 27.52 -68.34
N VAL A 1260 -16.49 28.68 -67.85
CA VAL A 1260 -16.95 29.82 -68.65
C VAL A 1260 -16.35 31.11 -68.10
N ALA A 1261 -15.89 32.00 -68.98
CA ALA A 1261 -15.22 33.24 -68.61
C ALA A 1261 -16.18 34.42 -68.63
N LEU A 1262 -16.08 35.32 -67.66
CA LEU A 1262 -16.90 36.53 -67.53
C LEU A 1262 -16.05 37.75 -67.18
N ALA A 1263 -16.52 38.95 -67.56
CA ALA A 1263 -15.87 40.23 -67.24
C ALA A 1263 -16.91 41.35 -67.03
N GLY A 1264 -16.55 42.40 -66.29
CA GLY A 1264 -17.41 43.57 -66.07
C GLY A 1264 -17.50 44.46 -67.31
N GLU A 1265 -18.68 44.99 -67.63
CA GLU A 1265 -18.96 45.60 -68.94
C GLU A 1265 -18.32 46.96 -69.22
N ASP A 1266 -17.46 47.48 -68.33
CA ASP A 1266 -16.55 48.60 -68.61
C ASP A 1266 -15.10 48.15 -68.89
N ALA A 1267 -14.78 46.86 -68.75
CA ALA A 1267 -13.49 46.27 -69.13
C ALA A 1267 -13.35 46.15 -70.66
N GLU A 1268 -12.15 45.83 -71.14
CA GLU A 1268 -11.85 45.73 -72.57
C GLU A 1268 -12.68 44.65 -73.30
N GLY A 1269 -13.00 44.91 -74.57
CA GLY A 1269 -13.84 44.07 -75.43
C GLY A 1269 -13.16 42.81 -75.98
N ARG A 1270 -12.52 42.02 -75.10
CA ARG A 1270 -11.86 40.75 -75.45
C ARG A 1270 -12.87 39.70 -75.93
N ASP A 1271 -12.54 38.99 -77.01
CA ASP A 1271 -13.43 37.98 -77.62
C ASP A 1271 -13.63 36.72 -76.77
N GLY A 1272 -12.69 36.42 -75.87
CA GLY A 1272 -12.63 35.16 -75.14
C GLY A 1272 -13.60 35.00 -73.96
N THR A 1273 -14.49 35.96 -73.69
CA THR A 1273 -15.35 35.94 -72.50
C THR A 1273 -16.78 36.37 -72.79
N GLU A 1274 -17.72 35.94 -71.95
CA GLU A 1274 -18.99 36.62 -71.74
C GLU A 1274 -18.76 37.89 -70.90
N THR A 1275 -19.81 38.69 -70.67
CA THR A 1275 -19.73 39.88 -69.81
C THR A 1275 -20.98 40.05 -68.94
N VAL A 1276 -20.86 40.81 -67.86
CA VAL A 1276 -21.94 41.06 -66.89
C VAL A 1276 -22.01 42.57 -66.59
N PRO A 1277 -23.20 43.19 -66.46
CA PRO A 1277 -23.37 44.62 -66.16
C PRO A 1277 -22.99 45.02 -64.71
N VAL A 1278 -22.10 44.26 -64.07
CA VAL A 1278 -21.37 44.67 -62.86
C VAL A 1278 -20.71 46.03 -63.11
N GLY A 1279 -20.77 46.93 -62.12
CA GLY A 1279 -20.53 48.36 -62.31
C GLY A 1279 -21.84 49.17 -62.39
N THR A 1280 -22.93 48.54 -62.78
CA THR A 1280 -24.28 49.02 -62.39
C THR A 1280 -24.48 48.69 -60.90
N GLY A 1281 -25.07 49.61 -60.12
CA GLY A 1281 -25.20 49.44 -58.67
C GLY A 1281 -26.30 48.46 -58.22
N ASP A 1282 -27.12 47.97 -59.16
CA ASP A 1282 -28.35 47.23 -58.89
C ASP A 1282 -28.20 45.74 -59.24
N PRO A 1283 -28.45 44.80 -58.30
CA PRO A 1283 -28.43 43.37 -58.58
C PRO A 1283 -29.43 42.89 -59.64
N ASP A 1284 -30.44 43.67 -60.03
CA ASP A 1284 -31.44 43.24 -61.02
C ASP A 1284 -30.85 42.93 -62.40
N VAL A 1285 -30.14 43.89 -63.03
CA VAL A 1285 -29.52 43.66 -64.36
C VAL A 1285 -28.42 42.60 -64.33
N VAL A 1286 -27.71 42.49 -63.21
CA VAL A 1286 -26.70 41.46 -62.97
C VAL A 1286 -27.37 40.09 -62.90
N GLY A 1287 -28.39 39.93 -62.07
CA GLY A 1287 -29.16 38.70 -61.92
C GLY A 1287 -29.80 38.27 -63.24
N LYS A 1288 -30.40 39.20 -63.98
CA LYS A 1288 -30.93 38.95 -65.33
C LYS A 1288 -29.88 38.39 -66.29
N THR A 1289 -28.63 38.82 -66.17
CA THR A 1289 -27.53 38.31 -67.01
C THR A 1289 -27.08 36.90 -66.58
N PHE A 1290 -26.97 36.64 -65.28
CA PHE A 1290 -26.75 35.28 -64.77
C PHE A 1290 -27.92 34.33 -65.07
N ALA A 1291 -29.15 34.84 -65.13
CA ALA A 1291 -30.31 34.09 -65.57
C ALA A 1291 -30.24 33.77 -67.08
N GLU A 1292 -29.71 34.67 -67.91
CA GLU A 1292 -29.51 34.38 -69.33
C GLU A 1292 -28.49 33.23 -69.54
N LEU A 1293 -27.48 33.09 -68.68
CA LEU A 1293 -26.60 31.91 -68.70
C LEU A 1293 -27.34 30.63 -68.29
N ARG A 1294 -28.37 30.70 -67.45
CA ARG A 1294 -29.26 29.57 -67.17
C ARG A 1294 -30.16 29.25 -68.35
N GLU A 1295 -30.61 30.26 -69.11
CA GLU A 1295 -31.29 30.08 -70.40
C GLU A 1295 -30.37 29.51 -71.50
N ARG A 1296 -29.07 29.83 -71.47
CA ARG A 1296 -28.00 29.20 -72.28
C ARG A 1296 -27.67 27.76 -71.84
N GLY A 1297 -28.26 27.29 -70.73
CA GLY A 1297 -28.09 25.94 -70.18
C GLY A 1297 -26.82 25.71 -69.37
N VAL A 1298 -26.07 26.77 -69.02
CA VAL A 1298 -24.83 26.68 -68.25
C VAL A 1298 -25.16 26.25 -66.82
N THR A 1299 -24.94 24.97 -66.50
CA THR A 1299 -25.05 24.46 -65.13
C THR A 1299 -23.81 24.85 -64.34
N VAL A 1300 -23.93 25.26 -63.06
CA VAL A 1300 -22.80 25.81 -62.30
C VAL A 1300 -22.55 25.04 -61.00
N ALA A 1301 -21.33 24.57 -60.79
CA ALA A 1301 -20.87 23.97 -59.54
C ALA A 1301 -20.12 24.97 -58.64
N GLY A 1302 -19.52 26.01 -59.20
CA GLY A 1302 -18.82 27.03 -58.43
C GLY A 1302 -18.44 28.30 -59.20
N LEU A 1303 -17.97 29.29 -58.47
CA LEU A 1303 -17.58 30.61 -58.98
C LEU A 1303 -16.22 31.02 -58.40
N LEU A 1304 -15.32 31.49 -59.25
CA LEU A 1304 -14.11 32.21 -58.89
C LEU A 1304 -14.31 33.68 -59.23
N VAL A 1305 -14.08 34.57 -58.26
CA VAL A 1305 -13.99 36.02 -58.48
C VAL A 1305 -12.57 36.45 -58.20
N HIS A 1306 -11.92 37.09 -59.15
CA HIS A 1306 -10.53 37.55 -59.07
C HIS A 1306 -10.42 39.08 -59.19
N ASP A 1307 -9.45 39.68 -58.49
CA ASP A 1307 -9.36 41.12 -58.24
C ASP A 1307 -8.02 41.70 -58.69
N ALA A 1308 -8.02 42.91 -59.25
CA ALA A 1308 -6.85 43.59 -59.80
C ALA A 1308 -5.78 44.06 -58.79
N GLY A 1309 -6.05 44.07 -57.48
CA GLY A 1309 -5.15 44.70 -56.51
C GLY A 1309 -5.03 46.22 -56.70
N ASP A 1310 -3.84 46.78 -56.49
CA ASP A 1310 -3.62 48.24 -56.65
C ASP A 1310 -3.64 48.74 -58.10
N ALA A 1311 -3.66 47.86 -59.11
CA ALA A 1311 -3.48 48.21 -60.53
C ALA A 1311 -4.52 49.21 -61.07
N ARG A 1312 -5.67 49.35 -60.40
CA ARG A 1312 -6.67 50.39 -60.69
C ARG A 1312 -6.11 51.81 -60.57
N GLU A 1313 -5.12 52.04 -59.71
CA GLU A 1313 -4.47 53.34 -59.55
C GLU A 1313 -3.65 53.74 -60.79
N PRO A 1314 -2.58 53.02 -61.22
CA PRO A 1314 -1.85 53.36 -62.44
C PRO A 1314 -2.69 53.27 -63.73
N ALA A 1315 -3.76 52.46 -63.74
CA ALA A 1315 -4.71 52.41 -64.86
C ALA A 1315 -5.59 53.66 -65.02
N SER A 1316 -5.61 54.58 -64.04
CA SER A 1316 -6.52 55.74 -63.99
C SER A 1316 -5.87 57.06 -63.53
N GLY A 1317 -4.72 57.00 -62.85
CA GLY A 1317 -4.12 58.13 -62.14
C GLY A 1317 -4.73 58.45 -60.77
N ALA A 1318 -5.70 57.66 -60.30
CA ALA A 1318 -6.39 57.90 -59.02
C ALA A 1318 -5.51 57.58 -57.79
N ASP A 1319 -5.77 58.28 -56.68
CA ASP A 1319 -5.05 58.14 -55.40
C ASP A 1319 -5.98 58.54 -54.23
N ASP A 1320 -7.03 57.75 -53.98
CA ASP A 1320 -8.17 58.10 -53.13
C ASP A 1320 -8.71 56.88 -52.34
N PRO A 1321 -7.95 56.31 -51.38
CA PRO A 1321 -8.17 54.97 -50.86
C PRO A 1321 -9.61 54.64 -50.46
N LEU A 1322 -10.29 55.54 -49.77
CA LEU A 1322 -11.66 55.31 -49.32
C LEU A 1322 -12.69 55.43 -50.44
N ASP A 1323 -12.48 56.33 -51.40
CA ASP A 1323 -13.32 56.41 -52.59
C ASP A 1323 -13.07 55.21 -53.53
N ALA A 1324 -11.83 54.75 -53.63
CA ALA A 1324 -11.48 53.50 -54.30
C ALA A 1324 -12.12 52.28 -53.62
N ALA A 1325 -12.13 52.21 -52.28
CA ALA A 1325 -12.83 51.17 -51.55
C ALA A 1325 -14.34 51.16 -51.85
N CYS A 1326 -14.95 52.34 -52.00
CA CYS A 1326 -16.34 52.46 -52.41
C CYS A 1326 -16.58 52.02 -53.87
N ARG A 1327 -15.65 52.26 -54.81
CA ARG A 1327 -15.74 51.73 -56.18
C ARG A 1327 -15.62 50.20 -56.22
N ARG A 1328 -14.67 49.61 -55.49
CA ARG A 1328 -14.44 48.14 -55.46
C ARG A 1328 -15.60 47.37 -54.84
N GLY A 1329 -16.11 47.81 -53.70
CA GLY A 1329 -17.14 47.09 -52.94
C GLY A 1329 -18.40 46.84 -53.76
N GLY A 1330 -19.02 47.89 -54.29
CA GLY A 1330 -20.34 47.81 -54.93
C GLY A 1330 -20.39 46.85 -56.12
N ARG A 1331 -19.35 46.87 -56.95
CA ARG A 1331 -19.16 45.93 -58.09
C ARG A 1331 -19.21 44.49 -57.59
N THR A 1332 -18.40 44.20 -56.58
CA THR A 1332 -18.26 42.86 -56.02
C THR A 1332 -19.56 42.41 -55.38
N LEU A 1333 -20.22 43.29 -54.63
CA LEU A 1333 -21.49 43.00 -53.96
C LEU A 1333 -22.57 42.63 -54.96
N ALA A 1334 -22.72 43.40 -56.03
CA ALA A 1334 -23.74 43.13 -57.03
C ALA A 1334 -23.53 41.75 -57.67
N LEU A 1335 -22.28 41.43 -58.05
CA LEU A 1335 -21.90 40.14 -58.62
C LEU A 1335 -22.33 39.00 -57.70
N VAL A 1336 -21.87 39.04 -56.46
CA VAL A 1336 -22.13 37.98 -55.48
C VAL A 1336 -23.62 37.85 -55.17
N ARG A 1337 -24.34 38.95 -54.95
CA ARG A 1337 -25.78 38.89 -54.67
C ARG A 1337 -26.56 38.30 -55.83
N GLY A 1338 -26.26 38.74 -57.06
CA GLY A 1338 -26.92 38.23 -58.25
C GLY A 1338 -26.72 36.72 -58.39
N PHE A 1339 -25.49 36.25 -58.29
CA PHE A 1339 -25.21 34.83 -58.44
C PHE A 1339 -25.91 33.97 -57.37
N LEU A 1340 -25.92 34.42 -56.11
CA LEU A 1340 -26.64 33.71 -55.04
C LEU A 1340 -28.14 33.62 -55.29
N GLN A 1341 -28.79 34.71 -55.68
CA GLN A 1341 -30.22 34.72 -56.02
C GLN A 1341 -30.52 33.76 -57.19
N GLU A 1342 -29.65 33.69 -58.18
CA GLU A 1342 -29.88 32.88 -59.38
C GLU A 1342 -29.53 31.39 -59.23
N TYR A 1343 -28.76 30.97 -58.22
CA TYR A 1343 -28.25 29.59 -58.19
C TYR A 1343 -28.19 28.90 -56.81
N ALA A 1344 -28.50 29.56 -55.69
CA ALA A 1344 -28.19 28.99 -54.37
C ALA A 1344 -28.79 27.60 -54.10
N GLU A 1345 -29.92 27.23 -54.70
CA GLU A 1345 -30.53 25.90 -54.57
C GLU A 1345 -29.67 24.77 -55.15
N GLN A 1346 -28.70 25.08 -56.02
CA GLN A 1346 -27.81 24.09 -56.65
C GLN A 1346 -26.58 23.73 -55.78
N THR A 1347 -26.49 24.26 -54.56
CA THR A 1347 -25.35 24.13 -53.63
C THR A 1347 -24.01 24.57 -54.26
N PRO A 1348 -23.91 25.76 -54.85
CA PRO A 1348 -22.65 26.23 -55.43
C PRO A 1348 -21.58 26.49 -54.37
N ARG A 1349 -20.31 26.43 -54.78
CA ARG A 1349 -19.15 26.83 -53.98
C ARG A 1349 -18.58 28.16 -54.49
N ILE A 1350 -18.41 29.15 -53.62
CA ILE A 1350 -17.94 30.49 -53.98
C ILE A 1350 -16.50 30.68 -53.48
N VAL A 1351 -15.58 31.11 -54.36
CA VAL A 1351 -14.20 31.43 -53.99
C VAL A 1351 -13.86 32.88 -54.35
N LEU A 1352 -13.52 33.70 -53.36
CA LEU A 1352 -13.08 35.07 -53.58
C LEU A 1352 -11.56 35.13 -53.53
N CYS A 1353 -10.94 35.71 -54.55
CA CYS A 1353 -9.50 35.89 -54.59
C CYS A 1353 -9.15 37.37 -54.38
N SER A 1354 -8.41 37.68 -53.32
CA SER A 1354 -7.92 39.01 -52.97
C SER A 1354 -6.44 39.13 -53.27
N ALA A 1355 -5.93 40.36 -53.31
CA ALA A 1355 -4.52 40.62 -53.56
C ALA A 1355 -3.88 41.35 -52.39
N GLY A 1356 -2.86 40.76 -51.79
CA GLY A 1356 -2.08 41.37 -50.70
C GLY A 1356 -2.87 41.70 -49.42
N ALA A 1357 -4.13 41.26 -49.30
CA ALA A 1357 -5.03 41.61 -48.20
C ALA A 1357 -4.75 40.86 -46.89
N ALA A 1358 -4.06 39.73 -46.93
CA ALA A 1358 -3.74 38.95 -45.74
C ALA A 1358 -2.66 39.64 -44.89
N ALA A 1359 -3.10 40.29 -43.81
CA ALA A 1359 -2.23 40.91 -42.83
C ALA A 1359 -1.35 39.86 -42.11
N GLY A 1360 -0.06 40.13 -41.92
CA GLY A 1360 0.87 39.31 -41.14
C GLY A 1360 1.78 38.36 -41.94
N LEU A 1361 1.71 38.37 -43.27
CA LEU A 1361 2.61 37.61 -44.15
C LEU A 1361 3.68 38.52 -44.79
N ALA A 1362 4.70 37.92 -45.40
CA ALA A 1362 5.95 38.59 -45.77
C ALA A 1362 5.87 39.61 -46.94
N GLY A 1363 4.79 39.60 -47.72
CA GLY A 1363 4.70 40.29 -49.03
C GLY A 1363 4.59 41.82 -49.05
N GLY A 1364 4.89 42.50 -47.94
CA GLY A 1364 4.64 43.93 -47.77
C GLY A 1364 3.20 44.22 -47.32
N PRO A 1365 2.94 45.42 -46.76
CA PRO A 1365 1.67 45.75 -46.14
C PRO A 1365 0.51 45.77 -47.14
N PRO A 1366 -0.71 45.44 -46.71
CA PRO A 1366 -1.90 45.54 -47.54
C PRO A 1366 -2.19 46.98 -47.96
N HIS A 1367 -2.80 47.16 -49.13
CA HIS A 1367 -3.52 48.39 -49.50
C HIS A 1367 -4.89 48.40 -48.80
N PRO A 1368 -5.27 49.43 -48.03
CA PRO A 1368 -6.54 49.41 -47.30
C PRO A 1368 -7.78 49.24 -48.18
N ALA A 1369 -7.70 49.61 -49.47
CA ALA A 1369 -8.81 49.49 -50.42
C ALA A 1369 -9.25 48.04 -50.67
N GLN A 1370 -8.49 47.02 -50.26
CA GLN A 1370 -8.90 45.62 -50.33
C GLN A 1370 -9.94 45.22 -49.27
N ALA A 1371 -10.15 46.03 -48.23
CA ALA A 1371 -10.98 45.67 -47.08
C ALA A 1371 -12.39 45.15 -47.39
N PRO A 1372 -13.11 45.61 -48.42
CA PRO A 1372 -14.43 45.06 -48.72
C PRO A 1372 -14.43 43.57 -49.06
N LEU A 1373 -13.34 43.01 -49.59
CA LEU A 1373 -13.30 41.59 -49.94
C LEU A 1373 -13.32 40.70 -48.71
N THR A 1374 -12.49 40.99 -47.70
CA THR A 1374 -12.48 40.22 -46.45
C THR A 1374 -13.76 40.43 -45.67
N ALA A 1375 -14.31 41.64 -45.67
CA ALA A 1375 -15.60 41.92 -45.07
C ALA A 1375 -16.73 41.12 -45.73
N LEU A 1376 -16.77 41.09 -47.06
CA LEU A 1376 -17.78 40.33 -47.77
C LEU A 1376 -17.65 38.83 -47.49
N PHE A 1377 -16.44 38.29 -47.44
CA PHE A 1377 -16.24 36.88 -47.08
C PHE A 1377 -16.83 36.57 -45.71
N THR A 1378 -16.48 37.33 -44.67
CA THR A 1378 -17.01 37.03 -43.34
C THR A 1378 -18.52 37.25 -43.24
N SER A 1379 -19.07 38.17 -44.03
CA SER A 1379 -20.51 38.33 -44.18
C SER A 1379 -21.16 37.09 -44.79
N LEU A 1380 -20.55 36.47 -45.80
CA LEU A 1380 -21.07 35.26 -46.42
C LEU A 1380 -21.04 34.04 -45.48
N VAL A 1381 -20.02 33.92 -44.63
CA VAL A 1381 -19.85 32.77 -43.73
C VAL A 1381 -21.05 32.54 -42.82
N TRP A 1382 -21.71 33.59 -42.34
CA TRP A 1382 -22.85 33.46 -41.43
C TRP A 1382 -24.22 33.66 -42.09
N GLU A 1383 -24.32 34.39 -43.19
CA GLU A 1383 -25.62 34.76 -43.77
C GLU A 1383 -26.21 33.73 -44.76
N HIS A 1384 -25.42 32.78 -45.26
CA HIS A 1384 -25.92 31.62 -46.03
C HIS A 1384 -25.21 30.33 -45.60
N PRO A 1385 -25.59 29.73 -44.47
CA PRO A 1385 -24.84 28.61 -43.90
C PRO A 1385 -24.76 27.37 -44.79
N GLU A 1386 -25.71 27.19 -45.70
CA GLU A 1386 -25.80 26.03 -46.56
C GLU A 1386 -24.75 25.98 -47.68
N LEU A 1387 -24.01 27.08 -47.92
CA LEU A 1387 -23.06 27.21 -49.03
C LEU A 1387 -21.61 27.16 -48.54
N PRO A 1388 -20.75 26.29 -49.09
CA PRO A 1388 -19.32 26.36 -48.80
C PRO A 1388 -18.66 27.55 -49.50
N CYS A 1389 -17.68 28.18 -48.85
CA CYS A 1389 -16.96 29.30 -49.45
C CYS A 1389 -15.53 29.44 -48.95
N ALA A 1390 -14.68 30.13 -49.69
CA ALA A 1390 -13.31 30.40 -49.28
C ALA A 1390 -12.81 31.75 -49.77
N GLN A 1391 -11.90 32.34 -49.00
CA GLN A 1391 -11.10 33.48 -49.41
C GLN A 1391 -9.65 33.01 -49.62
N VAL A 1392 -9.07 33.32 -50.77
CA VAL A 1392 -7.64 33.08 -51.02
C VAL A 1392 -6.94 34.39 -51.31
N ASP A 1393 -5.93 34.74 -50.53
CA ASP A 1393 -5.18 35.96 -50.77
C ASP A 1393 -3.86 35.67 -51.47
N LEU A 1394 -3.69 36.23 -52.67
CA LEU A 1394 -2.49 36.05 -53.49
C LEU A 1394 -1.48 37.18 -53.29
N ASP A 1395 -0.22 36.87 -53.54
CA ASP A 1395 0.85 37.86 -53.54
C ASP A 1395 0.59 38.93 -54.62
N PRO A 1396 0.70 40.23 -54.30
CA PRO A 1396 0.37 41.30 -55.23
C PRO A 1396 1.38 41.51 -56.36
N ALA A 1397 2.55 40.88 -56.34
CA ALA A 1397 3.67 41.13 -57.26
C ALA A 1397 4.13 39.89 -58.03
N GLU A 1398 4.06 38.70 -57.45
CA GLU A 1398 4.37 37.43 -58.12
C GLU A 1398 3.35 37.07 -59.21
N ASP A 1399 3.64 36.05 -60.02
CA ASP A 1399 2.63 35.40 -60.85
C ASP A 1399 1.65 34.59 -59.99
N PRO A 1400 0.35 34.56 -60.31
CA PRO A 1400 -0.61 33.73 -59.59
C PRO A 1400 -0.32 32.24 -59.84
N PRO A 1401 -0.50 31.36 -58.85
CA PRO A 1401 -0.33 29.92 -59.03
C PRO A 1401 -1.34 29.35 -60.03
N THR A 1402 -1.00 28.25 -60.71
CA THR A 1402 -1.90 27.59 -61.67
C THR A 1402 -3.21 27.23 -61.00
N VAL A 1403 -4.33 27.50 -61.66
CA VAL A 1403 -5.65 27.47 -61.02
C VAL A 1403 -6.04 26.10 -60.49
N VAL A 1404 -5.45 25.01 -61.01
CA VAL A 1404 -5.65 23.66 -60.49
C VAL A 1404 -5.03 23.45 -59.12
N SER A 1405 -3.94 24.12 -58.77
CA SER A 1405 -3.46 24.16 -57.40
C SER A 1405 -4.47 24.86 -56.47
N LEU A 1406 -5.06 25.99 -56.90
CA LEU A 1406 -6.04 26.72 -56.08
C LEU A 1406 -7.28 25.87 -55.82
N LEU A 1407 -7.94 25.36 -56.86
CA LEU A 1407 -9.20 24.65 -56.66
C LEU A 1407 -8.97 23.35 -55.88
N GLY A 1408 -7.84 22.69 -56.07
CA GLY A 1408 -7.48 21.54 -55.25
C GLY A 1408 -7.40 21.91 -53.78
N GLN A 1409 -6.60 22.92 -53.45
CA GLN A 1409 -6.42 23.33 -52.06
C GLN A 1409 -7.72 23.82 -51.42
N VAL A 1410 -8.58 24.54 -52.16
CA VAL A 1410 -9.89 24.96 -51.65
C VAL A 1410 -10.76 23.75 -51.34
N MET A 1411 -10.80 22.74 -52.20
CA MET A 1411 -11.63 21.56 -51.98
C MET A 1411 -11.08 20.58 -50.92
N ARG A 1412 -9.96 20.90 -50.26
CA ARG A 1412 -9.65 20.32 -48.94
C ARG A 1412 -10.75 20.62 -47.92
N LEU A 1413 -11.40 21.78 -48.03
CA LEU A 1413 -12.27 22.34 -47.00
C LEU A 1413 -13.75 22.04 -47.27
N PRO A 1414 -14.43 21.19 -46.49
CA PRO A 1414 -15.87 21.31 -46.35
C PRO A 1414 -16.20 22.59 -45.57
N GLY A 1415 -17.40 23.12 -45.73
CA GLY A 1415 -17.76 24.38 -45.05
C GLY A 1415 -16.93 25.55 -45.57
N ALA A 1416 -16.22 26.27 -44.70
CA ALA A 1416 -15.51 27.48 -45.10
C ALA A 1416 -14.22 27.75 -44.32
N GLY A 1417 -13.31 28.52 -44.92
CA GLY A 1417 -12.05 28.91 -44.31
C GLY A 1417 -11.35 30.05 -45.05
N ARG A 1418 -10.23 30.53 -44.50
CA ARG A 1418 -9.40 31.58 -45.09
C ARG A 1418 -7.99 31.05 -45.37
N LEU A 1419 -7.52 31.24 -46.59
CA LEU A 1419 -6.23 30.77 -47.08
C LEU A 1419 -5.41 31.91 -47.70
N ALA A 1420 -4.08 31.77 -47.74
CA ALA A 1420 -3.21 32.73 -48.42
C ALA A 1420 -1.99 32.05 -49.04
N VAL A 1421 -1.45 32.64 -50.10
CA VAL A 1421 -0.30 32.14 -50.86
C VAL A 1421 0.75 33.23 -51.00
N ARG A 1422 2.02 32.88 -50.76
CA ARG A 1422 3.22 33.72 -50.92
C ARG A 1422 4.40 32.82 -51.29
N GLY A 1423 5.05 33.03 -52.42
CA GLY A 1423 6.01 32.05 -52.94
C GLY A 1423 5.36 30.68 -53.17
N GLY A 1424 6.06 29.60 -52.84
CA GLY A 1424 5.51 28.25 -52.90
C GLY A 1424 4.68 27.84 -51.68
N ARG A 1425 4.61 28.69 -50.64
CA ARG A 1425 3.96 28.38 -49.36
C ARG A 1425 2.43 28.49 -49.45
N TRP A 1426 1.74 27.67 -48.69
CA TRP A 1426 0.31 27.80 -48.37
C TRP A 1426 0.11 28.08 -46.89
N PHE A 1427 -0.77 29.02 -46.54
CA PHE A 1427 -1.11 29.37 -45.17
C PHE A 1427 -2.61 29.26 -44.89
N GLU A 1428 -2.98 28.90 -43.67
CA GLU A 1428 -4.36 28.93 -43.18
C GLU A 1428 -4.46 29.67 -41.83
N ALA A 1429 -5.52 30.43 -41.62
CA ALA A 1429 -5.72 31.24 -40.42
C ALA A 1429 -6.31 30.45 -39.25
N ARG A 1430 -5.91 30.78 -38.02
CA ARG A 1430 -6.56 30.37 -36.77
C ARG A 1430 -6.73 31.57 -35.87
N LEU A 1431 -7.87 31.70 -35.19
CA LEU A 1431 -8.08 32.73 -34.17
C LEU A 1431 -7.69 32.13 -32.82
N GLU A 1432 -6.60 32.62 -32.24
CA GLU A 1432 -5.98 32.07 -31.05
C GLU A 1432 -5.73 33.14 -29.99
N ARG A 1433 -5.63 32.69 -28.74
CA ARG A 1433 -5.79 33.52 -27.54
C ARG A 1433 -4.63 33.33 -26.57
N ARG A 1434 -4.18 34.42 -25.94
CA ARG A 1434 -3.15 34.40 -24.87
C ARG A 1434 -3.42 35.49 -23.82
N PRO A 1435 -2.88 35.37 -22.60
CA PRO A 1435 -3.19 36.28 -21.50
C PRO A 1435 -2.74 37.73 -21.74
N ALA A 1436 -3.37 38.68 -21.04
CA ALA A 1436 -3.16 40.12 -21.23
C ALA A 1436 -3.10 40.87 -19.90
N PRO A 1437 -1.91 41.03 -19.29
CA PRO A 1437 -1.75 41.68 -17.98
C PRO A 1437 -2.12 43.18 -17.99
N ALA A 1438 -3.15 43.57 -17.23
CA ALA A 1438 -3.56 44.96 -17.08
C ALA A 1438 -2.66 45.77 -16.14
N ASP A 1439 -1.96 45.12 -15.21
CA ASP A 1439 -1.08 45.77 -14.23
C ASP A 1439 0.12 46.50 -14.88
N ARG A 1440 0.41 46.23 -16.16
CA ARG A 1440 1.37 46.99 -16.96
C ARG A 1440 1.01 48.49 -17.00
N GLY A 1441 -0.26 48.83 -17.22
CA GLY A 1441 -0.73 50.22 -17.23
C GLY A 1441 -0.90 50.80 -15.81
N GLU A 1442 -1.01 49.96 -14.80
CA GLU A 1442 -1.02 50.39 -13.39
C GLU A 1442 0.39 50.79 -12.90
N ARG A 1443 1.44 50.11 -13.36
CA ARG A 1443 2.85 50.50 -13.12
C ARG A 1443 3.31 51.64 -14.03
N LEU A 1444 3.22 51.47 -15.35
CA LEU A 1444 3.77 52.42 -16.33
C LEU A 1444 2.76 53.54 -16.66
N ALA A 1445 2.77 54.61 -15.87
CA ALA A 1445 1.94 55.79 -16.11
C ALA A 1445 2.37 56.56 -17.37
N LEU A 1446 1.42 57.25 -18.00
CA LEU A 1446 1.67 58.16 -19.13
C LEU A 1446 2.36 59.46 -18.63
N ARG A 1447 3.13 60.12 -19.50
CA ARG A 1447 4.02 61.23 -19.13
C ARG A 1447 3.31 62.50 -18.62
N PRO A 1448 3.94 63.29 -17.72
CA PRO A 1448 3.20 64.12 -16.74
C PRO A 1448 2.87 65.55 -17.20
N ASP A 1449 3.42 66.00 -18.33
CA ASP A 1449 3.35 67.37 -18.84
C ASP A 1449 2.92 67.44 -20.31
N ALA A 1450 2.46 66.34 -20.90
CA ALA A 1450 1.96 66.28 -22.28
C ALA A 1450 0.46 66.62 -22.37
N THR A 1451 0.02 66.95 -23.58
CA THR A 1451 -1.39 66.96 -23.97
C THR A 1451 -1.82 65.60 -24.51
N TYR A 1452 -3.11 65.26 -24.36
CA TYR A 1452 -3.77 64.08 -24.92
C TYR A 1452 -5.11 64.46 -25.54
N LEU A 1453 -5.54 63.80 -26.62
CA LEU A 1453 -6.86 64.05 -27.25
C LEU A 1453 -7.76 62.83 -27.14
N VAL A 1454 -9.05 63.08 -26.89
CA VAL A 1454 -10.11 62.09 -26.99
C VAL A 1454 -11.20 62.63 -27.91
N ALA A 1455 -11.72 61.80 -28.82
CA ALA A 1455 -12.60 62.25 -29.89
C ALA A 1455 -13.63 61.21 -30.34
N GLY A 1456 -14.63 61.68 -31.08
CA GLY A 1456 -15.51 60.86 -31.94
C GLY A 1456 -16.63 60.06 -31.26
N GLY A 1457 -16.45 59.61 -30.02
CA GLY A 1457 -17.41 58.74 -29.32
C GLY A 1457 -18.70 59.42 -28.86
N ASP A 1458 -19.65 58.62 -28.36
CA ASP A 1458 -20.80 59.14 -27.61
C ASP A 1458 -20.41 59.55 -26.18
N THR A 1459 -21.35 60.15 -25.46
CA THR A 1459 -21.10 60.68 -24.11
C THR A 1459 -20.72 59.60 -23.12
N ARG A 1460 -21.37 58.42 -23.13
CA ARG A 1460 -21.07 57.35 -22.18
C ARG A 1460 -19.65 56.81 -22.37
N HIS A 1461 -19.21 56.62 -23.62
CA HIS A 1461 -17.82 56.24 -23.89
C HIS A 1461 -16.84 57.35 -23.49
N ALA A 1462 -17.17 58.61 -23.80
CA ALA A 1462 -16.31 59.74 -23.46
C ALA A 1462 -16.08 59.85 -21.95
N ALA A 1463 -17.14 59.70 -21.15
CA ALA A 1463 -17.05 59.79 -19.71
C ALA A 1463 -16.09 58.73 -19.13
N ALA A 1464 -16.15 57.51 -19.66
CA ALA A 1464 -15.29 56.42 -19.24
C ALA A 1464 -13.82 56.72 -19.54
N ALA A 1465 -13.53 57.27 -20.71
CA ALA A 1465 -12.17 57.58 -21.12
C ALA A 1465 -11.57 58.71 -20.28
N LEU A 1466 -12.31 59.81 -20.13
CA LEU A 1466 -11.87 60.98 -19.35
C LEU A 1466 -11.59 60.61 -17.90
N GLU A 1467 -12.46 59.82 -17.27
CA GLU A 1467 -12.21 59.31 -15.92
C GLU A 1467 -10.92 58.50 -15.82
N TRP A 1468 -10.58 57.69 -16.82
CA TRP A 1468 -9.32 56.96 -16.82
C TRP A 1468 -8.13 57.90 -16.98
N LEU A 1469 -8.17 58.85 -17.92
CA LEU A 1469 -7.08 59.83 -18.08
C LEU A 1469 -6.85 60.64 -16.79
N ALA A 1470 -7.94 61.07 -16.15
CA ALA A 1470 -7.93 61.77 -14.88
C ALA A 1470 -7.28 60.92 -13.77
N ALA A 1471 -7.70 59.66 -13.64
CA ALA A 1471 -7.11 58.74 -12.67
C ALA A 1471 -5.61 58.50 -12.92
N ARG A 1472 -5.19 58.45 -14.19
CA ARG A 1472 -3.78 58.30 -14.60
C ARG A 1472 -2.95 59.58 -14.45
N GLY A 1473 -3.56 60.71 -14.09
CA GLY A 1473 -2.85 61.96 -13.86
C GLY A 1473 -2.39 62.67 -15.14
N ALA A 1474 -3.10 62.50 -16.25
CA ALA A 1474 -2.91 63.35 -17.43
C ALA A 1474 -3.16 64.83 -17.07
N ARG A 1475 -2.31 65.74 -17.55
CA ARG A 1475 -2.38 67.18 -17.18
C ARG A 1475 -3.28 68.00 -18.11
N SER A 1476 -3.12 67.83 -19.42
CA SER A 1476 -3.84 68.54 -20.49
C SER A 1476 -4.62 67.56 -21.36
N VAL A 1477 -5.95 67.76 -21.48
CA VAL A 1477 -6.87 66.83 -22.16
C VAL A 1477 -7.89 67.60 -22.97
N VAL A 1478 -8.34 67.04 -24.10
CA VAL A 1478 -9.38 67.63 -24.96
C VAL A 1478 -10.46 66.61 -25.28
N LEU A 1479 -11.73 67.01 -25.25
CA LEU A 1479 -12.86 66.24 -25.78
C LEU A 1479 -13.45 66.97 -26.99
N ALA A 1480 -13.38 66.34 -28.16
CA ALA A 1480 -13.75 66.99 -29.41
C ALA A 1480 -15.27 67.02 -29.67
N GLY A 1481 -16.04 66.10 -29.08
CA GLY A 1481 -17.39 65.75 -29.49
C GLY A 1481 -18.41 66.89 -29.44
N ALA A 1482 -19.44 66.80 -30.29
CA ALA A 1482 -20.49 67.81 -30.51
C ALA A 1482 -21.23 68.24 -29.23
N GLU A 1483 -21.38 67.34 -28.25
CA GLU A 1483 -22.03 67.64 -26.97
C GLU A 1483 -21.25 68.63 -26.10
N SER A 1484 -19.92 68.70 -26.25
CA SER A 1484 -19.01 69.43 -25.35
C SER A 1484 -19.28 70.94 -25.24
N GLU A 1485 -20.00 71.54 -26.19
CA GLU A 1485 -20.36 72.98 -26.20
C GLU A 1485 -21.87 73.24 -25.97
N ARG A 1486 -22.64 72.21 -25.58
CA ARG A 1486 -24.11 72.32 -25.40
C ARG A 1486 -24.68 71.52 -24.22
N GLY A 1487 -24.03 70.44 -23.81
CA GLY A 1487 -24.43 69.63 -22.65
C GLY A 1487 -24.03 70.26 -21.32
N ASP A 1488 -24.60 69.74 -20.22
CA ASP A 1488 -24.28 70.18 -18.86
C ASP A 1488 -22.84 69.79 -18.45
N LEU A 1489 -22.40 68.58 -18.80
CA LEU A 1489 -21.05 68.02 -18.58
C LEU A 1489 -20.57 68.05 -17.11
N ALA A 1490 -21.50 68.08 -16.14
CA ALA A 1490 -21.17 68.06 -14.72
C ALA A 1490 -20.42 66.78 -14.29
N GLY A 1491 -20.75 65.62 -14.87
CA GLY A 1491 -20.04 64.36 -14.64
C GLY A 1491 -18.59 64.41 -15.16
N ALA A 1492 -18.38 64.97 -16.35
CA ALA A 1492 -17.05 65.20 -16.93
C ALA A 1492 -16.19 66.13 -16.05
N ARG A 1493 -16.73 67.28 -15.60
CA ARG A 1493 -16.03 68.16 -14.65
C ARG A 1493 -15.78 67.50 -13.28
N THR A 1494 -16.72 66.69 -12.80
CA THR A 1494 -16.62 65.98 -11.51
C THR A 1494 -15.47 64.96 -11.52
N THR A 1495 -15.40 64.08 -12.52
CA THR A 1495 -14.26 63.16 -12.64
C THR A 1495 -12.97 63.89 -12.99
N GLY A 1496 -13.08 64.98 -13.76
CA GLY A 1496 -11.98 65.89 -14.10
C GLY A 1496 -11.34 66.64 -12.93
N HIS A 1497 -11.85 66.53 -11.69
CA HIS A 1497 -11.15 67.06 -10.51
C HIS A 1497 -9.84 66.30 -10.21
N ALA A 1498 -9.72 65.03 -10.63
CA ALA A 1498 -8.50 64.24 -10.44
C ALA A 1498 -7.46 64.54 -11.54
N GLY A 1499 -6.28 65.01 -11.15
CA GLY A 1499 -5.08 65.15 -12.00
C GLY A 1499 -5.11 66.31 -13.02
N ILE A 1500 -6.15 66.39 -13.85
CA ILE A 1500 -6.25 67.29 -15.00
C ILE A 1500 -6.26 68.76 -14.54
N GLU A 1501 -5.34 69.57 -15.04
CA GLU A 1501 -5.29 71.00 -14.72
C GLU A 1501 -6.31 71.80 -15.53
N ARG A 1502 -6.55 71.39 -16.79
CA ARG A 1502 -7.70 71.83 -17.61
C ARG A 1502 -8.11 70.77 -18.65
N LEU A 1503 -9.42 70.67 -18.84
CA LEU A 1503 -10.07 69.94 -19.91
C LEU A 1503 -10.62 70.96 -20.91
N GLU A 1504 -10.44 70.75 -22.20
CA GLU A 1504 -10.91 71.70 -23.23
C GLU A 1504 -11.85 71.07 -24.27
N HIS A 1505 -12.72 71.90 -24.83
CA HIS A 1505 -13.92 71.51 -25.59
C HIS A 1505 -13.93 72.15 -27.00
N VAL A 1506 -14.65 71.54 -27.95
CA VAL A 1506 -14.59 71.93 -29.37
C VAL A 1506 -15.93 71.88 -30.10
N ALA A 1507 -16.73 70.84 -29.87
CA ALA A 1507 -17.91 70.50 -30.66
C ALA A 1507 -17.66 70.41 -32.17
N VAL A 1508 -16.66 69.63 -32.58
CA VAL A 1508 -16.27 69.40 -33.98
C VAL A 1508 -17.26 68.47 -34.72
N ASP A 1509 -17.14 68.41 -36.04
CA ASP A 1509 -17.63 67.29 -36.86
C ASP A 1509 -16.49 66.73 -37.71
N LEU A 1510 -16.00 65.52 -37.39
CA LEU A 1510 -14.86 64.92 -38.08
C LEU A 1510 -15.13 64.57 -39.56
N SER A 1511 -16.40 64.54 -39.99
CA SER A 1511 -16.76 64.23 -41.38
C SER A 1511 -16.49 65.40 -42.35
N SER A 1512 -16.20 66.60 -41.84
CA SER A 1512 -16.00 67.83 -42.62
C SER A 1512 -14.52 68.21 -42.67
N ALA A 1513 -13.97 68.41 -43.87
CA ALA A 1513 -12.58 68.85 -44.03
C ALA A 1513 -12.33 70.22 -43.38
N ALA A 1514 -13.29 71.14 -43.47
CA ALA A 1514 -13.20 72.46 -42.82
C ALA A 1514 -13.16 72.37 -41.29
N ASP A 1515 -13.95 71.47 -40.71
CA ASP A 1515 -13.95 71.27 -39.25
C ASP A 1515 -12.72 70.51 -38.77
N VAL A 1516 -12.22 69.53 -39.54
CA VAL A 1516 -10.92 68.89 -39.26
C VAL A 1516 -9.77 69.90 -39.38
N ALA A 1517 -9.83 70.83 -40.33
CA ALA A 1517 -8.88 71.93 -40.43
C ALA A 1517 -8.95 72.89 -39.23
N ARG A 1518 -10.14 73.17 -38.68
CA ARG A 1518 -10.26 73.90 -37.40
C ARG A 1518 -9.61 73.12 -36.26
N LEU A 1519 -9.80 71.80 -36.21
CA LEU A 1519 -9.16 70.94 -35.20
C LEU A 1519 -7.63 71.04 -35.28
N ALA A 1520 -7.07 71.04 -36.50
CA ALA A 1520 -5.64 71.27 -36.70
C ALA A 1520 -5.19 72.66 -36.21
N GLU A 1521 -5.92 73.73 -36.53
CA GLU A 1521 -5.61 75.09 -36.04
C GLU A 1521 -5.73 75.22 -34.51
N LEU A 1522 -6.67 74.52 -33.87
CA LEU A 1522 -6.80 74.45 -32.41
C LEU A 1522 -5.69 73.60 -31.74
N CYS A 1523 -5.21 72.54 -32.41
CA CYS A 1523 -4.11 71.73 -31.90
C CYS A 1523 -2.76 72.47 -31.92
N ALA A 1524 -2.60 73.45 -32.81
CA ALA A 1524 -1.40 74.27 -32.94
C ALA A 1524 -1.26 75.40 -31.88
N ASP A 1525 -2.09 75.46 -30.84
CA ASP A 1525 -2.26 76.63 -29.95
C ASP A 1525 -1.16 76.85 -28.87
N GLY A 1526 0.03 76.26 -29.02
CA GLY A 1526 1.23 76.61 -28.26
C GLY A 1526 1.37 75.97 -26.87
N ARG A 1527 0.44 75.10 -26.45
CA ARG A 1527 0.55 74.29 -25.22
C ARG A 1527 1.69 73.24 -25.29
N PRO A 1528 2.09 72.62 -24.16
CA PRO A 1528 2.97 71.46 -24.14
C PRO A 1528 2.46 70.30 -25.02
N PRO A 1529 3.35 69.58 -25.71
CA PRO A 1529 3.01 68.84 -26.92
C PRO A 1529 2.03 67.69 -26.71
N LEU A 1530 1.25 67.40 -27.75
CA LEU A 1530 0.42 66.20 -27.84
C LEU A 1530 1.31 64.95 -27.90
N ARG A 1531 1.11 63.99 -26.98
CA ARG A 1531 1.90 62.75 -26.94
C ARG A 1531 1.07 61.47 -26.87
N GLY A 1532 -0.26 61.55 -26.93
CA GLY A 1532 -1.14 60.38 -27.05
C GLY A 1532 -2.57 60.72 -27.50
N VAL A 1533 -3.20 59.84 -28.28
CA VAL A 1533 -4.54 60.06 -28.87
C VAL A 1533 -5.41 58.82 -28.77
N LEU A 1534 -6.71 59.01 -28.52
CA LEU A 1534 -7.72 57.94 -28.44
C LEU A 1534 -9.01 58.34 -29.18
N LEU A 1535 -9.18 57.82 -30.39
CA LEU A 1535 -10.44 57.94 -31.14
C LEU A 1535 -11.37 56.81 -30.69
N LEU A 1536 -12.45 57.16 -29.98
CA LEU A 1536 -13.35 56.19 -29.35
C LEU A 1536 -14.28 55.46 -30.35
N PRO A 1537 -14.85 54.31 -29.97
CA PRO A 1537 -15.82 53.58 -30.80
C PRO A 1537 -17.05 54.42 -31.15
N GLN A 1538 -17.78 54.02 -32.20
CA GLN A 1538 -18.98 54.70 -32.69
C GLN A 1538 -20.05 53.68 -33.12
N PRO A 1539 -21.34 54.07 -33.13
CA PRO A 1539 -22.36 53.33 -33.86
C PRO A 1539 -22.11 53.42 -35.37
N VAL A 1540 -22.49 52.38 -36.10
CA VAL A 1540 -22.44 52.27 -37.57
C VAL A 1540 -23.74 51.63 -38.05
N ALA A 1541 -24.24 52.03 -39.22
CA ALA A 1541 -25.50 51.51 -39.77
C ALA A 1541 -25.52 49.98 -39.89
N GLY A 1542 -26.61 49.36 -39.46
CA GLY A 1542 -26.82 47.91 -39.56
C GLY A 1542 -27.20 47.45 -40.98
N GLY A 1543 -27.10 46.15 -41.22
CA GLY A 1543 -27.58 45.52 -42.44
C GLY A 1543 -26.77 44.30 -42.85
N GLY A 1544 -27.46 43.26 -43.30
CA GLY A 1544 -26.89 42.11 -43.99
C GLY A 1544 -26.81 42.35 -45.50
N LEU A 1545 -26.27 41.38 -46.23
CA LEU A 1545 -26.13 41.47 -47.68
C LEU A 1545 -27.50 41.66 -48.36
N ASP A 1546 -28.55 41.02 -47.85
CA ASP A 1546 -29.91 41.16 -48.42
C ASP A 1546 -30.63 42.49 -48.11
N GLU A 1547 -29.99 43.41 -47.40
CA GLU A 1547 -30.43 44.81 -47.27
C GLU A 1547 -29.52 45.80 -48.03
N LEU A 1548 -28.64 45.30 -48.89
CA LEU A 1548 -27.52 46.07 -49.45
C LEU A 1548 -27.49 46.03 -50.99
N ASP A 1549 -27.06 47.14 -51.58
CA ASP A 1549 -26.78 47.29 -53.01
C ASP A 1549 -25.55 48.20 -53.19
N GLY A 1550 -25.01 48.24 -54.41
CA GLY A 1550 -23.73 48.91 -54.66
C GLY A 1550 -23.77 50.42 -54.46
N ALA A 1551 -24.90 51.06 -54.73
CA ALA A 1551 -25.10 52.47 -54.47
C ALA A 1551 -25.14 52.77 -52.96
N ARG A 1552 -25.88 51.98 -52.17
CA ARG A 1552 -25.93 52.12 -50.71
C ARG A 1552 -24.54 51.95 -50.10
N PHE A 1553 -23.83 50.87 -50.44
CA PHE A 1553 -22.50 50.63 -49.89
C PHE A 1553 -21.50 51.73 -50.26
N GLY A 1554 -21.55 52.20 -51.50
CA GLY A 1554 -20.69 53.27 -52.01
C GLY A 1554 -20.89 54.62 -51.32
N ALA A 1555 -22.01 54.81 -50.61
CA ALA A 1555 -22.19 55.90 -49.66
C ALA A 1555 -21.74 55.50 -48.25
N GLU A 1556 -22.29 54.42 -47.70
CA GLU A 1556 -22.21 54.18 -46.26
C GLU A 1556 -20.81 53.84 -45.74
N LEU A 1557 -19.97 53.15 -46.52
CA LEU A 1557 -18.59 52.89 -46.09
C LEU A 1557 -17.80 54.20 -45.97
N ALA A 1558 -17.98 55.11 -46.91
CA ALA A 1558 -17.35 56.43 -46.86
C ALA A 1558 -17.87 57.25 -45.66
N GLY A 1559 -19.19 57.25 -45.46
CA GLY A 1559 -19.81 57.93 -44.32
C GLY A 1559 -19.28 57.43 -42.97
N ALA A 1560 -19.00 56.13 -42.87
CA ALA A 1560 -18.40 55.55 -41.67
C ALA A 1560 -16.92 55.95 -41.50
N LEU A 1561 -16.10 55.80 -42.54
CA LEU A 1561 -14.65 55.90 -42.42
C LEU A 1561 -14.05 57.31 -42.56
N ARG A 1562 -14.71 58.27 -43.22
CA ARG A 1562 -14.10 59.58 -43.52
C ARG A 1562 -13.57 60.29 -42.27
N GLY A 1563 -14.27 60.16 -41.14
CA GLY A 1563 -13.84 60.71 -39.85
C GLY A 1563 -12.45 60.26 -39.41
N PRO A 1564 -12.29 59.01 -38.94
CA PRO A 1564 -11.03 58.54 -38.39
C PRO A 1564 -9.89 58.58 -39.40
N VAL A 1565 -10.19 58.39 -40.68
CA VAL A 1565 -9.18 58.47 -41.76
C VAL A 1565 -8.59 59.87 -41.84
N GLU A 1566 -9.42 60.92 -41.95
CA GLU A 1566 -8.90 62.28 -42.12
C GLU A 1566 -8.11 62.75 -40.90
N LEU A 1567 -8.53 62.40 -39.68
CA LEU A 1567 -7.76 62.77 -38.48
C LEU A 1567 -6.41 62.04 -38.46
N THR A 1568 -6.40 60.73 -38.71
CA THR A 1568 -5.16 59.93 -38.72
C THR A 1568 -4.18 60.45 -39.77
N ARG A 1569 -4.68 60.83 -40.95
CA ARG A 1569 -3.89 61.49 -41.98
C ARG A 1569 -3.35 62.83 -41.47
N ARG A 1570 -4.23 63.77 -41.12
CA ARG A 1570 -3.84 65.16 -40.82
C ARG A 1570 -2.79 65.25 -39.73
N PHE A 1571 -2.97 64.54 -38.62
CA PHE A 1571 -2.00 64.53 -37.51
C PHE A 1571 -0.65 63.91 -37.90
N THR A 1572 -0.63 63.07 -38.93
CA THR A 1572 0.59 62.51 -39.48
C THR A 1572 1.25 63.45 -40.48
N ASP A 1573 0.46 64.17 -41.29
CA ASP A 1573 0.96 65.17 -42.23
C ASP A 1573 1.63 66.36 -41.53
N VAL A 1574 1.06 66.87 -40.43
CA VAL A 1574 1.64 67.99 -39.66
C VAL A 1574 2.80 67.57 -38.74
N GLY A 1575 3.10 66.28 -38.62
CA GLY A 1575 4.22 65.78 -37.80
C GLY A 1575 3.94 65.66 -36.29
N LEU A 1576 2.67 65.59 -35.87
CA LEU A 1576 2.32 65.21 -34.50
C LEU A 1576 2.42 63.69 -34.30
N THR A 1577 1.90 62.88 -35.22
CA THR A 1577 2.18 61.42 -35.26
C THR A 1577 3.68 61.21 -35.44
N GLY A 1578 4.25 60.15 -34.84
CA GLY A 1578 5.72 59.99 -34.74
C GLY A 1578 6.32 60.85 -33.63
N GLY A 1579 5.83 62.08 -33.47
CA GLY A 1579 5.97 62.90 -32.27
C GLY A 1579 4.95 62.53 -31.16
N THR A 1580 4.55 61.27 -31.06
CA THR A 1580 3.53 60.78 -30.12
C THR A 1580 3.79 59.33 -29.76
N ASP A 1581 3.42 58.91 -28.54
CA ASP A 1581 3.73 57.59 -27.99
C ASP A 1581 2.66 56.53 -28.28
N PHE A 1582 1.40 56.95 -28.46
CA PHE A 1582 0.31 56.07 -28.90
C PHE A 1582 -0.75 56.85 -29.70
N PHE A 1583 -1.38 56.19 -30.66
CA PHE A 1583 -2.51 56.70 -31.40
C PHE A 1583 -3.45 55.52 -31.68
N VAL A 1584 -4.56 55.42 -30.92
CA VAL A 1584 -5.41 54.23 -30.90
C VAL A 1584 -6.67 54.45 -31.73
N LEU A 1585 -6.91 53.54 -32.67
CA LEU A 1585 -8.10 53.49 -33.54
C LEU A 1585 -9.02 52.34 -33.12
N SER A 1586 -10.33 52.59 -33.06
CA SER A 1586 -11.29 51.66 -32.46
C SER A 1586 -11.96 50.76 -33.47
N THR A 1587 -11.95 49.46 -33.21
CA THR A 1587 -12.65 48.41 -33.97
C THR A 1587 -13.23 47.37 -33.00
N SER A 1588 -14.12 46.50 -33.45
CA SER A 1588 -14.72 45.48 -32.59
C SER A 1588 -14.08 44.12 -32.76
N VAL A 1589 -13.84 43.38 -31.67
CA VAL A 1589 -13.41 41.98 -31.72
C VAL A 1589 -14.40 41.09 -32.45
N VAL A 1590 -15.69 41.44 -32.43
CA VAL A 1590 -16.73 40.76 -33.18
C VAL A 1590 -16.41 40.74 -34.68
N SER A 1591 -15.75 41.78 -35.19
CA SER A 1591 -15.34 41.90 -36.59
C SER A 1591 -14.16 41.01 -36.99
N LEU A 1592 -13.60 40.18 -36.09
CA LEU A 1592 -12.63 39.15 -36.46
C LEU A 1592 -13.32 37.91 -37.07
N PRO A 1593 -14.11 37.10 -36.37
CA PRO A 1593 -14.89 36.03 -36.98
C PRO A 1593 -16.14 36.53 -37.72
N GLY A 1594 -16.58 37.76 -37.47
CA GLY A 1594 -17.76 38.38 -38.06
C GLY A 1594 -19.08 37.95 -37.42
N ARG A 1595 -20.15 38.70 -37.71
CA ARG A 1595 -21.51 38.44 -37.23
C ARG A 1595 -22.51 38.75 -38.33
N ALA A 1596 -23.64 38.06 -38.36
CA ALA A 1596 -24.65 38.32 -39.38
C ALA A 1596 -25.21 39.74 -39.22
N GLY A 1597 -25.47 40.45 -40.31
CA GLY A 1597 -26.16 41.74 -40.28
C GLY A 1597 -25.30 42.96 -39.94
N THR A 1598 -23.98 42.86 -40.01
CA THR A 1598 -23.06 43.97 -39.71
C THR A 1598 -22.04 44.24 -40.83
N VAL A 1599 -22.47 44.22 -42.09
CA VAL A 1599 -21.57 44.30 -43.27
C VAL A 1599 -20.69 45.55 -43.25
N VAL A 1600 -21.28 46.75 -43.09
CA VAL A 1600 -20.53 48.00 -43.13
C VAL A 1600 -19.56 48.11 -41.96
N GLY A 1601 -19.95 47.67 -40.76
CA GLY A 1601 -19.08 47.67 -39.58
C GLY A 1601 -17.87 46.74 -39.74
N SER A 1602 -18.04 45.60 -40.39
CA SER A 1602 -16.93 44.71 -40.72
C SER A 1602 -15.95 45.40 -41.67
N ALA A 1603 -16.46 45.99 -42.75
CA ALA A 1603 -15.62 46.67 -43.71
C ALA A 1603 -14.83 47.82 -43.07
N ALA A 1604 -15.47 48.66 -42.27
CA ALA A 1604 -14.80 49.76 -41.60
C ALA A 1604 -13.67 49.28 -40.67
N ASP A 1605 -13.92 48.24 -39.88
CA ASP A 1605 -12.92 47.70 -38.98
C ASP A 1605 -11.74 47.10 -39.74
N ALA A 1606 -12.01 46.42 -40.86
CA ALA A 1606 -10.95 45.87 -41.69
C ALA A 1606 -10.08 46.97 -42.31
N PHE A 1607 -10.69 48.02 -42.85
CA PHE A 1607 -9.96 49.14 -43.45
C PHE A 1607 -9.01 49.78 -42.46
N LEU A 1608 -9.50 50.16 -41.27
CA LEU A 1608 -8.66 50.80 -40.26
C LEU A 1608 -7.57 49.87 -39.74
N THR A 1609 -7.81 48.57 -39.67
CA THR A 1609 -6.77 47.62 -39.25
C THR A 1609 -5.62 47.60 -40.25
N ALA A 1610 -5.91 47.55 -41.55
CA ALA A 1610 -4.89 47.65 -42.58
C ALA A 1610 -4.15 48.99 -42.51
N LEU A 1611 -4.87 50.12 -42.52
CA LEU A 1611 -4.28 51.45 -42.49
C LEU A 1611 -3.37 51.66 -41.27
N ALA A 1612 -3.73 51.12 -40.12
CA ALA A 1612 -2.87 51.14 -38.94
C ALA A 1612 -1.60 50.33 -39.18
N ARG A 1613 -1.70 49.09 -39.70
CA ARG A 1613 -0.54 48.24 -39.99
C ARG A 1613 0.41 48.87 -41.02
N HIS A 1614 -0.12 49.55 -42.02
CA HIS A 1614 0.67 50.29 -43.01
C HIS A 1614 1.59 51.29 -42.33
N HIS A 1615 1.06 52.18 -41.49
CA HIS A 1615 1.91 53.12 -40.75
C HIS A 1615 2.82 52.43 -39.72
N ARG A 1616 2.35 51.36 -39.06
CA ARG A 1616 3.13 50.60 -38.08
C ARG A 1616 4.41 50.06 -38.71
N GLN A 1617 4.28 49.41 -39.87
CA GLN A 1617 5.41 48.88 -40.64
C GLN A 1617 6.31 49.99 -41.21
N ALA A 1618 5.74 51.15 -41.52
CA ALA A 1618 6.48 52.35 -41.94
C ALA A 1618 7.24 53.07 -40.80
N GLY A 1619 7.07 52.64 -39.55
CA GLY A 1619 7.82 53.14 -38.39
C GLY A 1619 7.11 54.17 -37.52
N LEU A 1620 5.78 54.29 -37.59
CA LEU A 1620 4.97 55.17 -36.73
C LEU A 1620 4.11 54.35 -35.74
N PRO A 1621 4.06 54.68 -34.44
CA PRO A 1621 3.31 53.91 -33.43
C PRO A 1621 1.78 54.16 -33.43
N VAL A 1622 1.15 54.16 -34.61
CA VAL A 1622 -0.32 54.04 -34.74
C VAL A 1622 -0.74 52.59 -34.45
N VAL A 1623 -1.80 52.38 -33.68
CA VAL A 1623 -2.25 51.04 -33.28
C VAL A 1623 -3.75 50.89 -33.50
N ALA A 1624 -4.16 49.81 -34.15
CA ALA A 1624 -5.55 49.43 -34.21
C ALA A 1624 -5.85 48.55 -33.00
N ALA A 1625 -6.90 48.90 -32.27
CA ALA A 1625 -7.44 48.07 -31.20
C ALA A 1625 -8.74 47.44 -31.69
N ALA A 1626 -8.90 46.14 -31.49
CA ALA A 1626 -10.22 45.53 -31.49
C ALA A 1626 -10.66 45.31 -30.04
N TRP A 1627 -11.81 45.86 -29.63
CA TRP A 1627 -12.36 45.76 -28.27
C TRP A 1627 -13.70 45.02 -28.26
N GLY A 1628 -14.07 44.45 -27.12
CA GLY A 1628 -15.45 44.04 -26.87
C GLY A 1628 -16.35 45.25 -26.57
N PRO A 1629 -17.65 45.05 -26.29
CA PRO A 1629 -18.52 46.12 -25.83
C PRO A 1629 -18.05 46.67 -24.48
N TRP A 1630 -17.79 47.97 -24.40
CA TRP A 1630 -17.34 48.61 -23.15
C TRP A 1630 -18.44 48.57 -22.09
N LEU A 1631 -18.11 48.21 -20.85
CA LEU A 1631 -19.08 48.02 -19.77
C LEU A 1631 -19.89 49.27 -19.46
N GLU A 1632 -19.26 50.44 -19.46
CA GLU A 1632 -19.96 51.71 -19.19
C GLU A 1632 -21.02 52.04 -20.25
N SER A 1633 -20.91 51.44 -21.43
CA SER A 1633 -21.77 51.68 -22.57
C SER A 1633 -23.03 50.81 -22.58
N VAL A 1634 -23.20 49.92 -21.60
CA VAL A 1634 -24.43 49.12 -21.44
C VAL A 1634 -25.55 50.01 -20.90
N ASP A 1635 -26.23 50.73 -21.80
CA ASP A 1635 -27.27 51.69 -21.47
C ASP A 1635 -28.54 51.01 -20.91
N GLU A 1636 -28.92 51.39 -19.70
CA GLU A 1636 -30.09 50.89 -18.99
C GLU A 1636 -31.40 51.33 -19.68
N SER A 1637 -31.30 52.33 -20.56
CA SER A 1637 -32.37 52.84 -21.43
C SER A 1637 -32.47 52.08 -22.76
N ASP A 1638 -31.42 51.35 -23.14
CA ASP A 1638 -31.26 50.73 -24.46
C ASP A 1638 -30.40 49.46 -24.34
N GLU A 1639 -30.87 48.53 -23.51
CA GLU A 1639 -30.08 47.41 -22.98
C GLU A 1639 -29.87 46.26 -23.98
N ALA A 1640 -30.67 46.20 -25.05
CA ALA A 1640 -30.78 45.03 -25.92
C ALA A 1640 -29.44 44.47 -26.45
N PRO A 1641 -28.47 45.29 -26.91
CA PRO A 1641 -27.22 44.75 -27.44
C PRO A 1641 -26.44 43.91 -26.41
N ALA A 1642 -26.54 44.23 -25.12
CA ALA A 1642 -25.88 43.44 -24.09
C ALA A 1642 -26.53 42.06 -23.95
N VAL A 1643 -27.84 41.96 -24.13
CA VAL A 1643 -28.54 40.66 -24.13
C VAL A 1643 -28.14 39.85 -25.36
N ALA A 1644 -28.16 40.47 -26.55
CA ALA A 1644 -27.77 39.81 -27.79
C ALA A 1644 -26.32 39.31 -27.75
N PHE A 1645 -25.36 40.15 -27.37
CA PHE A 1645 -23.97 39.72 -27.27
C PHE A 1645 -23.76 38.69 -26.17
N ALA A 1646 -24.45 38.77 -25.03
CA ALA A 1646 -24.29 37.77 -23.99
C ALA A 1646 -24.81 36.40 -24.44
N GLU A 1647 -25.89 36.35 -25.22
CA GLU A 1647 -26.37 35.11 -25.83
C GLU A 1647 -25.29 34.49 -26.72
N ALA A 1648 -24.60 35.32 -27.49
CA ALA A 1648 -23.46 34.95 -28.32
C ALA A 1648 -22.14 34.73 -27.56
N GLY A 1649 -22.06 34.99 -26.26
CA GLY A 1649 -20.86 34.77 -25.46
C GLY A 1649 -19.76 35.82 -25.61
N VAL A 1650 -20.06 37.01 -26.12
CA VAL A 1650 -19.18 38.19 -26.03
C VAL A 1650 -19.65 39.01 -24.82
N TYR A 1651 -18.87 39.07 -23.74
CA TYR A 1651 -19.34 39.67 -22.48
C TYR A 1651 -18.63 40.99 -22.17
N PRO A 1652 -19.34 42.06 -21.77
CA PRO A 1652 -18.72 43.35 -21.52
C PRO A 1652 -17.62 43.34 -20.45
N ALA A 1653 -16.71 44.31 -20.54
CA ALA A 1653 -15.58 44.49 -19.61
C ALA A 1653 -15.28 45.99 -19.40
N PRO A 1654 -14.66 46.40 -18.27
CA PRO A 1654 -14.36 47.81 -17.98
C PRO A 1654 -13.36 48.41 -18.97
N GLY A 1655 -13.69 49.56 -19.55
CA GLY A 1655 -12.83 50.27 -20.49
C GLY A 1655 -11.47 50.59 -19.90
N GLY A 1656 -11.43 50.95 -18.61
CA GLY A 1656 -10.18 51.30 -17.93
C GLY A 1656 -9.23 50.12 -17.79
N GLU A 1657 -9.76 48.92 -17.52
CA GLU A 1657 -8.92 47.72 -17.43
C GLU A 1657 -8.30 47.39 -18.78
N MET A 1658 -9.06 47.52 -19.86
CA MET A 1658 -8.56 47.29 -21.21
C MET A 1658 -7.52 48.34 -21.62
N LEU A 1659 -7.75 49.62 -21.32
CA LEU A 1659 -6.77 50.65 -21.63
C LEU A 1659 -5.46 50.41 -20.88
N ASP A 1660 -5.54 50.04 -19.59
CA ASP A 1660 -4.36 49.69 -18.80
C ASP A 1660 -3.61 48.47 -19.37
N ALA A 1661 -4.30 47.50 -19.95
CA ALA A 1661 -3.66 46.37 -20.59
C ALA A 1661 -3.06 46.70 -21.97
N LEU A 1662 -3.60 47.68 -22.72
CA LEU A 1662 -3.16 47.99 -24.09
C LEU A 1662 -2.11 49.10 -24.19
N LEU A 1663 -2.34 50.27 -23.60
CA LEU A 1663 -1.53 51.47 -23.89
C LEU A 1663 -0.02 51.40 -23.53
N PRO A 1664 0.49 50.57 -22.59
CA PRO A 1664 1.94 50.43 -22.40
C PRO A 1664 2.64 49.57 -23.47
N LEU A 1665 1.89 48.78 -24.25
CA LEU A 1665 2.42 47.78 -25.20
C LEU A 1665 3.29 48.30 -26.38
N PRO A 1666 3.07 49.48 -26.99
CA PRO A 1666 3.59 49.76 -28.33
C PRO A 1666 5.10 49.64 -28.53
N ALA A 1667 5.90 49.99 -27.53
CA ALA A 1667 7.36 49.89 -27.57
C ALA A 1667 7.89 48.45 -27.35
N ALA A 1668 7.09 47.54 -26.79
CA ALA A 1668 7.55 46.21 -26.35
C ALA A 1668 7.66 45.17 -27.48
N GLY A 1669 6.86 45.28 -28.55
CA GLY A 1669 6.84 44.32 -29.65
C GLY A 1669 5.49 44.23 -30.37
N GLU A 1670 5.16 43.04 -30.87
CA GLU A 1670 3.88 42.67 -31.52
C GLU A 1670 3.56 43.42 -32.84
N ALA A 1671 4.51 44.19 -33.38
CA ALA A 1671 4.28 45.17 -34.45
C ALA A 1671 3.90 44.59 -35.84
N ASP A 1672 4.19 43.30 -36.09
CA ASP A 1672 3.87 42.59 -37.33
C ASP A 1672 3.15 41.26 -37.07
N GLY A 1673 3.69 40.44 -36.15
CA GLY A 1673 3.18 39.11 -35.80
C GLY A 1673 1.79 39.07 -35.16
N SER A 1674 1.18 40.23 -34.90
CA SER A 1674 -0.24 40.37 -34.54
C SER A 1674 -1.20 39.75 -35.57
N GLY A 1675 -0.86 39.76 -36.87
CA GLY A 1675 -1.83 39.46 -37.93
C GLY A 1675 -2.98 40.47 -37.93
N GLU A 1676 -4.20 40.02 -37.65
CA GLU A 1676 -5.34 40.86 -37.23
C GLU A 1676 -5.60 40.62 -35.72
N ALA A 1677 -5.55 41.63 -34.85
CA ALA A 1677 -5.54 41.39 -33.39
C ALA A 1677 -6.19 42.48 -32.51
N GLY A 1678 -6.50 42.11 -31.27
CA GLY A 1678 -7.02 43.01 -30.24
C GLY A 1678 -7.17 42.35 -28.87
N LEU A 1679 -8.02 42.92 -28.02
CA LEU A 1679 -8.10 42.67 -26.59
C LEU A 1679 -9.57 42.73 -26.14
N ALA A 1680 -10.12 41.63 -25.64
CA ALA A 1680 -11.54 41.51 -25.32
C ALA A 1680 -11.84 40.27 -24.49
N ARG A 1681 -13.08 40.11 -24.04
CA ARG A 1681 -13.51 38.97 -23.22
C ARG A 1681 -14.69 38.24 -23.86
N VAL A 1682 -14.43 37.04 -24.36
CA VAL A 1682 -15.32 36.26 -25.25
C VAL A 1682 -15.16 34.76 -24.96
N ASP A 1683 -16.18 33.95 -25.19
CA ASP A 1683 -16.07 32.48 -25.23
C ASP A 1683 -16.44 31.93 -26.61
N TRP A 1684 -15.45 31.44 -27.36
CA TRP A 1684 -15.65 31.15 -28.78
C TRP A 1684 -16.53 29.93 -29.05
N ASP A 1685 -16.65 29.00 -28.11
CA ASP A 1685 -17.56 27.87 -28.25
C ASP A 1685 -19.02 28.31 -28.22
N ARG A 1686 -19.38 29.28 -27.38
CA ARG A 1686 -20.70 29.92 -27.49
C ARG A 1686 -20.82 30.66 -28.81
N TYR A 1687 -19.79 31.39 -29.23
CA TYR A 1687 -19.92 32.22 -30.41
C TYR A 1687 -20.23 31.39 -31.65
N LEU A 1688 -19.51 30.30 -31.86
CA LEU A 1688 -19.74 29.41 -33.00
C LEU A 1688 -21.14 28.80 -32.94
N THR A 1689 -21.52 28.23 -31.80
CA THR A 1689 -22.80 27.53 -31.67
C THR A 1689 -23.98 28.48 -31.71
N ALA A 1690 -23.85 29.71 -31.23
CA ALA A 1690 -24.90 30.72 -31.30
C ALA A 1690 -25.23 31.15 -32.75
N GLY A 1691 -24.32 30.93 -33.71
CA GLY A 1691 -24.59 31.16 -35.13
C GLY A 1691 -25.31 30.01 -35.85
N HIS A 1692 -25.50 28.87 -35.18
CA HIS A 1692 -26.28 27.69 -35.62
C HIS A 1692 -26.01 27.17 -37.05
N ARG A 1693 -24.83 27.44 -37.61
CA ARG A 1693 -24.44 26.89 -38.93
C ARG A 1693 -24.25 25.36 -38.91
N PRO A 1694 -24.73 24.62 -39.92
CA PRO A 1694 -24.17 23.34 -40.32
C PRO A 1694 -22.82 23.55 -41.04
N LEU A 1695 -22.02 22.49 -41.15
CA LEU A 1695 -20.67 22.47 -41.73
C LEU A 1695 -19.64 23.31 -40.95
N PRO A 1696 -18.38 22.88 -40.84
CA PRO A 1696 -17.40 23.53 -39.99
C PRO A 1696 -16.85 24.84 -40.55
N TYR A 1697 -16.32 25.71 -39.70
CA TYR A 1697 -15.63 26.95 -40.09
C TYR A 1697 -14.24 27.06 -39.44
N THR A 1698 -13.20 27.08 -40.24
CA THR A 1698 -11.85 26.71 -39.77
C THR A 1698 -11.09 27.80 -39.02
N VAL A 1699 -11.62 29.01 -38.91
CA VAL A 1699 -11.00 30.07 -38.09
C VAL A 1699 -11.19 29.81 -36.60
N LEU A 1700 -12.37 29.35 -36.19
CA LEU A 1700 -12.72 29.05 -34.80
C LEU A 1700 -12.48 27.57 -34.43
N GLU A 1701 -12.61 26.64 -35.37
CA GLU A 1701 -12.48 25.21 -35.13
C GLU A 1701 -11.12 24.70 -35.63
N THR A 1702 -10.43 23.88 -34.83
CA THR A 1702 -9.21 23.19 -35.28
C THR A 1702 -9.57 22.10 -36.30
N ARG A 1703 -9.03 22.18 -37.52
CA ARG A 1703 -9.40 21.30 -38.65
C ARG A 1703 -8.96 19.84 -38.50
N ALA A 1704 -7.89 19.58 -37.73
CA ALA A 1704 -7.41 18.26 -37.31
C ALA A 1704 -7.19 17.27 -38.49
N SER A 1705 -6.19 17.56 -39.32
CA SER A 1705 -5.84 16.80 -40.54
C SER A 1705 -5.18 15.43 -40.29
N TYR A 1706 -4.99 15.02 -39.03
CA TYR A 1706 -4.30 13.78 -38.63
C TYR A 1706 -4.94 13.13 -37.39
N ASP A 1707 -4.78 11.81 -37.24
CA ASP A 1707 -5.41 10.98 -36.21
C ASP A 1707 -4.63 9.65 -35.98
N GLU A 1708 -4.93 8.90 -34.93
CA GLU A 1708 -4.37 7.55 -34.66
C GLU A 1708 -5.38 6.62 -33.96
N GLU A 1709 -5.22 5.31 -34.14
CA GLU A 1709 -6.05 4.28 -33.49
C GLU A 1709 -5.63 4.00 -32.04
N LYS A 1710 -6.57 3.46 -31.23
CA LYS A 1710 -6.36 3.10 -29.82
C LYS A 1710 -6.98 1.73 -29.48
N ALA A 1711 -6.25 0.90 -28.73
CA ALA A 1711 -6.69 -0.41 -28.25
C ALA A 1711 -7.49 -0.33 -26.92
N PRO A 1712 -8.16 -1.41 -26.47
CA PRO A 1712 -8.92 -1.41 -25.21
C PRO A 1712 -8.14 -1.06 -23.93
N GLY A 1713 -6.83 -1.33 -23.91
CA GLY A 1713 -5.93 -0.99 -22.80
C GLY A 1713 -5.66 -2.14 -21.83
N PHE A 1714 -4.70 -1.94 -20.93
CA PHE A 1714 -4.13 -3.01 -20.11
C PHE A 1714 -5.20 -3.68 -19.23
N GLY A 1715 -5.24 -5.02 -19.29
CA GLY A 1715 -6.20 -5.89 -18.60
C GLY A 1715 -7.63 -5.85 -19.15
N GLN A 1716 -7.99 -4.84 -19.95
CA GLN A 1716 -9.38 -4.62 -20.38
C GLN A 1716 -9.89 -5.64 -21.41
N ASN A 1717 -8.98 -6.37 -22.07
CA ASN A 1717 -9.33 -7.46 -23.00
C ASN A 1717 -10.13 -8.62 -22.33
N ARG A 1718 -10.09 -8.72 -20.99
CA ARG A 1718 -10.88 -9.66 -20.17
C ARG A 1718 -12.38 -9.30 -20.08
N MET A 1719 -12.78 -8.10 -20.50
CA MET A 1719 -14.17 -7.62 -20.41
C MET A 1719 -15.14 -8.46 -21.25
N GLN B 33 28.01 -20.13 -16.81
CA GLN B 33 29.18 -19.31 -17.16
C GLN B 33 29.17 -18.60 -18.54
N GLU B 34 28.04 -18.54 -19.26
CA GLU B 34 27.86 -17.64 -20.40
C GLU B 34 27.92 -16.18 -19.91
N PRO B 35 28.75 -15.30 -20.49
CA PRO B 35 28.73 -13.90 -20.16
C PRO B 35 27.48 -13.19 -20.69
N ILE B 36 26.94 -12.24 -19.93
CA ILE B 36 25.73 -11.50 -20.32
C ILE B 36 26.07 -10.04 -20.64
N ALA B 37 25.66 -9.55 -21.80
CA ALA B 37 25.99 -8.24 -22.32
C ALA B 37 24.90 -7.20 -22.01
N VAL B 38 25.26 -6.10 -21.36
CA VAL B 38 24.42 -4.91 -21.28
C VAL B 38 24.43 -4.23 -22.65
N LEU B 39 23.33 -4.28 -23.37
CA LEU B 39 23.22 -3.67 -24.70
C LEU B 39 22.97 -2.16 -24.62
N GLY B 40 22.30 -1.71 -23.57
CA GLY B 40 21.98 -0.30 -23.37
C GLY B 40 21.41 -0.01 -22.00
N ILE B 41 21.55 1.24 -21.56
CA ILE B 41 21.02 1.72 -20.29
C ILE B 41 20.22 2.99 -20.51
N GLY B 42 19.07 3.09 -19.89
CA GLY B 42 18.28 4.32 -19.78
C GLY B 42 17.97 4.61 -18.32
N CYS B 43 17.87 5.88 -17.94
CA CYS B 43 17.67 6.26 -16.54
C CYS B 43 17.07 7.66 -16.34
N ARG B 44 16.56 7.91 -15.14
CA ARG B 44 16.27 9.23 -14.59
C ARG B 44 16.87 9.25 -13.19
N PHE B 45 17.67 10.24 -12.88
CA PHE B 45 18.34 10.36 -11.59
C PHE B 45 18.30 11.83 -11.12
N PRO B 46 18.54 12.11 -9.82
CA PRO B 46 18.54 13.47 -9.29
C PRO B 46 19.42 14.45 -10.06
N GLY B 47 19.03 15.73 -10.10
CA GLY B 47 19.83 16.79 -10.72
C GLY B 47 19.81 16.81 -12.25
N GLY B 48 18.66 16.48 -12.86
CA GLY B 48 18.46 16.64 -14.31
C GLY B 48 19.15 15.60 -15.19
N VAL B 49 19.63 14.49 -14.64
CA VAL B 49 20.19 13.37 -15.41
C VAL B 49 19.09 12.63 -16.16
N ARG B 50 19.27 12.47 -17.48
CA ARG B 50 18.37 11.72 -18.37
C ARG B 50 19.07 10.60 -19.17
N SER B 51 20.39 10.52 -19.11
CA SER B 51 21.19 9.56 -19.85
C SER B 51 22.47 9.19 -19.10
N PRO B 52 23.13 8.07 -19.44
CA PRO B 52 24.45 7.73 -18.91
C PRO B 52 25.49 8.85 -19.09
N GLU B 53 25.47 9.51 -20.24
CA GLU B 53 26.31 10.66 -20.51
C GLU B 53 26.09 11.84 -19.54
N ASP B 54 24.87 12.11 -19.11
CA ASP B 54 24.65 13.14 -18.09
C ASP B 54 25.21 12.74 -16.73
N LEU B 55 25.08 11.47 -16.32
CA LEU B 55 25.61 11.06 -15.02
C LEU B 55 27.12 11.18 -15.01
N TRP B 56 27.77 10.91 -16.13
CA TRP B 56 29.21 11.10 -16.25
C TRP B 56 29.61 12.56 -16.07
N ASP B 57 28.92 13.49 -16.72
CA ASP B 57 29.19 14.92 -16.53
C ASP B 57 29.05 15.33 -15.07
N LEU B 58 28.02 14.84 -14.37
CA LEU B 58 27.80 15.17 -12.97
C LEU B 58 28.93 14.65 -12.07
N VAL B 59 29.34 13.39 -12.20
CA VAL B 59 30.36 12.82 -11.30
C VAL B 59 31.76 13.32 -11.64
N ASP B 60 32.10 13.45 -12.92
CA ASP B 60 33.44 13.89 -13.35
C ASP B 60 33.69 15.37 -13.02
N SER B 61 32.63 16.19 -12.96
CA SER B 61 32.70 17.57 -12.46
C SER B 61 32.62 17.69 -10.93
N GLY B 62 32.41 16.59 -10.21
CA GLY B 62 32.41 16.54 -8.74
C GLY B 62 31.22 17.24 -8.07
N GLY B 63 30.11 17.46 -8.77
CA GLY B 63 28.91 18.08 -8.22
C GLY B 63 28.12 17.17 -7.28
N ASP B 64 27.15 17.73 -6.54
CA ASP B 64 26.12 16.94 -5.86
C ASP B 64 24.71 17.53 -6.06
N ALA B 65 23.72 16.64 -6.11
CA ALA B 65 22.37 16.96 -6.58
C ALA B 65 21.35 17.25 -5.47
N VAL B 66 21.67 16.95 -4.21
CA VAL B 66 20.78 17.13 -3.07
C VAL B 66 20.34 18.59 -2.92
N GLY B 67 19.04 18.81 -2.74
CA GLY B 67 18.43 20.13 -2.77
C GLY B 67 17.15 20.21 -1.94
N GLY B 68 16.38 21.27 -2.18
CA GLY B 68 15.16 21.57 -1.44
C GLY B 68 13.98 20.69 -1.84
N LEU B 69 12.93 20.72 -1.02
CA LEU B 69 11.70 19.95 -1.26
C LEU B 69 11.00 20.41 -2.55
N PRO B 70 10.34 19.50 -3.30
CA PRO B 70 9.63 19.84 -4.51
C PRO B 70 8.37 20.64 -4.21
N ALA B 71 8.12 21.68 -4.98
CA ALA B 71 6.78 22.24 -5.15
C ALA B 71 5.93 21.34 -6.07
N GLY B 72 4.67 21.67 -6.25
CA GLY B 72 3.84 21.09 -7.33
C GLY B 72 3.30 19.69 -7.09
N ARG B 73 3.88 18.91 -6.18
CA ARG B 73 3.25 17.72 -5.59
C ARG B 73 2.21 18.16 -4.57
N GLY B 74 1.25 17.31 -4.25
CA GLY B 74 0.10 17.64 -3.38
C GLY B 74 0.42 17.66 -1.88
N TRP B 75 1.69 17.87 -1.50
CA TRP B 75 2.18 17.69 -0.14
C TRP B 75 1.76 18.83 0.78
N GLN B 76 0.90 18.51 1.75
CA GLN B 76 0.48 19.40 2.85
C GLN B 76 1.25 19.06 4.14
N ALA B 77 2.56 18.90 4.04
CA ALA B 77 3.42 18.59 5.18
C ALA B 77 3.39 19.72 6.22
N GLY B 78 3.45 19.35 7.50
CA GLY B 78 3.50 20.31 8.61
C GLY B 78 4.89 20.92 8.77
N SER B 79 5.23 21.28 10.01
CA SER B 79 6.61 21.65 10.38
C SER B 79 7.59 20.47 10.29
N ALA B 80 7.10 19.23 10.16
CA ALA B 80 7.88 18.01 10.18
C ALA B 80 8.99 17.91 9.11
N LEU B 81 8.87 18.62 7.97
CA LEU B 81 9.89 18.67 6.93
C LEU B 81 10.67 19.98 6.85
N ASP B 82 10.45 20.94 7.75
CA ASP B 82 11.29 22.15 7.79
C ASP B 82 12.78 21.78 8.00
N GLY B 83 13.64 22.19 7.08
CA GLY B 83 15.07 21.87 7.08
C GLY B 83 15.46 20.53 6.46
N VAL B 84 14.52 19.68 6.05
CA VAL B 84 14.82 18.40 5.38
C VAL B 84 15.27 18.65 3.94
N ASN B 85 16.42 18.09 3.56
CA ASN B 85 17.00 18.18 2.22
C ASN B 85 17.20 16.77 1.65
N ALA B 86 16.96 16.58 0.35
CA ALA B 86 16.92 15.28 -0.30
C ALA B 86 17.13 15.41 -1.82
N GLY B 87 17.26 14.29 -2.53
CA GLY B 87 17.34 14.28 -3.99
C GLY B 87 16.01 13.92 -4.64
N PHE B 88 15.45 14.80 -5.46
CA PHE B 88 14.17 14.58 -6.15
C PHE B 88 14.29 14.66 -7.67
N ILE B 89 13.50 13.85 -8.39
CA ILE B 89 13.29 14.01 -9.82
C ILE B 89 12.30 15.16 -9.98
N HIS B 90 12.78 16.34 -10.34
CA HIS B 90 11.88 17.44 -10.72
C HIS B 90 11.20 17.10 -12.03
N GLY B 91 9.87 17.22 -12.08
CA GLY B 91 9.08 16.91 -13.27
C GLY B 91 8.46 15.52 -13.31
N VAL B 92 8.51 14.72 -12.24
CA VAL B 92 7.86 13.40 -12.20
C VAL B 92 6.33 13.48 -12.31
N GLU B 93 5.76 14.66 -12.03
CA GLU B 93 4.35 14.97 -12.16
C GLU B 93 3.89 15.25 -13.59
N GLU B 94 4.78 15.13 -14.57
CA GLU B 94 4.49 15.33 -16.00
C GLU B 94 4.81 14.09 -16.83
N PHE B 95 4.00 13.83 -17.86
CA PHE B 95 4.05 12.65 -18.72
C PHE B 95 3.44 12.98 -20.09
N ASP B 96 3.56 12.11 -21.09
CA ASP B 96 3.07 12.38 -22.45
C ASP B 96 2.08 11.28 -22.88
N PRO B 97 0.80 11.37 -22.47
CA PRO B 97 -0.12 10.24 -22.54
C PRO B 97 -0.34 9.70 -23.94
N TYR B 98 -0.33 10.58 -24.94
CA TYR B 98 -0.62 10.21 -26.32
C TYR B 98 0.45 9.31 -26.93
N PHE B 99 1.72 9.44 -26.53
CA PHE B 99 2.79 8.66 -27.13
C PHE B 99 2.65 7.16 -26.85
N PHE B 100 2.18 6.79 -25.66
CA PHE B 100 1.94 5.40 -25.26
C PHE B 100 0.48 4.95 -25.43
N GLY B 101 -0.36 5.75 -26.09
CA GLY B 101 -1.73 5.36 -26.40
C GLY B 101 -2.71 5.30 -25.22
N LEU B 102 -2.40 5.94 -24.09
CA LEU B 102 -3.31 6.00 -22.95
C LEU B 102 -4.36 7.12 -23.08
N ASP B 103 -5.50 6.94 -22.42
CA ASP B 103 -6.41 8.03 -22.06
C ASP B 103 -5.80 8.88 -20.92
N PRO B 104 -5.82 10.22 -20.96
CA PRO B 104 -5.33 11.06 -19.87
C PRO B 104 -5.92 10.74 -18.49
N VAL B 105 -7.15 10.22 -18.41
CA VAL B 105 -7.74 9.73 -17.16
C VAL B 105 -6.95 8.56 -16.59
N GLU B 106 -6.56 7.59 -17.42
CA GLU B 106 -5.75 6.47 -16.96
C GLU B 106 -4.33 6.93 -16.61
N ALA B 107 -3.77 7.87 -17.36
CA ALA B 107 -2.45 8.40 -17.09
C ALA B 107 -2.37 9.12 -15.74
N ALA B 108 -3.46 9.74 -15.28
CA ALA B 108 -3.56 10.30 -13.94
C ALA B 108 -3.66 9.22 -12.85
N ALA B 109 -4.36 8.12 -13.11
CA ALA B 109 -4.59 7.07 -12.14
C ALA B 109 -3.36 6.21 -11.82
N MET B 110 -2.40 6.12 -12.73
CA MET B 110 -1.18 5.31 -12.58
C MET B 110 -0.21 5.89 -11.55
N ASP B 111 0.36 5.02 -10.73
CA ASP B 111 1.51 5.30 -9.87
C ASP B 111 2.67 5.89 -10.69
N PRO B 112 3.28 7.02 -10.29
CA PRO B 112 4.43 7.59 -10.96
C PRO B 112 5.56 6.62 -11.26
N GLN B 113 5.73 5.58 -10.45
CA GLN B 113 6.71 4.53 -10.68
C GLN B 113 6.45 3.72 -11.94
N GLN B 114 5.21 3.36 -12.23
CA GLN B 114 4.86 2.65 -13.48
C GLN B 114 5.18 3.53 -14.69
N ARG B 115 4.94 4.84 -14.61
CA ARG B 115 5.20 5.77 -15.72
C ARG B 115 6.69 5.96 -16.00
N LEU B 116 7.52 6.12 -14.97
CA LEU B 116 8.97 6.22 -15.19
C LEU B 116 9.56 4.97 -15.84
N LEU B 117 9.16 3.76 -15.44
CA LEU B 117 9.64 2.54 -16.08
C LEU B 117 9.27 2.50 -17.56
N LEU B 118 8.05 2.87 -17.89
CA LEU B 118 7.52 2.87 -19.24
C LEU B 118 8.27 3.86 -20.12
N GLU B 119 8.49 5.08 -19.65
CA GLU B 119 9.26 6.10 -20.36
C GLU B 119 10.74 5.71 -20.53
N THR B 120 11.33 5.10 -19.50
CA THR B 120 12.74 4.67 -19.52
C THR B 120 12.99 3.44 -20.38
N THR B 121 12.04 2.51 -20.48
CA THR B 121 12.18 1.32 -21.34
C THR B 121 12.26 1.68 -22.81
N TRP B 122 11.49 2.67 -23.28
CA TRP B 122 11.62 3.11 -24.68
C TRP B 122 13.03 3.63 -24.96
N GLU B 123 13.53 4.49 -24.09
CA GLU B 123 14.89 5.01 -24.15
C GLU B 123 15.95 3.89 -24.09
N ALA B 124 15.70 2.82 -23.32
CA ALA B 124 16.59 1.66 -23.26
C ALA B 124 16.66 0.91 -24.60
N PHE B 125 15.54 0.62 -25.26
CA PHE B 125 15.56 0.02 -26.60
C PHE B 125 16.20 0.94 -27.64
N GLU B 126 15.97 2.25 -27.59
CA GLU B 126 16.56 3.17 -28.56
C GLU B 126 18.09 3.23 -28.51
N ARG B 127 18.71 3.31 -27.32
CA ARG B 127 20.18 3.33 -27.22
C ARG B 127 20.80 1.96 -27.49
N ALA B 128 20.07 0.89 -27.24
CA ALA B 128 20.44 -0.47 -27.66
C ALA B 128 20.35 -0.67 -29.19
N GLY B 129 19.78 0.28 -29.93
CA GLY B 129 19.68 0.20 -31.38
C GLY B 129 18.65 -0.81 -31.89
N ILE B 130 17.65 -1.16 -31.09
CA ILE B 130 16.55 -2.05 -31.47
C ILE B 130 15.29 -1.22 -31.73
N ASP B 131 14.62 -1.43 -32.85
CA ASP B 131 13.32 -0.81 -33.14
C ASP B 131 12.25 -1.44 -32.25
N PRO B 132 11.49 -0.68 -31.44
CA PRO B 132 10.43 -1.25 -30.63
C PRO B 132 9.34 -1.99 -31.43
N VAL B 133 9.14 -1.67 -32.71
CA VAL B 133 8.24 -2.44 -33.59
C VAL B 133 8.82 -3.83 -33.91
N ALA B 134 10.14 -3.98 -34.01
CA ALA B 134 10.80 -5.27 -34.19
C ALA B 134 10.88 -6.09 -32.90
N ALA B 135 10.78 -5.47 -31.72
CA ALA B 135 10.75 -6.15 -30.44
C ALA B 135 9.41 -6.86 -30.15
N ARG B 136 8.31 -6.48 -30.81
CA ARG B 136 6.99 -7.09 -30.61
C ARG B 136 7.02 -8.58 -30.95
N GLY B 137 6.38 -9.40 -30.12
CA GLY B 137 6.40 -10.85 -30.24
C GLY B 137 7.69 -11.52 -29.78
N SER B 138 8.73 -10.79 -29.37
CA SER B 138 9.98 -11.39 -28.91
C SER B 138 9.83 -12.08 -27.56
N ARG B 139 10.65 -13.10 -27.32
CA ARG B 139 10.83 -13.72 -26.00
C ARG B 139 11.75 -12.88 -25.12
N THR B 140 11.41 -11.61 -24.95
CA THR B 140 12.03 -10.73 -23.96
C THR B 140 11.35 -10.91 -22.60
N ALA B 141 12.09 -11.21 -21.56
CA ALA B 141 11.57 -11.27 -20.19
C ALA B 141 11.68 -9.91 -19.48
N VAL B 142 10.85 -9.65 -18.47
CA VAL B 142 10.86 -8.43 -17.65
C VAL B 142 11.00 -8.75 -16.17
N TYR B 143 11.93 -8.12 -15.47
CA TYR B 143 12.15 -8.26 -14.03
C TYR B 143 12.31 -6.90 -13.39
N ALA B 144 11.23 -6.38 -12.81
CA ALA B 144 11.16 -5.01 -12.32
C ALA B 144 11.23 -4.95 -10.79
N GLY B 145 12.10 -4.12 -10.24
CA GLY B 145 12.09 -3.78 -8.81
C GLY B 145 11.22 -2.57 -8.53
N VAL B 146 10.15 -2.72 -7.76
CA VAL B 146 9.20 -1.66 -7.41
C VAL B 146 8.74 -1.83 -5.96
N GLN B 147 8.52 -0.74 -5.23
CA GLN B 147 7.93 -0.75 -3.89
C GLN B 147 6.66 0.09 -3.88
N PHE B 148 5.65 -0.29 -3.08
CA PHE B 148 4.35 0.40 -3.08
C PHE B 148 4.48 1.86 -2.62
N GLY B 149 4.14 2.81 -3.49
CA GLY B 149 4.39 4.24 -3.27
C GLY B 149 3.23 5.02 -2.63
N GLY B 150 2.09 4.38 -2.37
CA GLY B 150 0.95 4.97 -1.67
C GLY B 150 0.16 6.03 -2.44
N TYR B 151 0.36 6.14 -3.76
CA TYR B 151 -0.14 7.25 -4.57
C TYR B 151 -1.60 7.67 -4.37
N PRO B 152 -2.62 6.78 -4.35
CA PRO B 152 -3.99 7.22 -4.18
C PRO B 152 -4.29 7.85 -2.81
N LEU B 153 -3.43 7.67 -1.80
CA LEU B 153 -3.60 8.28 -0.47
C LEU B 153 -3.33 9.78 -0.45
N LEU B 154 -2.89 10.39 -1.56
CA LEU B 154 -2.84 11.83 -1.74
C LEU B 154 -4.22 12.47 -1.77
N MET B 155 -5.27 11.75 -2.17
CA MET B 155 -6.60 12.32 -2.33
C MET B 155 -7.22 12.73 -1.00
N ARG B 156 -7.68 13.99 -0.91
CA ARG B 156 -8.50 14.48 0.21
C ARG B 156 -9.94 13.99 0.07
N GLU B 157 -10.55 14.23 -1.08
CA GLU B 157 -11.90 13.78 -1.43
C GLU B 157 -11.95 12.30 -1.81
N ALA B 158 -13.15 11.75 -2.00
CA ALA B 158 -13.33 10.54 -2.81
C ALA B 158 -12.97 10.82 -4.28
N PRO B 159 -12.49 9.83 -5.05
CA PRO B 159 -12.07 10.03 -6.44
C PRO B 159 -13.25 10.35 -7.35
N PRO B 160 -13.04 11.05 -8.47
CA PRO B 160 -14.01 11.13 -9.55
C PRO B 160 -14.37 9.74 -10.09
N PRO B 161 -15.63 9.47 -10.46
CA PRO B 161 -16.09 8.13 -10.79
C PRO B 161 -15.42 7.48 -12.02
N GLN B 162 -14.93 8.26 -12.99
CA GLN B 162 -14.16 7.73 -14.12
C GLN B 162 -12.73 7.32 -13.74
N VAL B 163 -12.11 7.97 -12.76
CA VAL B 163 -10.77 7.62 -12.26
C VAL B 163 -10.82 6.33 -11.46
N LEU B 164 -11.87 6.16 -10.65
CA LEU B 164 -12.04 5.04 -9.71
C LEU B 164 -11.85 3.68 -10.39
N ASP B 165 -12.45 3.46 -11.55
CA ASP B 165 -12.33 2.22 -12.32
C ASP B 165 -10.89 1.87 -12.74
N HIS B 166 -9.99 2.85 -12.86
CA HIS B 166 -8.60 2.64 -13.25
C HIS B 166 -7.64 2.50 -12.06
N LEU B 167 -8.05 2.82 -10.83
CA LEU B 167 -7.13 2.88 -9.69
C LEU B 167 -6.53 1.53 -9.31
N GLY B 168 -7.19 0.41 -9.58
CA GLY B 168 -6.70 -0.93 -9.26
C GLY B 168 -5.40 -1.27 -9.99
N LEU B 169 -5.47 -1.53 -11.30
CA LEU B 169 -4.27 -1.83 -12.10
C LEU B 169 -3.28 -0.66 -12.13
N GLY B 170 -3.73 0.57 -11.94
CA GLY B 170 -2.83 1.74 -11.88
C GLY B 170 -1.84 1.71 -10.72
N ASN B 171 -2.09 0.96 -9.66
CA ASN B 171 -1.33 1.07 -8.42
C ASN B 171 -0.89 -0.27 -7.79
N SER B 172 -1.33 -1.41 -8.32
CA SER B 172 -0.85 -2.73 -7.91
C SER B 172 0.62 -2.92 -8.30
N VAL B 173 1.45 -3.40 -7.37
CA VAL B 173 2.86 -3.74 -7.63
C VAL B 173 2.99 -4.82 -8.69
N GLY B 174 2.09 -5.80 -8.73
CA GLY B 174 2.11 -6.87 -9.73
C GLY B 174 1.78 -6.40 -11.15
N ALA B 175 1.08 -5.29 -11.32
CA ALA B 175 0.78 -4.72 -12.64
C ALA B 175 1.97 -3.98 -13.28
N ALA B 176 2.96 -3.52 -12.52
CA ALA B 176 4.07 -2.73 -13.04
C ALA B 176 4.91 -3.49 -14.08
N SER B 177 5.28 -4.74 -13.83
CA SER B 177 5.98 -5.58 -14.82
C SER B 177 5.07 -6.05 -15.95
N GLY B 178 3.77 -6.23 -15.71
CA GLY B 178 2.80 -6.57 -16.75
C GLY B 178 2.58 -5.47 -17.78
N ARG B 179 2.50 -4.20 -17.36
CA ARG B 179 2.27 -3.07 -18.29
C ARG B 179 3.35 -2.94 -19.35
N LEU B 180 4.61 -3.05 -18.97
CA LEU B 180 5.72 -2.99 -19.93
C LEU B 180 5.55 -4.06 -21.02
N ALA B 181 5.25 -5.28 -20.61
CA ALA B 181 5.11 -6.38 -21.53
C ALA B 181 3.90 -6.23 -22.45
N TYR B 182 2.82 -5.62 -21.98
CA TYR B 182 1.67 -5.30 -22.83
C TYR B 182 2.00 -4.21 -23.85
N GLN B 183 2.58 -3.09 -23.43
CA GLN B 183 2.89 -1.97 -24.30
C GLN B 183 3.86 -2.34 -25.42
N PHE B 184 4.97 -2.98 -25.07
CA PHE B 184 5.98 -3.41 -26.03
C PHE B 184 5.68 -4.78 -26.66
N GLY B 185 4.56 -5.42 -26.33
CA GLY B 185 4.12 -6.67 -26.94
C GLY B 185 5.06 -7.85 -26.69
N LEU B 186 5.68 -7.92 -25.52
CA LEU B 186 6.66 -8.93 -25.18
C LEU B 186 5.98 -10.21 -24.71
N LEU B 187 6.50 -11.38 -25.06
CA LEU B 187 5.88 -12.67 -24.76
C LEU B 187 6.66 -13.54 -23.75
N GLY B 188 7.81 -13.09 -23.25
CA GLY B 188 8.58 -13.79 -22.23
C GLY B 188 7.96 -13.71 -20.83
N GLY B 189 8.72 -14.06 -19.79
CA GLY B 189 8.28 -13.93 -18.40
C GLY B 189 8.10 -12.47 -17.96
N ALA B 190 7.31 -12.21 -16.92
CA ALA B 190 7.22 -10.88 -16.31
C ALA B 190 7.00 -11.00 -14.81
N VAL B 191 7.84 -10.36 -14.01
CA VAL B 191 7.80 -10.42 -12.55
C VAL B 191 8.05 -9.04 -11.95
N THR B 192 7.32 -8.67 -10.92
CA THR B 192 7.71 -7.55 -10.06
C THR B 192 8.26 -8.11 -8.77
N VAL B 193 9.41 -7.63 -8.28
CA VAL B 193 10.02 -8.10 -7.03
C VAL B 193 10.22 -6.95 -6.05
N ASP B 194 10.20 -7.25 -4.76
CA ASP B 194 10.57 -6.34 -3.69
C ASP B 194 11.52 -7.03 -2.69
N THR B 195 12.65 -6.39 -2.40
CA THR B 195 13.61 -6.71 -1.34
C THR B 195 14.17 -5.44 -0.68
N GLN B 196 13.36 -4.41 -0.40
CA GLN B 196 13.86 -3.12 0.10
C GLN B 196 14.93 -2.54 -0.85
N CYS B 197 16.04 -1.98 -0.35
CA CYS B 197 17.02 -1.29 -1.20
C CYS B 197 17.71 -2.19 -2.24
N THR B 198 17.91 -3.49 -1.95
CA THR B 198 18.57 -4.40 -2.89
C THR B 198 17.70 -4.82 -4.07
N SER B 199 16.51 -4.25 -4.27
CA SER B 199 15.56 -4.75 -5.26
C SER B 199 16.12 -4.78 -6.68
N SER B 200 16.93 -3.81 -7.09
CA SER B 200 17.53 -3.81 -8.41
C SER B 200 18.61 -4.89 -8.58
N ILE B 201 19.53 -5.08 -7.63
CA ILE B 201 20.52 -6.16 -7.70
C ILE B 201 19.87 -7.55 -7.65
N VAL B 202 18.78 -7.71 -6.89
CA VAL B 202 18.02 -8.96 -6.90
C VAL B 202 17.28 -9.17 -8.21
N ALA B 203 16.64 -8.16 -8.77
CA ALA B 203 16.01 -8.27 -10.09
C ALA B 203 17.00 -8.65 -11.19
N LEU B 204 18.20 -8.07 -11.15
CA LEU B 204 19.25 -8.30 -12.12
C LEU B 204 19.82 -9.71 -12.00
N HIS B 205 19.98 -10.25 -10.80
CA HIS B 205 20.39 -11.63 -10.58
C HIS B 205 19.42 -12.64 -11.21
N LEU B 206 18.11 -12.43 -11.03
CA LEU B 206 17.11 -13.30 -11.66
C LEU B 206 17.17 -13.20 -13.19
N ALA B 207 17.32 -12.01 -13.75
CA ALA B 207 17.42 -11.83 -15.20
C ALA B 207 18.67 -12.49 -15.78
N VAL B 208 19.82 -12.41 -15.11
CA VAL B 208 21.04 -13.10 -15.51
C VAL B 208 20.86 -14.60 -15.47
N LYS B 209 20.29 -15.16 -14.40
CA LYS B 209 20.00 -16.60 -14.34
C LYS B 209 19.01 -17.03 -15.42
N ALA B 210 17.96 -16.26 -15.69
CA ALA B 210 17.01 -16.58 -16.74
C ALA B 210 17.67 -16.69 -18.13
N LEU B 211 18.57 -15.76 -18.47
CA LEU B 211 19.27 -15.80 -19.74
C LEU B 211 20.22 -16.99 -19.85
N ARG B 212 20.91 -17.36 -18.77
CA ARG B 212 21.77 -18.55 -18.75
C ARG B 212 20.97 -19.86 -18.81
N ASN B 213 19.81 -19.93 -18.15
CA ASN B 213 18.91 -21.08 -18.21
C ASN B 213 18.30 -21.34 -19.60
N GLY B 214 18.45 -20.42 -20.56
CA GLY B 214 17.86 -20.55 -21.89
C GLY B 214 16.37 -20.22 -21.97
N GLU B 215 15.81 -19.57 -20.94
CA GLU B 215 14.39 -19.26 -20.88
C GLU B 215 13.97 -18.17 -21.90
N CYS B 216 14.83 -17.19 -22.15
CA CYS B 216 14.51 -15.97 -22.89
C CYS B 216 15.66 -15.53 -23.80
N ALA B 217 15.33 -14.70 -24.81
CA ALA B 217 16.27 -14.20 -25.82
C ALA B 217 16.92 -12.88 -25.42
N LEU B 218 16.15 -11.99 -24.82
CA LEU B 218 16.58 -10.75 -24.17
C LEU B 218 15.95 -10.68 -22.78
N ALA B 219 16.49 -9.85 -21.90
CA ALA B 219 15.87 -9.60 -20.61
C ALA B 219 16.02 -8.13 -20.23
N LEU B 220 14.97 -7.57 -19.66
CA LEU B 220 14.86 -6.19 -19.23
C LEU B 220 14.83 -6.16 -17.71
N ALA B 221 15.80 -5.53 -17.07
CA ALA B 221 15.95 -5.52 -15.62
C ALA B 221 16.24 -4.11 -15.12
N GLY B 222 15.67 -3.74 -13.98
CA GLY B 222 15.75 -2.39 -13.49
C GLY B 222 14.78 -2.11 -12.35
N GLY B 223 14.46 -0.85 -12.11
CA GLY B 223 13.45 -0.47 -11.14
C GLY B 223 13.17 1.01 -11.07
N ALA B 224 12.30 1.40 -10.16
CA ALA B 224 11.97 2.79 -9.89
C ALA B 224 11.74 3.05 -8.39
N CYS B 225 11.93 4.30 -7.99
CA CYS B 225 11.59 4.81 -6.69
C CYS B 225 11.20 6.29 -6.78
N VAL B 226 9.95 6.62 -6.45
CA VAL B 226 9.41 7.98 -6.43
C VAL B 226 8.62 8.15 -5.15
N MET B 227 8.85 9.22 -4.42
CA MET B 227 8.15 9.57 -3.20
C MET B 227 6.86 10.32 -3.54
N SER B 228 5.76 9.60 -3.76
CA SER B 228 4.49 10.27 -3.96
C SER B 228 3.91 10.86 -2.68
N LEU B 229 4.18 10.23 -1.53
CA LEU B 229 3.84 10.69 -0.19
C LEU B 229 5.12 11.07 0.58
N PRO B 230 5.08 12.05 1.49
CA PRO B 230 6.25 12.48 2.23
C PRO B 230 6.66 11.56 3.40
N THR B 231 5.86 10.54 3.69
CA THR B 231 5.90 9.83 4.98
C THR B 231 7.22 9.13 5.26
N VAL B 232 7.95 8.63 4.25
CA VAL B 232 9.27 8.04 4.48
C VAL B 232 10.31 9.07 4.93
N LEU B 233 10.30 10.30 4.41
CA LEU B 233 11.20 11.34 4.91
C LEU B 233 10.85 11.74 6.35
N MET B 234 9.56 11.84 6.68
CA MET B 234 9.12 12.09 8.05
C MET B 234 9.56 10.97 9.01
N ASP B 235 9.43 9.70 8.62
CA ASP B 235 9.86 8.57 9.44
C ASP B 235 11.36 8.53 9.71
N PHE B 236 12.20 8.93 8.75
CA PHE B 236 13.64 9.00 8.96
C PHE B 236 14.05 10.22 9.79
N HIS B 237 13.34 11.34 9.65
CA HIS B 237 13.59 12.54 10.43
C HIS B 237 13.15 12.40 11.89
N ARG B 238 11.99 11.79 12.15
CA ARG B 238 11.51 11.52 13.52
C ARG B 238 12.48 10.68 14.33
N ARG B 239 13.17 9.74 13.68
CA ARG B 239 14.20 8.85 14.27
C ARG B 239 15.62 9.40 14.17
N SER B 240 15.80 10.62 13.67
CA SER B 240 17.08 11.33 13.54
C SER B 240 18.14 10.61 12.67
N LEU B 241 17.71 9.78 11.71
CA LEU B 241 18.62 8.96 10.90
C LEU B 241 19.31 9.73 9.77
N LEU B 242 18.71 10.82 9.28
CA LEU B 242 19.28 11.59 8.18
C LEU B 242 20.55 12.34 8.61
N ALA B 243 21.49 12.52 7.69
CA ALA B 243 22.55 13.51 7.86
C ALA B 243 21.95 14.93 7.94
N PRO B 244 22.51 15.84 8.77
CA PRO B 244 21.95 17.17 8.99
C PRO B 244 22.00 18.07 7.73
N ASP B 245 23.02 17.93 6.91
CA ASP B 245 23.18 18.64 5.62
C ASP B 245 22.67 17.82 4.41
N GLY B 246 22.10 16.64 4.66
CA GLY B 246 21.56 15.76 3.65
C GLY B 246 22.58 15.06 2.76
N ARG B 247 23.87 14.98 3.11
CA ARG B 247 24.88 14.28 2.29
C ARG B 247 25.21 12.90 2.83
N SER B 248 25.18 11.88 1.98
CA SER B 248 25.82 10.58 2.26
C SER B 248 27.32 10.71 1.99
N LYS B 249 28.10 11.05 3.01
CA LYS B 249 29.55 11.27 2.94
C LYS B 249 30.31 9.94 2.91
N SER B 250 30.11 9.16 1.86
CA SER B 250 30.55 7.76 1.74
C SER B 250 31.99 7.53 2.20
N PHE B 251 32.19 6.62 3.13
CA PHE B 251 33.48 6.21 3.71
C PHE B 251 34.30 7.30 4.43
N ALA B 252 33.83 8.53 4.49
CA ALA B 252 34.55 9.62 5.13
C ALA B 252 34.50 9.52 6.67
N ALA B 253 35.40 10.22 7.36
CA ALA B 253 35.38 10.34 8.82
C ALA B 253 34.17 11.15 9.35
N ALA B 254 33.54 11.99 8.52
CA ALA B 254 32.42 12.83 8.93
C ALA B 254 31.17 12.02 9.29
N ALA B 255 30.72 11.15 8.38
CA ALA B 255 29.79 10.04 8.64
C ALA B 255 28.52 10.41 9.44
N ASP B 256 27.91 11.57 9.15
CA ASP B 256 26.84 12.12 9.97
C ASP B 256 25.49 11.37 9.87
N GLY B 257 25.22 10.68 8.76
CA GLY B 257 23.95 9.96 8.56
C GLY B 257 23.68 9.59 7.10
N VAL B 258 22.47 9.11 6.82
CA VAL B 258 22.04 8.72 5.45
C VAL B 258 21.34 9.86 4.72
N SER B 259 21.01 9.69 3.44
CA SER B 259 20.26 10.68 2.66
C SER B 259 19.36 10.04 1.60
N LEU B 260 18.04 10.17 1.77
CA LEU B 260 17.07 9.60 0.84
C LEU B 260 16.98 10.41 -0.45
N ALA B 261 16.80 9.71 -1.57
CA ALA B 261 16.65 10.28 -2.89
C ALA B 261 15.85 9.36 -3.82
N GLU B 262 15.33 9.92 -4.91
CA GLU B 262 14.56 9.23 -5.95
C GLU B 262 15.47 8.67 -7.06
N GLY B 263 14.90 7.93 -8.02
CA GLY B 263 15.63 7.41 -9.17
C GLY B 263 14.87 6.32 -9.93
N ALA B 264 15.13 6.16 -11.23
CA ALA B 264 14.56 5.10 -12.05
C ALA B 264 15.54 4.67 -13.13
N GLY B 265 15.52 3.41 -13.55
CA GLY B 265 16.52 2.90 -14.48
C GLY B 265 16.21 1.52 -15.02
N MET B 266 16.56 1.28 -16.28
CA MET B 266 16.41 0.00 -16.95
C MET B 266 17.67 -0.33 -17.74
N LEU B 267 18.10 -1.58 -17.67
CA LEU B 267 19.14 -2.18 -18.48
C LEU B 267 18.52 -3.25 -19.38
N LEU B 268 18.96 -3.34 -20.63
CA LEU B 268 18.59 -4.42 -21.54
C LEU B 268 19.77 -5.38 -21.71
N LEU B 269 19.52 -6.67 -21.52
CA LEU B 269 20.53 -7.73 -21.48
C LEU B 269 20.31 -8.78 -22.58
N GLU B 270 21.39 -9.35 -23.11
CA GLU B 270 21.38 -10.52 -24.01
C GLU B 270 22.64 -11.36 -23.79
N ARG B 271 22.64 -12.65 -24.14
CA ARG B 271 23.86 -13.48 -24.07
C ARG B 271 24.91 -12.93 -25.02
N LEU B 272 26.18 -12.90 -24.61
CA LEU B 272 27.24 -12.26 -25.39
C LEU B 272 27.40 -12.86 -26.79
N SER B 273 27.28 -14.18 -26.90
CA SER B 273 27.32 -14.88 -28.19
C SER B 273 26.19 -14.48 -29.13
N ASP B 274 24.96 -14.36 -28.63
CA ASP B 274 23.83 -13.91 -29.45
C ASP B 274 23.94 -12.43 -29.83
N ALA B 275 24.47 -11.60 -28.95
CA ALA B 275 24.68 -10.19 -29.25
C ALA B 275 25.66 -10.01 -30.42
N ARG B 276 26.74 -10.80 -30.45
CA ARG B 276 27.77 -10.78 -31.49
C ARG B 276 27.32 -11.45 -32.80
N ARG B 277 26.46 -12.46 -32.75
CA ARG B 277 25.77 -12.98 -33.95
C ARG B 277 24.94 -11.89 -34.65
N ASN B 278 24.14 -11.14 -33.91
CA ASN B 278 23.31 -10.07 -34.49
C ASN B 278 24.09 -8.79 -34.81
N GLY B 279 25.15 -8.47 -34.07
CA GLY B 279 25.92 -7.25 -34.24
C GLY B 279 25.38 -6.02 -33.48
N HIS B 280 24.63 -6.21 -32.41
CA HIS B 280 24.26 -5.15 -31.45
C HIS B 280 25.48 -4.63 -30.67
N PRO B 281 25.46 -3.38 -30.16
CA PRO B 281 26.55 -2.86 -29.36
C PRO B 281 26.58 -3.50 -27.97
N VAL B 282 27.77 -3.64 -27.39
CA VAL B 282 27.96 -4.11 -26.01
C VAL B 282 28.63 -3.03 -25.20
N MET B 283 28.00 -2.56 -24.13
CA MET B 283 28.55 -1.48 -23.29
C MET B 283 29.38 -2.00 -22.11
N ALA B 284 29.01 -3.15 -21.54
CA ALA B 284 29.79 -3.89 -20.54
C ALA B 284 29.28 -5.32 -20.46
N VAL B 285 30.06 -6.22 -19.87
CA VAL B 285 29.70 -7.62 -19.71
C VAL B 285 29.58 -8.00 -18.24
N ILE B 286 28.40 -8.47 -17.82
CA ILE B 286 28.12 -8.99 -16.49
C ILE B 286 28.62 -10.43 -16.43
N ARG B 287 29.46 -10.73 -15.45
CA ARG B 287 30.25 -11.96 -15.40
C ARG B 287 29.84 -12.93 -14.30
N GLY B 288 29.44 -12.45 -13.13
CA GLY B 288 29.01 -13.30 -12.02
C GLY B 288 28.23 -12.54 -10.96
N THR B 289 27.32 -13.22 -10.28
CA THR B 289 26.32 -12.61 -9.37
C THR B 289 26.02 -13.50 -8.17
N ALA B 290 25.63 -12.92 -7.02
CA ALA B 290 25.19 -13.69 -5.84
C ALA B 290 24.28 -12.87 -4.91
N ILE B 291 23.46 -13.53 -4.09
CA ILE B 291 22.60 -12.96 -3.05
C ILE B 291 22.70 -13.81 -1.78
N ASN B 292 22.74 -13.21 -0.59
CA ASN B 292 22.58 -13.91 0.68
C ASN B 292 21.87 -13.06 1.75
N GLN B 293 21.37 -13.68 2.81
CA GLN B 293 20.90 -13.01 4.03
C GLN B 293 22.03 -12.90 5.06
N ASP B 294 21.98 -11.93 5.95
CA ASP B 294 22.91 -11.82 7.08
C ASP B 294 22.45 -12.55 8.35
N GLY B 295 21.39 -13.35 8.26
CA GLY B 295 20.98 -14.28 9.32
C GLY B 295 20.41 -13.58 10.54
N ALA B 296 20.55 -14.23 11.70
CA ALA B 296 20.08 -13.72 12.99
C ALA B 296 20.91 -14.30 14.15
N THR B 297 21.76 -13.45 14.75
CA THR B 297 22.63 -13.76 15.87
C THR B 297 23.12 -12.45 16.53
N ASN B 298 23.81 -12.53 17.66
CA ASN B 298 24.28 -11.36 18.41
C ASN B 298 25.16 -10.43 17.54
N GLY B 299 24.82 -9.14 17.49
CA GLY B 299 25.52 -8.13 16.70
C GLY B 299 27.02 -7.97 17.01
N ILE B 300 27.50 -8.44 18.17
CA ILE B 300 28.90 -8.36 18.59
C ILE B 300 29.87 -9.06 17.61
N ILE B 301 29.43 -10.11 16.90
CA ILE B 301 30.28 -10.84 15.94
C ILE B 301 30.33 -10.19 14.54
N SER B 302 29.65 -9.05 14.34
CA SER B 302 29.39 -8.39 13.05
C SER B 302 28.76 -9.32 11.99
N PRO B 303 27.50 -9.76 12.18
CA PRO B 303 26.83 -10.71 11.27
C PRO B 303 26.73 -10.21 9.82
N SER B 304 26.43 -8.92 9.63
CA SER B 304 26.43 -8.27 8.31
C SER B 304 27.80 -8.26 7.64
N GLY B 305 28.89 -8.27 8.43
CA GLY B 305 30.26 -8.38 7.91
C GLY B 305 30.56 -9.78 7.38
N ARG B 306 30.26 -10.80 8.18
CA ARG B 306 30.38 -12.20 7.79
C ARG B 306 29.53 -12.54 6.55
N ALA B 307 28.36 -11.93 6.44
CA ALA B 307 27.50 -12.06 5.27
C ALA B 307 28.15 -11.50 4.00
N GLN B 308 28.74 -10.31 4.05
CA GLN B 308 29.46 -9.75 2.91
C GLN B 308 30.65 -10.61 2.50
N GLU B 309 31.42 -11.11 3.46
CA GLU B 309 32.60 -11.92 3.16
C GLU B 309 32.27 -13.24 2.46
N ARG B 310 31.10 -13.83 2.70
CA ARG B 310 30.60 -14.98 1.93
C ARG B 310 30.05 -14.57 0.57
N VAL B 311 29.27 -13.49 0.49
CA VAL B 311 28.62 -13.09 -0.78
C VAL B 311 29.63 -12.69 -1.85
N ILE B 312 30.75 -12.06 -1.49
CA ILE B 312 31.80 -11.70 -2.45
C ILE B 312 32.48 -12.96 -2.98
N ARG B 313 32.84 -13.92 -2.11
CA ARG B 313 33.41 -15.22 -2.51
C ARG B 313 32.48 -15.96 -3.47
N ALA B 314 31.18 -15.98 -3.17
CA ALA B 314 30.20 -16.62 -4.03
C ALA B 314 30.13 -15.97 -5.42
N ALA B 315 30.11 -14.65 -5.51
CA ALA B 315 30.01 -13.95 -6.78
C ALA B 315 31.26 -14.14 -7.65
N LEU B 316 32.45 -14.11 -7.05
CA LEU B 316 33.70 -14.39 -7.75
C LEU B 316 33.73 -15.82 -8.30
N ALA B 317 33.27 -16.80 -7.51
CA ALA B 317 33.17 -18.17 -7.97
C ALA B 317 32.15 -18.35 -9.11
N ASP B 318 30.96 -17.74 -9.04
CA ASP B 318 29.93 -17.85 -10.09
C ASP B 318 30.46 -17.41 -11.45
N GLY B 319 31.23 -16.31 -11.49
CA GLY B 319 31.87 -15.81 -12.71
C GLY B 319 33.19 -16.50 -13.09
N ARG B 320 33.72 -17.39 -12.24
CA ARG B 320 35.05 -18.00 -12.36
C ARG B 320 36.16 -16.96 -12.56
N VAL B 321 36.10 -15.85 -11.82
CA VAL B 321 37.09 -14.76 -11.86
C VAL B 321 37.97 -14.77 -10.61
N THR B 322 39.28 -14.73 -10.80
CA THR B 322 40.25 -14.76 -9.69
C THR B 322 40.30 -13.43 -8.96
N ALA B 323 40.44 -13.45 -7.64
CA ALA B 323 40.31 -12.27 -6.79
C ALA B 323 41.39 -11.19 -7.01
N ASP B 324 42.51 -11.51 -7.65
CA ASP B 324 43.54 -10.57 -8.07
C ASP B 324 43.14 -9.72 -9.29
N SER B 325 42.19 -10.19 -10.09
CA SER B 325 41.87 -9.58 -11.38
C SER B 325 40.92 -8.36 -11.28
N VAL B 326 40.19 -8.20 -10.18
CA VAL B 326 39.36 -7.01 -9.95
C VAL B 326 40.23 -5.79 -9.64
N ASP B 327 39.96 -4.64 -10.25
CA ASP B 327 40.69 -3.39 -10.02
C ASP B 327 40.02 -2.49 -8.99
N ALA B 328 38.69 -2.44 -8.99
CA ALA B 328 37.92 -1.46 -8.25
C ALA B 328 36.55 -1.99 -7.82
N VAL B 329 35.95 -1.37 -6.81
CA VAL B 329 34.60 -1.68 -6.36
C VAL B 329 33.79 -0.43 -6.07
N GLU B 330 32.58 -0.40 -6.62
CA GLU B 330 31.55 0.57 -6.34
C GLU B 330 30.79 0.10 -5.09
N GLY B 331 31.28 0.52 -3.93
CA GLY B 331 30.81 0.06 -2.63
C GLY B 331 29.44 0.62 -2.26
N HIS B 332 28.77 0.00 -1.28
CA HIS B 332 27.45 0.44 -0.84
C HIS B 332 27.50 1.82 -0.21
N GLY B 333 28.41 2.06 0.73
CA GLY B 333 28.86 3.41 1.11
C GLY B 333 27.76 4.39 1.52
N VAL B 334 26.71 3.94 2.21
CA VAL B 334 25.51 4.75 2.48
C VAL B 334 25.73 5.88 3.50
N GLY B 335 26.78 5.83 4.30
CA GLY B 335 27.11 6.87 5.28
C GLY B 335 26.63 6.58 6.71
N ALA B 336 26.06 5.40 6.96
CA ALA B 336 25.76 4.95 8.32
C ALA B 336 27.08 4.64 9.06
N THR B 337 27.21 5.14 10.29
CA THR B 337 28.53 5.39 10.91
C THR B 337 29.33 4.11 11.18
N LEU B 338 28.68 3.02 11.57
CA LEU B 338 29.30 1.70 11.68
C LEU B 338 29.32 0.92 10.35
N GLY B 339 28.25 1.02 9.54
CA GLY B 339 28.04 0.19 8.36
C GLY B 339 29.12 0.33 7.27
N ASP B 340 29.56 1.56 6.99
CA ASP B 340 30.68 1.79 6.05
C ASP B 340 31.97 1.12 6.57
N GLY B 341 32.18 1.08 7.89
CA GLY B 341 33.32 0.40 8.51
C GLY B 341 33.27 -1.11 8.40
N VAL B 342 32.08 -1.71 8.57
CA VAL B 342 31.87 -3.15 8.32
C VAL B 342 32.12 -3.51 6.86
N GLU B 343 31.67 -2.69 5.91
CA GLU B 343 31.96 -2.90 4.48
C GLU B 343 33.46 -2.84 4.20
N VAL B 344 34.16 -1.78 4.63
CA VAL B 344 35.62 -1.67 4.45
C VAL B 344 36.36 -2.84 5.08
N THR B 345 35.95 -3.29 6.26
CA THR B 345 36.51 -4.49 6.89
C THR B 345 36.30 -5.72 6.02
N SER B 346 35.10 -5.94 5.48
CA SER B 346 34.81 -7.13 4.68
C SER B 346 35.65 -7.20 3.39
N LEU B 347 35.94 -6.05 2.78
CA LEU B 347 36.76 -5.96 1.57
C LEU B 347 38.22 -6.32 1.87
N LEU B 348 38.78 -5.84 2.98
CA LEU B 348 40.12 -6.24 3.46
C LEU B 348 40.20 -7.75 3.75
N SER B 349 39.15 -8.35 4.30
CA SER B 349 39.06 -9.80 4.55
C SER B 349 38.97 -10.67 3.29
N THR B 350 38.80 -10.10 2.09
CA THR B 350 38.29 -10.87 0.93
C THR B 350 39.00 -10.56 -0.38
N TYR B 351 39.06 -9.29 -0.80
CA TYR B 351 39.92 -8.86 -1.91
C TYR B 351 41.34 -8.52 -1.45
N GLY B 352 41.48 -7.82 -0.32
CA GLY B 352 42.72 -7.13 0.09
C GLY B 352 43.91 -8.01 0.48
N GLN B 353 43.83 -9.34 0.24
CA GLN B 353 44.85 -10.32 0.62
C GLN B 353 45.81 -10.69 -0.52
N GLU B 354 45.41 -10.51 -1.79
CA GLU B 354 46.13 -11.09 -2.95
C GLU B 354 46.49 -10.06 -4.03
N ARG B 355 46.45 -8.76 -3.70
CA ARG B 355 46.67 -7.65 -4.65
C ARG B 355 48.05 -7.75 -5.30
N PRO B 356 48.16 -7.62 -6.63
CA PRO B 356 49.45 -7.45 -7.28
C PRO B 356 50.11 -6.13 -6.83
N ALA B 357 51.44 -6.07 -6.90
CA ALA B 357 52.18 -4.85 -6.56
C ALA B 357 51.78 -3.70 -7.49
N GLY B 358 51.52 -2.52 -6.92
CA GLY B 358 51.04 -1.34 -7.66
C GLY B 358 49.58 -1.41 -8.13
N ARG B 359 48.82 -2.45 -7.75
CA ARG B 359 47.39 -2.62 -8.08
C ARG B 359 46.48 -2.73 -6.83
N PRO B 360 46.57 -1.83 -5.83
CA PRO B 360 45.67 -1.83 -4.69
C PRO B 360 44.21 -1.62 -5.12
N LEU B 361 43.26 -2.19 -4.39
CA LEU B 361 41.84 -2.11 -4.74
C LEU B 361 41.35 -0.68 -4.54
N LEU B 362 40.89 -0.04 -5.60
CA LEU B 362 40.26 1.26 -5.51
C LEU B 362 38.78 1.12 -5.08
N LEU B 363 38.36 1.88 -4.08
CA LEU B 363 36.99 1.89 -3.56
C LEU B 363 36.36 3.27 -3.77
N GLY B 364 35.10 3.32 -4.15
CA GLY B 364 34.31 4.55 -4.20
C GLY B 364 32.81 4.29 -4.06
N SER B 365 31.97 5.34 -4.08
CA SER B 365 30.51 5.16 -4.12
C SER B 365 29.77 6.34 -4.74
N VAL B 366 28.89 6.06 -5.71
CA VAL B 366 28.07 7.06 -6.43
C VAL B 366 27.07 7.75 -5.51
N LYS B 367 26.71 7.14 -4.39
CA LYS B 367 25.78 7.75 -3.42
C LYS B 367 26.25 9.10 -2.93
N SER B 368 27.56 9.35 -2.94
CA SER B 368 28.14 10.62 -2.58
C SER B 368 27.68 11.78 -3.48
N ASN B 369 27.49 11.57 -4.78
CA ASN B 369 27.02 12.60 -5.70
C ASN B 369 25.48 12.77 -5.73
N ILE B 370 24.70 11.70 -5.55
CA ILE B 370 23.25 11.69 -5.82
C ILE B 370 22.36 11.20 -4.67
N GLY B 371 22.91 10.90 -3.50
CA GLY B 371 22.18 10.31 -2.37
C GLY B 371 21.93 8.82 -2.55
N HIS B 372 21.15 8.23 -1.66
CA HIS B 372 21.00 6.77 -1.57
C HIS B 372 20.26 6.12 -2.74
N THR B 373 19.29 6.81 -3.35
CA THR B 373 18.43 6.34 -4.47
C THR B 373 17.55 5.12 -4.18
N GLN B 374 17.51 4.63 -2.93
CA GLN B 374 16.64 3.55 -2.47
C GLN B 374 16.69 2.29 -3.36
N THR B 375 15.64 1.95 -4.11
CA THR B 375 15.53 0.66 -4.83
C THR B 375 16.46 0.52 -6.04
N VAL B 376 17.02 1.61 -6.57
CA VAL B 376 17.82 1.61 -7.81
C VAL B 376 19.31 1.81 -7.60
N GLY B 377 19.82 1.65 -6.37
CA GLY B 377 21.24 1.85 -6.06
C GLY B 377 22.20 1.06 -6.95
N ALA B 378 21.85 -0.17 -7.31
CA ALA B 378 22.66 -0.98 -8.23
C ALA B 378 22.70 -0.41 -9.65
N VAL B 379 21.60 0.14 -10.19
CA VAL B 379 21.62 0.76 -11.53
C VAL B 379 22.50 2.00 -11.55
N ALA B 380 22.42 2.85 -10.52
CA ALA B 380 23.28 4.03 -10.42
C ALA B 380 24.75 3.65 -10.44
N GLY B 381 25.11 2.62 -9.70
CA GLY B 381 26.46 2.08 -9.71
C GLY B 381 26.87 1.53 -11.08
N ILE B 382 26.02 0.75 -11.75
CA ILE B 382 26.35 0.18 -13.06
C ILE B 382 26.56 1.31 -14.08
N VAL B 383 25.73 2.34 -14.09
CA VAL B 383 25.90 3.47 -15.02
C VAL B 383 27.24 4.14 -14.83
N LYS B 384 27.65 4.41 -13.58
CA LYS B 384 28.99 4.93 -13.30
C LYS B 384 30.09 4.04 -13.87
N LEU B 385 30.11 2.74 -13.57
CA LEU B 385 31.21 1.87 -14.03
C LEU B 385 31.20 1.66 -15.54
N VAL B 386 30.04 1.58 -16.16
CA VAL B 386 29.91 1.53 -17.61
C VAL B 386 30.50 2.78 -18.25
N MET B 387 30.21 3.96 -17.71
CA MET B 387 30.78 5.19 -18.23
C MET B 387 32.28 5.33 -17.93
N ALA B 388 32.74 4.84 -16.79
CA ALA B 388 34.16 4.80 -16.46
C ALA B 388 34.95 3.94 -17.45
N LEU B 389 34.45 2.75 -17.79
CA LEU B 389 35.07 1.88 -18.79
C LEU B 389 35.20 2.59 -20.14
N ARG B 390 34.13 3.23 -20.61
CA ARG B 390 34.08 3.95 -21.90
C ARG B 390 34.98 5.18 -21.98
N ASN B 391 35.34 5.80 -20.86
CA ASN B 391 36.13 7.04 -20.80
C ASN B 391 37.50 6.90 -20.12
N GLU B 392 37.91 5.69 -19.77
CA GLU B 392 39.25 5.34 -19.26
C GLU B 392 39.69 6.13 -18.00
N ARG B 393 38.74 6.52 -17.14
CA ARG B 393 38.98 7.23 -15.88
C ARG B 393 38.01 6.75 -14.80
N LEU B 394 38.43 6.73 -13.54
CA LEU B 394 37.56 6.47 -12.40
C LEU B 394 37.33 7.77 -11.61
N PRO B 395 36.07 8.22 -11.40
CA PRO B 395 35.77 9.48 -10.71
C PRO B 395 36.06 9.45 -9.21
N ARG B 396 36.36 10.62 -8.62
CA ARG B 396 36.62 10.76 -7.19
C ARG B 396 35.36 10.67 -6.32
N THR B 397 35.52 10.24 -5.07
CA THR B 397 34.41 10.25 -4.09
C THR B 397 34.37 11.59 -3.37
N VAL B 398 33.26 12.32 -3.49
CA VAL B 398 33.14 13.70 -2.96
C VAL B 398 32.98 13.73 -1.43
N HIS B 399 33.37 14.86 -0.83
CA HIS B 399 33.30 15.14 0.62
C HIS B 399 34.18 14.27 1.54
N VAL B 400 35.20 13.58 1.02
CA VAL B 400 36.14 12.78 1.83
C VAL B 400 37.23 13.67 2.43
N ASP B 401 36.98 14.21 3.63
CA ASP B 401 37.95 14.99 4.40
C ASP B 401 39.09 14.13 5.00
N GLY B 402 38.83 12.84 5.25
CA GLY B 402 39.78 11.85 5.71
C GLY B 402 39.10 10.48 5.84
N PRO B 403 39.82 9.35 5.75
CA PRO B 403 39.20 8.03 5.77
C PRO B 403 38.57 7.68 7.13
N THR B 404 37.49 6.91 7.12
CA THR B 404 36.80 6.51 8.35
C THR B 404 37.72 5.77 9.34
N PRO B 405 37.76 6.14 10.64
CA PRO B 405 38.63 5.53 11.64
C PRO B 405 38.16 4.17 12.14
N HIS B 406 36.95 3.72 11.77
CA HIS B 406 36.37 2.47 12.24
C HIS B 406 36.88 1.20 11.52
N ALA B 407 37.89 1.31 10.66
CA ALA B 407 38.54 0.18 9.98
C ALA B 407 40.03 0.44 9.74
N ASP B 408 40.82 -0.62 9.61
CA ASP B 408 42.27 -0.54 9.56
C ASP B 408 42.84 -0.43 8.13
N TRP B 409 43.19 0.78 7.70
CA TRP B 409 43.82 1.05 6.40
C TRP B 409 45.31 0.65 6.32
N SER B 410 45.92 0.15 7.41
CA SER B 410 47.38 -0.03 7.52
C SER B 410 47.98 -1.08 6.60
N SER B 411 47.19 -1.90 5.92
CA SER B 411 47.71 -2.82 4.90
C SER B 411 48.19 -2.10 3.63
N GLY B 412 47.61 -0.95 3.32
CA GLY B 412 47.78 -0.24 2.04
C GLY B 412 47.17 -0.96 0.82
N THR B 413 46.59 -2.15 0.98
CA THR B 413 46.05 -2.96 -0.12
C THR B 413 44.69 -2.48 -0.66
N VAL B 414 44.02 -1.57 0.06
CA VAL B 414 42.75 -0.92 -0.32
C VAL B 414 42.86 0.56 -0.05
N ARG B 415 42.33 1.43 -0.91
CA ARG B 415 42.15 2.87 -0.61
C ARG B 415 40.98 3.51 -1.32
N LEU B 416 40.46 4.59 -0.73
CA LEU B 416 39.46 5.44 -1.34
C LEU B 416 40.06 6.19 -2.52
N LEU B 417 39.30 6.39 -3.59
CA LEU B 417 39.74 7.18 -4.74
C LEU B 417 39.46 8.68 -4.51
N THR B 418 40.37 9.36 -3.82
CA THR B 418 40.23 10.77 -3.40
C THR B 418 40.64 11.78 -4.47
N GLU B 419 41.45 11.37 -5.45
CA GLU B 419 41.72 12.09 -6.71
C GLU B 419 41.54 11.12 -7.88
N PRO B 420 40.95 11.52 -9.02
CA PRO B 420 40.63 10.58 -10.10
C PRO B 420 41.88 9.99 -10.72
N GLU B 421 41.84 8.73 -11.16
CA GLU B 421 42.97 8.03 -11.77
C GLU B 421 42.62 7.38 -13.11
N PRO B 422 43.58 7.29 -14.07
CA PRO B 422 43.36 6.69 -15.37
C PRO B 422 43.24 5.16 -15.31
N TRP B 423 42.52 4.58 -16.27
CA TRP B 423 42.13 3.17 -16.32
C TRP B 423 42.06 2.69 -17.78
N ARG B 424 43.21 2.68 -18.43
CA ARG B 424 43.39 2.43 -19.87
C ARG B 424 43.10 1.00 -20.27
N ARG B 425 42.54 0.78 -21.47
CA ARG B 425 42.53 -0.54 -22.13
C ARG B 425 43.98 -1.01 -22.38
N GLY B 426 44.24 -2.31 -22.24
CA GLY B 426 45.60 -2.87 -22.33
C GLY B 426 45.65 -4.38 -22.17
N GLU B 427 46.82 -4.92 -21.81
CA GLU B 427 47.04 -6.37 -21.68
C GLU B 427 46.26 -6.99 -20.52
N ARG B 428 46.13 -6.30 -19.39
CA ARG B 428 45.26 -6.68 -18.27
C ARG B 428 43.81 -6.37 -18.62
N VAL B 429 42.93 -7.37 -18.57
CA VAL B 429 41.48 -7.15 -18.72
C VAL B 429 40.96 -6.34 -17.54
N ARG B 430 40.34 -5.18 -17.79
CA ARG B 430 39.75 -4.36 -16.72
C ARG B 430 38.50 -5.03 -16.15
N ARG B 431 38.38 -5.11 -14.83
CA ARG B 431 37.19 -5.63 -14.13
C ARG B 431 36.87 -4.81 -12.89
N ALA B 432 35.59 -4.70 -12.56
CA ALA B 432 35.13 -3.99 -11.37
C ALA B 432 33.91 -4.66 -10.75
N GLY B 433 33.68 -4.43 -9.45
CA GLY B 433 32.55 -4.98 -8.72
C GLY B 433 31.56 -3.94 -8.22
N LEU B 434 30.36 -4.35 -7.84
CA LEU B 434 29.34 -3.51 -7.18
C LEU B 434 28.76 -4.22 -5.97
N THR B 435 28.41 -3.49 -4.92
CA THR B 435 27.78 -4.03 -3.71
C THR B 435 26.54 -3.25 -3.34
N CYS B 436 25.52 -3.94 -2.82
CA CYS B 436 24.37 -3.31 -2.20
C CYS B 436 23.97 -4.07 -0.93
N LEU B 437 23.59 -3.35 0.13
CA LEU B 437 23.14 -3.87 1.43
C LEU B 437 21.80 -3.26 1.84
N THR B 438 21.05 -3.89 2.74
CA THR B 438 19.85 -3.30 3.35
C THR B 438 19.54 -3.90 4.73
N LEU B 439 18.80 -3.17 5.57
CA LEU B 439 18.54 -3.53 6.97
C LEU B 439 17.78 -4.85 7.14
N SER B 440 16.95 -5.24 6.16
CA SER B 440 16.22 -6.52 6.18
C SER B 440 17.12 -7.75 6.02
N GLY B 441 18.39 -7.54 5.67
CA GLY B 441 19.42 -8.56 5.70
C GLY B 441 19.89 -9.06 4.35
N THR B 442 19.25 -8.72 3.23
CA THR B 442 19.75 -9.07 1.90
C THR B 442 21.01 -8.30 1.55
N ASN B 443 21.97 -9.00 0.96
CA ASN B 443 23.24 -8.48 0.46
C ASN B 443 23.51 -9.12 -0.90
N GLY B 444 24.25 -8.46 -1.78
CA GLY B 444 24.62 -9.01 -3.07
C GLY B 444 25.87 -8.39 -3.67
N HIS B 445 26.38 -9.00 -4.72
CA HIS B 445 27.55 -8.53 -5.45
C HIS B 445 27.44 -8.87 -6.94
N LEU B 446 27.97 -8.01 -7.82
CA LEU B 446 28.07 -8.22 -9.26
C LEU B 446 29.49 -7.94 -9.72
N ILE B 447 29.99 -8.67 -10.72
CA ILE B 447 31.25 -8.37 -11.40
C ILE B 447 30.99 -7.97 -12.84
N LEU B 448 31.58 -6.86 -13.28
CA LEU B 448 31.53 -6.32 -14.64
C LEU B 448 32.93 -6.33 -15.29
N GLU B 449 32.96 -6.51 -16.61
CA GLU B 449 34.15 -6.52 -17.46
C GLU B 449 33.98 -5.63 -18.69
N GLU B 450 35.08 -5.33 -19.36
CA GLU B 450 35.09 -4.61 -20.63
C GLU B 450 34.26 -5.33 -21.71
N PRO B 451 33.68 -4.60 -22.68
CA PRO B 451 33.38 -5.18 -23.97
C PRO B 451 34.64 -5.71 -24.65
N PRO B 452 34.56 -6.78 -25.47
CA PRO B 452 35.70 -7.27 -26.22
C PRO B 452 36.22 -6.25 -27.25
N ALA B 453 35.32 -5.43 -27.81
CA ALA B 453 35.62 -4.26 -28.65
C ALA B 453 36.64 -4.54 -29.78
N ASP B 454 36.32 -5.51 -30.63
CA ASP B 454 37.16 -5.82 -31.81
C ASP B 454 37.29 -4.61 -32.75
N GLU B 455 38.43 -4.49 -33.43
CA GLU B 455 38.78 -3.29 -34.21
C GLU B 455 37.82 -3.05 -35.39
N PRO B 456 37.35 -1.82 -35.64
CA PRO B 456 36.53 -1.51 -36.81
C PRO B 456 37.27 -1.75 -38.13
N ALA B 457 36.51 -2.06 -39.19
CA ALA B 457 37.03 -2.16 -40.55
C ALA B 457 37.49 -0.79 -41.09
N ALA B 458 38.50 -0.79 -41.96
CA ALA B 458 38.98 0.42 -42.62
C ALA B 458 37.92 0.97 -43.59
N ARG B 459 37.53 2.25 -43.44
CA ARG B 459 36.44 2.88 -44.20
C ARG B 459 36.93 3.29 -45.60
N PRO B 460 36.35 2.77 -46.69
CA PRO B 460 36.85 2.98 -48.04
C PRO B 460 36.71 4.44 -48.50
N ALA B 461 37.74 4.95 -49.17
CA ALA B 461 37.73 6.29 -49.77
C ALA B 461 36.69 6.38 -50.90
N ASN B 462 35.79 7.37 -50.81
CA ASN B 462 34.70 7.58 -51.76
C ASN B 462 34.37 9.09 -51.88
N PRO B 463 33.96 9.58 -53.06
CA PRO B 463 33.50 10.95 -53.22
C PRO B 463 32.20 11.19 -52.43
N GLU B 464 31.97 12.42 -52.01
CA GLU B 464 30.84 12.86 -51.19
C GLU B 464 29.49 12.90 -51.97
N ARG B 465 29.06 11.74 -52.47
CA ARG B 465 27.72 11.46 -53.01
C ARG B 465 26.63 11.75 -51.97
N THR B 466 25.41 12.04 -52.40
CA THR B 466 24.26 12.35 -51.51
C THR B 466 23.99 11.27 -50.45
N VAL B 467 23.59 11.69 -49.25
CA VAL B 467 23.11 10.82 -48.15
C VAL B 467 21.73 11.30 -47.70
N PRO B 468 20.68 10.47 -47.66
CA PRO B 468 19.40 10.85 -47.11
C PRO B 468 19.41 10.73 -45.59
N LEU B 469 18.89 11.73 -44.89
CA LEU B 469 18.50 11.60 -43.49
C LEU B 469 16.98 11.43 -43.42
N VAL B 470 16.51 10.45 -42.66
CA VAL B 470 15.10 10.26 -42.34
C VAL B 470 14.84 10.61 -40.89
N LEU B 471 13.82 11.43 -40.61
CA LEU B 471 13.37 11.77 -39.26
C LEU B 471 11.88 11.40 -39.12
N SER B 472 11.47 10.89 -37.97
CA SER B 472 10.10 10.40 -37.73
C SER B 472 9.55 10.85 -36.39
N ALA B 473 8.25 11.11 -36.31
CA ALA B 473 7.60 11.61 -35.10
C ALA B 473 6.12 11.23 -35.01
N LYS B 474 5.57 11.19 -33.79
CA LYS B 474 4.14 10.93 -33.53
C LYS B 474 3.31 12.22 -33.36
N SER B 475 3.93 13.38 -33.53
CA SER B 475 3.35 14.72 -33.46
C SER B 475 4.12 15.65 -34.40
N PRO B 476 3.54 16.76 -34.87
CA PRO B 476 4.30 17.73 -35.66
C PRO B 476 5.45 18.36 -34.88
N THR B 477 5.26 18.66 -33.59
CA THR B 477 6.29 19.31 -32.76
C THR B 477 7.52 18.42 -32.56
N ALA B 478 7.37 17.10 -32.44
CA ALA B 478 8.52 16.23 -32.29
C ALA B 478 9.41 16.14 -33.54
N LEU B 479 8.95 16.48 -34.75
CA LEU B 479 9.89 16.67 -35.87
C LEU B 479 10.77 17.89 -35.60
N ARG B 480 10.18 18.98 -35.14
CA ARG B 480 10.92 20.22 -34.91
C ARG B 480 11.95 20.06 -33.78
N GLU B 481 11.60 19.37 -32.70
CA GLU B 481 12.57 19.12 -31.62
C GLU B 481 13.70 18.17 -32.05
N GLN B 482 13.42 17.15 -32.85
CA GLN B 482 14.50 16.30 -33.38
C GLN B 482 15.43 17.05 -34.29
N ALA B 483 14.93 17.99 -35.09
CA ALA B 483 15.79 18.79 -35.95
C ALA B 483 16.82 19.59 -35.13
N GLU B 484 16.41 20.16 -33.99
CA GLU B 484 17.33 20.86 -33.10
C GLU B 484 18.31 19.93 -32.38
N ARG B 485 17.89 18.74 -31.93
CA ARG B 485 18.79 17.77 -31.31
C ARG B 485 19.84 17.23 -32.27
N LEU B 486 19.43 16.78 -33.46
CA LEU B 486 20.31 16.09 -34.41
C LEU B 486 21.41 17.02 -34.96
N ARG B 487 21.17 18.33 -34.94
CA ARG B 487 22.12 19.39 -35.33
C ARG B 487 23.44 19.34 -34.58
N ALA B 488 23.49 18.73 -33.39
CA ALA B 488 24.74 18.44 -32.70
C ALA B 488 25.49 17.28 -33.35
N THR B 489 24.89 16.09 -33.38
CA THR B 489 25.54 14.85 -33.85
C THR B 489 26.01 14.94 -35.29
N ILE B 490 25.29 15.62 -36.18
CA ILE B 490 25.68 15.76 -37.60
C ILE B 490 26.99 16.55 -37.80
N THR B 491 27.41 17.32 -36.79
CA THR B 491 28.74 17.94 -36.76
C THR B 491 29.79 17.03 -36.10
N ALA B 492 29.41 16.22 -35.13
CA ALA B 492 30.33 15.35 -34.37
C ALA B 492 30.73 14.05 -35.10
N ALA B 493 29.94 13.58 -36.07
CA ALA B 493 30.15 12.32 -36.80
C ALA B 493 30.02 12.51 -38.32
N GLU B 494 30.63 11.62 -39.11
CA GLU B 494 30.54 11.67 -40.58
C GLU B 494 29.13 11.30 -41.08
N PRO B 495 28.58 12.03 -42.07
CA PRO B 495 27.15 12.02 -42.37
C PRO B 495 26.59 10.68 -42.81
N VAL B 496 27.37 9.84 -43.51
CA VAL B 496 26.90 8.49 -43.90
C VAL B 496 26.68 7.57 -42.70
N ASP B 497 27.46 7.70 -41.63
CA ASP B 497 27.26 6.92 -40.40
C ASP B 497 26.00 7.39 -39.66
N VAL B 498 25.76 8.70 -39.60
CA VAL B 498 24.55 9.27 -38.99
C VAL B 498 23.30 8.85 -39.74
N GLY B 499 23.31 8.98 -41.06
CA GLY B 499 22.22 8.55 -41.93
C GLY B 499 21.96 7.04 -41.85
N HIS B 500 23.01 6.21 -41.83
CA HIS B 500 22.87 4.76 -41.68
C HIS B 500 22.29 4.37 -40.33
N SER B 501 22.67 5.07 -39.27
CA SER B 501 22.14 4.84 -37.94
C SER B 501 20.65 5.13 -37.85
N LEU B 502 20.15 6.20 -38.47
CA LEU B 502 18.76 6.64 -38.31
C LEU B 502 17.73 5.61 -38.77
N HIS B 503 17.72 5.22 -40.05
CA HIS B 503 16.63 4.38 -40.57
C HIS B 503 16.64 2.94 -40.02
N THR B 504 17.77 2.42 -39.52
CA THR B 504 17.82 1.10 -38.88
C THR B 504 17.52 1.13 -37.38
N THR B 505 17.92 2.17 -36.63
CA THR B 505 17.75 2.23 -35.18
C THR B 505 16.53 2.99 -34.68
N ARG B 506 15.68 3.55 -35.55
CA ARG B 506 14.48 4.31 -35.14
C ARG B 506 13.23 3.83 -35.87
N SER B 507 12.11 3.88 -35.19
CA SER B 507 10.81 3.43 -35.69
C SER B 507 10.22 4.39 -36.73
N SER B 508 9.36 3.87 -37.59
CA SER B 508 8.49 4.69 -38.45
C SER B 508 7.25 5.16 -37.68
N PHE B 509 6.83 6.41 -37.90
CA PHE B 509 5.63 7.02 -37.31
C PHE B 509 4.85 7.83 -38.34
N ARG B 510 3.71 8.40 -37.93
CA ARG B 510 2.77 9.12 -38.80
C ARG B 510 3.31 10.42 -39.40
N HIS B 511 4.15 11.19 -38.72
CA HIS B 511 4.75 12.42 -39.26
C HIS B 511 6.19 12.16 -39.67
N ARG B 512 6.59 12.57 -40.86
CA ARG B 512 7.89 12.18 -41.45
C ARG B 512 8.54 13.35 -42.17
N ALA B 513 9.86 13.36 -42.20
CA ALA B 513 10.64 14.29 -42.98
C ALA B 513 11.86 13.60 -43.57
N VAL B 514 12.24 13.97 -44.79
CA VAL B 514 13.45 13.48 -45.44
C VAL B 514 14.29 14.67 -45.86
N VAL B 515 15.56 14.68 -45.47
CA VAL B 515 16.51 15.76 -45.79
C VAL B 515 17.62 15.19 -46.68
N LEU B 516 17.90 15.83 -47.81
CA LEU B 516 18.88 15.37 -48.79
C LEU B 516 20.04 16.35 -48.87
N GLY B 517 21.27 15.85 -48.82
CA GLY B 517 22.47 16.69 -48.95
C GLY B 517 23.74 15.89 -49.21
N THR B 518 24.76 16.58 -49.73
CA THR B 518 26.06 15.98 -50.10
C THR B 518 27.09 16.08 -48.99
N GLY B 519 27.06 17.14 -48.20
CA GLY B 519 28.04 17.43 -47.17
C GLY B 519 27.44 18.06 -45.93
N ARG B 520 28.25 18.19 -44.90
CA ARG B 520 27.84 18.66 -43.58
C ARG B 520 27.14 20.00 -43.63
N GLU B 521 27.63 20.94 -44.43
CA GLU B 521 27.05 22.27 -44.58
C GLU B 521 25.62 22.23 -45.15
N GLU B 522 25.37 21.39 -46.15
CA GLU B 522 24.05 21.26 -46.76
C GLU B 522 23.04 20.59 -45.82
N LEU B 523 23.46 19.54 -45.12
CA LEU B 523 22.62 18.89 -44.13
C LEU B 523 22.33 19.81 -42.94
N ALA B 524 23.31 20.58 -42.47
CA ALA B 524 23.10 21.56 -41.41
C ALA B 524 22.10 22.65 -41.81
N ALA B 525 22.21 23.18 -43.04
CA ALA B 525 21.26 24.15 -43.56
C ALA B 525 19.85 23.54 -43.74
N GLY B 526 19.76 22.28 -44.13
CA GLY B 526 18.50 21.58 -44.23
C GLY B 526 17.82 21.43 -42.87
N LEU B 527 18.52 20.91 -41.87
CA LEU B 527 17.94 20.71 -40.53
C LEU B 527 17.53 22.02 -39.86
N ASP B 528 18.28 23.11 -40.08
CA ASP B 528 17.86 24.44 -39.63
C ASP B 528 16.52 24.88 -40.24
N ALA B 529 16.30 24.59 -41.52
CA ALA B 529 15.04 24.91 -42.18
C ALA B 529 13.86 24.12 -41.59
N LEU B 530 14.09 22.86 -41.24
CA LEU B 530 13.09 22.01 -40.59
C LEU B 530 12.71 22.57 -39.22
N ALA B 531 13.70 22.93 -38.39
CA ALA B 531 13.45 23.48 -37.05
C ALA B 531 12.62 24.78 -37.10
N GLY B 532 12.87 25.62 -38.10
CA GLY B 532 12.13 26.86 -38.33
C GLY B 532 10.80 26.70 -39.06
N ASP B 533 10.41 25.48 -39.42
CA ASP B 533 9.23 25.16 -40.22
C ASP B 533 9.16 25.90 -41.58
N ARG B 534 10.32 26.22 -42.17
CA ARG B 534 10.46 26.94 -43.44
C ARG B 534 10.87 26.01 -44.59
N THR B 535 10.33 26.26 -45.76
CA THR B 535 10.60 25.48 -46.98
C THR B 535 12.02 25.73 -47.49
N ALA B 536 12.66 24.68 -48.03
CA ALA B 536 13.98 24.69 -48.64
C ALA B 536 14.07 23.62 -49.74
N ASP B 537 15.05 23.69 -50.63
CA ASP B 537 15.16 22.82 -51.80
C ASP B 537 15.62 21.37 -51.51
N GLY B 538 16.17 21.11 -50.32
CA GLY B 538 16.62 19.79 -49.88
C GLY B 538 15.67 19.05 -48.93
N LEU B 539 14.43 19.52 -48.76
CA LEU B 539 13.48 19.03 -47.75
C LEU B 539 12.23 18.44 -48.37
N VAL B 540 11.70 17.38 -47.77
CA VAL B 540 10.37 16.82 -48.05
C VAL B 540 9.65 16.59 -46.72
N ARG B 541 8.37 16.95 -46.62
CA ARG B 541 7.54 16.91 -45.40
C ARG B 541 6.12 16.45 -45.69
N GLY B 542 5.49 15.74 -44.76
CA GLY B 542 4.09 15.32 -44.89
C GLY B 542 3.63 14.26 -43.90
N VAL B 543 2.38 13.86 -44.01
CA VAL B 543 1.71 12.91 -43.11
C VAL B 543 1.44 11.60 -43.81
N ALA B 544 1.75 10.48 -43.17
CA ALA B 544 1.48 9.15 -43.71
C ALA B 544 0.00 8.78 -43.73
N ARG B 545 -0.43 8.07 -44.76
CA ARG B 545 -1.78 7.50 -44.96
C ARG B 545 -1.69 5.99 -45.21
N ALA B 546 -2.63 5.22 -44.67
CA ALA B 546 -2.53 3.76 -44.58
C ALA B 546 -2.95 2.98 -45.85
N GLN B 547 -3.65 3.61 -46.80
CA GLN B 547 -4.43 2.94 -47.84
C GLN B 547 -3.63 2.11 -48.88
N GLY B 548 -2.32 2.31 -49.00
CA GLY B 548 -1.41 1.43 -49.77
C GLY B 548 -1.43 1.54 -51.30
N GLN B 549 -2.57 1.77 -51.93
CA GLN B 549 -2.79 1.48 -53.36
C GLN B 549 -1.89 2.29 -54.30
N THR B 550 -0.93 1.63 -54.95
CA THR B 550 0.17 2.26 -55.71
C THR B 550 0.34 1.65 -57.09
N ALA B 551 0.61 2.43 -58.14
CA ALA B 551 0.81 1.91 -59.50
C ALA B 551 1.95 2.58 -60.25
N LEU B 552 2.40 1.96 -61.33
CA LEU B 552 3.65 2.28 -62.02
C LEU B 552 3.42 2.38 -63.54
N LEU B 553 3.90 3.46 -64.16
CA LEU B 553 3.65 3.80 -65.56
C LEU B 553 4.90 3.65 -66.43
N PHE B 554 4.71 3.13 -67.64
CA PHE B 554 5.77 2.83 -68.60
C PHE B 554 5.45 3.41 -69.98
N GLY B 555 6.47 3.82 -70.73
CA GLY B 555 6.35 4.30 -72.10
C GLY B 555 7.59 3.96 -72.93
N GLY B 556 7.40 3.71 -74.23
CA GLY B 556 8.48 3.35 -75.15
C GLY B 556 9.24 4.56 -75.70
N ALA B 557 10.14 4.32 -76.65
CA ALA B 557 10.81 5.37 -77.42
C ALA B 557 9.85 6.14 -78.35
N GLY B 558 8.74 5.49 -78.75
CA GLY B 558 7.87 5.92 -79.85
C GLY B 558 7.34 7.36 -79.76
N ASP B 559 7.02 7.86 -78.56
CA ASP B 559 6.55 9.25 -78.40
C ASP B 559 7.63 10.31 -78.68
N GLY B 560 8.92 9.92 -78.68
CA GLY B 560 10.03 10.75 -79.15
C GLY B 560 9.93 11.13 -80.64
N THR B 561 9.01 10.51 -81.39
CA THR B 561 8.54 10.96 -82.71
C THR B 561 8.04 12.41 -82.70
N SER B 562 7.60 12.94 -81.55
CA SER B 562 7.21 14.35 -81.36
C SER B 562 8.37 15.35 -81.55
N GLY B 563 9.63 14.90 -81.48
CA GLY B 563 10.82 15.76 -81.54
C GLY B 563 11.32 16.21 -80.16
N ASP B 564 12.03 17.34 -80.11
CA ASP B 564 12.70 17.87 -78.92
C ASP B 564 13.70 16.87 -78.28
N ARG B 565 14.35 16.03 -79.10
CA ARG B 565 15.29 14.99 -78.64
C ARG B 565 16.42 15.46 -77.70
N PRO B 566 17.09 16.64 -77.84
CA PRO B 566 18.10 17.04 -76.87
C PRO B 566 17.54 17.36 -75.48
N ALA B 567 16.25 17.70 -75.36
CA ALA B 567 15.57 17.88 -74.08
C ALA B 567 15.16 16.52 -73.46
N ASP B 568 14.50 15.62 -74.21
CA ASP B 568 14.17 14.27 -73.71
C ASP B 568 15.41 13.43 -73.38
N ALA B 569 16.53 13.64 -74.08
CA ALA B 569 17.82 13.02 -73.79
C ALA B 569 18.37 13.35 -72.38
N GLU B 570 17.79 14.28 -71.63
CA GLU B 570 18.13 14.49 -70.21
C GLU B 570 17.82 13.27 -69.33
N GLY B 571 16.81 12.46 -69.67
CA GLY B 571 16.56 11.17 -69.04
C GLY B 571 17.76 10.23 -69.22
N PRO B 572 18.15 9.92 -70.47
CA PRO B 572 19.39 9.22 -70.79
C PRO B 572 20.66 9.78 -70.14
N ARG B 573 20.85 11.10 -70.13
CA ARG B 573 21.99 11.73 -69.43
C ARG B 573 21.93 11.53 -67.92
N THR B 574 20.74 11.45 -67.34
CA THR B 574 20.56 11.08 -65.92
C THR B 574 20.87 9.60 -65.71
N ALA B 575 20.48 8.72 -66.63
CA ALA B 575 20.76 7.28 -66.54
C ALA B 575 22.27 6.97 -66.55
N ARG B 576 23.08 7.73 -67.31
CA ARG B 576 24.56 7.69 -67.23
C ARG B 576 25.07 7.86 -65.80
N GLY B 577 24.46 8.78 -65.05
CA GLY B 577 24.77 9.05 -63.65
C GLY B 577 24.30 7.96 -62.70
N LEU B 578 23.13 7.36 -62.91
CA LEU B 578 22.66 6.28 -62.05
C LEU B 578 23.63 5.10 -61.99
N TYR B 579 24.33 4.80 -63.09
CA TYR B 579 25.31 3.71 -63.16
C TYR B 579 26.52 3.94 -62.24
N GLU B 580 26.84 5.19 -61.93
CA GLU B 580 27.81 5.55 -60.88
C GLU B 580 27.18 5.62 -59.49
N ALA B 581 25.91 6.02 -59.39
CA ALA B 581 25.25 6.33 -58.13
C ALA B 581 24.91 5.10 -57.26
N PHE B 582 24.30 4.06 -57.84
CA PHE B 582 23.69 2.96 -57.06
C PHE B 582 24.05 1.58 -57.61
N PRO B 583 24.37 0.56 -56.77
CA PRO B 583 24.83 -0.74 -57.24
C PRO B 583 23.80 -1.54 -58.04
N ALA B 584 22.56 -1.63 -57.55
CA ALA B 584 21.57 -2.54 -58.14
C ALA B 584 21.23 -2.18 -59.61
N PHE B 585 21.28 -0.90 -59.97
CA PHE B 585 21.05 -0.45 -61.34
C PHE B 585 22.11 -0.99 -62.29
N ALA B 586 23.38 -0.98 -61.88
CA ALA B 586 24.46 -1.51 -62.70
C ALA B 586 24.35 -3.04 -62.84
N GLU B 587 24.04 -3.75 -61.76
CA GLU B 587 23.84 -5.20 -61.81
C GLU B 587 22.67 -5.60 -62.72
N ALA B 588 21.60 -4.81 -62.73
CA ALA B 588 20.49 -5.00 -63.65
C ALA B 588 20.86 -4.67 -65.10
N LEU B 589 21.42 -3.48 -65.34
CA LEU B 589 21.61 -2.99 -66.71
C LEU B 589 22.67 -3.80 -67.47
N ASP B 590 23.70 -4.30 -66.78
CA ASP B 590 24.66 -5.23 -67.39
C ASP B 590 23.98 -6.52 -67.89
N GLU B 591 23.09 -7.12 -67.11
CA GLU B 591 22.36 -8.34 -67.49
C GLU B 591 21.37 -8.07 -68.63
N VAL B 592 20.62 -6.97 -68.53
CA VAL B 592 19.59 -6.59 -69.51
C VAL B 592 20.20 -6.31 -70.88
N THR B 593 21.31 -5.58 -70.92
CA THR B 593 21.91 -5.16 -72.20
C THR B 593 22.33 -6.36 -73.03
N GLU B 594 22.89 -7.42 -72.43
CA GLU B 594 23.44 -8.55 -73.19
C GLU B 594 22.37 -9.38 -73.90
N HIS B 595 21.22 -9.59 -73.27
CA HIS B 595 20.09 -10.29 -73.88
C HIS B 595 19.56 -9.55 -75.12
N LEU B 596 19.54 -8.21 -75.07
CA LEU B 596 19.20 -7.38 -76.24
C LEU B 596 20.31 -7.42 -77.30
N ALA B 597 21.58 -7.33 -76.88
CA ALA B 597 22.72 -7.41 -77.78
C ALA B 597 22.76 -8.73 -78.57
N GLY B 598 22.34 -9.83 -77.96
CA GLY B 598 22.24 -11.13 -78.62
C GLY B 598 21.34 -11.16 -79.87
N LEU B 599 20.45 -10.17 -80.04
CA LEU B 599 19.60 -10.00 -81.21
C LEU B 599 19.92 -8.74 -82.04
N LEU B 600 20.92 -7.94 -81.63
CA LEU B 600 21.19 -6.60 -82.18
C LEU B 600 22.66 -6.27 -82.50
N GLY B 601 23.63 -7.01 -81.96
CA GLY B 601 25.06 -6.75 -82.18
C GLY B 601 25.64 -5.61 -81.33
N PRO B 602 26.86 -5.13 -81.64
CA PRO B 602 27.60 -4.21 -80.78
C PRO B 602 27.02 -2.79 -80.72
N GLU B 603 26.21 -2.36 -81.69
CA GLU B 603 25.62 -1.02 -81.68
C GLU B 603 24.74 -0.74 -80.45
N VAL B 604 23.91 -1.71 -79.99
CA VAL B 604 23.08 -1.48 -78.79
C VAL B 604 23.94 -1.38 -77.54
N ARG B 605 25.04 -2.12 -77.45
CA ARG B 605 25.99 -1.97 -76.32
C ARG B 605 26.62 -0.59 -76.34
N ALA B 606 27.03 -0.11 -77.50
CA ALA B 606 27.56 1.24 -77.65
C ALA B 606 26.54 2.32 -77.22
N ALA B 607 25.25 2.11 -77.50
CA ALA B 607 24.19 3.00 -77.04
C ALA B 607 23.94 2.92 -75.52
N VAL B 608 23.60 1.75 -74.97
CA VAL B 608 23.22 1.62 -73.55
C VAL B 608 24.38 1.94 -72.60
N ARG B 609 25.63 1.76 -73.03
CA ARG B 609 26.82 2.21 -72.29
C ARG B 609 26.88 3.74 -72.10
N GLU B 610 26.31 4.50 -73.02
CA GLU B 610 26.37 5.96 -73.07
C GLU B 610 25.14 6.53 -73.80
N PRO B 611 23.92 6.41 -73.22
CA PRO B 611 22.67 6.67 -73.92
C PRO B 611 22.43 8.17 -74.14
N GLY B 612 21.66 8.53 -75.17
CA GLY B 612 21.57 9.90 -75.69
C GLY B 612 20.48 10.06 -76.76
N PRO B 613 20.70 10.84 -77.83
CA PRO B 613 19.65 11.15 -78.81
C PRO B 613 18.99 9.94 -79.46
N ALA B 614 19.69 8.81 -79.58
CA ALA B 614 19.13 7.55 -80.09
C ALA B 614 17.90 7.07 -79.29
N CYS B 615 17.78 7.41 -78.00
CA CYS B 615 16.64 7.04 -77.16
C CYS B 615 15.32 7.71 -77.60
N ALA B 616 15.38 8.85 -78.29
CA ALA B 616 14.21 9.53 -78.84
C ALA B 616 13.75 8.96 -80.21
N GLU B 617 14.57 8.15 -80.86
CA GLU B 617 14.29 7.65 -82.21
C GLU B 617 13.39 6.41 -82.19
N PRO B 618 12.36 6.30 -83.05
CA PRO B 618 11.50 5.11 -83.21
C PRO B 618 12.19 3.92 -83.91
N THR B 619 13.52 3.81 -83.85
CA THR B 619 14.32 2.77 -84.51
C THR B 619 14.41 1.47 -83.71
N VAL B 620 14.87 0.36 -84.30
CA VAL B 620 15.04 -0.90 -83.54
C VAL B 620 16.04 -0.71 -82.40
N VAL B 621 17.14 0.01 -82.66
CA VAL B 621 18.10 0.36 -81.60
C VAL B 621 17.44 1.23 -80.53
N GLY B 622 16.78 2.32 -80.90
CA GLY B 622 16.16 3.24 -79.94
C GLY B 622 15.14 2.55 -79.04
N GLN B 623 14.28 1.71 -79.61
CA GLN B 623 13.28 0.97 -78.86
C GLN B 623 13.89 -0.04 -77.89
N ALA B 624 14.99 -0.69 -78.30
CA ALA B 624 15.71 -1.60 -77.41
C ALA B 624 16.36 -0.84 -76.26
N VAL B 625 16.98 0.31 -76.51
CA VAL B 625 17.54 1.14 -75.43
C VAL B 625 16.47 1.57 -74.45
N ALA B 626 15.29 1.97 -74.93
CA ALA B 626 14.17 2.32 -74.07
C ALA B 626 13.72 1.14 -73.21
N PHE B 627 13.57 -0.05 -73.78
CA PHE B 627 13.24 -1.24 -73.01
C PHE B 627 14.34 -1.60 -72.01
N ALA B 628 15.61 -1.37 -72.35
CA ALA B 628 16.73 -1.63 -71.47
C ALA B 628 16.62 -0.79 -70.19
N LEU B 629 16.56 0.53 -70.35
CA LEU B 629 16.52 1.45 -69.23
C LEU B 629 15.25 1.28 -68.39
N ASN B 630 14.09 1.01 -69.00
CA ASN B 630 12.86 0.72 -68.26
C ASN B 630 13.00 -0.55 -67.41
N THR B 631 13.60 -1.61 -67.96
CA THR B 631 13.81 -2.84 -67.21
C THR B 631 14.78 -2.61 -66.05
N ALA B 632 15.79 -1.77 -66.23
CA ALA B 632 16.73 -1.44 -65.16
C ALA B 632 16.05 -0.65 -64.04
N LEU B 633 15.29 0.41 -64.34
CA LEU B 633 14.61 1.17 -63.30
C LEU B 633 13.57 0.33 -62.53
N HIS B 634 12.88 -0.61 -63.16
CA HIS B 634 11.97 -1.49 -62.41
C HIS B 634 12.73 -2.32 -61.36
N ARG B 635 13.89 -2.87 -61.72
CA ARG B 635 14.76 -3.58 -60.77
C ARG B 635 15.34 -2.65 -59.70
N LEU B 636 15.59 -1.38 -60.01
CA LEU B 636 15.98 -0.37 -59.03
C LEU B 636 14.86 -0.11 -58.02
N LEU B 637 13.68 0.36 -58.43
CA LEU B 637 12.61 0.69 -57.50
C LEU B 637 12.14 -0.51 -56.67
N THR B 638 12.12 -1.72 -57.26
CA THR B 638 11.82 -2.93 -56.51
C THR B 638 12.94 -3.35 -55.55
N ALA B 639 14.20 -2.98 -55.77
CA ALA B 639 15.25 -3.12 -54.76
C ALA B 639 15.09 -2.14 -53.59
N PHE B 640 14.51 -0.96 -53.84
CA PHE B 640 14.10 0.01 -52.81
C PHE B 640 12.74 -0.35 -52.16
N ALA B 641 12.21 -1.53 -52.45
CA ALA B 641 10.97 -2.09 -51.89
C ALA B 641 9.65 -1.39 -52.29
N VAL B 642 9.63 -0.57 -53.35
CA VAL B 642 8.37 -0.15 -53.98
C VAL B 642 7.84 -1.30 -54.84
N ARG B 643 6.61 -1.77 -54.61
CA ARG B 643 5.97 -2.86 -55.37
C ARG B 643 4.62 -2.39 -55.94
N PRO B 644 4.33 -2.55 -57.24
CA PRO B 644 3.09 -2.06 -57.83
C PRO B 644 1.88 -2.92 -57.47
N ASP B 645 0.70 -2.31 -57.38
CA ASP B 645 -0.60 -2.97 -57.38
C ASP B 645 -1.26 -3.04 -58.77
N ALA B 646 -0.75 -2.27 -59.74
CA ALA B 646 -1.08 -2.34 -61.15
C ALA B 646 0.07 -1.78 -62.01
N THR B 647 0.14 -2.17 -63.28
CA THR B 647 1.08 -1.62 -64.26
C THR B 647 0.35 -1.21 -65.54
N LEU B 648 0.73 -0.08 -66.13
CA LEU B 648 0.10 0.45 -67.34
C LEU B 648 1.19 0.91 -68.30
N GLY B 649 1.05 0.56 -69.57
CA GLY B 649 2.08 0.78 -70.58
C GLY B 649 1.53 1.36 -71.87
N HIS B 650 2.18 2.42 -72.35
CA HIS B 650 1.85 3.15 -73.58
C HIS B 650 2.81 2.73 -74.70
N GLY B 651 2.29 2.38 -75.87
CA GLY B 651 3.11 1.84 -76.97
C GLY B 651 3.87 0.58 -76.55
N ALA B 652 5.14 0.47 -76.95
CA ALA B 652 6.02 -0.61 -76.50
C ALA B 652 6.19 -0.66 -74.97
N GLY B 653 5.85 0.40 -74.25
CA GLY B 653 5.77 0.39 -72.78
C GLY B 653 4.86 -0.69 -72.23
N GLU B 654 3.93 -1.27 -73.02
CA GLU B 654 3.21 -2.45 -72.58
C GLU B 654 4.14 -3.67 -72.40
N VAL B 655 5.15 -3.85 -73.26
CA VAL B 655 6.08 -4.97 -73.11
C VAL B 655 6.90 -4.80 -71.82
N ALA B 656 7.29 -3.57 -71.49
CA ALA B 656 7.94 -3.29 -70.23
C ALA B 656 7.00 -3.55 -69.04
N ALA B 657 5.77 -3.02 -69.10
CA ALA B 657 4.77 -3.22 -68.05
C ALA B 657 4.44 -4.70 -67.84
N ALA B 658 4.52 -5.50 -68.89
CA ALA B 658 4.29 -6.94 -68.85
C ALA B 658 5.45 -7.67 -68.17
N TYR B 659 6.69 -7.35 -68.52
CA TYR B 659 7.86 -7.86 -67.81
C TYR B 659 7.79 -7.51 -66.32
N ALA B 660 7.42 -6.28 -66.01
CA ALA B 660 7.29 -5.81 -64.63
C ALA B 660 6.22 -6.60 -63.86
N ALA B 661 5.13 -6.98 -64.52
CA ALA B 661 4.06 -7.81 -63.96
C ALA B 661 4.39 -9.32 -63.92
N GLY B 662 5.57 -9.73 -64.39
CA GLY B 662 6.03 -11.13 -64.39
C GLY B 662 5.53 -11.98 -65.56
N ALA B 663 4.95 -11.37 -66.61
CA ALA B 663 4.28 -12.09 -67.68
C ALA B 663 5.21 -12.71 -68.74
N LEU B 664 6.48 -12.30 -68.78
CA LEU B 664 7.51 -12.74 -69.73
C LEU B 664 8.87 -12.95 -69.01
N SER B 665 9.78 -13.75 -69.56
CA SER B 665 11.20 -13.69 -69.18
C SER B 665 11.91 -12.56 -69.94
N LEU B 666 13.11 -12.18 -69.48
CA LEU B 666 13.95 -11.22 -70.19
C LEU B 666 14.29 -11.69 -71.62
N ALA B 667 14.47 -13.00 -71.82
CA ALA B 667 14.70 -13.57 -73.13
C ALA B 667 13.47 -13.48 -74.06
N ASP B 668 12.26 -13.68 -73.56
CA ASP B 668 11.06 -13.46 -74.37
C ASP B 668 10.92 -11.97 -74.75
N GLY B 669 11.17 -11.09 -73.79
CA GLY B 669 11.08 -9.65 -74.01
C GLY B 669 11.95 -9.20 -75.18
N ALA B 670 13.22 -9.57 -75.21
CA ALA B 670 14.14 -9.13 -76.25
C ALA B 670 13.65 -9.44 -77.67
N ALA B 671 13.07 -10.62 -77.88
CA ALA B 671 12.44 -10.97 -79.16
C ALA B 671 11.25 -10.05 -79.46
N LEU B 672 10.27 -9.96 -78.54
CA LEU B 672 9.06 -9.16 -78.76
C LEU B 672 9.37 -7.67 -78.99
N VAL B 673 10.35 -7.15 -78.25
CA VAL B 673 10.83 -5.77 -78.39
C VAL B 673 11.41 -5.56 -79.77
N THR B 674 12.30 -6.44 -80.23
CA THR B 674 12.97 -6.24 -81.52
C THR B 674 12.00 -6.42 -82.68
N ALA B 675 11.02 -7.31 -82.56
CA ALA B 675 9.95 -7.46 -83.55
C ALA B 675 9.10 -6.18 -83.68
N LEU B 676 8.58 -5.68 -82.56
CA LEU B 676 7.80 -4.44 -82.56
C LEU B 676 8.64 -3.24 -82.99
N GLY B 677 9.94 -3.24 -82.71
CA GLY B 677 10.90 -2.26 -83.23
C GLY B 677 10.92 -2.23 -84.76
N ARG B 678 11.10 -3.37 -85.43
CA ARG B 678 11.10 -3.42 -86.91
C ARG B 678 9.76 -2.95 -87.48
N ILE B 679 8.64 -3.34 -86.90
CA ILE B 679 7.33 -2.88 -87.33
C ILE B 679 7.23 -1.35 -87.18
N THR B 680 7.72 -0.81 -86.06
CA THR B 680 7.77 0.64 -85.80
C THR B 680 8.63 1.34 -86.84
N GLU B 681 9.76 0.77 -87.27
CA GLU B 681 10.58 1.32 -88.36
C GLU B 681 9.78 1.38 -89.66
N ARG B 682 9.08 0.31 -90.04
CA ARG B 682 8.30 0.28 -91.29
C ARG B 682 7.20 1.35 -91.31
N VAL B 683 6.57 1.60 -90.16
CA VAL B 683 5.65 2.74 -90.00
C VAL B 683 6.40 4.07 -90.11
N ALA B 684 7.44 4.29 -89.30
CA ALA B 684 8.11 5.59 -89.18
C ALA B 684 8.87 6.01 -90.46
N THR B 685 9.31 5.05 -91.26
CA THR B 685 9.92 5.28 -92.58
C THR B 685 8.91 5.47 -93.72
N GLY B 686 7.61 5.26 -93.48
CA GLY B 686 6.56 5.39 -94.49
C GLY B 686 6.25 6.84 -94.92
N PRO B 687 5.36 7.03 -95.92
CA PRO B 687 5.08 8.34 -96.52
C PRO B 687 4.18 9.25 -95.68
N GLY B 688 3.54 8.72 -94.64
CA GLY B 688 2.58 9.44 -93.79
C GLY B 688 3.20 10.36 -92.73
N ALA B 689 2.32 10.99 -91.94
CA ALA B 689 2.67 12.01 -90.96
C ALA B 689 1.69 12.04 -89.76
N SER B 690 1.86 12.98 -88.83
CA SER B 690 0.95 13.27 -87.73
C SER B 690 1.06 14.73 -87.26
N VAL B 691 0.01 15.22 -86.58
CA VAL B 691 -0.04 16.50 -85.83
C VAL B 691 -0.92 16.35 -84.60
N TRP B 692 -0.64 17.10 -83.53
CA TRP B 692 -1.57 17.27 -82.41
C TRP B 692 -2.59 18.38 -82.71
N VAL B 693 -3.77 18.30 -82.10
CA VAL B 693 -4.82 19.31 -82.20
C VAL B 693 -5.37 19.63 -80.80
N ARG B 694 -5.56 20.91 -80.45
CA ARG B 694 -6.21 21.33 -79.20
C ARG B 694 -7.75 21.27 -79.32
N ALA B 695 -8.25 20.06 -79.50
CA ALA B 695 -9.67 19.74 -79.57
C ALA B 695 -9.91 18.34 -79.01
N THR B 696 -11.07 18.12 -78.39
CA THR B 696 -11.38 16.85 -77.71
C THR B 696 -11.83 15.76 -78.68
N GLU B 697 -11.95 14.51 -78.24
CA GLU B 697 -12.22 13.38 -79.13
C GLU B 697 -13.51 13.56 -79.94
N ASP B 698 -14.62 13.94 -79.30
CA ASP B 698 -15.89 14.16 -79.98
C ASP B 698 -15.90 15.40 -80.89
N GLU B 699 -14.98 16.34 -80.72
CA GLU B 699 -14.78 17.44 -81.67
C GLU B 699 -14.04 16.95 -82.93
N VAL B 700 -12.87 16.33 -82.75
CA VAL B 700 -12.00 15.91 -83.85
C VAL B 700 -12.64 14.77 -84.65
N ARG B 701 -13.21 13.77 -83.98
CA ARG B 701 -13.83 12.62 -84.64
C ARG B 701 -15.04 13.01 -85.48
N ALA B 702 -15.83 13.98 -85.03
CA ALA B 702 -16.91 14.56 -85.83
C ALA B 702 -16.36 15.29 -87.07
N ALA B 703 -15.36 16.16 -86.90
CA ALA B 703 -14.79 16.93 -88.01
C ALA B 703 -14.15 16.05 -89.09
N LEU B 704 -13.45 14.98 -88.72
CA LEU B 704 -12.92 13.98 -89.67
C LEU B 704 -14.03 13.36 -90.53
N SER B 705 -15.19 13.07 -89.92
CA SER B 705 -16.37 12.55 -90.62
C SER B 705 -17.03 13.59 -91.53
N GLY B 706 -17.33 14.79 -91.01
CA GLY B 706 -18.01 15.86 -91.75
C GLY B 706 -17.19 16.44 -92.92
N SER B 707 -15.87 16.48 -92.80
CA SER B 707 -14.94 16.86 -93.89
C SER B 707 -14.65 15.71 -94.87
N GLN B 708 -15.03 14.47 -94.53
CA GLN B 708 -14.59 13.22 -95.17
C GLN B 708 -13.07 12.99 -95.17
N GLU B 709 -12.27 13.79 -94.46
CA GLU B 709 -10.84 13.50 -94.31
C GLU B 709 -10.55 12.24 -93.48
N GLN B 710 -11.57 11.64 -92.84
CA GLN B 710 -11.53 10.26 -92.32
C GLN B 710 -11.10 9.21 -93.37
N VAL B 711 -11.20 9.51 -94.67
CA VAL B 711 -10.68 8.66 -95.75
C VAL B 711 -9.15 8.61 -95.76
N GLY B 712 -8.47 9.66 -95.28
CA GLY B 712 -7.00 9.79 -95.29
C GLY B 712 -6.33 9.89 -93.92
N ALA B 713 -7.08 10.10 -92.84
CA ALA B 713 -6.55 10.31 -91.49
C ALA B 713 -7.47 9.75 -90.39
N ALA B 714 -6.92 9.50 -89.20
CA ALA B 714 -7.65 9.00 -88.03
C ALA B 714 -7.04 9.48 -86.72
N VAL B 715 -7.80 9.43 -85.62
CA VAL B 715 -7.30 9.78 -84.29
C VAL B 715 -6.37 8.67 -83.80
N ALA B 716 -5.08 8.97 -83.67
CA ALA B 716 -4.06 8.01 -83.25
C ALA B 716 -3.95 7.88 -81.73
N ALA B 717 -4.05 8.98 -80.99
CA ALA B 717 -3.82 8.99 -79.53
C ALA B 717 -4.71 9.97 -78.76
N VAL B 718 -5.09 9.56 -77.54
CA VAL B 718 -6.06 10.22 -76.66
C VAL B 718 -5.51 10.18 -75.24
N ASP B 719 -4.61 11.10 -74.94
CA ASP B 719 -3.74 11.05 -73.75
C ASP B 719 -3.95 12.19 -72.73
N GLU B 720 -4.73 13.21 -73.07
CA GLU B 720 -5.24 14.22 -72.14
C GLU B 720 -6.60 14.72 -72.60
N PRO B 721 -7.48 15.25 -71.75
CA PRO B 721 -8.85 15.54 -72.14
C PRO B 721 -9.00 16.58 -73.26
N GLY B 722 -8.09 17.55 -73.31
CA GLY B 722 -8.18 18.70 -74.21
C GLY B 722 -7.42 18.59 -75.53
N THR B 723 -6.65 17.52 -75.78
CA THR B 723 -5.89 17.35 -77.02
C THR B 723 -5.88 15.91 -77.51
N THR B 724 -5.66 15.75 -78.81
CA THR B 724 -5.56 14.45 -79.49
C THR B 724 -4.56 14.53 -80.63
N VAL B 725 -4.01 13.40 -81.06
CA VAL B 725 -3.08 13.34 -82.21
C VAL B 725 -3.79 12.69 -83.38
N VAL B 726 -3.74 13.32 -84.56
CA VAL B 726 -4.30 12.80 -85.82
C VAL B 726 -3.15 12.41 -86.76
N SER B 727 -3.25 11.26 -87.43
CA SER B 727 -2.18 10.71 -88.27
C SER B 727 -2.73 10.03 -89.53
N GLY B 728 -1.90 9.91 -90.57
CA GLY B 728 -2.26 9.31 -91.85
C GLY B 728 -1.50 9.92 -93.03
N ASP B 729 -2.19 10.14 -94.15
CA ASP B 729 -1.68 10.88 -95.31
C ASP B 729 -1.25 12.31 -94.94
N ALA B 730 -0.06 12.74 -95.38
CA ALA B 730 0.44 14.08 -95.14
C ALA B 730 -0.49 15.19 -95.68
N GLY B 731 -1.20 14.95 -96.79
CA GLY B 731 -2.24 15.85 -97.28
C GLY B 731 -3.43 15.97 -96.32
N ALA B 732 -4.05 14.85 -95.97
CA ALA B 732 -5.17 14.83 -95.02
C ALA B 732 -4.79 15.44 -93.66
N VAL B 733 -3.58 15.14 -93.16
CA VAL B 733 -3.04 15.70 -91.91
C VAL B 733 -2.93 17.22 -91.99
N ALA B 734 -2.44 17.76 -93.10
CA ALA B 734 -2.39 19.21 -93.30
C ALA B 734 -3.79 19.83 -93.39
N ARG B 735 -4.75 19.18 -94.06
CA ARG B 735 -6.14 19.66 -94.11
C ARG B 735 -6.79 19.70 -92.73
N VAL B 736 -6.60 18.67 -91.90
CA VAL B 736 -7.11 18.64 -90.52
C VAL B 736 -6.53 19.78 -89.70
N ALA B 737 -5.24 20.05 -89.81
CA ALA B 737 -4.60 21.18 -89.14
C ALA B 737 -5.19 22.52 -89.62
N ALA B 738 -5.39 22.69 -90.93
CA ALA B 738 -5.98 23.91 -91.47
C ALA B 738 -7.41 24.15 -90.96
N HIS B 739 -8.25 23.11 -90.90
CA HIS B 739 -9.61 23.19 -90.34
C HIS B 739 -9.63 23.70 -88.90
N TRP B 740 -8.76 23.19 -88.03
CA TRP B 740 -8.71 23.61 -86.62
C TRP B 740 -7.98 24.93 -86.36
N ARG B 741 -7.06 25.34 -87.25
CA ARG B 741 -6.60 26.75 -87.28
C ARG B 741 -7.73 27.71 -87.65
N ALA B 742 -8.64 27.33 -88.55
CA ALA B 742 -9.76 28.20 -88.92
C ALA B 742 -10.72 28.48 -87.74
N HIS B 743 -10.93 27.51 -86.85
CA HIS B 743 -11.65 27.70 -85.58
C HIS B 743 -10.82 28.40 -84.49
N GLY B 744 -9.55 28.73 -84.73
CA GLY B 744 -8.69 29.42 -83.77
C GLY B 744 -8.13 28.52 -82.64
N ARG B 745 -8.15 27.20 -82.80
CA ARG B 745 -7.44 26.27 -81.90
C ARG B 745 -5.93 26.23 -82.22
N ALA B 746 -5.10 25.87 -81.23
CA ALA B 746 -3.69 25.57 -81.46
C ALA B 746 -3.50 24.23 -82.20
N THR B 747 -2.44 24.13 -83.01
CA THR B 747 -2.11 22.94 -83.80
C THR B 747 -0.61 22.68 -83.83
N GLY B 748 -0.21 21.41 -83.84
CA GLY B 748 1.20 21.01 -83.90
C GLY B 748 1.82 21.12 -85.29
N ALA B 749 3.14 21.25 -85.32
CA ALA B 749 3.96 21.07 -86.52
C ALA B 749 3.93 19.60 -86.99
N PRO B 750 4.19 19.31 -88.28
CA PRO B 750 4.21 17.94 -88.79
C PRO B 750 5.34 17.11 -88.19
N ARG B 751 5.03 15.84 -87.89
CA ARG B 751 5.93 14.78 -87.38
C ARG B 751 5.60 13.45 -88.06
N PRO B 752 6.42 12.39 -87.95
CA PRO B 752 6.18 11.11 -88.63
C PRO B 752 4.85 10.42 -88.28
N ALA B 753 4.50 9.38 -89.03
CA ALA B 753 3.31 8.55 -88.81
C ALA B 753 3.37 7.71 -87.52
N ARG B 754 2.19 7.38 -86.98
CA ARG B 754 2.04 6.66 -85.71
C ARG B 754 1.00 5.52 -85.76
N LEU B 755 0.60 5.12 -86.96
CA LEU B 755 -0.38 4.05 -87.26
C LEU B 755 0.10 3.25 -88.47
N LEU B 756 -0.41 2.03 -88.67
CA LEU B 756 -0.26 1.37 -89.99
C LEU B 756 -0.87 2.26 -91.07
N LEU B 757 -0.15 2.46 -92.18
CA LEU B 757 -0.56 3.35 -93.28
C LEU B 757 -1.32 2.62 -94.40
N SER B 758 -1.18 1.30 -94.48
CA SER B 758 -1.90 0.45 -95.44
C SER B 758 -2.22 -0.92 -94.83
N PRO B 759 -3.28 -1.63 -95.26
CA PRO B 759 -3.44 -3.06 -95.00
C PRO B 759 -2.26 -3.91 -95.47
N ASP B 760 -1.43 -3.42 -96.40
CA ASP B 760 -0.15 -4.07 -96.76
C ASP B 760 0.79 -4.20 -95.54
N ASP B 761 0.85 -3.15 -94.71
CA ASP B 761 1.62 -3.17 -93.46
C ASP B 761 1.02 -4.19 -92.49
N GLU B 762 -0.32 -4.28 -92.42
CA GLU B 762 -0.99 -5.25 -91.55
C GLU B 762 -0.67 -6.69 -91.95
N GLN B 763 -0.69 -7.02 -93.24
CA GLN B 763 -0.37 -8.38 -93.68
C GLN B 763 1.10 -8.71 -93.39
N ALA B 764 2.01 -7.75 -93.64
CA ALA B 764 3.42 -7.90 -93.30
C ALA B 764 3.62 -8.10 -91.78
N ALA B 765 2.90 -7.34 -90.95
CA ALA B 765 2.96 -7.48 -89.51
C ALA B 765 2.37 -8.81 -89.02
N LEU B 766 1.26 -9.26 -89.61
CA LEU B 766 0.68 -10.59 -89.31
C LEU B 766 1.64 -11.71 -89.71
N ALA B 767 2.37 -11.56 -90.81
CA ALA B 767 3.39 -12.52 -91.25
C ALA B 767 4.59 -12.56 -90.29
N GLU B 768 4.99 -11.44 -89.69
CA GLU B 768 6.07 -11.41 -88.71
C GLU B 768 5.62 -11.88 -87.32
N LEU B 769 4.58 -11.25 -86.75
CA LEU B 769 4.27 -11.36 -85.33
C LEU B 769 3.84 -12.77 -84.93
N ARG B 770 2.97 -13.42 -85.69
CA ARG B 770 2.30 -14.67 -85.24
C ARG B 770 3.31 -15.77 -84.91
N ALA B 771 4.31 -15.96 -85.77
CA ALA B 771 5.35 -16.95 -85.55
C ALA B 771 6.19 -16.64 -84.29
N ILE B 772 6.53 -15.36 -84.06
CA ILE B 772 7.31 -14.93 -82.91
C ILE B 772 6.48 -15.11 -81.63
N VAL B 773 5.28 -14.54 -81.60
CA VAL B 773 4.37 -14.55 -80.45
C VAL B 773 4.06 -15.96 -79.99
N ALA B 774 3.85 -16.90 -80.92
CA ALA B 774 3.65 -18.31 -80.61
C ALA B 774 4.87 -19.01 -79.97
N GLY B 775 6.07 -18.43 -80.09
CA GLY B 775 7.31 -18.91 -79.47
C GLY B 775 7.63 -18.32 -78.09
N LEU B 776 6.99 -17.21 -77.69
CA LEU B 776 7.24 -16.55 -76.40
C LEU B 776 6.62 -17.34 -75.23
N ALA B 777 7.37 -17.53 -74.14
CA ALA B 777 6.94 -18.31 -72.99
C ALA B 777 6.06 -17.51 -72.00
N PHE B 778 4.93 -16.97 -72.46
CA PHE B 778 4.01 -16.19 -71.63
C PHE B 778 3.49 -16.97 -70.41
N ARG B 779 3.26 -16.25 -69.31
CA ARG B 779 2.64 -16.76 -68.07
C ARG B 779 1.70 -15.70 -67.46
N GLU B 780 0.73 -16.12 -66.67
CA GLU B 780 -0.28 -15.22 -66.12
C GLU B 780 0.32 -14.25 -65.08
N PRO B 781 -0.09 -12.98 -65.05
CA PRO B 781 0.62 -11.92 -64.32
C PRO B 781 0.37 -11.93 -62.81
N GLU B 782 1.34 -11.44 -62.05
CA GLU B 782 1.27 -11.38 -60.58
C GLU B 782 0.30 -10.32 -60.06
N VAL B 783 0.15 -9.20 -60.79
CA VAL B 783 -0.75 -8.07 -60.52
C VAL B 783 -1.29 -7.56 -61.86
N PRO B 784 -2.46 -6.92 -61.92
CA PRO B 784 -3.11 -6.61 -63.19
C PRO B 784 -2.32 -5.64 -64.08
N LEU B 785 -2.10 -6.03 -65.34
CA LEU B 785 -1.77 -5.10 -66.42
C LEU B 785 -3.03 -4.33 -66.85
N LEU B 786 -2.85 -3.11 -67.31
CA LEU B 786 -3.77 -2.40 -68.21
C LEU B 786 -3.02 -2.08 -69.52
N SER B 787 -3.73 -2.11 -70.65
CA SER B 787 -3.13 -1.86 -71.98
C SER B 787 -3.73 -0.62 -72.62
N THR B 788 -2.94 0.21 -73.28
CA THR B 788 -3.47 1.37 -74.00
C THR B 788 -4.24 1.02 -75.27
N VAL B 789 -4.30 -0.25 -75.67
CA VAL B 789 -5.24 -0.72 -76.71
C VAL B 789 -6.68 -0.66 -76.20
N THR B 790 -6.88 -1.05 -74.94
CA THR B 790 -8.19 -1.35 -74.35
C THR B 790 -8.62 -0.33 -73.29
N GLY B 791 -7.69 0.27 -72.55
CA GLY B 791 -7.93 0.93 -71.26
C GLY B 791 -8.27 -0.08 -70.15
N GLN B 792 -9.11 -1.07 -70.46
CA GLN B 792 -9.45 -2.21 -69.62
C GLN B 792 -8.26 -3.18 -69.42
N PRO B 793 -8.32 -4.11 -68.44
CA PRO B 793 -7.32 -5.16 -68.24
C PRO B 793 -7.14 -6.10 -69.43
N VAL B 794 -6.14 -6.98 -69.35
CA VAL B 794 -5.79 -7.96 -70.39
C VAL B 794 -6.25 -9.37 -69.98
N GLU B 795 -7.00 -10.05 -70.85
CA GLU B 795 -7.35 -11.47 -70.70
C GLU B 795 -6.18 -12.38 -71.18
N PRO B 796 -5.93 -13.57 -70.61
CA PRO B 796 -4.78 -14.39 -71.02
C PRO B 796 -4.78 -14.77 -72.51
N ALA B 797 -5.96 -14.98 -73.10
CA ALA B 797 -6.11 -15.23 -74.53
C ALA B 797 -5.72 -14.01 -75.40
N GLU B 798 -5.84 -12.80 -74.89
CA GLU B 798 -5.36 -11.59 -75.56
C GLU B 798 -3.84 -11.48 -75.43
N LEU B 799 -3.27 -11.81 -74.27
CA LEU B 799 -1.83 -11.76 -74.02
C LEU B 799 -1.05 -12.60 -75.03
N ARG B 800 -1.56 -13.81 -75.34
CA ARG B 800 -0.97 -14.76 -76.30
C ARG B 800 -1.38 -14.53 -77.76
N SER B 801 -2.13 -13.48 -78.08
CA SER B 801 -2.62 -13.22 -79.45
C SER B 801 -1.86 -12.08 -80.13
N ALA B 802 -1.33 -12.33 -81.32
CA ALA B 802 -0.60 -11.31 -82.09
C ALA B 802 -1.49 -10.12 -82.48
N GLU B 803 -2.81 -10.31 -82.59
CA GLU B 803 -3.74 -9.24 -82.92
C GLU B 803 -3.77 -8.14 -81.85
N HIS B 804 -3.62 -8.52 -80.57
CA HIS B 804 -3.56 -7.56 -79.47
C HIS B 804 -2.34 -6.65 -79.59
N TRP B 805 -1.15 -7.24 -79.76
CA TRP B 805 0.07 -6.47 -79.92
C TRP B 805 0.07 -5.62 -81.20
N LEU B 806 -0.52 -6.12 -82.28
CA LEU B 806 -0.68 -5.35 -83.52
C LEU B 806 -1.66 -4.18 -83.37
N ASP B 807 -2.60 -4.23 -82.41
CA ASP B 807 -3.49 -3.11 -82.14
C ASP B 807 -2.81 -1.91 -81.48
N HIS B 808 -1.52 -1.99 -81.10
CA HIS B 808 -0.75 -0.76 -80.86
C HIS B 808 -0.56 0.07 -82.13
N LEU B 809 -0.54 -0.57 -83.31
CA LEU B 809 -0.36 0.11 -84.59
C LEU B 809 -1.68 0.34 -85.35
N ARG B 810 -2.77 -0.35 -84.99
CA ARG B 810 -4.10 -0.17 -85.61
C ARG B 810 -5.02 0.65 -84.70
N GLY B 811 -5.60 1.72 -85.24
CA GLY B 811 -6.61 2.53 -84.55
C GLY B 811 -6.13 3.33 -83.33
N PRO B 812 -7.05 3.97 -82.59
CA PRO B 812 -6.73 4.88 -81.50
C PRO B 812 -6.04 4.22 -80.30
N THR B 813 -5.22 4.99 -79.60
CA THR B 813 -4.51 4.65 -78.36
C THR B 813 -5.16 5.40 -77.19
N ARG B 814 -5.53 4.72 -76.10
CA ARG B 814 -6.43 5.27 -75.08
C ARG B 814 -5.78 5.41 -73.70
N PHE B 815 -4.84 6.33 -73.54
CA PHE B 815 -4.19 6.54 -72.24
C PHE B 815 -5.12 7.22 -71.24
N LEU B 816 -6.02 8.11 -71.69
CA LEU B 816 -7.00 8.79 -70.83
C LEU B 816 -7.84 7.80 -70.02
N ASP B 817 -8.54 6.89 -70.71
CA ASP B 817 -9.38 5.88 -70.06
C ASP B 817 -8.58 4.88 -69.22
N GLY B 818 -7.32 4.62 -69.59
CA GLY B 818 -6.43 3.74 -68.83
C GLY B 818 -6.11 4.31 -67.45
N VAL B 819 -5.67 5.57 -67.40
CA VAL B 819 -5.35 6.23 -66.13
C VAL B 819 -6.60 6.33 -65.27
N ARG B 820 -7.76 6.69 -65.82
CA ARG B 820 -8.99 6.76 -65.03
C ARG B 820 -9.38 5.44 -64.41
N ARG B 821 -9.20 4.30 -65.08
CA ARG B 821 -9.50 3.00 -64.45
C ARG B 821 -8.60 2.71 -63.25
N LEU B 822 -7.35 3.16 -63.23
CA LEU B 822 -6.53 3.02 -62.02
C LEU B 822 -7.21 3.70 -60.83
N ARG B 823 -7.78 4.89 -61.03
CA ARG B 823 -8.41 5.67 -59.94
C ARG B 823 -9.78 5.17 -59.54
N THR B 824 -10.62 4.68 -60.47
CA THR B 824 -11.85 3.98 -60.05
C THR B 824 -11.52 2.78 -59.18
N ASP B 825 -10.46 2.06 -59.53
CA ASP B 825 -10.06 0.82 -58.88
C ASP B 825 -9.16 1.07 -57.64
N GLY B 826 -9.11 2.32 -57.15
CA GLY B 826 -8.56 2.67 -55.84
C GLY B 826 -7.12 3.19 -55.80
N VAL B 827 -6.36 3.17 -56.90
CA VAL B 827 -4.97 3.64 -56.91
C VAL B 827 -4.91 5.11 -56.49
N THR B 828 -4.08 5.40 -55.49
CA THR B 828 -4.04 6.70 -54.81
C THR B 828 -2.72 7.47 -55.06
N ARG B 829 -1.65 6.76 -55.45
CA ARG B 829 -0.36 7.32 -55.86
C ARG B 829 0.24 6.58 -57.05
N LEU B 830 0.98 7.29 -57.90
CA LEU B 830 1.21 6.88 -59.27
C LEU B 830 2.59 7.34 -59.74
N VAL B 831 3.49 6.39 -60.01
CA VAL B 831 4.92 6.64 -60.29
C VAL B 831 5.21 6.49 -61.78
N GLY B 832 5.92 7.43 -62.37
CA GLY B 832 6.31 7.40 -63.78
C GLY B 832 7.80 7.12 -63.97
N LEU B 833 8.14 6.16 -64.83
CA LEU B 833 9.54 5.89 -65.14
C LEU B 833 10.14 6.86 -66.17
N ASP B 834 9.31 7.53 -66.96
CA ASP B 834 9.58 8.82 -67.60
C ASP B 834 10.97 9.06 -68.24
N LEU B 835 11.54 8.04 -68.87
CA LEU B 835 12.77 8.13 -69.66
C LEU B 835 12.59 8.87 -71.00
N SER B 836 11.37 9.02 -71.48
CA SER B 836 10.97 9.89 -72.59
C SER B 836 9.46 10.19 -72.51
N GLY B 837 9.01 11.23 -73.20
CA GLY B 837 7.58 11.59 -73.28
C GLY B 837 6.96 12.19 -72.00
N ASP B 838 7.73 12.33 -70.92
CA ASP B 838 7.33 12.99 -69.67
C ASP B 838 5.96 12.49 -69.12
N LEU B 839 5.73 11.19 -69.20
CA LEU B 839 4.38 10.59 -69.14
C LEU B 839 3.59 10.93 -67.86
N THR B 840 4.25 11.24 -66.75
CA THR B 840 3.59 11.72 -65.53
C THR B 840 2.78 13.00 -65.76
N GLY B 841 3.17 13.87 -66.70
CA GLY B 841 2.43 15.09 -67.03
C GLY B 841 1.04 14.79 -67.60
N PRO B 842 0.93 14.10 -68.75
CA PRO B 842 -0.32 13.60 -69.28
C PRO B 842 -1.11 12.73 -68.29
N ALA B 843 -0.45 11.90 -67.49
CA ALA B 843 -1.13 11.16 -66.45
C ALA B 843 -1.84 12.09 -65.46
N GLY B 844 -1.16 13.10 -64.92
CA GLY B 844 -1.75 14.06 -64.01
C GLY B 844 -2.87 14.87 -64.64
N ARG B 845 -2.67 15.30 -65.90
CA ARG B 845 -3.66 16.01 -66.70
C ARG B 845 -4.95 15.21 -66.90
N SER B 846 -4.85 13.89 -67.06
CA SER B 846 -6.02 13.00 -67.08
C SER B 846 -6.60 12.78 -65.68
N ALA B 847 -5.75 12.54 -64.69
CA ALA B 847 -6.15 12.03 -63.38
C ALA B 847 -6.86 13.02 -62.47
N ALA B 848 -6.54 14.32 -62.53
CA ALA B 848 -7.05 15.31 -61.57
C ALA B 848 -8.52 15.72 -61.77
N GLY B 849 -9.05 15.60 -62.98
CA GLY B 849 -10.39 16.07 -63.36
C GLY B 849 -11.54 15.08 -63.16
N PHE B 850 -11.35 14.03 -62.36
CA PHE B 850 -12.25 12.87 -62.29
C PHE B 850 -12.33 12.25 -60.88
N GLY B 851 -13.43 11.54 -60.59
CA GLY B 851 -13.68 10.86 -59.32
C GLY B 851 -14.23 11.76 -58.22
N GLU B 852 -14.34 11.22 -57.01
CA GLU B 852 -14.79 11.95 -55.82
C GLU B 852 -13.80 13.08 -55.45
N PRO B 853 -14.27 14.32 -55.18
CA PRO B 853 -13.38 15.42 -54.88
C PRO B 853 -12.50 15.20 -53.64
N GLY B 854 -11.29 15.77 -53.65
CA GLY B 854 -10.42 15.85 -52.47
C GLY B 854 -9.59 14.60 -52.14
N ARG B 855 -9.70 13.51 -52.91
CA ARG B 855 -8.78 12.35 -52.83
C ARG B 855 -7.35 12.74 -53.21
N PRO B 856 -6.31 12.12 -52.61
CA PRO B 856 -4.93 12.34 -53.01
C PRO B 856 -4.62 11.89 -54.44
N LEU B 857 -3.51 12.41 -54.97
CA LEU B 857 -2.98 12.14 -56.30
C LEU B 857 -1.49 12.48 -56.31
N LEU B 858 -0.69 11.71 -55.59
CA LEU B 858 0.76 11.87 -55.55
C LEU B 858 1.37 11.35 -56.86
N LEU B 859 1.96 12.25 -57.62
CA LEU B 859 2.62 11.99 -58.89
C LEU B 859 4.12 12.19 -58.74
N ALA B 860 4.93 11.20 -59.07
CA ALA B 860 6.39 11.28 -58.99
C ALA B 860 7.04 10.68 -60.23
N SER B 861 8.03 11.36 -60.81
CA SER B 861 8.73 10.92 -62.01
C SER B 861 10.20 10.64 -61.69
N VAL B 862 10.68 9.41 -61.86
CA VAL B 862 11.90 8.99 -61.14
C VAL B 862 13.25 9.42 -61.73
N PRO B 863 13.50 9.51 -63.06
CA PRO B 863 14.79 9.98 -63.57
C PRO B 863 14.82 11.51 -63.71
N GLY B 864 14.42 12.22 -62.66
CA GLY B 864 14.06 13.65 -62.70
C GLY B 864 15.21 14.64 -62.89
N GLY B 865 14.87 15.93 -62.97
CA GLY B 865 15.77 17.06 -63.24
C GLY B 865 16.62 17.56 -62.07
N GLY B 866 17.21 16.67 -61.27
CA GLY B 866 18.16 17.00 -60.20
C GLY B 866 19.62 17.06 -60.69
N ARG B 867 20.42 18.00 -60.21
CA ARG B 867 21.78 18.24 -60.74
C ARG B 867 22.79 17.14 -60.38
N PRO B 868 22.95 16.71 -59.12
CA PRO B 868 23.67 15.47 -58.82
C PRO B 868 22.72 14.31 -59.15
N PRO B 869 23.10 13.32 -59.99
CA PRO B 869 22.15 12.37 -60.57
C PRO B 869 21.28 11.60 -59.57
N GLY B 870 21.83 11.25 -58.40
CA GLY B 870 21.11 10.52 -57.37
C GLY B 870 20.03 11.34 -56.65
N GLN B 871 20.16 12.67 -56.58
CA GLN B 871 19.17 13.49 -55.87
C GLN B 871 17.80 13.46 -56.53
N ALA B 872 17.73 13.19 -57.83
CA ALA B 872 16.44 13.04 -58.48
C ALA B 872 15.66 11.86 -57.89
N LEU B 873 16.23 10.66 -57.94
CA LEU B 873 15.53 9.45 -57.54
C LEU B 873 15.34 9.38 -56.02
N LEU B 874 16.30 9.82 -55.22
CA LEU B 874 16.12 9.92 -53.77
C LEU B 874 15.06 10.96 -53.38
N SER B 875 14.92 12.08 -54.09
CA SER B 875 13.84 13.05 -53.84
C SER B 875 12.48 12.48 -54.22
N ALA B 876 12.40 11.78 -55.35
CA ALA B 876 11.18 11.10 -55.74
C ALA B 876 10.74 10.07 -54.69
N LEU B 877 11.66 9.22 -54.22
CA LEU B 877 11.35 8.23 -53.20
C LEU B 877 11.07 8.86 -51.84
N GLY B 878 11.65 10.01 -51.53
CA GLY B 878 11.28 10.78 -50.36
C GLY B 878 9.81 11.19 -50.35
N GLU B 879 9.23 11.53 -51.50
CA GLU B 879 7.82 11.85 -51.60
C GLU B 879 6.91 10.65 -51.30
N LEU B 880 7.25 9.48 -51.83
CA LEU B 880 6.53 8.24 -51.53
C LEU B 880 6.69 7.82 -50.07
N HIS B 881 7.88 7.93 -49.48
CA HIS B 881 8.13 7.54 -48.10
C HIS B 881 7.33 8.40 -47.13
N THR B 882 7.26 9.68 -47.45
CA THR B 882 6.46 10.66 -46.72
C THR B 882 4.98 10.34 -46.74
N ASP B 883 4.45 9.84 -47.85
CA ASP B 883 3.02 9.54 -47.97
C ASP B 883 2.60 8.21 -47.35
N GLY B 884 3.50 7.24 -47.22
CA GLY B 884 3.25 6.01 -46.47
C GLY B 884 3.92 4.73 -47.00
N VAL B 885 4.58 4.74 -48.15
CA VAL B 885 5.24 3.56 -48.71
C VAL B 885 6.48 3.22 -47.89
N ALA B 886 6.62 1.98 -47.43
CA ALA B 886 7.70 1.52 -46.56
C ALA B 886 9.03 1.25 -47.29
N ILE B 887 9.58 2.27 -47.95
CA ILE B 887 10.82 2.21 -48.72
C ILE B 887 12.01 1.73 -47.90
N ASP B 888 12.82 0.86 -48.47
CA ASP B 888 14.03 0.31 -47.87
C ASP B 888 15.26 1.08 -48.34
N TRP B 889 15.80 1.94 -47.49
CA TRP B 889 16.93 2.80 -47.82
C TRP B 889 18.27 2.08 -47.94
N SER B 890 18.38 0.78 -47.68
CA SER B 890 19.66 0.08 -47.64
C SER B 890 20.48 0.20 -48.93
N GLN B 891 19.87 0.29 -50.11
CA GLN B 891 20.58 0.54 -51.36
C GLN B 891 21.28 1.92 -51.41
N ALA B 892 20.72 2.96 -50.80
CA ALA B 892 21.31 4.30 -50.84
C ALA B 892 22.65 4.38 -50.09
N PHE B 893 22.91 3.44 -49.19
CA PHE B 893 24.12 3.36 -48.36
C PHE B 893 25.08 2.22 -48.73
N GLU B 894 24.72 1.33 -49.66
CA GLU B 894 25.57 0.18 -49.99
C GLU B 894 26.91 0.60 -50.62
N GLY B 895 27.99 -0.11 -50.28
CA GLY B 895 29.34 0.17 -50.81
C GLY B 895 30.06 1.34 -50.15
N ARG B 896 29.60 1.77 -48.97
CA ARG B 896 30.15 2.89 -48.19
C ARG B 896 30.47 2.42 -46.77
N GLY B 897 31.39 3.10 -46.09
CA GLY B 897 31.97 2.69 -44.80
C GLY B 897 31.04 2.83 -43.57
N ALA B 898 29.75 2.54 -43.72
CA ALA B 898 28.72 2.96 -42.80
C ALA B 898 28.77 2.23 -41.45
N ARG B 899 29.24 2.92 -40.40
CA ARG B 899 29.22 2.46 -39.00
C ARG B 899 27.90 2.84 -38.32
N ARG B 900 27.64 2.29 -37.13
CA ARG B 900 26.59 2.75 -36.22
C ARG B 900 27.14 3.74 -35.20
N VAL B 901 26.40 4.80 -34.90
CA VAL B 901 26.80 5.88 -33.96
C VAL B 901 25.66 6.30 -33.05
N ASP B 902 25.97 6.95 -31.94
CA ASP B 902 25.03 7.26 -30.86
C ASP B 902 24.18 8.51 -31.14
N LEU B 903 23.09 8.33 -31.86
CA LEU B 903 22.06 9.35 -32.07
C LEU B 903 21.34 9.75 -30.77
N PRO B 904 20.65 10.89 -30.73
CA PRO B 904 19.71 11.22 -29.66
C PRO B 904 18.50 10.27 -29.58
N THR B 905 17.80 10.31 -28.46
CA THR B 905 16.54 9.58 -28.20
C THR B 905 15.33 10.50 -28.32
N TYR B 906 14.11 9.95 -28.37
CA TYR B 906 12.93 10.71 -28.77
C TYR B 906 12.57 11.89 -27.84
N PRO B 907 12.29 13.10 -28.35
CA PRO B 907 11.82 14.22 -27.56
C PRO B 907 10.32 14.17 -27.31
N TYR B 908 9.89 13.88 -26.08
CA TYR B 908 8.48 13.88 -25.68
C TYR B 908 7.90 15.30 -25.62
N GLN B 909 6.58 15.44 -25.78
CA GLN B 909 5.86 16.69 -25.47
C GLN B 909 5.00 16.50 -24.21
N LYS B 910 5.63 16.50 -23.04
CA LYS B 910 5.01 16.21 -21.74
C LYS B 910 4.02 17.29 -21.26
N VAL B 911 3.08 16.88 -20.42
CA VAL B 911 2.03 17.69 -19.77
C VAL B 911 1.73 17.17 -18.36
N ARG B 912 1.14 17.99 -17.49
CA ARG B 912 0.83 17.58 -16.10
C ARG B 912 -0.16 16.43 -16.05
N CYS B 913 0.16 15.37 -15.30
CA CYS B 913 -0.67 14.19 -15.09
C CYS B 913 -0.58 13.76 -13.62
N TRP B 914 -1.44 14.30 -12.76
CA TRP B 914 -1.42 14.07 -11.30
C TRP B 914 -2.83 14.18 -10.71
N LEU B 915 -3.16 13.42 -9.65
CA LEU B 915 -4.52 13.37 -9.09
C LEU B 915 -4.99 14.70 -8.47
N VAL B 916 -4.15 15.33 -7.65
CA VAL B 916 -4.51 16.46 -6.78
C VAL B 916 -3.86 17.76 -7.28
N PRO B 917 -4.57 18.88 -7.44
CA PRO B 917 -3.99 20.15 -7.89
C PRO B 917 -2.97 20.72 -6.90
N PRO B 918 -1.97 21.50 -7.36
CA PRO B 918 -0.80 21.87 -6.57
C PRO B 918 -1.13 22.85 -5.45
N GLU B 919 -0.36 22.81 -4.36
CA GLU B 919 -0.53 23.72 -3.22
C GLU B 919 -0.03 25.15 -3.53
N PRO B 920 -0.59 26.20 -2.89
CA PRO B 920 -0.11 27.58 -3.03
C PRO B 920 1.35 27.76 -2.60
N GLN B 921 2.02 28.79 -3.16
CA GLN B 921 3.42 29.10 -2.84
C GLN B 921 3.64 29.60 -1.40
N VAL B 922 2.62 30.19 -0.77
CA VAL B 922 2.61 30.68 0.62
C VAL B 922 1.24 30.34 1.25
N SER B 923 1.20 30.05 2.54
CA SER B 923 -0.03 29.79 3.32
C SER B 923 0.17 30.04 4.81
N VAL B 924 -0.94 30.22 5.54
CA VAL B 924 -0.95 30.40 7.01
C VAL B 924 -0.49 29.14 7.76
N VAL B 925 -0.02 29.30 9.00
CA VAL B 925 0.51 28.18 9.83
C VAL B 925 -0.57 27.24 10.38
N ALA B 926 -1.85 27.65 10.40
CA ALA B 926 -3.00 26.85 10.87
C ALA B 926 -2.77 26.24 12.28
N ALA B 927 -2.42 27.09 13.25
CA ALA B 927 -1.89 26.70 14.55
C ALA B 927 -2.75 25.64 15.30
N PRO B 928 -2.13 24.67 15.99
CA PRO B 928 -2.85 23.54 16.56
C PRO B 928 -3.75 23.96 17.74
N PRO B 929 -4.99 23.46 17.82
CA PRO B 929 -5.94 23.85 18.87
C PRO B 929 -5.57 23.28 20.23
N HIS B 930 -5.93 23.95 21.32
CA HIS B 930 -5.83 23.39 22.66
C HIS B 930 -6.87 22.27 22.81
N PRO B 931 -6.49 21.04 23.21
CA PRO B 931 -7.32 19.85 23.00
C PRO B 931 -8.68 19.87 23.70
N LEU B 932 -8.84 20.61 24.81
CA LEU B 932 -10.13 20.72 25.49
C LEU B 932 -11.14 21.67 24.83
N LEU B 933 -10.71 22.70 24.10
CA LEU B 933 -11.64 23.67 23.49
C LEU B 933 -11.83 23.49 21.98
N GLY B 934 -10.86 22.90 21.28
CA GLY B 934 -11.03 22.54 19.87
C GLY B 934 -11.15 23.73 18.93
N THR B 935 -11.96 23.60 17.88
CA THR B 935 -12.12 24.59 16.81
C THR B 935 -13.42 25.38 16.99
N ALA B 936 -13.37 26.69 16.85
CA ALA B 936 -14.53 27.56 17.01
C ALA B 936 -15.61 27.30 15.96
N LEU B 937 -16.87 27.31 16.38
CA LEU B 937 -18.01 27.28 15.47
C LEU B 937 -18.27 28.67 14.86
N ASP B 938 -19.08 28.72 13.80
CA ASP B 938 -19.38 29.95 13.06
C ASP B 938 -20.89 30.10 12.81
N LEU B 939 -21.70 30.02 13.85
CA LEU B 939 -23.13 30.35 13.75
C LEU B 939 -23.31 31.83 13.44
N VAL B 940 -24.17 32.17 12.47
CA VAL B 940 -24.29 33.55 11.97
C VAL B 940 -24.94 34.51 12.98
N ASP B 941 -26.13 34.19 13.46
CA ASP B 941 -26.94 35.11 14.27
C ASP B 941 -26.70 35.01 15.79
N ALA B 942 -25.83 34.11 16.23
CA ALA B 942 -25.60 33.80 17.65
C ALA B 942 -25.05 35.00 18.45
N THR B 943 -25.51 35.14 19.69
CA THR B 943 -25.18 36.28 20.58
C THR B 943 -23.76 36.26 21.12
N GLY B 944 -23.08 35.11 21.06
CA GLY B 944 -21.71 34.91 21.55
C GLY B 944 -21.07 33.62 21.04
N GLN B 945 -19.75 33.57 21.08
CA GLN B 945 -18.96 32.49 20.49
C GLN B 945 -19.17 31.14 21.19
N SER B 946 -19.05 30.04 20.45
CA SER B 946 -19.07 28.68 20.99
C SER B 946 -18.04 27.76 20.31
N PHE B 947 -17.65 26.70 21.00
CA PHE B 947 -16.58 25.80 20.58
C PHE B 947 -16.92 24.36 20.96
N THR B 948 -16.47 23.39 20.18
CA THR B 948 -16.85 21.97 20.33
C THR B 948 -15.71 21.04 20.02
N GLN B 949 -15.71 19.87 20.67
CA GLN B 949 -14.72 18.82 20.43
C GLN B 949 -15.33 17.44 20.70
N GLN B 950 -14.87 16.44 19.96
CA GLN B 950 -14.94 15.03 20.36
C GLN B 950 -13.53 14.56 20.71
N LEU B 951 -13.32 13.89 21.84
CA LEU B 951 -12.09 13.15 22.09
C LEU B 951 -12.30 11.70 21.67
N THR B 952 -11.45 11.18 20.80
CA THR B 952 -11.47 9.74 20.48
C THR B 952 -10.92 8.93 21.64
N PRO B 953 -11.29 7.66 21.81
CA PRO B 953 -10.85 6.85 22.95
C PRO B 953 -9.33 6.74 23.14
N GLY B 954 -8.54 6.92 22.08
CA GLY B 954 -7.08 6.99 22.17
C GLY B 954 -6.55 8.30 22.76
N GLN B 955 -7.19 9.43 22.44
CA GLN B 955 -6.77 10.75 22.91
C GLN B 955 -7.03 10.96 24.40
N VAL B 956 -8.08 10.33 24.96
CA VAL B 956 -8.50 10.52 26.36
C VAL B 956 -7.37 10.32 27.34
N ALA B 957 -6.54 9.30 27.17
CA ALA B 957 -5.43 9.00 28.07
C ALA B 957 -4.35 10.09 28.16
N GLY B 958 -4.22 10.96 27.16
CA GLY B 958 -3.24 12.05 27.15
C GLY B 958 -3.76 13.33 27.81
N VAL B 959 -5.05 13.64 27.63
CA VAL B 959 -5.71 14.81 28.24
C VAL B 959 -6.12 14.54 29.70
N PHE B 960 -6.75 13.40 29.98
CA PHE B 960 -7.22 13.01 31.31
C PHE B 960 -6.08 12.36 32.11
N GLY B 961 -5.08 13.15 32.49
CA GLY B 961 -3.80 12.63 33.00
C GLY B 961 -3.79 12.01 34.41
N GLN B 962 -4.92 12.00 35.11
CA GLN B 962 -5.05 11.57 36.50
C GLN B 962 -6.00 10.37 36.61
N GLN B 963 -5.70 9.41 37.48
CA GLN B 963 -6.63 8.35 37.84
C GLN B 963 -7.10 8.51 39.29
N LEU B 964 -8.41 8.45 39.52
CA LEU B 964 -8.97 8.21 40.85
C LEU B 964 -9.55 6.80 40.88
N TYR B 965 -9.04 5.95 41.77
CA TYR B 965 -9.47 4.57 41.92
C TYR B 965 -9.55 3.79 40.59
N GLY B 966 -8.60 4.06 39.70
CA GLY B 966 -8.49 3.43 38.38
C GLY B 966 -9.22 4.14 37.24
N THR B 967 -10.29 4.88 37.50
CA THR B 967 -10.99 5.60 36.42
C THR B 967 -10.25 6.86 36.01
N PRO B 968 -10.14 7.19 34.71
CA PRO B 968 -9.58 8.46 34.27
C PRO B 968 -10.45 9.66 34.68
N VAL B 969 -9.83 10.71 35.20
CA VAL B 969 -10.51 11.99 35.51
C VAL B 969 -9.69 13.17 35.02
N LEU B 970 -10.36 14.28 34.70
CA LEU B 970 -9.70 15.48 34.21
C LEU B 970 -9.11 16.27 35.39
N PRO B 971 -7.81 16.63 35.40
CA PRO B 971 -7.21 17.31 36.54
C PRO B 971 -7.85 18.68 36.80
N ALA B 972 -7.92 19.12 38.06
CA ALA B 972 -8.49 20.41 38.38
C ALA B 972 -7.71 21.58 37.76
N GLY B 973 -6.38 21.52 37.72
CA GLY B 973 -5.56 22.50 37.00
C GLY B 973 -5.85 22.55 35.50
N ALA B 974 -6.30 21.45 34.90
CA ALA B 974 -6.68 21.43 33.49
C ALA B 974 -8.04 22.10 33.28
N ARG B 975 -9.04 21.90 34.14
CA ARG B 975 -10.29 22.69 34.05
C ARG B 975 -10.02 24.18 34.22
N LEU B 976 -9.13 24.53 35.13
CA LEU B 976 -8.75 25.91 35.37
C LEU B 976 -8.03 26.52 34.15
N GLU B 977 -7.14 25.78 33.49
CA GLU B 977 -6.54 26.22 32.23
C GLU B 977 -7.54 26.28 31.08
N TRP B 978 -8.49 25.34 31.00
CA TRP B 978 -9.51 25.35 29.97
C TRP B 978 -10.33 26.64 30.02
N LEU B 979 -10.76 27.06 31.20
CA LEU B 979 -11.45 28.33 31.35
C LEU B 979 -10.55 29.52 30.94
N LEU B 980 -9.26 29.49 31.26
CA LEU B 980 -8.35 30.57 30.87
C LEU B 980 -8.10 30.59 29.35
N ALA B 981 -7.98 29.44 28.71
CA ALA B 981 -7.87 29.35 27.25
C ALA B 981 -9.15 29.79 26.54
N ALA B 982 -10.33 29.45 27.07
CA ALA B 982 -11.59 29.97 26.58
C ALA B 982 -11.67 31.48 26.72
N ALA B 983 -11.22 32.04 27.85
CA ALA B 983 -11.23 33.48 28.08
C ALA B 983 -10.31 34.23 27.10
N ARG B 984 -9.06 33.80 26.92
CA ARG B 984 -8.06 34.56 26.17
C ARG B 984 -8.06 34.36 24.66
N HIS B 985 -9.05 33.68 24.09
CA HIS B 985 -9.07 33.34 22.67
C HIS B 985 -9.14 34.55 21.72
N GLY B 986 -9.80 35.65 22.11
CA GLY B 986 -10.09 36.79 21.23
C GLY B 986 -9.06 37.93 21.17
N SER B 987 -7.91 37.86 21.86
CA SER B 987 -7.01 39.00 22.09
C SER B 987 -5.53 38.60 22.25
N PRO B 988 -4.56 39.48 21.92
CA PRO B 988 -3.12 39.28 22.19
C PRO B 988 -2.67 39.58 23.63
N ASP B 989 -3.53 40.10 24.51
CA ASP B 989 -3.15 40.60 25.84
C ASP B 989 -2.43 39.56 26.72
N SER B 990 -1.38 39.99 27.43
CA SER B 990 -0.47 39.11 28.18
C SER B 990 -0.83 38.90 29.65
N ALA B 991 -1.81 39.63 30.22
CA ALA B 991 -2.24 39.44 31.60
C ALA B 991 -3.77 39.43 31.77
N TRP B 992 -4.27 38.52 32.61
CA TRP B 992 -5.67 38.13 32.71
C TRP B 992 -6.14 37.94 34.15
N THR B 993 -7.45 38.03 34.37
CA THR B 993 -8.08 37.75 35.66
C THR B 993 -9.39 37.00 35.50
N LEU B 994 -9.53 35.92 36.27
CA LEU B 994 -10.76 35.15 36.41
C LEU B 994 -11.26 35.26 37.86
N THR B 995 -12.56 35.49 38.06
CA THR B 995 -13.16 35.65 39.40
C THR B 995 -14.43 34.84 39.56
N GLY B 996 -14.77 34.50 40.80
CA GLY B 996 -15.96 33.70 41.11
C GLY B 996 -15.98 32.33 40.42
N ILE B 997 -14.82 31.69 40.29
CA ILE B 997 -14.63 30.44 39.55
C ILE B 997 -15.25 29.29 40.33
N ARG B 998 -16.10 28.49 39.68
CA ARG B 998 -16.76 27.33 40.31
C ARG B 998 -16.63 26.11 39.41
N LEU B 999 -16.32 24.95 40.00
CA LEU B 999 -15.97 23.73 39.29
C LEU B 999 -16.77 22.54 39.83
N PRO B 1000 -18.06 22.41 39.50
CA PRO B 1000 -18.92 21.37 40.06
C PRO B 1000 -18.51 19.97 39.59
N GLY B 1001 -18.72 18.97 40.44
CA GLY B 1001 -18.61 17.53 40.11
C GLY B 1001 -17.22 17.07 39.67
N THR B 1002 -17.12 15.84 39.18
CA THR B 1002 -15.90 15.25 38.61
C THR B 1002 -16.13 14.88 37.14
N VAL B 1003 -15.34 15.42 36.21
CA VAL B 1003 -15.34 14.98 34.81
C VAL B 1003 -14.61 13.64 34.73
N SER B 1004 -15.29 12.59 34.31
CA SER B 1004 -14.76 11.21 34.28
C SER B 1004 -15.16 10.47 33.02
N ALA B 1005 -14.31 9.54 32.57
CA ALA B 1005 -14.50 8.85 31.30
C ALA B 1005 -14.09 7.37 31.43
N ALA B 1006 -15.08 6.49 31.63
CA ALA B 1006 -14.86 5.05 31.74
C ALA B 1006 -14.15 4.49 30.50
N SER B 1007 -13.24 3.53 30.72
CA SER B 1007 -12.22 3.12 29.75
C SER B 1007 -12.78 2.81 28.36
N GLY B 1008 -12.25 3.48 27.33
CA GLY B 1008 -12.57 3.25 25.91
C GLY B 1008 -13.79 3.99 25.36
N THR B 1009 -14.51 4.76 26.18
CA THR B 1009 -15.72 5.51 25.75
C THR B 1009 -15.34 6.82 25.03
N PRO B 1010 -16.12 7.32 24.06
CA PRO B 1010 -15.98 8.69 23.56
C PRO B 1010 -16.23 9.74 24.66
N VAL B 1011 -15.74 10.97 24.45
CA VAL B 1011 -16.02 12.13 25.32
C VAL B 1011 -16.31 13.35 24.45
N ALA B 1012 -17.57 13.77 24.37
CA ALA B 1012 -17.94 15.04 23.80
C ALA B 1012 -17.67 16.19 24.80
N LEU B 1013 -17.23 17.36 24.32
CA LEU B 1013 -17.03 18.57 25.11
C LEU B 1013 -17.57 19.79 24.36
N GLN B 1014 -18.07 20.79 25.08
CA GLN B 1014 -18.53 22.05 24.52
C GLN B 1014 -18.24 23.21 25.48
N THR B 1015 -18.01 24.41 24.95
CA THR B 1015 -17.76 25.62 25.74
C THR B 1015 -18.26 26.87 25.05
N SER B 1016 -18.57 27.92 25.80
CA SER B 1016 -19.16 29.16 25.28
C SER B 1016 -18.66 30.42 25.99
N ARG B 1017 -18.78 31.56 25.30
CA ARG B 1017 -18.52 32.90 25.82
C ARG B 1017 -19.74 33.77 25.63
N GLU B 1018 -20.13 34.55 26.63
CA GLU B 1018 -21.17 35.56 26.51
C GLU B 1018 -20.71 36.91 27.08
N ASP B 1019 -20.94 38.00 26.35
CA ASP B 1019 -20.73 39.36 26.84
C ASP B 1019 -21.75 39.68 27.93
N SER B 1020 -21.32 40.17 29.09
CA SER B 1020 -22.22 40.56 30.18
C SER B 1020 -22.94 41.88 29.93
N GLY B 1021 -22.43 42.71 29.03
CA GLY B 1021 -22.85 44.11 28.83
C GLY B 1021 -22.19 45.12 29.77
N ASP B 1022 -21.49 44.69 30.82
CA ASP B 1022 -20.72 45.56 31.71
C ASP B 1022 -19.31 45.84 31.14
N GLY B 1023 -19.24 46.63 30.07
CA GLY B 1023 -17.98 47.02 29.42
C GLY B 1023 -17.18 45.80 28.93
N HIS B 1024 -15.98 45.61 29.46
CA HIS B 1024 -15.07 44.51 29.08
C HIS B 1024 -15.44 43.15 29.71
N ARG B 1025 -16.40 43.09 30.63
CA ARG B 1025 -16.71 41.86 31.41
C ARG B 1025 -17.43 40.79 30.57
N VAL B 1026 -16.89 39.58 30.56
CA VAL B 1026 -17.37 38.42 29.76
C VAL B 1026 -17.53 37.18 30.66
N ARG B 1027 -18.53 36.34 30.41
CA ARG B 1027 -18.78 35.09 31.14
C ARG B 1027 -18.39 33.87 30.29
N ALA B 1028 -17.78 32.87 30.90
CA ALA B 1028 -17.36 31.63 30.24
C ALA B 1028 -17.96 30.40 30.93
N PHE B 1029 -18.33 29.39 30.16
CA PHE B 1029 -18.86 28.12 30.65
C PHE B 1029 -18.29 26.94 29.91
N VAL B 1030 -18.25 25.79 30.57
CA VAL B 1030 -17.84 24.51 30.00
C VAL B 1030 -18.85 23.43 30.36
N LYS B 1031 -19.19 22.59 29.39
CA LYS B 1031 -20.23 21.57 29.50
C LYS B 1031 -19.70 20.21 29.06
N GLY B 1032 -20.00 19.17 29.84
CA GLY B 1032 -19.46 17.82 29.71
C GLY B 1032 -20.41 16.88 28.98
N PRO B 1033 -19.96 15.66 28.65
CA PRO B 1033 -20.44 14.88 27.50
C PRO B 1033 -21.94 14.57 27.44
N GLY B 1034 -22.60 15.06 26.39
CA GLY B 1034 -23.89 14.56 25.92
C GLY B 1034 -23.72 13.33 25.01
N THR B 1035 -24.47 12.25 25.23
CA THR B 1035 -24.39 10.98 24.46
C THR B 1035 -25.62 10.10 24.71
N GLY B 1036 -26.23 9.54 23.66
CA GLY B 1036 -27.32 8.57 23.75
C GLY B 1036 -28.58 9.14 24.40
N GLY B 1037 -29.03 8.54 25.51
CA GLY B 1037 -30.12 9.06 26.34
C GLY B 1037 -29.71 10.18 27.31
N GLY B 1038 -28.41 10.35 27.58
CA GLY B 1038 -27.87 11.42 28.42
C GLY B 1038 -27.77 12.77 27.70
N ARG B 1039 -27.71 13.86 28.48
CA ARG B 1039 -27.73 15.24 27.98
C ARG B 1039 -26.67 16.10 28.65
N TRP B 1040 -26.29 17.18 27.99
CA TRP B 1040 -25.24 18.09 28.41
C TRP B 1040 -25.50 18.67 29.80
N ALA B 1041 -24.46 18.73 30.63
CA ALA B 1041 -24.49 19.21 32.01
C ALA B 1041 -23.30 20.12 32.29
N GLU B 1042 -23.48 21.10 33.17
CA GLU B 1042 -22.45 22.08 33.50
C GLU B 1042 -21.30 21.47 34.30
N ARG B 1043 -20.06 21.84 33.97
CA ARG B 1043 -18.85 21.32 34.62
C ARG B 1043 -17.82 22.39 34.93
N GLY B 1044 -18.10 23.66 34.65
CA GLY B 1044 -17.31 24.79 35.11
C GLY B 1044 -17.88 26.12 34.61
N GLY B 1045 -17.68 27.17 35.40
CA GLY B 1045 -18.03 28.54 35.03
C GLY B 1045 -17.14 29.58 35.69
N ALA B 1046 -16.89 30.70 35.01
CA ALA B 1046 -16.07 31.79 35.51
C ALA B 1046 -16.43 33.14 34.86
N THR B 1047 -16.12 34.23 35.57
CA THR B 1047 -16.22 35.60 35.02
C THR B 1047 -14.83 36.12 34.66
N VAL B 1048 -14.71 36.72 33.49
CA VAL B 1048 -13.47 37.21 32.90
C VAL B 1048 -13.42 38.73 33.01
N VAL B 1049 -12.32 39.27 33.53
CA VAL B 1049 -12.03 40.71 33.48
C VAL B 1049 -10.67 40.89 32.79
N PRO B 1050 -10.63 41.46 31.57
CA PRO B 1050 -9.38 41.70 30.85
C PRO B 1050 -8.51 42.77 31.50
N ALA B 1051 -7.30 42.96 30.95
CA ALA B 1051 -6.45 44.14 31.15
C ALA B 1051 -6.25 44.50 32.63
N VAL B 1052 -5.52 43.66 33.38
CA VAL B 1052 -5.42 43.76 34.86
C VAL B 1052 -4.91 45.13 35.34
N THR B 1053 -3.97 45.76 34.60
CA THR B 1053 -3.60 47.20 34.70
C THR B 1053 -3.41 47.73 36.13
N ARG B 1054 -2.68 46.98 36.96
CA ARG B 1054 -2.35 47.35 38.35
C ARG B 1054 -0.95 46.91 38.77
N PRO B 1055 -0.24 47.66 39.63
CA PRO B 1055 1.06 47.27 40.16
C PRO B 1055 0.99 46.06 41.09
N ALA B 1056 2.13 45.43 41.32
CA ALA B 1056 2.33 44.30 42.24
C ALA B 1056 3.72 44.41 42.91
N PRO B 1057 3.98 43.67 44.01
CA PRO B 1057 5.25 43.74 44.73
C PRO B 1057 6.50 43.45 43.88
N ASP B 1058 7.63 43.99 44.32
CA ASP B 1058 8.95 43.74 43.74
C ASP B 1058 9.45 42.32 44.04
N ARG B 1059 10.65 41.97 43.52
CA ARG B 1059 11.22 40.62 43.54
C ARG B 1059 11.34 40.02 44.95
N VAL B 1060 11.19 38.71 45.07
CA VAL B 1060 11.50 37.93 46.28
C VAL B 1060 12.42 36.77 45.93
N ASP B 1061 13.55 36.62 46.63
CA ASP B 1061 14.51 35.55 46.39
C ASP B 1061 13.90 34.17 46.66
N PRO B 1062 13.75 33.29 45.66
CA PRO B 1062 13.13 31.97 45.87
C PRO B 1062 13.89 31.12 46.90
N GLU B 1063 15.22 31.25 46.97
CA GLU B 1063 16.06 30.48 47.89
C GLU B 1063 15.83 30.89 49.34
N SER B 1064 15.18 32.02 49.61
CA SER B 1064 14.86 32.47 50.97
C SER B 1064 13.63 31.78 51.55
N LEU B 1065 12.78 31.18 50.72
CA LEU B 1065 11.46 30.71 51.08
C LEU B 1065 11.38 29.46 52.00
N PRO B 1066 12.26 28.44 51.90
CA PRO B 1066 11.96 27.12 52.49
C PRO B 1066 12.31 26.97 53.98
N GLU B 1067 12.99 27.96 54.57
CA GLU B 1067 13.77 27.80 55.80
C GLU B 1067 13.00 27.27 57.03
N GLY B 1068 11.70 27.57 57.14
CA GLY B 1068 10.88 27.15 58.28
C GLY B 1068 10.46 25.67 58.27
N LEU B 1069 10.68 24.94 57.16
CA LEU B 1069 10.05 23.66 56.86
C LEU B 1069 11.06 22.52 56.62
N ALA B 1070 10.66 21.29 56.92
CA ALA B 1070 11.43 20.09 56.58
C ALA B 1070 11.28 19.71 55.10
N GLU B 1071 12.34 19.18 54.49
CA GLU B 1071 12.29 18.60 53.14
C GLU B 1071 11.74 17.16 53.15
N LEU B 1072 11.04 16.76 52.10
CA LEU B 1072 10.52 15.40 51.89
C LEU B 1072 11.02 14.82 50.56
N ASP B 1073 11.18 13.51 50.48
CA ASP B 1073 11.42 12.81 49.22
C ASP B 1073 10.17 12.87 48.33
N VAL B 1074 10.34 13.26 47.07
CA VAL B 1074 9.25 13.31 46.07
C VAL B 1074 8.57 11.95 45.89
N ALA B 1075 9.28 10.84 46.14
CA ALA B 1075 8.66 9.52 46.19
C ALA B 1075 7.56 9.43 47.26
N GLU B 1076 7.82 9.89 48.49
CA GLU B 1076 6.80 9.84 49.54
C GLU B 1076 5.68 10.86 49.29
N VAL B 1077 5.97 11.99 48.65
CA VAL B 1077 4.93 12.94 48.25
C VAL B 1077 3.89 12.29 47.34
N TYR B 1078 4.32 11.57 46.30
CA TYR B 1078 3.37 10.85 45.45
C TYR B 1078 2.81 9.59 46.12
N ARG B 1079 3.51 8.92 47.03
CA ARG B 1079 2.89 7.83 47.82
C ARG B 1079 1.80 8.34 48.78
N ARG B 1080 1.95 9.51 49.40
CA ARG B 1080 0.88 10.14 50.18
C ARG B 1080 -0.37 10.36 49.32
N LEU B 1081 -0.22 10.88 48.11
CA LEU B 1081 -1.33 11.05 47.18
C LEU B 1081 -1.94 9.70 46.73
N TRP B 1082 -1.14 8.64 46.61
CA TRP B 1082 -1.66 7.31 46.27
C TRP B 1082 -2.59 6.76 47.35
N ARG B 1083 -2.27 7.02 48.62
CA ARG B 1083 -3.12 6.70 49.78
C ARG B 1083 -4.32 7.63 49.92
N GLN B 1084 -4.54 8.51 48.93
CA GLN B 1084 -5.69 9.40 48.80
C GLN B 1084 -6.45 9.07 47.50
N GLY B 1085 -6.30 7.86 46.98
CA GLY B 1085 -6.97 7.36 45.78
C GLY B 1085 -6.43 7.85 44.44
N SER B 1086 -5.47 8.78 44.42
CA SER B 1086 -5.04 9.47 43.21
C SER B 1086 -3.68 9.02 42.70
N ASP B 1087 -3.57 8.73 41.41
CA ASP B 1087 -2.30 8.50 40.73
C ASP B 1087 -2.18 9.40 39.49
N TYR B 1088 -0.96 9.82 39.18
CA TYR B 1088 -0.66 10.77 38.11
C TYR B 1088 0.26 10.15 37.06
N ALA B 1089 -0.10 10.28 35.79
CA ALA B 1089 0.78 9.94 34.67
C ALA B 1089 2.02 10.86 34.63
N GLU B 1090 3.08 10.42 33.96
CA GLU B 1090 4.39 11.06 33.99
C GLU B 1090 4.40 12.56 33.61
N PRO B 1091 3.60 13.06 32.64
CA PRO B 1091 3.52 14.48 32.32
C PRO B 1091 3.06 15.39 33.48
N LEU B 1092 2.31 14.86 34.45
CA LEU B 1092 1.80 15.61 35.60
C LEU B 1092 2.63 15.43 36.88
N ARG B 1093 3.65 14.56 36.87
CA ARG B 1093 4.57 14.38 38.02
C ARG B 1093 5.65 15.46 38.02
N VAL B 1094 5.23 16.72 38.15
CA VAL B 1094 6.08 17.89 37.92
C VAL B 1094 6.89 18.37 39.13
N LEU B 1095 6.67 17.85 40.33
CA LEU B 1095 7.44 18.21 41.52
C LEU B 1095 8.88 17.69 41.45
N ARG B 1096 9.86 18.48 41.90
CA ARG B 1096 11.29 18.11 41.94
C ARG B 1096 11.94 18.25 43.32
N ARG B 1097 11.45 19.16 44.16
CA ARG B 1097 11.71 19.22 45.61
C ARG B 1097 10.47 19.74 46.33
N VAL B 1098 10.20 19.30 47.56
CA VAL B 1098 9.06 19.74 48.36
C VAL B 1098 9.45 19.92 49.82
N TRP B 1099 8.94 20.98 50.45
CA TRP B 1099 9.04 21.21 51.89
C TRP B 1099 7.65 21.49 52.47
N LEU B 1100 7.35 20.97 53.65
CA LEU B 1100 6.00 21.08 54.23
C LEU B 1100 6.03 21.10 55.76
N GLY B 1101 5.10 21.84 56.37
CA GLY B 1101 4.87 21.79 57.82
C GLY B 1101 3.95 22.91 58.33
N GLY B 1102 3.14 22.60 59.36
CA GLY B 1102 2.22 23.55 59.96
C GLY B 1102 1.12 24.00 59.01
N ASP B 1103 1.14 25.26 58.60
CA ASP B 1103 0.13 25.92 57.77
C ASP B 1103 0.65 26.36 56.39
N GLU B 1104 1.87 25.98 55.99
CA GLU B 1104 2.37 26.29 54.64
C GLU B 1104 3.35 25.25 54.06
N ALA B 1105 3.57 25.35 52.76
CA ALA B 1105 4.44 24.48 51.97
C ALA B 1105 5.07 25.27 50.81
N VAL B 1106 6.25 24.84 50.37
CA VAL B 1106 6.91 25.37 49.18
C VAL B 1106 7.52 24.25 48.34
N ALA B 1107 7.66 24.48 47.04
CA ALA B 1107 8.06 23.44 46.11
C ALA B 1107 8.76 23.99 44.88
N LEU B 1108 9.59 23.14 44.27
CA LEU B 1108 10.30 23.40 43.01
C LEU B 1108 9.61 22.59 41.90
N VAL B 1109 9.12 23.27 40.87
CA VAL B 1109 8.33 22.66 39.79
C VAL B 1109 9.12 22.70 38.48
N GLY B 1110 9.27 21.54 37.84
CA GLY B 1110 9.99 21.37 36.58
C GLY B 1110 9.20 21.84 35.36
N THR B 1111 9.68 21.58 34.14
CA THR B 1111 8.96 21.98 32.91
C THR B 1111 7.62 21.25 32.81
N ALA B 1112 6.52 21.98 32.99
CA ALA B 1112 5.19 21.40 33.23
C ALA B 1112 4.47 21.01 31.92
N ASP B 1113 5.12 20.15 31.14
CA ASP B 1113 4.87 19.96 29.71
C ASP B 1113 3.71 19.00 29.40
N VAL B 1114 2.48 19.47 29.63
CA VAL B 1114 1.22 18.88 29.11
C VAL B 1114 1.19 18.82 27.57
N PRO B 1115 0.20 18.16 26.93
CA PRO B 1115 -0.05 18.32 25.49
C PRO B 1115 -0.18 19.81 25.10
N THR B 1116 0.50 20.24 24.03
CA THR B 1116 0.71 21.66 23.62
C THR B 1116 1.52 22.52 24.62
N GLY B 1117 2.04 21.93 25.71
CA GLY B 1117 2.75 22.60 26.81
C GLY B 1117 4.27 22.79 26.72
N PRO B 1118 5.06 22.16 25.83
CA PRO B 1118 6.51 22.41 25.72
C PRO B 1118 6.93 23.85 25.41
N SER B 1119 6.02 24.68 24.89
CA SER B 1119 6.17 26.14 24.76
C SER B 1119 4.78 26.82 24.79
N GLY B 1120 4.73 28.10 25.16
CA GLY B 1120 3.49 28.88 25.23
C GLY B 1120 2.63 28.62 26.46
N TRP B 1121 1.42 29.19 26.47
CA TRP B 1121 0.59 29.30 27.67
C TRP B 1121 0.10 27.98 28.28
N SER B 1122 -0.05 26.91 27.49
CA SER B 1122 -0.67 25.67 27.97
C SER B 1122 0.02 25.04 29.19
N ARG B 1123 1.31 25.31 29.40
CA ARG B 1123 2.10 24.88 30.57
C ARG B 1123 1.46 25.31 31.90
N TRP B 1124 0.62 26.34 31.93
CA TRP B 1124 -0.11 26.69 33.16
C TRP B 1124 -1.00 25.56 33.67
N ALA B 1125 -1.45 24.62 32.83
CA ALA B 1125 -2.28 23.52 33.29
C ALA B 1125 -1.58 22.70 34.38
N ALA B 1126 -0.35 22.27 34.12
CA ALA B 1126 0.38 21.46 35.08
C ALA B 1126 1.02 22.29 36.21
N VAL B 1127 1.38 23.56 35.97
CA VAL B 1127 1.81 24.45 37.07
C VAL B 1127 0.68 24.69 38.07
N LEU B 1128 -0.53 24.98 37.61
CA LEU B 1128 -1.68 25.12 38.50
C LEU B 1128 -2.05 23.78 39.14
N GLU B 1129 -1.91 22.65 38.44
CA GLU B 1129 -2.17 21.34 39.04
C GLU B 1129 -1.21 21.04 40.18
N ALA B 1130 0.05 21.47 40.10
CA ALA B 1130 0.96 21.34 41.22
C ALA B 1130 0.43 22.08 42.45
N ALA B 1131 -0.25 23.21 42.30
CA ALA B 1131 -0.85 23.91 43.43
C ALA B 1131 -1.96 23.07 44.09
N VAL B 1132 -2.74 22.34 43.31
CA VAL B 1132 -3.71 21.37 43.84
C VAL B 1132 -3.03 20.17 44.50
N GLN B 1133 -2.01 19.57 43.88
CA GLN B 1133 -1.26 18.45 44.47
C GLN B 1133 -0.70 18.84 45.85
N LEU B 1134 -0.06 20.00 45.94
CA LEU B 1134 0.49 20.52 47.18
C LEU B 1134 -0.61 20.89 48.19
N ALA B 1135 -1.71 21.50 47.77
CA ALA B 1135 -2.80 21.83 48.67
C ALA B 1135 -3.43 20.58 49.30
N ALA B 1136 -3.57 19.50 48.54
CA ALA B 1136 -4.11 18.24 49.05
C ALA B 1136 -3.14 17.52 50.00
N LEU B 1137 -1.82 17.66 49.79
CA LEU B 1137 -0.77 17.02 50.58
C LEU B 1137 -0.82 17.39 52.07
N SER B 1138 -1.28 18.59 52.40
CA SER B 1138 -1.37 19.10 53.78
C SER B 1138 -2.49 18.52 54.62
N GLY B 1139 -3.53 17.92 54.01
CA GLY B 1139 -4.72 17.44 54.71
C GLY B 1139 -4.65 15.97 55.14
N SER B 1140 -5.82 15.38 55.39
CA SER B 1140 -6.01 13.93 55.45
C SER B 1140 -7.41 13.53 54.96
N GLY B 1141 -7.54 12.29 54.45
CA GLY B 1141 -8.74 11.83 53.74
C GLY B 1141 -8.89 12.43 52.33
N PRO B 1142 -9.52 11.71 51.40
CA PRO B 1142 -9.61 12.12 50.00
C PRO B 1142 -10.48 13.36 49.83
N ARG B 1143 -10.08 14.24 48.90
CA ARG B 1143 -10.71 15.54 48.63
C ARG B 1143 -10.40 16.04 47.22
N THR B 1144 -11.23 16.92 46.67
CA THR B 1144 -11.09 17.45 45.30
C THR B 1144 -11.52 18.92 45.20
N PRO B 1145 -10.93 19.76 44.33
CA PRO B 1145 -11.24 21.18 44.27
C PRO B 1145 -12.65 21.49 43.81
N VAL B 1146 -13.23 22.57 44.34
CA VAL B 1146 -14.63 22.95 44.08
C VAL B 1146 -14.78 24.42 43.71
N SER B 1147 -14.03 25.32 44.35
CA SER B 1147 -14.10 26.74 44.05
C SER B 1147 -12.76 27.46 44.25
N VAL B 1148 -12.60 28.55 43.51
CA VAL B 1148 -11.52 29.53 43.62
C VAL B 1148 -12.16 30.91 43.51
N ASP B 1149 -11.79 31.88 44.34
CA ASP B 1149 -12.43 33.20 44.28
C ASP B 1149 -11.71 34.21 43.38
N ARG B 1150 -10.37 34.18 43.32
CA ARG B 1150 -9.61 34.90 42.30
C ARG B 1150 -8.48 34.04 41.74
N LEU B 1151 -8.24 34.17 40.44
CA LEU B 1151 -7.03 33.77 39.76
C LEU B 1151 -6.54 34.97 38.94
N GLU B 1152 -5.27 35.32 39.07
CA GLU B 1152 -4.65 36.39 38.30
C GLU B 1152 -3.36 35.88 37.69
N VAL B 1153 -3.15 36.11 36.39
CA VAL B 1153 -2.01 35.56 35.65
C VAL B 1153 -1.36 36.62 34.78
N SER B 1154 -0.03 36.65 34.73
CA SER B 1154 0.72 37.43 33.75
C SER B 1154 1.78 36.57 33.05
N GLY B 1155 1.69 36.45 31.72
CA GLY B 1155 2.62 35.73 30.86
C GLY B 1155 2.59 34.22 30.98
N PRO B 1156 3.31 33.50 30.09
CA PRO B 1156 3.54 32.07 30.21
C PRO B 1156 4.58 31.78 31.31
N PRO B 1157 4.52 30.62 32.00
CA PRO B 1157 5.41 30.33 33.09
C PRO B 1157 6.80 29.93 32.56
N SER B 1158 7.85 30.36 33.24
CA SER B 1158 9.25 30.01 32.91
C SER B 1158 9.53 28.51 33.07
N GLU B 1159 10.60 28.02 32.44
CA GLU B 1159 10.95 26.58 32.42
C GLU B 1159 11.11 25.96 33.82
N VAL B 1160 11.46 26.76 34.82
CA VAL B 1160 11.33 26.41 36.24
C VAL B 1160 10.45 27.44 36.91
N VAL B 1161 9.63 27.05 37.87
CA VAL B 1161 8.90 27.96 38.76
C VAL B 1161 8.93 27.46 40.20
N TRP B 1162 8.80 28.37 41.14
CA TRP B 1162 8.66 28.08 42.57
C TRP B 1162 7.22 28.34 42.99
N LEU B 1163 6.63 27.43 43.76
CA LEU B 1163 5.29 27.58 44.32
C LEU B 1163 5.38 27.82 45.82
N ARG B 1164 4.49 28.67 46.33
CA ARG B 1164 4.18 28.78 47.76
C ARG B 1164 2.68 28.59 47.95
N VAL B 1165 2.28 27.81 48.94
CA VAL B 1165 0.89 27.52 49.29
C VAL B 1165 0.71 27.68 50.79
N ARG B 1166 -0.35 28.35 51.24
CA ARG B 1166 -0.63 28.63 52.66
C ARG B 1166 -2.11 28.41 52.98
N HIS B 1167 -2.40 28.01 54.21
CA HIS B 1167 -3.74 27.61 54.66
C HIS B 1167 -4.38 28.62 55.65
N GLY B 1168 -4.02 29.89 55.54
CA GLY B 1168 -4.35 30.93 56.55
C GLY B 1168 -5.81 31.38 56.59
N ALA B 1169 -6.57 31.27 55.50
CA ALA B 1169 -8.00 31.60 55.47
C ALA B 1169 -8.86 30.43 56.02
N ASP B 1170 -10.03 30.75 56.58
CA ASP B 1170 -10.93 29.76 57.19
C ASP B 1170 -11.44 28.74 56.16
N GLY B 1171 -10.87 27.54 56.16
CA GLY B 1171 -11.23 26.46 55.23
C GLY B 1171 -10.75 26.65 53.78
N ALA B 1172 -9.82 27.58 53.51
CA ALA B 1172 -9.36 27.88 52.15
C ALA B 1172 -7.84 28.16 52.05
N ALA B 1173 -7.23 27.68 50.97
CA ALA B 1173 -5.83 27.93 50.66
C ALA B 1173 -5.64 29.17 49.76
N ASP B 1174 -4.48 29.81 49.87
CA ASP B 1174 -3.99 30.81 48.91
C ASP B 1174 -2.64 30.34 48.36
N ALA B 1175 -2.33 30.69 47.11
CA ALA B 1175 -1.13 30.24 46.44
C ALA B 1175 -0.53 31.31 45.52
N VAL B 1176 0.80 31.34 45.42
CA VAL B 1176 1.56 32.29 44.60
C VAL B 1176 2.65 31.56 43.84
N VAL B 1177 2.82 31.89 42.57
CA VAL B 1177 3.82 31.29 41.68
C VAL B 1177 4.88 32.34 41.34
N LEU B 1178 6.14 32.02 41.58
CA LEU B 1178 7.30 32.89 41.37
C LEU B 1178 8.27 32.32 40.33
N SER B 1179 8.82 33.18 39.49
CA SER B 1179 9.82 32.81 38.48
C SER B 1179 11.17 32.43 39.11
N GLY B 1180 12.08 31.85 38.32
CA GLY B 1180 13.45 31.57 38.79
C GLY B 1180 14.23 32.83 39.23
N GLU B 1181 13.84 34.00 38.73
CA GLU B 1181 14.38 35.32 39.10
C GLU B 1181 13.65 35.96 40.29
N GLY B 1182 12.58 35.35 40.79
CA GLY B 1182 11.77 35.90 41.89
C GLY B 1182 10.66 36.89 41.45
N VAL B 1183 10.26 36.89 40.18
CA VAL B 1183 9.14 37.70 39.66
C VAL B 1183 7.80 37.03 39.93
N ARG B 1184 6.76 37.78 40.30
CA ARG B 1184 5.36 37.33 40.38
C ARG B 1184 4.86 36.86 39.01
N LEU B 1185 4.52 35.58 38.85
CA LEU B 1185 3.94 35.03 37.61
C LEU B 1185 2.42 34.89 37.69
N ALA B 1186 1.88 34.37 38.78
CA ALA B 1186 0.44 34.22 39.00
C ALA B 1186 0.11 34.15 40.50
N ALA B 1187 -1.14 34.40 40.85
CA ALA B 1187 -1.65 34.23 42.21
C ALA B 1187 -3.09 33.70 42.21
N VAL B 1188 -3.42 32.91 43.24
CA VAL B 1188 -4.70 32.26 43.45
C VAL B 1188 -5.14 32.49 44.88
N GLN B 1189 -6.40 32.85 45.08
CA GLN B 1189 -6.95 33.10 46.41
C GLN B 1189 -8.29 32.40 46.63
N GLY B 1190 -8.47 31.88 47.85
CA GLY B 1190 -9.71 31.23 48.27
C GLY B 1190 -9.94 29.89 47.58
N LEU B 1191 -8.88 29.09 47.39
CA LEU B 1191 -8.97 27.74 46.84
C LEU B 1191 -9.60 26.82 47.89
N ARG B 1192 -10.82 26.34 47.65
CA ARG B 1192 -11.55 25.45 48.56
C ARG B 1192 -11.64 24.05 48.00
N LEU B 1193 -11.17 23.08 48.79
CA LEU B 1193 -11.41 21.65 48.57
C LEU B 1193 -12.51 21.11 49.51
N ARG B 1194 -12.69 21.72 50.69
CA ARG B 1194 -13.59 21.24 51.77
C ARG B 1194 -15.03 20.91 51.36
N PRO B 1195 -15.72 21.63 50.45
CA PRO B 1195 -17.09 21.26 50.05
C PRO B 1195 -17.17 19.91 49.30
N MET B 1196 -16.04 19.39 48.80
CA MET B 1196 -15.91 18.03 48.27
C MET B 1196 -14.75 17.28 48.94
N ALA B 1197 -14.59 17.48 50.26
CA ALA B 1197 -13.94 16.46 51.07
C ALA B 1197 -14.84 15.21 51.15
N GLY B 1198 -14.30 14.03 50.87
CA GLY B 1198 -14.98 12.75 51.12
C GLY B 1198 -16.19 12.46 50.24
N ARG B 1199 -16.12 12.77 48.94
CA ARG B 1199 -17.17 12.40 47.97
C ARG B 1199 -17.06 10.92 47.53
N GLU B 1200 -18.18 10.38 47.06
CA GLU B 1200 -18.45 8.94 46.91
C GLU B 1200 -17.49 8.19 45.96
N PRO B 1201 -16.61 7.30 46.46
CA PRO B 1201 -15.77 6.46 45.61
C PRO B 1201 -16.53 5.30 44.94
N ALA B 1202 -17.62 4.78 45.51
CA ALA B 1202 -18.24 3.56 44.99
C ALA B 1202 -18.87 3.76 43.60
N GLY B 1203 -19.29 4.98 43.29
CA GLY B 1203 -19.79 5.35 41.96
C GLY B 1203 -18.69 5.72 40.96
N LEU B 1204 -17.48 5.98 41.44
CA LEU B 1204 -16.33 6.40 40.64
C LEU B 1204 -15.37 5.25 40.31
N ALA B 1205 -15.32 4.21 41.15
CA ALA B 1205 -14.42 3.07 40.98
C ALA B 1205 -14.68 2.28 39.69
N GLU B 1206 -13.62 1.83 39.03
CA GLU B 1206 -13.70 1.20 37.70
C GLU B 1206 -14.04 -0.31 37.76
N ALA B 1207 -13.82 -0.96 38.90
CA ALA B 1207 -13.88 -2.42 39.02
C ALA B 1207 -15.31 -3.00 38.98
N PRO B 1208 -15.50 -4.21 38.41
CA PRO B 1208 -16.77 -4.93 38.37
C PRO B 1208 -17.03 -5.82 39.59
N LEU B 1209 -18.27 -6.25 39.81
CA LEU B 1209 -18.61 -7.31 40.77
C LEU B 1209 -18.23 -8.68 40.21
N GLU B 1210 -17.42 -9.43 40.95
CA GLU B 1210 -16.84 -10.70 40.52
C GLU B 1210 -16.82 -11.73 41.64
N ARG B 1211 -16.70 -13.00 41.24
CA ARG B 1211 -16.60 -14.14 42.17
C ARG B 1211 -15.12 -14.50 42.33
N HIS B 1212 -14.64 -14.43 43.57
CA HIS B 1212 -13.25 -14.61 43.97
C HIS B 1212 -13.10 -15.89 44.74
N GLU B 1213 -12.19 -16.77 44.34
CA GLU B 1213 -12.07 -18.11 44.89
C GLU B 1213 -10.61 -18.48 45.12
N VAL B 1214 -10.31 -19.11 46.26
CA VAL B 1214 -8.98 -19.66 46.52
C VAL B 1214 -8.87 -21.00 45.80
N VAL B 1215 -8.10 -21.06 44.73
CA VAL B 1215 -7.91 -22.24 43.88
C VAL B 1215 -6.55 -22.86 44.12
N TRP B 1216 -6.51 -24.18 44.32
CA TRP B 1216 -5.28 -24.92 44.54
C TRP B 1216 -4.67 -25.42 43.24
N HIS B 1217 -3.44 -25.02 42.96
CA HIS B 1217 -2.66 -25.46 41.81
C HIS B 1217 -1.59 -26.44 42.26
N ALA B 1218 -1.47 -27.59 41.62
CA ALA B 1218 -0.37 -28.51 41.89
C ALA B 1218 0.96 -27.92 41.41
N LEU B 1219 2.03 -28.12 42.18
CA LEU B 1219 3.41 -27.80 41.79
C LEU B 1219 4.04 -28.99 41.03
N ALA B 1220 3.34 -29.51 40.01
CA ALA B 1220 3.87 -30.57 39.16
C ALA B 1220 5.08 -30.08 38.36
N GLU B 1221 5.03 -28.85 37.85
CA GLU B 1221 6.21 -28.12 37.40
C GLU B 1221 7.10 -27.74 38.58
N ASP B 1222 8.41 -28.01 38.46
CA ASP B 1222 9.49 -27.65 39.40
C ASP B 1222 9.33 -28.13 40.86
N GLY B 1223 8.51 -29.14 41.13
CA GLY B 1223 8.14 -29.60 42.47
C GLY B 1223 9.20 -30.32 43.31
N ARG B 1224 10.49 -30.01 43.14
CA ARG B 1224 11.60 -30.69 43.83
C ARG B 1224 12.12 -29.85 45.00
N PRO B 1225 12.46 -30.43 46.16
CA PRO B 1225 12.62 -29.66 47.40
C PRO B 1225 13.77 -28.65 47.44
N GLY B 1226 14.92 -28.97 46.86
CA GLY B 1226 16.14 -28.18 47.07
C GLY B 1226 16.71 -28.25 48.49
N ALA B 1227 17.89 -27.66 48.72
CA ALA B 1227 18.62 -27.79 49.97
C ALA B 1227 18.13 -26.85 51.09
N ILE B 1228 18.31 -27.25 52.34
CA ILE B 1228 18.14 -26.40 53.52
C ILE B 1228 19.34 -25.46 53.65
N GLY B 1229 19.12 -24.22 54.10
CA GLY B 1229 20.03 -23.08 53.95
C GLY B 1229 21.33 -23.02 54.76
N GLY B 1230 21.97 -24.15 55.08
CA GLY B 1230 23.23 -24.20 55.80
C GLY B 1230 23.13 -23.96 57.31
N GLY B 1231 24.25 -24.13 58.01
CA GLY B 1231 24.35 -24.11 59.48
C GLY B 1231 24.28 -22.72 60.13
N THR B 1232 23.36 -21.85 59.70
CA THR B 1232 23.22 -20.48 60.22
C THR B 1232 22.69 -20.41 61.66
N GLY B 1233 21.94 -21.43 62.11
CA GLY B 1233 21.35 -21.51 63.44
C GLY B 1233 20.44 -22.73 63.61
N SER B 1234 19.93 -22.95 64.82
CA SER B 1234 19.08 -24.11 65.14
C SER B 1234 17.63 -23.96 64.67
N TRP B 1235 16.95 -25.10 64.49
CA TRP B 1235 15.51 -25.16 64.27
C TRP B 1235 14.81 -25.65 65.54
N LEU B 1236 13.73 -24.97 65.93
CA LEU B 1236 12.93 -25.34 67.08
C LEU B 1236 11.69 -26.09 66.63
N VAL B 1237 11.43 -27.29 67.16
CA VAL B 1237 10.24 -28.07 66.83
C VAL B 1237 9.34 -28.23 68.04
N PHE B 1238 8.11 -27.74 67.96
CA PHE B 1238 7.07 -27.90 68.98
C PHE B 1238 5.91 -28.71 68.40
N SER B 1239 5.38 -29.66 69.16
CA SER B 1239 4.24 -30.47 68.72
C SER B 1239 3.34 -30.85 69.88
N ASP B 1240 2.09 -31.13 69.56
CA ASP B 1240 1.18 -31.86 70.45
C ASP B 1240 1.68 -33.27 70.82
N ASP B 1241 2.50 -33.92 69.98
CA ASP B 1241 3.04 -35.26 70.22
C ASP B 1241 4.56 -35.23 70.47
N PRO B 1242 5.03 -35.60 71.67
CA PRO B 1242 6.45 -35.70 71.98
C PRO B 1242 7.21 -36.64 71.04
N GLU B 1243 6.59 -37.77 70.66
CA GLU B 1243 7.16 -38.72 69.71
C GLU B 1243 7.36 -38.12 68.32
N ARG B 1244 6.46 -37.24 67.85
CA ARG B 1244 6.63 -36.55 66.57
C ARG B 1244 7.75 -35.53 66.64
N ALA B 1245 7.79 -34.74 67.72
CA ALA B 1245 8.83 -33.74 67.90
C ALA B 1245 10.21 -34.39 67.92
N ALA B 1246 10.37 -35.46 68.70
CA ALA B 1246 11.60 -36.23 68.75
C ALA B 1246 11.94 -36.83 67.38
N ALA B 1247 10.98 -37.44 66.67
CA ALA B 1247 11.25 -38.03 65.37
C ALA B 1247 11.81 -37.02 64.37
N TRP B 1248 11.21 -35.83 64.25
CA TRP B 1248 11.76 -34.80 63.39
C TRP B 1248 13.12 -34.28 63.86
N CYS B 1249 13.41 -34.26 65.16
CA CYS B 1249 14.73 -33.88 65.63
C CYS B 1249 15.79 -34.94 65.30
N ASP B 1250 15.42 -36.22 65.28
CA ASP B 1250 16.29 -37.28 64.76
C ASP B 1250 16.51 -37.12 63.26
N GLU B 1251 15.46 -36.88 62.47
CA GLU B 1251 15.60 -36.65 61.04
C GLU B 1251 16.51 -35.48 60.70
N LEU B 1252 16.35 -34.32 61.35
CA LEU B 1252 17.25 -33.19 61.10
C LEU B 1252 18.70 -33.50 61.49
N ALA B 1253 18.92 -34.35 62.51
CA ALA B 1253 20.27 -34.79 62.85
C ALA B 1253 20.92 -35.62 61.73
N LEU B 1254 20.19 -36.56 61.10
CA LEU B 1254 20.73 -37.36 59.99
C LEU B 1254 21.23 -36.48 58.84
N PHE B 1255 20.57 -35.35 58.58
CA PHE B 1255 20.91 -34.38 57.55
C PHE B 1255 21.88 -33.29 58.01
N GLY B 1256 22.42 -33.35 59.23
CA GLY B 1256 23.39 -32.37 59.73
C GLY B 1256 22.82 -30.98 60.05
N VAL B 1257 21.51 -30.87 60.32
CA VAL B 1257 20.85 -29.61 60.71
C VAL B 1257 20.62 -29.63 62.23
N PRO B 1258 21.09 -28.62 63.00
CA PRO B 1258 20.91 -28.60 64.44
C PRO B 1258 19.47 -28.29 64.83
N ALA B 1259 18.90 -29.03 65.77
CA ALA B 1259 17.51 -28.86 66.19
C ALA B 1259 17.26 -29.13 67.68
N VAL B 1260 16.21 -28.54 68.23
CA VAL B 1260 15.79 -28.69 69.64
C VAL B 1260 14.32 -29.08 69.70
N ALA B 1261 13.98 -30.00 70.59
CA ALA B 1261 12.61 -30.47 70.78
C ALA B 1261 11.94 -29.74 71.95
N LEU B 1262 10.71 -29.26 71.74
CA LEU B 1262 9.90 -28.56 72.73
C LEU B 1262 8.54 -29.24 72.91
N ALA B 1263 7.97 -29.17 74.10
CA ALA B 1263 6.63 -29.70 74.38
C ALA B 1263 5.86 -28.81 75.37
N GLY B 1264 4.53 -28.88 75.32
CA GLY B 1264 3.67 -28.18 76.27
C GLY B 1264 3.70 -28.82 77.66
N GLU B 1265 3.75 -28.01 78.71
CA GLU B 1265 3.93 -28.49 80.10
C GLU B 1265 2.74 -29.27 80.68
N ASP B 1266 1.58 -29.31 80.02
CA ASP B 1266 0.48 -30.21 80.36
C ASP B 1266 0.61 -31.61 79.70
N ALA B 1267 1.46 -31.78 78.69
CA ALA B 1267 1.90 -33.08 78.21
C ALA B 1267 3.05 -33.62 79.07
N GLU B 1268 3.21 -34.94 79.13
CA GLU B 1268 4.30 -35.58 79.89
C GLU B 1268 5.68 -35.38 79.22
N GLY B 1269 6.73 -35.21 80.03
CA GLY B 1269 8.12 -35.06 79.57
C GLY B 1269 8.77 -36.36 79.09
N ARG B 1270 8.04 -37.17 78.32
CA ARG B 1270 8.35 -38.58 77.98
C ARG B 1270 9.67 -38.82 77.27
N ASP B 1271 10.16 -37.86 76.48
CA ASP B 1271 11.31 -38.08 75.58
C ASP B 1271 12.35 -36.94 75.61
N GLY B 1272 12.60 -36.40 76.81
CA GLY B 1272 13.76 -35.52 77.06
C GLY B 1272 13.74 -34.15 76.38
N THR B 1273 12.56 -33.65 76.00
CA THR B 1273 12.39 -32.33 75.39
C THR B 1273 12.65 -31.19 76.37
N GLU B 1274 12.84 -29.97 75.87
CA GLU B 1274 12.51 -28.77 76.66
C GLU B 1274 11.00 -28.74 76.97
N THR B 1275 10.59 -27.96 77.97
CA THR B 1275 9.16 -27.75 78.27
C THR B 1275 8.80 -26.27 78.30
N VAL B 1276 7.63 -25.92 77.79
CA VAL B 1276 7.17 -24.54 77.62
C VAL B 1276 5.77 -24.39 78.23
N PRO B 1277 5.46 -23.30 78.96
CA PRO B 1277 4.16 -23.12 79.63
C PRO B 1277 2.95 -22.85 78.70
N VAL B 1278 3.01 -23.26 77.42
CA VAL B 1278 1.88 -23.20 76.49
C VAL B 1278 0.71 -23.98 77.07
N GLY B 1279 -0.46 -23.36 77.12
CA GLY B 1279 -1.62 -23.80 77.90
C GLY B 1279 -2.01 -22.79 78.99
N THR B 1280 -1.03 -22.12 79.60
CA THR B 1280 -1.25 -20.79 80.18
C THR B 1280 -1.25 -19.76 79.03
N GLY B 1281 -2.24 -18.87 78.98
CA GLY B 1281 -2.50 -18.03 77.80
C GLY B 1281 -1.59 -16.81 77.64
N ASP B 1282 -0.50 -16.70 78.41
CA ASP B 1282 0.24 -15.45 78.62
C ASP B 1282 1.60 -15.46 77.92
N PRO B 1283 1.86 -14.53 76.98
CA PRO B 1283 3.15 -14.43 76.30
C PRO B 1283 4.34 -14.15 77.21
N ASP B 1284 4.16 -13.58 78.40
CA ASP B 1284 5.27 -13.26 79.31
C ASP B 1284 5.95 -14.52 79.84
N VAL B 1285 5.19 -15.49 80.38
CA VAL B 1285 5.77 -16.74 80.90
C VAL B 1285 6.38 -17.60 79.80
N VAL B 1286 5.80 -17.57 78.59
CA VAL B 1286 6.42 -18.18 77.42
C VAL B 1286 7.74 -17.47 77.08
N GLY B 1287 7.75 -16.14 77.03
CA GLY B 1287 8.94 -15.35 76.74
C GLY B 1287 10.06 -15.59 77.75
N LYS B 1288 9.74 -15.57 79.04
CA LYS B 1288 10.67 -15.90 80.14
C LYS B 1288 11.23 -17.32 80.06
N THR B 1289 10.59 -18.21 79.31
CA THR B 1289 11.13 -19.55 78.97
C THR B 1289 12.03 -19.51 77.71
N PHE B 1290 11.59 -18.89 76.62
CA PHE B 1290 12.40 -18.74 75.41
C PHE B 1290 13.69 -17.94 75.64
N ALA B 1291 13.66 -16.95 76.54
CA ALA B 1291 14.83 -16.18 76.94
C ALA B 1291 15.92 -17.06 77.58
N GLU B 1292 15.55 -18.17 78.20
CA GLU B 1292 16.53 -19.09 78.79
C GLU B 1292 17.41 -19.73 77.71
N LEU B 1293 16.85 -20.11 76.55
CA LEU B 1293 17.63 -20.66 75.43
C LEU B 1293 18.65 -19.64 74.89
N ARG B 1294 18.30 -18.36 74.81
CA ARG B 1294 19.24 -17.30 74.42
C ARG B 1294 20.34 -17.13 75.46
N GLU B 1295 20.02 -17.29 76.74
CA GLU B 1295 21.02 -17.30 77.83
C GLU B 1295 21.92 -18.55 77.82
N ARG B 1296 21.48 -19.69 77.26
CA ARG B 1296 22.39 -20.82 76.95
C ARG B 1296 23.30 -20.55 75.75
N GLY B 1297 23.02 -19.52 74.95
CA GLY B 1297 23.73 -19.19 73.72
C GLY B 1297 23.15 -19.81 72.44
N VAL B 1298 21.97 -20.44 72.49
CA VAL B 1298 21.30 -20.98 71.31
C VAL B 1298 20.81 -19.85 70.38
N THR B 1299 20.97 -20.00 69.08
CA THR B 1299 20.49 -19.06 68.05
C THR B 1299 19.44 -19.75 67.17
N VAL B 1300 18.39 -19.04 66.73
CA VAL B 1300 17.26 -19.67 66.03
C VAL B 1300 17.14 -19.21 64.58
N ALA B 1301 17.18 -20.17 63.66
CA ALA B 1301 16.91 -19.99 62.24
C ALA B 1301 15.40 -20.01 61.96
N GLY B 1302 14.65 -20.89 62.63
CA GLY B 1302 13.22 -21.02 62.43
C GLY B 1302 12.52 -21.97 63.40
N LEU B 1303 11.20 -21.94 63.37
CA LEU B 1303 10.32 -22.62 64.31
C LEU B 1303 9.19 -23.35 63.58
N LEU B 1304 8.99 -24.62 63.91
CA LEU B 1304 7.89 -25.46 63.43
C LEU B 1304 6.89 -25.67 64.57
N VAL B 1305 5.62 -25.41 64.30
CA VAL B 1305 4.52 -25.73 65.21
C VAL B 1305 3.64 -26.77 64.54
N HIS B 1306 3.52 -27.96 65.13
CA HIS B 1306 2.77 -29.08 64.57
C HIS B 1306 1.56 -29.45 65.43
N ASP B 1307 0.40 -29.56 64.79
CA ASP B 1307 -0.88 -29.82 65.44
C ASP B 1307 -1.38 -31.26 65.20
N ALA B 1308 -1.90 -31.92 66.24
CA ALA B 1308 -2.33 -33.32 66.19
C ALA B 1308 -3.58 -33.63 65.33
N GLY B 1309 -4.32 -32.65 64.83
CA GLY B 1309 -5.58 -32.89 64.12
C GLY B 1309 -6.70 -33.39 65.04
N ASP B 1310 -7.60 -34.24 64.54
CA ASP B 1310 -8.81 -34.68 65.25
C ASP B 1310 -8.58 -35.53 66.52
N ALA B 1311 -7.32 -35.90 66.83
CA ALA B 1311 -6.96 -36.77 67.95
C ALA B 1311 -7.43 -36.26 69.33
N ARG B 1312 -7.66 -34.96 69.51
CA ARG B 1312 -8.26 -34.39 70.74
C ARG B 1312 -9.69 -34.87 70.99
N GLU B 1313 -10.45 -35.26 69.97
CA GLU B 1313 -11.82 -35.75 70.14
C GLU B 1313 -11.88 -37.08 70.92
N PRO B 1314 -11.27 -38.20 70.47
CA PRO B 1314 -11.27 -39.44 71.24
C PRO B 1314 -10.46 -39.33 72.56
N ALA B 1315 -9.44 -38.48 72.61
CA ALA B 1315 -8.65 -38.27 73.83
C ALA B 1315 -9.45 -37.59 74.96
N SER B 1316 -10.27 -36.58 74.64
CA SER B 1316 -11.14 -35.89 75.62
C SER B 1316 -12.50 -36.56 75.83
N GLY B 1317 -13.02 -37.30 74.84
CA GLY B 1317 -14.26 -38.07 74.93
C GLY B 1317 -15.56 -37.26 74.82
N ALA B 1318 -15.49 -35.98 74.45
CA ALA B 1318 -16.65 -35.10 74.27
C ALA B 1318 -16.40 -34.06 73.16
N ASP B 1319 -17.48 -33.62 72.49
CA ASP B 1319 -17.41 -32.75 71.31
C ASP B 1319 -17.88 -31.31 71.58
N ASP B 1320 -17.02 -30.33 71.30
CA ASP B 1320 -17.39 -28.91 71.17
C ASP B 1320 -16.36 -28.19 70.27
N PRO B 1321 -16.60 -28.11 68.95
CA PRO B 1321 -15.62 -27.56 68.03
C PRO B 1321 -15.31 -26.09 68.30
N LEU B 1322 -16.27 -25.31 68.83
CA LEU B 1322 -16.06 -23.90 69.14
C LEU B 1322 -15.19 -23.72 70.40
N ASP B 1323 -15.40 -24.51 71.45
CA ASP B 1323 -14.48 -24.50 72.59
C ASP B 1323 -13.10 -25.05 72.20
N ALA B 1324 -13.04 -26.08 71.36
CA ALA B 1324 -11.77 -26.61 70.86
C ALA B 1324 -11.00 -25.54 70.06
N ALA B 1325 -11.69 -24.79 69.19
CA ALA B 1325 -11.11 -23.67 68.46
C ALA B 1325 -10.60 -22.58 69.42
N CYS B 1326 -11.36 -22.25 70.47
CA CYS B 1326 -10.91 -21.30 71.47
C CYS B 1326 -9.61 -21.75 72.16
N ARG B 1327 -9.51 -23.04 72.51
CA ARG B 1327 -8.28 -23.61 73.10
C ARG B 1327 -7.12 -23.62 72.11
N ARG B 1328 -7.30 -24.10 70.88
CA ARG B 1328 -6.25 -24.14 69.84
C ARG B 1328 -5.69 -22.77 69.52
N GLY B 1329 -6.57 -21.77 69.42
CA GLY B 1329 -6.16 -20.38 69.26
C GLY B 1329 -5.30 -19.93 70.43
N GLY B 1330 -5.79 -20.10 71.66
CA GLY B 1330 -5.08 -19.66 72.87
C GLY B 1330 -3.69 -20.28 73.01
N ARG B 1331 -3.56 -21.60 72.77
CA ARG B 1331 -2.26 -22.28 72.81
C ARG B 1331 -1.30 -21.73 71.74
N THR B 1332 -1.75 -21.69 70.50
CA THR B 1332 -0.87 -21.30 69.39
C THR B 1332 -0.47 -19.83 69.52
N LEU B 1333 -1.38 -18.96 69.95
CA LEU B 1333 -1.08 -17.53 70.20
C LEU B 1333 -0.03 -17.37 71.28
N ALA B 1334 -0.10 -18.15 72.36
CA ALA B 1334 0.85 -18.03 73.45
C ALA B 1334 2.27 -18.38 72.98
N LEU B 1335 2.41 -19.47 72.22
CA LEU B 1335 3.67 -19.88 71.64
C LEU B 1335 4.21 -18.81 70.70
N VAL B 1336 3.44 -18.46 69.66
CA VAL B 1336 3.91 -17.58 68.58
C VAL B 1336 4.25 -16.19 69.07
N ARG B 1337 3.40 -15.54 69.89
CA ARG B 1337 3.73 -14.22 70.44
C ARG B 1337 4.96 -14.30 71.33
N GLY B 1338 5.03 -15.32 72.19
CA GLY B 1338 6.16 -15.49 73.10
C GLY B 1338 7.49 -15.65 72.37
N PHE B 1339 7.48 -16.31 71.20
CA PHE B 1339 8.67 -16.44 70.38
C PHE B 1339 9.04 -15.13 69.68
N LEU B 1340 8.06 -14.43 69.08
CA LEU B 1340 8.29 -13.18 68.35
C LEU B 1340 8.94 -12.10 69.22
N GLN B 1341 8.50 -11.99 70.48
CA GLN B 1341 9.08 -11.06 71.44
C GLN B 1341 10.57 -11.31 71.67
N GLU B 1342 11.00 -12.57 71.74
CA GLU B 1342 12.36 -12.91 72.13
C GLU B 1342 13.38 -12.94 70.98
N TYR B 1343 12.97 -13.16 69.72
CA TYR B 1343 13.91 -13.44 68.64
C TYR B 1343 13.69 -12.66 67.34
N ALA B 1344 12.69 -11.78 67.20
CA ALA B 1344 12.35 -11.20 65.89
C ALA B 1344 13.53 -10.46 65.20
N GLU B 1345 14.44 -9.85 65.95
CA GLU B 1345 15.65 -9.21 65.39
C GLU B 1345 16.59 -10.17 64.64
N GLN B 1346 16.51 -11.48 64.89
CA GLN B 1346 17.29 -12.50 64.18
C GLN B 1346 16.70 -12.85 62.79
N THR B 1347 15.54 -12.29 62.44
CA THR B 1347 14.74 -12.63 61.24
C THR B 1347 14.46 -14.13 61.12
N PRO B 1348 13.83 -14.75 62.14
CA PRO B 1348 13.48 -16.16 62.10
C PRO B 1348 12.40 -16.46 61.07
N ARG B 1349 12.30 -17.71 60.63
CA ARG B 1349 11.24 -18.21 59.76
C ARG B 1349 10.23 -19.04 60.56
N ILE B 1350 8.94 -18.74 60.45
CA ILE B 1350 7.91 -19.42 61.23
C ILE B 1350 7.10 -20.34 60.30
N VAL B 1351 6.94 -21.61 60.64
CA VAL B 1351 6.19 -22.57 59.83
C VAL B 1351 5.09 -23.20 60.66
N LEU B 1352 3.83 -23.01 60.27
CA LEU B 1352 2.68 -23.56 60.98
C LEU B 1352 2.15 -24.76 60.22
N CYS B 1353 2.08 -25.91 60.88
CA CYS B 1353 1.83 -27.18 60.24
C CYS B 1353 0.51 -27.77 60.76
N SER B 1354 -0.58 -27.40 60.11
CA SER B 1354 -1.92 -27.92 60.38
C SER B 1354 -2.14 -29.29 59.74
N ALA B 1355 -3.27 -29.94 60.05
CA ALA B 1355 -3.70 -31.11 59.30
C ALA B 1355 -5.21 -31.08 59.05
N GLY B 1356 -5.62 -31.31 57.81
CA GLY B 1356 -7.04 -31.24 57.43
C GLY B 1356 -7.68 -29.86 57.59
N ALA B 1357 -6.89 -28.79 57.52
CA ALA B 1357 -7.37 -27.41 57.54
C ALA B 1357 -7.76 -26.89 56.16
N ALA B 1358 -7.10 -27.34 55.09
CA ALA B 1358 -7.29 -26.80 53.75
C ALA B 1358 -8.67 -27.15 53.17
N ALA B 1359 -9.42 -26.16 52.72
CA ALA B 1359 -10.70 -26.33 52.04
C ALA B 1359 -10.53 -26.70 50.55
N GLY B 1360 -11.54 -27.36 49.96
CA GLY B 1360 -11.64 -27.60 48.51
C GLY B 1360 -10.76 -28.72 47.92
N LEU B 1361 -9.70 -29.14 48.61
CA LEU B 1361 -8.88 -30.29 48.19
C LEU B 1361 -9.63 -31.62 48.39
N ALA B 1362 -9.26 -32.63 47.60
CA ALA B 1362 -9.79 -33.99 47.72
C ALA B 1362 -9.25 -34.74 48.95
N GLY B 1363 -9.94 -35.81 49.36
CA GLY B 1363 -9.58 -36.66 50.49
C GLY B 1363 -10.09 -36.14 51.84
N GLY B 1364 -11.32 -36.53 52.19
CA GLY B 1364 -11.97 -36.24 53.48
C GLY B 1364 -12.43 -34.79 53.68
N PRO B 1365 -13.33 -34.53 54.64
CA PRO B 1365 -13.78 -33.18 54.99
C PRO B 1365 -12.73 -32.41 55.79
N PRO B 1366 -12.77 -31.07 55.84
CA PRO B 1366 -11.98 -30.28 56.78
C PRO B 1366 -12.48 -30.44 58.22
N HIS B 1367 -11.59 -30.40 59.20
CA HIS B 1367 -11.94 -30.42 60.62
C HIS B 1367 -12.11 -28.98 61.15
N PRO B 1368 -13.30 -28.53 61.60
CA PRO B 1368 -13.51 -27.11 61.91
C PRO B 1368 -12.60 -26.55 63.00
N ALA B 1369 -12.18 -27.37 63.97
CA ALA B 1369 -11.33 -26.93 65.07
C ALA B 1369 -9.93 -26.47 64.65
N GLN B 1370 -9.48 -26.77 63.43
CA GLN B 1370 -8.22 -26.27 62.88
C GLN B 1370 -8.24 -24.77 62.53
N ALA B 1371 -9.42 -24.16 62.38
CA ALA B 1371 -9.56 -22.82 61.77
C ALA B 1371 -8.70 -21.70 62.38
N PRO B 1372 -8.40 -21.65 63.69
CA PRO B 1372 -7.51 -20.62 64.22
C PRO B 1372 -6.10 -20.63 63.66
N LEU B 1373 -5.61 -21.74 63.12
CA LEU B 1373 -4.28 -21.81 62.49
C LEU B 1373 -4.24 -21.03 61.17
N THR B 1374 -5.25 -21.16 60.31
CA THR B 1374 -5.30 -20.40 59.06
C THR B 1374 -5.44 -18.91 59.37
N ALA B 1375 -6.26 -18.57 60.35
CA ALA B 1375 -6.41 -17.19 60.79
C ALA B 1375 -5.08 -16.62 61.31
N LEU B 1376 -4.39 -17.31 62.21
CA LEU B 1376 -3.15 -16.82 62.77
C LEU B 1376 -2.08 -16.64 61.70
N PHE B 1377 -2.00 -17.51 60.70
CA PHE B 1377 -1.06 -17.31 59.60
C PHE B 1377 -1.29 -15.97 58.92
N THR B 1378 -2.51 -15.70 58.45
CA THR B 1378 -2.75 -14.42 57.76
C THR B 1378 -2.61 -13.23 58.72
N SER B 1379 -2.92 -13.42 59.99
CA SER B 1379 -2.69 -12.42 61.03
C SER B 1379 -1.23 -12.02 61.18
N LEU B 1380 -0.26 -12.91 60.91
CA LEU B 1380 1.16 -12.58 60.89
C LEU B 1380 1.56 -11.87 59.59
N VAL B 1381 1.07 -12.34 58.44
CA VAL B 1381 1.52 -11.90 57.11
C VAL B 1381 1.40 -10.40 56.91
N TRP B 1382 0.32 -9.80 57.43
CA TRP B 1382 0.08 -8.36 57.34
C TRP B 1382 0.58 -7.53 58.54
N GLU B 1383 1.06 -8.13 59.62
CA GLU B 1383 1.37 -7.40 60.87
C GLU B 1383 2.84 -7.46 61.31
N HIS B 1384 3.60 -8.47 60.90
CA HIS B 1384 5.06 -8.48 61.00
C HIS B 1384 5.66 -8.76 59.62
N PRO B 1385 5.45 -7.84 58.65
CA PRO B 1385 5.62 -8.12 57.23
C PRO B 1385 7.07 -8.36 56.81
N GLU B 1386 8.04 -8.08 57.66
CA GLU B 1386 9.45 -8.39 57.46
C GLU B 1386 9.84 -9.84 57.77
N LEU B 1387 9.01 -10.63 58.47
CA LEU B 1387 9.34 -12.00 58.88
C LEU B 1387 8.78 -13.03 57.89
N PRO B 1388 9.60 -13.91 57.29
CA PRO B 1388 9.10 -14.94 56.39
C PRO B 1388 8.34 -16.02 57.14
N CYS B 1389 7.25 -16.52 56.57
CA CYS B 1389 6.51 -17.63 57.18
C CYS B 1389 5.66 -18.41 56.16
N ALA B 1390 5.25 -19.61 56.50
CA ALA B 1390 4.39 -20.42 55.64
C ALA B 1390 3.47 -21.34 56.43
N GLN B 1391 2.29 -21.63 55.92
CA GLN B 1391 1.44 -22.68 56.43
C GLN B 1391 1.49 -23.88 55.48
N VAL B 1392 1.76 -25.07 56.02
CA VAL B 1392 1.64 -26.33 55.30
C VAL B 1392 0.48 -27.10 55.90
N ASP B 1393 -0.49 -27.53 55.10
CA ASP B 1393 -1.57 -28.38 55.60
C ASP B 1393 -1.37 -29.83 55.18
N LEU B 1394 -1.17 -30.70 56.17
CA LEU B 1394 -1.00 -32.13 55.95
C LEU B 1394 -2.35 -32.82 55.73
N ASP B 1395 -2.33 -34.00 55.11
CA ASP B 1395 -3.47 -34.90 55.16
C ASP B 1395 -3.62 -35.47 56.59
N PRO B 1396 -4.80 -35.45 57.21
CA PRO B 1396 -4.99 -35.85 58.60
C PRO B 1396 -4.94 -37.37 58.83
N ALA B 1397 -4.93 -38.20 57.79
CA ALA B 1397 -5.09 -39.65 57.89
C ALA B 1397 -3.96 -40.44 57.20
N GLU B 1398 -3.37 -39.93 56.13
CA GLU B 1398 -2.13 -40.47 55.57
C GLU B 1398 -0.94 -40.25 56.52
N ASP B 1399 0.15 -40.99 56.34
CA ASP B 1399 1.37 -40.80 57.12
C ASP B 1399 2.01 -39.42 56.79
N PRO B 1400 2.55 -38.70 57.79
CA PRO B 1400 3.19 -37.41 57.55
C PRO B 1400 4.53 -37.57 56.82
N PRO B 1401 4.93 -36.60 55.97
CA PRO B 1401 6.15 -36.69 55.16
C PRO B 1401 7.41 -36.44 56.00
N THR B 1402 8.57 -36.74 55.43
CA THR B 1402 9.90 -36.50 56.02
C THR B 1402 10.11 -35.00 56.23
N VAL B 1403 10.63 -34.58 57.39
CA VAL B 1403 10.71 -33.15 57.74
C VAL B 1403 11.59 -32.35 56.77
N VAL B 1404 12.59 -32.99 56.17
CA VAL B 1404 13.45 -32.37 55.17
C VAL B 1404 12.70 -32.04 53.87
N SER B 1405 11.66 -32.78 53.52
CA SER B 1405 10.77 -32.41 52.42
C SER B 1405 9.96 -31.16 52.77
N LEU B 1406 9.39 -31.08 53.97
CA LEU B 1406 8.60 -29.93 54.41
C LEU B 1406 9.43 -28.65 54.42
N LEU B 1407 10.53 -28.64 55.16
CA LEU B 1407 11.40 -27.48 55.25
C LEU B 1407 12.01 -27.13 53.90
N GLY B 1408 12.35 -28.14 53.09
CA GLY B 1408 13.00 -27.91 51.81
C GLY B 1408 12.13 -27.07 50.89
N GLN B 1409 10.90 -27.51 50.64
CA GLN B 1409 10.01 -26.79 49.76
C GLN B 1409 9.63 -25.42 50.33
N VAL B 1410 9.57 -25.28 51.65
CA VAL B 1410 9.29 -23.99 52.30
C VAL B 1410 10.44 -23.01 52.14
N MET B 1411 11.70 -23.42 52.21
CA MET B 1411 12.83 -22.50 52.00
C MET B 1411 12.94 -21.98 50.57
N ARG B 1412 12.22 -22.55 49.60
CA ARG B 1412 12.12 -22.00 48.23
C ARG B 1412 11.21 -20.78 48.14
N LEU B 1413 10.30 -20.56 49.08
CA LEU B 1413 9.54 -19.32 49.21
C LEU B 1413 10.35 -18.22 49.93
N PRO B 1414 10.74 -17.11 49.27
CA PRO B 1414 10.92 -15.86 50.01
C PRO B 1414 9.54 -15.37 50.49
N GLY B 1415 9.49 -14.47 51.45
CA GLY B 1415 8.22 -13.86 51.87
C GLY B 1415 7.26 -14.88 52.51
N ALA B 1416 6.05 -15.02 51.97
CA ALA B 1416 5.04 -15.90 52.55
C ALA B 1416 4.14 -16.61 51.53
N GLY B 1417 3.55 -17.73 51.94
CA GLY B 1417 2.65 -18.53 51.11
C GLY B 1417 1.93 -19.65 51.87
N ARG B 1418 0.89 -20.21 51.26
CA ARG B 1418 0.13 -21.35 51.77
C ARG B 1418 0.33 -22.56 50.88
N LEU B 1419 0.77 -23.67 51.44
CA LEU B 1419 1.06 -24.92 50.76
C LEU B 1419 0.25 -26.06 51.38
N ALA B 1420 0.01 -27.13 50.63
CA ALA B 1420 -0.69 -28.30 51.15
C ALA B 1420 -0.18 -29.60 50.55
N VAL B 1421 -0.29 -30.68 51.31
CA VAL B 1421 0.15 -32.03 50.93
C VAL B 1421 -1.03 -32.97 50.94
N ARG B 1422 -1.26 -33.70 49.85
CA ARG B 1422 -2.24 -34.78 49.73
C ARG B 1422 -1.65 -35.84 48.82
N GLY B 1423 -1.56 -37.09 49.27
CA GLY B 1423 -0.70 -38.07 48.62
C GLY B 1423 0.77 -37.62 48.62
N GLY B 1424 1.48 -37.84 47.53
CA GLY B 1424 2.85 -37.33 47.33
C GLY B 1424 2.92 -35.93 46.71
N ARG B 1425 1.80 -35.35 46.28
CA ARG B 1425 1.79 -34.03 45.61
C ARG B 1425 1.90 -32.88 46.59
N TRP B 1426 2.55 -31.81 46.14
CA TRP B 1426 2.53 -30.48 46.75
C TRP B 1426 1.62 -29.53 45.96
N PHE B 1427 0.77 -28.79 46.66
CA PHE B 1427 -0.13 -27.80 46.09
C PHE B 1427 0.14 -26.42 46.67
N GLU B 1428 -0.15 -25.37 45.92
CA GLU B 1428 -0.09 -23.97 46.37
C GLU B 1428 -1.41 -23.25 46.08
N ALA B 1429 -1.88 -22.45 47.03
CA ALA B 1429 -3.12 -21.69 46.87
C ALA B 1429 -2.92 -20.38 46.09
N ARG B 1430 -3.83 -20.02 45.19
CA ARG B 1430 -3.93 -18.67 44.59
C ARG B 1430 -5.36 -18.15 44.60
N LEU B 1431 -5.54 -16.88 44.94
CA LEU B 1431 -6.84 -16.22 44.89
C LEU B 1431 -7.09 -15.75 43.46
N GLU B 1432 -8.09 -16.30 42.80
CA GLU B 1432 -8.38 -16.01 41.39
C GLU B 1432 -9.87 -15.76 41.14
N ARG B 1433 -10.15 -15.11 40.01
CA ARG B 1433 -11.38 -14.37 39.75
C ARG B 1433 -12.07 -14.81 38.47
N ARG B 1434 -13.40 -14.77 38.46
CA ARG B 1434 -14.25 -14.99 37.28
C ARG B 1434 -15.51 -14.12 37.33
N PRO B 1435 -16.15 -13.80 36.19
CA PRO B 1435 -17.38 -13.01 36.17
C PRO B 1435 -18.54 -13.66 36.92
N ALA B 1436 -19.41 -12.85 37.51
CA ALA B 1436 -20.57 -13.32 38.27
C ALA B 1436 -21.89 -12.98 37.53
N PRO B 1437 -22.68 -13.99 37.10
CA PRO B 1437 -23.99 -13.79 36.48
C PRO B 1437 -25.09 -13.32 37.47
N ALA B 1438 -25.13 -12.02 37.77
CA ALA B 1438 -26.17 -11.41 38.60
C ALA B 1438 -27.57 -11.48 37.98
N ASP B 1439 -27.65 -11.61 36.65
CA ASP B 1439 -28.90 -11.81 35.90
C ASP B 1439 -29.63 -13.10 36.30
N ARG B 1440 -28.95 -14.08 36.92
CA ARG B 1440 -29.62 -15.24 37.55
C ARG B 1440 -30.63 -14.79 38.61
N GLY B 1441 -30.28 -13.81 39.44
CA GLY B 1441 -31.21 -13.20 40.40
C GLY B 1441 -32.28 -12.33 39.74
N GLU B 1442 -31.98 -11.70 38.61
CA GLU B 1442 -32.99 -10.95 37.84
C GLU B 1442 -34.08 -11.87 37.24
N ARG B 1443 -33.74 -13.13 36.91
CA ARG B 1443 -34.70 -14.18 36.53
C ARG B 1443 -35.38 -14.88 37.73
N LEU B 1444 -34.73 -14.90 38.89
CA LEU B 1444 -35.21 -15.58 40.10
C LEU B 1444 -36.52 -14.96 40.63
N ALA B 1445 -37.44 -15.83 41.08
CA ALA B 1445 -38.44 -15.53 42.09
C ALA B 1445 -38.51 -16.71 43.06
N LEU B 1446 -38.65 -16.45 44.36
CA LEU B 1446 -38.71 -17.53 45.36
C LEU B 1446 -40.11 -18.20 45.33
N ARG B 1447 -40.21 -19.48 45.73
CA ARG B 1447 -41.47 -20.22 45.65
C ARG B 1447 -42.57 -19.60 46.54
N PRO B 1448 -43.83 -19.54 46.08
CA PRO B 1448 -44.90 -18.80 46.76
C PRO B 1448 -45.44 -19.50 48.01
N ASP B 1449 -45.43 -20.83 48.05
CA ASP B 1449 -45.97 -21.65 49.14
C ASP B 1449 -44.90 -21.93 50.22
N ALA B 1450 -44.17 -20.89 50.65
CA ALA B 1450 -43.10 -21.00 51.63
C ALA B 1450 -42.92 -19.77 52.53
N THR B 1451 -42.33 -20.00 53.70
CA THR B 1451 -41.80 -18.97 54.62
C THR B 1451 -40.28 -18.84 54.48
N TYR B 1452 -39.73 -17.68 54.82
CA TYR B 1452 -38.30 -17.36 54.74
C TYR B 1452 -37.79 -16.70 56.02
N LEU B 1453 -36.55 -16.98 56.46
CA LEU B 1453 -35.91 -16.28 57.58
C LEU B 1453 -34.83 -15.28 57.12
N VAL B 1454 -34.89 -14.07 57.68
CA VAL B 1454 -33.75 -13.15 57.78
C VAL B 1454 -33.29 -13.15 59.23
N ALA B 1455 -32.02 -13.38 59.50
CA ALA B 1455 -31.55 -13.62 60.86
C ALA B 1455 -30.24 -12.89 61.21
N GLY B 1456 -30.07 -12.56 62.50
CA GLY B 1456 -28.79 -12.13 63.08
C GLY B 1456 -28.27 -10.73 62.70
N GLY B 1457 -28.96 -9.98 61.84
CA GLY B 1457 -28.50 -8.68 61.30
C GLY B 1457 -28.98 -7.44 62.04
N ASP B 1458 -28.31 -6.31 61.79
CA ASP B 1458 -28.78 -4.97 62.22
C ASP B 1458 -29.91 -4.43 61.33
N THR B 1459 -30.46 -3.26 61.69
CA THR B 1459 -31.55 -2.63 60.95
C THR B 1459 -31.22 -2.40 59.47
N ARG B 1460 -30.02 -1.90 59.16
CA ARG B 1460 -29.64 -1.49 57.80
C ARG B 1460 -29.49 -2.69 56.88
N HIS B 1461 -28.87 -3.77 57.36
CA HIS B 1461 -28.80 -5.01 56.59
C HIS B 1461 -30.20 -5.65 56.48
N ALA B 1462 -30.95 -5.74 57.59
CA ALA B 1462 -32.25 -6.40 57.59
C ALA B 1462 -33.25 -5.73 56.64
N ALA B 1463 -33.33 -4.40 56.64
CA ALA B 1463 -34.27 -3.69 55.77
C ALA B 1463 -34.00 -3.99 54.29
N ALA B 1464 -32.73 -4.03 53.89
CA ALA B 1464 -32.35 -4.36 52.53
C ALA B 1464 -32.60 -5.83 52.19
N ALA B 1465 -32.36 -6.75 53.13
CA ALA B 1465 -32.70 -8.15 52.93
C ALA B 1465 -34.21 -8.34 52.73
N LEU B 1466 -35.02 -7.65 53.54
CA LEU B 1466 -36.47 -7.68 53.43
C LEU B 1466 -36.96 -7.08 52.11
N GLU B 1467 -36.35 -5.98 51.66
CA GLU B 1467 -36.59 -5.41 50.33
C GLU B 1467 -36.21 -6.36 49.20
N TRP B 1468 -35.10 -7.10 49.30
CA TRP B 1468 -34.76 -8.12 48.30
C TRP B 1468 -35.75 -9.28 48.32
N LEU B 1469 -36.12 -9.80 49.49
CA LEU B 1469 -37.13 -10.85 49.60
C LEU B 1469 -38.47 -10.38 49.01
N ALA B 1470 -38.87 -9.13 49.25
CA ALA B 1470 -40.04 -8.54 48.63
C ALA B 1470 -39.90 -8.48 47.10
N ALA B 1471 -38.77 -8.01 46.57
CA ALA B 1471 -38.53 -7.96 45.13
C ALA B 1471 -38.56 -9.36 44.48
N ARG B 1472 -38.15 -10.40 45.20
CA ARG B 1472 -38.20 -11.81 44.76
C ARG B 1472 -39.50 -12.54 45.18
N GLY B 1473 -40.50 -11.81 45.70
CA GLY B 1473 -41.87 -12.29 45.85
C GLY B 1473 -42.13 -13.20 47.05
N ALA B 1474 -41.32 -13.12 48.10
CA ALA B 1474 -41.48 -13.93 49.30
C ALA B 1474 -42.82 -13.64 50.03
N ARG B 1475 -43.82 -14.52 49.93
CA ARG B 1475 -45.15 -14.32 50.51
C ARG B 1475 -45.18 -14.36 52.04
N SER B 1476 -44.34 -15.17 52.69
CA SER B 1476 -44.28 -15.27 54.15
C SER B 1476 -42.84 -15.07 54.65
N VAL B 1477 -42.59 -14.12 55.54
CA VAL B 1477 -41.23 -13.75 55.98
C VAL B 1477 -41.18 -13.55 57.48
N VAL B 1478 -40.11 -14.01 58.13
CA VAL B 1478 -39.90 -13.84 59.57
C VAL B 1478 -38.50 -13.31 59.87
N LEU B 1479 -38.38 -12.35 60.79
CA LEU B 1479 -37.10 -11.79 61.22
C LEU B 1479 -36.70 -12.37 62.56
N ALA B 1480 -35.53 -13.01 62.57
CA ALA B 1480 -34.98 -13.77 63.70
C ALA B 1480 -33.74 -13.07 64.27
N GLY B 1481 -33.94 -12.03 65.05
CA GLY B 1481 -32.89 -11.34 65.81
C GLY B 1481 -33.44 -10.32 66.79
N ALA B 1482 -32.73 -10.07 67.89
CA ALA B 1482 -33.17 -9.18 68.96
C ALA B 1482 -33.37 -7.71 68.51
N GLU B 1483 -32.67 -7.28 67.45
CA GLU B 1483 -32.81 -5.92 66.88
C GLU B 1483 -34.25 -5.62 66.39
N SER B 1484 -34.97 -6.65 65.95
CA SER B 1484 -36.27 -6.55 65.25
C SER B 1484 -37.42 -5.93 66.07
N GLU B 1485 -37.30 -5.86 67.40
CA GLU B 1485 -38.28 -5.21 68.29
C GLU B 1485 -37.65 -4.13 69.20
N ARG B 1486 -36.49 -3.60 68.80
CA ARG B 1486 -35.84 -2.44 69.46
C ARG B 1486 -35.33 -1.36 68.49
N GLY B 1487 -35.05 -1.73 67.23
CA GLY B 1487 -34.71 -0.79 66.16
C GLY B 1487 -35.93 -0.16 65.49
N ASP B 1488 -35.69 0.84 64.64
CA ASP B 1488 -36.71 1.57 63.86
C ASP B 1488 -37.14 0.78 62.59
N LEU B 1489 -37.64 -0.45 62.77
CA LEU B 1489 -38.04 -1.35 61.67
C LEU B 1489 -39.35 -0.94 60.96
N ALA B 1490 -40.00 0.15 61.32
CA ALA B 1490 -41.19 0.63 60.61
C ALA B 1490 -40.91 0.89 59.12
N GLY B 1491 -39.72 1.40 58.75
CA GLY B 1491 -39.28 1.53 57.36
C GLY B 1491 -39.09 0.16 56.67
N ALA B 1492 -38.47 -0.80 57.36
CA ALA B 1492 -38.31 -2.17 56.88
C ALA B 1492 -39.68 -2.84 56.62
N ARG B 1493 -40.62 -2.77 57.58
CA ARG B 1493 -42.00 -3.24 57.40
C ARG B 1493 -42.71 -2.52 56.24
N THR B 1494 -42.49 -1.22 56.09
CA THR B 1494 -43.08 -0.41 55.00
C THR B 1494 -42.63 -0.87 53.61
N THR B 1495 -41.33 -1.10 53.38
CA THR B 1495 -40.88 -1.73 52.11
C THR B 1495 -41.36 -3.19 52.00
N GLY B 1496 -41.49 -3.89 53.14
CA GLY B 1496 -42.13 -5.20 53.26
C GLY B 1496 -43.64 -5.22 52.93
N HIS B 1497 -44.30 -4.10 52.63
CA HIS B 1497 -45.68 -4.08 52.11
C HIS B 1497 -45.79 -4.63 50.67
N ALA B 1498 -44.69 -4.63 49.90
CA ALA B 1498 -44.67 -5.15 48.53
C ALA B 1498 -44.50 -6.68 48.51
N GLY B 1499 -45.39 -7.40 47.84
CA GLY B 1499 -45.31 -8.85 47.60
C GLY B 1499 -45.58 -9.76 48.81
N ILE B 1500 -45.19 -9.37 50.02
CA ILE B 1500 -45.38 -10.16 51.26
C ILE B 1500 -46.86 -10.17 51.68
N GLU B 1501 -47.41 -11.35 51.97
CA GLU B 1501 -48.75 -11.54 52.53
C GLU B 1501 -48.75 -11.76 54.05
N ARG B 1502 -47.68 -12.34 54.63
CA ARG B 1502 -47.49 -12.46 56.08
C ARG B 1502 -46.07 -12.07 56.51
N LEU B 1503 -45.94 -11.16 57.46
CA LEU B 1503 -44.65 -10.66 57.97
C LEU B 1503 -44.64 -10.62 59.49
N GLU B 1504 -43.60 -11.16 60.12
CA GLU B 1504 -43.51 -11.24 61.59
C GLU B 1504 -42.08 -11.04 62.12
N HIS B 1505 -41.96 -10.73 63.40
CA HIS B 1505 -40.68 -10.58 64.11
C HIS B 1505 -40.70 -11.44 65.39
N VAL B 1506 -39.61 -12.17 65.66
CA VAL B 1506 -39.56 -13.09 66.82
C VAL B 1506 -38.96 -12.42 68.07
N ALA B 1507 -38.07 -11.44 67.89
CA ALA B 1507 -37.21 -10.88 68.94
C ALA B 1507 -36.36 -11.95 69.67
N VAL B 1508 -35.99 -13.02 68.95
CA VAL B 1508 -35.12 -14.10 69.46
C VAL B 1508 -33.70 -13.60 69.78
N ASP B 1509 -33.19 -13.95 70.96
CA ASP B 1509 -31.77 -13.85 71.28
C ASP B 1509 -31.04 -15.10 70.76
N LEU B 1510 -30.32 -14.95 69.63
CA LEU B 1510 -29.60 -16.06 69.01
C LEU B 1510 -28.45 -16.63 69.85
N SER B 1511 -28.05 -15.98 70.95
CA SER B 1511 -27.07 -16.58 71.88
C SER B 1511 -27.64 -17.79 72.66
N SER B 1512 -28.96 -17.96 72.71
CA SER B 1512 -29.61 -19.03 73.50
C SER B 1512 -30.16 -20.15 72.62
N ALA B 1513 -29.71 -21.39 72.85
CA ALA B 1513 -30.18 -22.56 72.10
C ALA B 1513 -31.67 -22.86 72.35
N ALA B 1514 -32.19 -22.64 73.56
CA ALA B 1514 -33.60 -22.82 73.86
C ALA B 1514 -34.47 -21.80 73.11
N ASP B 1515 -34.02 -20.54 73.03
CA ASP B 1515 -34.74 -19.52 72.26
C ASP B 1515 -34.60 -19.72 70.75
N VAL B 1516 -33.46 -20.19 70.26
CA VAL B 1516 -33.28 -20.58 68.85
C VAL B 1516 -34.18 -21.76 68.50
N ALA B 1517 -34.33 -22.76 69.37
CA ALA B 1517 -35.23 -23.89 69.13
C ALA B 1517 -36.70 -23.47 68.99
N ARG B 1518 -37.12 -22.35 69.62
CA ARG B 1518 -38.46 -21.78 69.47
C ARG B 1518 -38.81 -21.44 68.00
N LEU B 1519 -37.79 -21.21 67.16
CA LEU B 1519 -37.97 -20.97 65.72
C LEU B 1519 -38.54 -22.17 64.96
N ALA B 1520 -38.52 -23.39 65.52
CA ALA B 1520 -39.17 -24.55 64.90
C ALA B 1520 -40.69 -24.38 64.73
N GLU B 1521 -41.34 -23.62 65.60
CA GLU B 1521 -42.78 -23.31 65.46
C GLU B 1521 -43.10 -22.60 64.14
N LEU B 1522 -42.16 -21.84 63.58
CA LEU B 1522 -42.37 -21.07 62.34
C LEU B 1522 -42.60 -21.97 61.11
N CYS B 1523 -42.11 -23.21 61.13
CA CYS B 1523 -42.41 -24.21 60.10
C CYS B 1523 -43.62 -25.11 60.46
N ALA B 1524 -43.84 -25.35 61.76
CA ALA B 1524 -44.94 -26.19 62.27
C ALA B 1524 -46.32 -25.49 62.24
N ASP B 1525 -46.36 -24.16 62.37
CA ASP B 1525 -47.56 -23.33 62.39
C ASP B 1525 -48.36 -23.39 61.05
N GLY B 1526 -49.59 -22.86 61.02
CA GLY B 1526 -50.47 -22.86 59.85
C GLY B 1526 -49.98 -22.00 58.67
N ARG B 1527 -48.98 -21.14 58.88
CA ARG B 1527 -48.25 -20.45 57.80
C ARG B 1527 -47.53 -21.47 56.89
N PRO B 1528 -47.24 -21.14 55.63
CA PRO B 1528 -46.55 -22.08 54.75
C PRO B 1528 -45.17 -22.46 55.31
N PRO B 1529 -44.63 -23.65 54.99
CA PRO B 1529 -43.41 -24.17 55.60
C PRO B 1529 -42.15 -23.35 55.26
N LEU B 1530 -41.15 -23.33 56.14
CA LEU B 1530 -39.88 -22.64 55.93
C LEU B 1530 -39.10 -23.26 54.76
N ARG B 1531 -38.59 -22.45 53.81
CA ARG B 1531 -37.76 -22.95 52.70
C ARG B 1531 -36.50 -22.14 52.34
N GLY B 1532 -36.17 -21.05 53.03
CA GLY B 1532 -34.93 -20.29 52.78
C GLY B 1532 -34.45 -19.47 53.98
N VAL B 1533 -33.14 -19.40 54.19
CA VAL B 1533 -32.50 -18.79 55.37
C VAL B 1533 -31.31 -17.93 54.99
N LEU B 1534 -31.20 -16.74 55.58
CA LEU B 1534 -30.11 -15.78 55.38
C LEU B 1534 -29.64 -15.19 56.72
N LEU B 1535 -28.48 -15.61 57.22
CA LEU B 1535 -27.85 -15.01 58.38
C LEU B 1535 -26.95 -13.88 57.91
N LEU B 1536 -27.26 -12.64 58.28
CA LEU B 1536 -26.63 -11.41 57.77
C LEU B 1536 -25.26 -11.11 58.42
N PRO B 1537 -24.45 -10.22 57.83
CA PRO B 1537 -23.16 -9.83 58.39
C PRO B 1537 -23.27 -9.26 59.81
N GLN B 1538 -22.22 -9.46 60.61
CA GLN B 1538 -22.20 -9.07 62.04
C GLN B 1538 -20.95 -8.25 62.39
N PRO B 1539 -21.04 -7.34 63.36
CA PRO B 1539 -19.86 -6.64 63.88
C PRO B 1539 -18.94 -7.60 64.63
N VAL B 1540 -17.63 -7.44 64.44
CA VAL B 1540 -16.58 -8.00 65.29
C VAL B 1540 -15.59 -6.90 65.63
N ALA B 1541 -15.16 -6.82 66.88
CA ALA B 1541 -14.26 -5.77 67.36
C ALA B 1541 -12.85 -5.85 66.75
N GLY B 1542 -12.11 -4.74 66.80
CA GLY B 1542 -10.73 -4.68 66.36
C GLY B 1542 -9.76 -5.44 67.27
N GLY B 1543 -8.66 -5.89 66.69
CA GLY B 1543 -7.57 -6.55 67.40
C GLY B 1543 -6.54 -7.13 66.44
N GLY B 1544 -5.31 -6.66 66.54
CA GLY B 1544 -4.15 -7.33 65.95
C GLY B 1544 -3.66 -8.47 66.85
N LEU B 1545 -2.45 -8.96 66.60
CA LEU B 1545 -1.84 -9.98 67.47
C LEU B 1545 -1.38 -9.38 68.81
N ASP B 1546 -0.94 -8.13 68.85
CA ASP B 1546 -0.75 -7.42 70.12
C ASP B 1546 -2.08 -7.00 70.77
N GLU B 1547 -2.10 -6.91 72.10
CA GLU B 1547 -3.32 -6.78 72.91
C GLU B 1547 -4.31 -7.96 72.75
N LEU B 1548 -3.81 -9.14 72.37
CA LEU B 1548 -4.58 -10.39 72.29
C LEU B 1548 -3.85 -11.53 73.02
N ASP B 1549 -4.58 -12.35 73.75
CA ASP B 1549 -4.05 -13.40 74.63
C ASP B 1549 -5.06 -14.54 74.86
N GLY B 1550 -4.64 -15.61 75.50
CA GLY B 1550 -5.45 -16.82 75.69
C GLY B 1550 -6.64 -16.65 76.64
N ALA B 1551 -6.75 -15.54 77.37
CA ALA B 1551 -7.97 -15.19 78.11
C ALA B 1551 -8.96 -14.46 77.20
N ARG B 1552 -8.52 -13.41 76.50
CA ARG B 1552 -9.37 -12.61 75.59
C ARG B 1552 -9.91 -13.45 74.43
N PHE B 1553 -9.04 -14.24 73.79
CA PHE B 1553 -9.39 -14.92 72.53
C PHE B 1553 -10.55 -15.89 72.72
N GLY B 1554 -10.53 -16.67 73.79
CA GLY B 1554 -11.56 -17.67 74.08
C GLY B 1554 -12.93 -17.07 74.41
N ALA B 1555 -12.97 -15.81 74.84
CA ALA B 1555 -14.21 -15.05 74.96
C ALA B 1555 -14.67 -14.51 73.60
N GLU B 1556 -13.81 -13.77 72.89
CA GLU B 1556 -14.26 -13.04 71.71
C GLU B 1556 -14.58 -13.95 70.53
N LEU B 1557 -13.82 -15.03 70.28
CA LEU B 1557 -14.17 -15.97 69.21
C LEU B 1557 -15.48 -16.70 69.49
N ALA B 1558 -15.75 -17.04 70.75
CA ALA B 1558 -17.02 -17.64 71.13
C ALA B 1558 -18.16 -16.68 70.83
N GLY B 1559 -18.02 -15.41 71.22
CA GLY B 1559 -19.02 -14.40 70.89
C GLY B 1559 -19.26 -14.25 69.39
N ALA B 1560 -18.19 -14.28 68.58
CA ALA B 1560 -18.28 -14.14 67.13
C ALA B 1560 -19.01 -15.31 66.42
N LEU B 1561 -19.08 -16.49 67.04
CA LEU B 1561 -19.56 -17.72 66.41
C LEU B 1561 -20.78 -18.38 67.05
N ARG B 1562 -21.07 -18.10 68.33
CA ARG B 1562 -22.14 -18.75 69.10
C ARG B 1562 -23.46 -18.78 68.34
N GLY B 1563 -23.89 -17.64 67.81
CA GLY B 1563 -25.13 -17.50 67.06
C GLY B 1563 -25.23 -18.44 65.86
N PRO B 1564 -24.43 -18.23 64.80
CA PRO B 1564 -24.57 -19.01 63.58
C PRO B 1564 -24.34 -20.51 63.81
N VAL B 1565 -23.44 -20.88 64.73
CA VAL B 1565 -23.16 -22.29 65.02
C VAL B 1565 -24.37 -22.96 65.64
N GLU B 1566 -24.93 -22.39 66.71
CA GLU B 1566 -26.09 -23.00 67.38
C GLU B 1566 -27.31 -23.02 66.48
N LEU B 1567 -27.56 -21.97 65.68
CA LEU B 1567 -28.66 -21.98 64.71
C LEU B 1567 -28.46 -23.07 63.67
N THR B 1568 -27.29 -23.13 63.02
CA THR B 1568 -27.00 -24.14 62.00
C THR B 1568 -27.13 -25.55 62.55
N ARG B 1569 -26.63 -25.80 63.76
CA ARG B 1569 -26.77 -27.08 64.46
C ARG B 1569 -28.24 -27.43 64.67
N ARG B 1570 -28.97 -26.64 65.47
CA ARG B 1570 -30.35 -26.95 65.84
C ARG B 1570 -31.26 -27.10 64.62
N PHE B 1571 -31.14 -26.20 63.64
CA PHE B 1571 -31.93 -26.30 62.41
C PHE B 1571 -31.64 -27.59 61.65
N THR B 1572 -30.42 -28.12 61.73
CA THR B 1572 -30.07 -29.40 61.13
C THR B 1572 -30.56 -30.57 61.96
N ASP B 1573 -30.48 -30.48 63.29
CA ASP B 1573 -30.93 -31.54 64.21
C ASP B 1573 -32.44 -31.84 64.12
N VAL B 1574 -33.28 -30.87 63.74
CA VAL B 1574 -34.73 -31.05 63.59
C VAL B 1574 -35.27 -30.82 62.16
N GLY B 1575 -34.40 -30.89 61.15
CA GLY B 1575 -34.82 -30.95 59.73
C GLY B 1575 -35.31 -29.63 59.09
N LEU B 1576 -35.08 -28.49 59.73
CA LEU B 1576 -35.27 -27.17 59.10
C LEU B 1576 -34.20 -26.95 58.01
N THR B 1577 -32.95 -27.33 58.29
CA THR B 1577 -31.94 -27.54 57.24
C THR B 1577 -32.34 -28.74 56.41
N GLY B 1578 -32.07 -28.74 55.09
CA GLY B 1578 -32.49 -29.83 54.19
C GLY B 1578 -33.97 -29.75 53.80
N GLY B 1579 -34.85 -29.44 54.75
CA GLY B 1579 -36.19 -28.90 54.51
C GLY B 1579 -36.17 -27.44 54.05
N THR B 1580 -35.21 -27.05 53.20
CA THR B 1580 -34.92 -25.67 52.79
C THR B 1580 -34.00 -25.65 51.58
N ASP B 1581 -34.28 -24.79 50.60
CA ASP B 1581 -33.58 -24.74 49.30
C ASP B 1581 -32.29 -23.91 49.31
N PHE B 1582 -32.16 -22.93 50.21
CA PHE B 1582 -30.93 -22.14 50.41
C PHE B 1582 -30.72 -21.79 51.89
N PHE B 1583 -29.48 -21.85 52.37
CA PHE B 1583 -29.12 -21.53 53.74
C PHE B 1583 -27.74 -20.86 53.73
N VAL B 1584 -27.71 -19.53 53.85
CA VAL B 1584 -26.51 -18.74 53.59
C VAL B 1584 -25.94 -18.16 54.88
N LEU B 1585 -24.65 -18.38 55.13
CA LEU B 1585 -23.91 -17.88 56.28
C LEU B 1585 -22.93 -16.76 55.89
N SER B 1586 -23.03 -15.59 56.51
CA SER B 1586 -22.21 -14.42 56.15
C SER B 1586 -20.79 -14.45 56.70
N THR B 1587 -19.84 -14.00 55.88
CA THR B 1587 -18.41 -13.79 56.16
C THR B 1587 -17.91 -12.68 55.22
N SER B 1588 -16.72 -12.11 55.43
CA SER B 1588 -16.19 -11.04 54.58
C SER B 1588 -15.25 -11.55 53.47
N VAL B 1589 -15.29 -10.95 52.27
CA VAL B 1589 -14.29 -11.17 51.21
C VAL B 1589 -12.88 -10.84 51.68
N VAL B 1590 -12.76 -9.90 52.60
CA VAL B 1590 -11.49 -9.51 53.20
C VAL B 1590 -10.81 -10.70 53.89
N SER B 1591 -11.58 -11.69 54.35
CA SER B 1591 -11.04 -12.90 54.98
C SER B 1591 -10.48 -13.94 54.02
N LEU B 1592 -10.56 -13.75 52.70
CA LEU B 1592 -9.90 -14.65 51.74
C LEU B 1592 -8.37 -14.46 51.74
N PRO B 1593 -7.80 -13.25 51.61
CA PRO B 1593 -6.38 -13.02 51.89
C PRO B 1593 -6.09 -12.66 53.36
N GLY B 1594 -7.10 -12.23 54.11
CA GLY B 1594 -6.97 -11.64 55.46
C GLY B 1594 -6.43 -10.20 55.45
N ARG B 1595 -6.44 -9.56 56.62
CA ARG B 1595 -6.10 -8.12 56.81
C ARG B 1595 -5.55 -7.86 58.21
N ALA B 1596 -4.75 -6.81 58.36
CA ALA B 1596 -4.23 -6.40 59.67
C ALA B 1596 -5.34 -5.91 60.60
N GLY B 1597 -5.23 -6.17 61.90
CA GLY B 1597 -6.10 -5.60 62.92
C GLY B 1597 -7.47 -6.26 63.11
N THR B 1598 -7.72 -7.44 62.51
CA THR B 1598 -9.03 -8.12 62.54
C THR B 1598 -8.94 -9.61 62.87
N VAL B 1599 -8.06 -10.03 63.80
CA VAL B 1599 -7.73 -11.45 64.04
C VAL B 1599 -8.95 -12.29 64.38
N VAL B 1600 -9.80 -11.85 65.31
CA VAL B 1600 -10.99 -12.60 65.73
C VAL B 1600 -11.98 -12.76 64.58
N GLY B 1601 -12.18 -11.72 63.79
CA GLY B 1601 -13.05 -11.78 62.61
C GLY B 1601 -12.53 -12.74 61.54
N SER B 1602 -11.20 -12.77 61.33
CA SER B 1602 -10.58 -13.74 60.43
C SER B 1602 -10.82 -15.16 60.92
N ALA B 1603 -10.62 -15.42 62.21
CA ALA B 1603 -10.90 -16.72 62.80
C ALA B 1603 -12.38 -17.12 62.63
N ALA B 1604 -13.30 -16.20 62.86
CA ALA B 1604 -14.72 -16.49 62.73
C ALA B 1604 -15.07 -16.89 61.29
N ASP B 1605 -14.60 -16.13 60.31
CA ASP B 1605 -14.85 -16.44 58.91
C ASP B 1605 -14.21 -17.76 58.50
N ALA B 1606 -13.02 -18.07 58.98
CA ALA B 1606 -12.39 -19.35 58.71
C ALA B 1606 -13.22 -20.52 59.27
N PHE B 1607 -13.68 -20.41 60.52
CA PHE B 1607 -14.49 -21.45 61.17
C PHE B 1607 -15.80 -21.71 60.45
N LEU B 1608 -16.53 -20.66 60.07
CA LEU B 1608 -17.76 -20.81 59.29
C LEU B 1608 -17.49 -21.40 57.90
N THR B 1609 -16.35 -21.08 57.30
CA THR B 1609 -15.97 -21.66 56.00
C THR B 1609 -15.79 -23.17 56.10
N ALA B 1610 -15.27 -23.66 57.21
CA ALA B 1610 -15.15 -25.10 57.46
C ALA B 1610 -16.52 -25.73 57.77
N LEU B 1611 -17.28 -25.13 58.68
CA LEU B 1611 -18.58 -25.66 59.10
C LEU B 1611 -19.56 -25.79 57.94
N ALA B 1612 -19.57 -24.85 57.01
CA ALA B 1612 -20.42 -24.94 55.82
C ALA B 1612 -20.07 -26.17 54.97
N ARG B 1613 -18.79 -26.46 54.73
CA ARG B 1613 -18.39 -27.64 53.94
C ARG B 1613 -18.77 -28.95 54.60
N HIS B 1614 -18.59 -29.06 55.93
CA HIS B 1614 -18.98 -30.25 56.68
C HIS B 1614 -20.43 -30.66 56.41
N HIS B 1615 -21.37 -29.71 56.46
CA HIS B 1615 -22.77 -29.97 56.13
C HIS B 1615 -23.04 -30.14 54.62
N ARG B 1616 -22.35 -29.39 53.75
CA ARG B 1616 -22.51 -29.51 52.29
C ARG B 1616 -22.18 -30.92 51.80
N GLN B 1617 -21.09 -31.51 52.29
CA GLN B 1617 -20.69 -32.88 51.97
C GLN B 1617 -21.69 -33.93 52.49
N ALA B 1618 -22.52 -33.61 53.49
CA ALA B 1618 -23.60 -34.48 53.96
C ALA B 1618 -24.87 -34.42 53.09
N GLY B 1619 -24.93 -33.52 52.09
CA GLY B 1619 -26.05 -33.38 51.15
C GLY B 1619 -26.97 -32.17 51.39
N LEU B 1620 -26.58 -31.22 52.26
CA LEU B 1620 -27.40 -30.06 52.64
C LEU B 1620 -26.98 -28.80 51.86
N PRO B 1621 -27.90 -27.95 51.36
CA PRO B 1621 -27.58 -26.78 50.53
C PRO B 1621 -27.03 -25.56 51.32
N VAL B 1622 -26.24 -25.79 52.36
CA VAL B 1622 -25.58 -24.77 53.17
C VAL B 1622 -24.41 -24.15 52.39
N VAL B 1623 -24.30 -22.82 52.37
CA VAL B 1623 -23.19 -22.09 51.72
C VAL B 1623 -22.68 -20.98 52.62
N ALA B 1624 -21.37 -20.82 52.72
CA ALA B 1624 -20.76 -19.64 53.32
C ALA B 1624 -20.50 -18.59 52.25
N ALA B 1625 -21.04 -17.40 52.40
CA ALA B 1625 -20.81 -16.29 51.49
C ALA B 1625 -19.76 -15.35 52.06
N ALA B 1626 -18.63 -15.18 51.38
CA ALA B 1626 -17.64 -14.16 51.69
C ALA B 1626 -17.94 -12.90 50.88
N TRP B 1627 -18.88 -12.09 51.38
CA TRP B 1627 -19.35 -10.88 50.72
C TRP B 1627 -18.45 -9.66 50.93
N GLY B 1628 -18.49 -8.72 49.99
CA GLY B 1628 -18.01 -7.36 50.23
C GLY B 1628 -18.93 -6.56 51.17
N PRO B 1629 -18.56 -5.33 51.54
CA PRO B 1629 -19.42 -4.45 52.31
C PRO B 1629 -20.71 -4.09 51.58
N TRP B 1630 -21.84 -4.16 52.28
CA TRP B 1630 -23.13 -3.74 51.74
C TRP B 1630 -23.22 -2.21 51.65
N LEU B 1631 -23.52 -1.67 50.46
CA LEU B 1631 -23.58 -0.23 50.22
C LEU B 1631 -24.62 0.47 51.10
N GLU B 1632 -25.75 -0.18 51.30
CA GLU B 1632 -26.82 0.28 52.20
C GLU B 1632 -26.37 0.36 53.67
N SER B 1633 -25.32 -0.38 54.05
CA SER B 1633 -24.75 -0.37 55.39
C SER B 1633 -23.68 0.72 55.60
N VAL B 1634 -23.33 1.49 54.57
CA VAL B 1634 -22.47 2.68 54.71
C VAL B 1634 -23.25 3.82 55.35
N ASP B 1635 -23.11 4.01 56.66
CA ASP B 1635 -23.84 5.02 57.42
C ASP B 1635 -23.54 6.44 56.92
N GLU B 1636 -24.57 7.19 56.54
CA GLU B 1636 -24.44 8.58 56.08
C GLU B 1636 -23.86 9.50 57.18
N SER B 1637 -23.90 9.07 58.44
CA SER B 1637 -23.30 9.76 59.58
C SER B 1637 -21.77 9.66 59.60
N ASP B 1638 -21.19 8.62 58.99
CA ASP B 1638 -19.76 8.32 59.03
C ASP B 1638 -19.33 7.39 57.88
N GLU B 1639 -18.82 7.96 56.77
CA GLU B 1639 -18.28 7.19 55.64
C GLU B 1639 -16.87 6.63 55.91
N ALA B 1640 -16.18 7.00 57.00
CA ALA B 1640 -14.76 6.68 57.20
C ALA B 1640 -14.40 5.18 57.15
N PRO B 1641 -15.21 4.23 57.66
CA PRO B 1641 -14.95 2.80 57.47
C PRO B 1641 -14.94 2.37 56.00
N ALA B 1642 -15.82 2.94 55.18
CA ALA B 1642 -15.79 2.74 53.74
C ALA B 1642 -14.58 3.44 53.11
N VAL B 1643 -14.19 4.64 53.56
CA VAL B 1643 -13.01 5.35 53.03
C VAL B 1643 -11.73 4.54 53.27
N ALA B 1644 -11.56 3.96 54.47
CA ALA B 1644 -10.42 3.10 54.76
C ALA B 1644 -10.34 1.90 53.80
N PHE B 1645 -11.46 1.22 53.57
CA PHE B 1645 -11.53 0.10 52.63
C PHE B 1645 -11.36 0.54 51.18
N ALA B 1646 -11.86 1.70 50.80
CA ALA B 1646 -11.70 2.22 49.44
C ALA B 1646 -10.24 2.48 49.09
N GLU B 1647 -9.43 2.96 50.03
CA GLU B 1647 -7.99 3.07 49.84
C GLU B 1647 -7.31 1.72 49.69
N ALA B 1648 -7.70 0.74 50.49
CA ALA B 1648 -7.29 -0.65 50.36
C ALA B 1648 -7.85 -1.34 49.10
N GLY B 1649 -8.74 -0.71 48.36
CA GLY B 1649 -9.23 -1.21 47.08
C GLY B 1649 -10.38 -2.19 47.18
N VAL B 1650 -11.09 -2.25 48.31
CA VAL B 1650 -12.37 -2.96 48.43
C VAL B 1650 -13.48 -1.92 48.38
N TYR B 1651 -14.42 -2.05 47.45
CA TYR B 1651 -15.48 -1.06 47.24
C TYR B 1651 -16.85 -1.66 47.51
N PRO B 1652 -17.79 -0.94 48.15
CA PRO B 1652 -19.13 -1.45 48.38
C PRO B 1652 -19.91 -1.80 47.11
N ALA B 1653 -20.93 -2.63 47.28
CA ALA B 1653 -21.94 -2.95 46.26
C ALA B 1653 -23.32 -3.10 46.91
N PRO B 1654 -24.43 -2.95 46.16
CA PRO B 1654 -25.77 -3.15 46.69
C PRO B 1654 -25.99 -4.59 47.16
N GLY B 1655 -26.46 -4.77 48.39
CA GLY B 1655 -26.71 -6.08 48.98
C GLY B 1655 -27.67 -6.91 48.14
N GLY B 1656 -28.72 -6.30 47.59
CA GLY B 1656 -29.65 -6.97 46.69
C GLY B 1656 -28.98 -7.52 45.42
N GLU B 1657 -27.93 -6.87 44.91
CA GLU B 1657 -27.21 -7.35 43.74
C GLU B 1657 -26.27 -8.52 44.10
N MET B 1658 -25.65 -8.48 45.28
CA MET B 1658 -24.87 -9.61 45.78
C MET B 1658 -25.75 -10.83 46.05
N LEU B 1659 -26.95 -10.63 46.61
CA LEU B 1659 -27.91 -11.71 46.80
C LEU B 1659 -28.36 -12.26 45.44
N ASP B 1660 -28.68 -11.40 44.47
CA ASP B 1660 -29.03 -11.81 43.11
C ASP B 1660 -27.95 -12.65 42.43
N ALA B 1661 -26.67 -12.35 42.66
CA ALA B 1661 -25.56 -13.07 42.07
C ALA B 1661 -25.23 -14.41 42.75
N LEU B 1662 -25.84 -14.76 43.89
CA LEU B 1662 -25.50 -15.97 44.64
C LEU B 1662 -26.70 -16.83 45.07
N LEU B 1663 -27.79 -16.27 45.61
CA LEU B 1663 -28.90 -17.06 46.14
C LEU B 1663 -29.66 -17.96 45.14
N PRO B 1664 -29.69 -17.76 43.80
CA PRO B 1664 -30.25 -18.77 42.90
C PRO B 1664 -29.41 -20.06 42.77
N LEU B 1665 -28.15 -20.06 43.22
CA LEU B 1665 -27.15 -21.08 42.88
C LEU B 1665 -27.14 -22.37 43.72
N PRO B 1666 -27.36 -22.39 45.06
CA PRO B 1666 -26.93 -23.52 45.90
C PRO B 1666 -27.56 -24.89 45.59
N ALA B 1667 -28.79 -24.91 45.05
CA ALA B 1667 -29.49 -26.14 44.64
C ALA B 1667 -29.05 -26.68 43.26
N ALA B 1668 -28.28 -25.91 42.48
CA ALA B 1668 -28.01 -26.17 41.06
C ALA B 1668 -26.52 -26.03 40.65
N GLY B 1669 -25.65 -25.53 41.51
CA GLY B 1669 -24.22 -25.36 41.25
C GLY B 1669 -23.39 -25.19 42.53
N GLU B 1670 -22.06 -25.21 42.37
CA GLU B 1670 -21.08 -25.16 43.48
C GLU B 1670 -21.32 -26.27 44.53
N ALA B 1671 -21.61 -27.50 44.06
CA ALA B 1671 -21.92 -28.66 44.90
C ALA B 1671 -20.72 -29.12 45.74
N ASP B 1672 -19.52 -29.13 45.15
CA ASP B 1672 -18.25 -29.43 45.83
C ASP B 1672 -17.04 -28.88 45.04
N GLY B 1673 -15.86 -28.84 45.67
CA GLY B 1673 -14.60 -28.39 45.06
C GLY B 1673 -14.45 -26.86 44.90
N SER B 1674 -15.40 -26.07 45.42
CA SER B 1674 -15.42 -24.60 45.28
C SER B 1674 -14.30 -23.89 46.08
N GLY B 1675 -13.78 -24.54 47.15
CA GLY B 1675 -12.76 -23.97 48.04
C GLY B 1675 -13.30 -22.84 48.93
N GLU B 1676 -12.42 -21.94 49.38
CA GLU B 1676 -12.84 -20.69 50.02
C GLU B 1676 -13.34 -19.72 48.93
N ALA B 1677 -14.61 -19.31 48.97
CA ALA B 1677 -15.28 -18.64 47.85
C ALA B 1677 -16.15 -17.44 48.26
N GLY B 1678 -16.14 -16.38 47.46
CA GLY B 1678 -16.77 -15.10 47.79
C GLY B 1678 -17.10 -14.24 46.59
N LEU B 1679 -17.70 -13.09 46.85
CA LEU B 1679 -18.36 -12.25 45.86
C LEU B 1679 -18.29 -10.79 46.28
N ALA B 1680 -17.53 -9.97 45.56
CA ALA B 1680 -17.27 -8.57 45.93
C ALA B 1680 -16.65 -7.75 44.79
N ARG B 1681 -16.57 -6.42 44.95
CA ARG B 1681 -15.75 -5.55 44.11
C ARG B 1681 -14.42 -5.28 44.79
N VAL B 1682 -13.32 -5.79 44.24
CA VAL B 1682 -11.98 -5.58 44.77
C VAL B 1682 -10.99 -5.42 43.64
N ASP B 1683 -9.99 -4.58 43.80
CA ASP B 1683 -8.81 -4.50 42.93
C ASP B 1683 -7.57 -4.98 43.70
N TRP B 1684 -7.12 -6.22 43.45
CA TRP B 1684 -6.08 -6.83 44.27
C TRP B 1684 -4.71 -6.15 44.14
N ASP B 1685 -4.46 -5.42 43.05
CA ASP B 1685 -3.22 -4.65 42.90
C ASP B 1685 -3.15 -3.49 43.89
N ARG B 1686 -4.29 -2.85 44.22
CA ARG B 1686 -4.33 -1.91 45.35
C ARG B 1686 -4.18 -2.67 46.65
N TYR B 1687 -4.88 -3.77 46.84
CA TYR B 1687 -4.93 -4.41 48.15
C TYR B 1687 -3.55 -4.85 48.65
N LEU B 1688 -2.71 -5.46 47.81
CA LEU B 1688 -1.39 -5.90 48.25
C LEU B 1688 -0.38 -4.76 48.41
N THR B 1689 -0.64 -3.59 47.86
CA THR B 1689 0.22 -2.41 48.03
C THR B 1689 -0.28 -1.46 49.10
N ALA B 1690 -1.54 -1.55 49.51
CA ALA B 1690 -2.09 -0.87 50.68
C ALA B 1690 -1.55 -1.47 51.99
N GLY B 1691 -1.70 -0.73 53.10
CA GLY B 1691 -0.86 -0.94 54.28
C GLY B 1691 0.61 -0.71 53.89
N HIS B 1692 1.47 -1.69 54.16
CA HIS B 1692 2.71 -1.88 53.39
C HIS B 1692 3.21 -3.33 53.47
N ARG B 1693 4.07 -3.74 52.54
CA ARG B 1693 4.57 -5.12 52.41
C ARG B 1693 5.87 -5.12 51.56
N PRO B 1694 7.05 -5.44 52.12
CA PRO B 1694 8.33 -5.42 51.41
C PRO B 1694 8.73 -6.74 50.71
N LEU B 1695 8.03 -7.85 50.96
CA LEU B 1695 8.34 -9.18 50.41
C LEU B 1695 7.10 -9.81 49.74
N PRO B 1696 7.24 -10.70 48.75
CA PRO B 1696 6.13 -11.29 48.01
C PRO B 1696 5.18 -12.13 48.88
N TYR B 1697 3.99 -12.41 48.34
CA TYR B 1697 2.94 -13.19 48.99
C TYR B 1697 2.23 -14.04 47.93
N THR B 1698 2.57 -15.32 47.81
CA THR B 1698 2.20 -16.14 46.64
C THR B 1698 0.70 -16.48 46.52
N VAL B 1699 -0.10 -16.11 47.52
CA VAL B 1699 -1.56 -16.17 47.45
C VAL B 1699 -2.14 -15.15 46.45
N LEU B 1700 -1.48 -14.01 46.25
CA LEU B 1700 -1.92 -12.93 45.34
C LEU B 1700 -0.91 -12.70 44.21
N GLU B 1701 0.38 -12.76 44.51
CA GLU B 1701 1.45 -12.50 43.54
C GLU B 1701 1.83 -13.77 42.76
N THR B 1702 2.24 -13.61 41.50
CA THR B 1702 2.76 -14.71 40.66
C THR B 1702 4.09 -15.21 41.23
N ARG B 1703 4.28 -16.53 41.29
CA ARG B 1703 5.35 -17.17 42.07
C ARG B 1703 6.76 -16.63 41.82
N ALA B 1704 7.33 -16.82 40.62
CA ALA B 1704 8.74 -16.57 40.35
C ALA B 1704 9.08 -16.36 38.86
N SER B 1705 10.23 -15.75 38.61
CA SER B 1705 10.91 -15.72 37.30
C SER B 1705 11.72 -17.00 37.04
N TYR B 1706 12.22 -17.17 35.82
CA TYR B 1706 13.00 -18.33 35.35
C TYR B 1706 13.93 -17.95 34.18
N ASP B 1707 14.90 -18.80 33.88
CA ASP B 1707 15.94 -18.55 32.86
C ASP B 1707 15.41 -18.72 31.40
N GLU B 1708 15.19 -17.61 30.69
CA GLU B 1708 15.05 -17.57 29.22
C GLU B 1708 15.53 -16.23 28.62
N GLU B 1709 15.81 -16.19 27.31
CA GLU B 1709 16.36 -15.01 26.60
C GLU B 1709 15.64 -14.74 25.27
N LYS B 1710 15.72 -13.50 24.78
CA LYS B 1710 15.00 -13.00 23.58
C LYS B 1710 15.96 -12.33 22.57
N ALA B 1711 15.59 -12.39 21.30
CA ALA B 1711 16.32 -11.74 20.20
C ALA B 1711 16.24 -10.19 20.26
N PRO B 1712 17.18 -9.46 19.63
CA PRO B 1712 17.15 -8.00 19.52
C PRO B 1712 16.10 -7.43 18.53
N GLY B 1713 15.21 -8.27 18.00
CA GLY B 1713 14.19 -7.90 17.02
C GLY B 1713 14.70 -7.86 15.58
N PHE B 1714 13.78 -7.89 14.61
CA PHE B 1714 14.09 -7.76 13.19
C PHE B 1714 14.54 -6.33 12.83
N GLY B 1715 15.32 -6.18 11.76
CA GLY B 1715 15.87 -4.90 11.29
C GLY B 1715 17.01 -4.34 12.14
N GLN B 1716 16.86 -4.31 13.46
CA GLN B 1716 17.90 -3.87 14.40
C GLN B 1716 19.16 -4.75 14.32
N ASN B 1717 20.32 -4.13 14.07
CA ASN B 1717 21.60 -4.82 13.84
C ASN B 1717 22.83 -4.07 14.44
N ARG B 1718 22.59 -3.18 15.43
CA ARG B 1718 23.58 -2.26 16.01
C ARG B 1718 24.73 -2.99 16.72
N MET B 1719 25.93 -2.39 16.67
CA MET B 1719 27.13 -2.77 17.43
C MET B 1719 27.47 -4.27 17.34
O01 ONF C . -7.00 -12.35 -11.20
C02 ONF C . -6.04 -12.12 -10.49
C03 ONF C . -6.29 -11.77 -9.03
C04 ONF C . -6.28 -10.24 -8.84
C05 ONF C . -6.14 -9.84 -7.35
C06 ONF C . -5.48 -8.46 -7.19
C07 ONF C . -5.34 -8.07 -5.70
C08 ONF C . -4.47 -6.81 -5.51
C09 ONF C . -4.51 -6.33 -4.05
C10 ONF C . -3.64 -5.07 -3.84
C11 ONF C . -4.05 -4.29 -2.57
C12 ONF C . -3.22 -3.02 -2.34
C13 ONF C . -3.74 -2.02 -1.40
C14 ONF C . -4.87 -2.11 -0.61
C15 ONF C . -5.00 -0.90 0.12
C16 ONF C . -3.97 -0.07 -0.22
N17 ONF C . -3.20 -0.76 -1.15
O18 ONF C . -2.18 -2.83 -2.97
O19 ONF C . -4.88 -12.25 -10.84
H1 ONF C . -5.48 -12.23 -8.43
H2 ONF C . -7.22 -12.19 -8.68
H3 ONF C . -7.20 -9.81 -9.25
H4 ONF C . -5.46 -9.81 -9.41
H5 ONF C . -7.12 -9.85 -6.87
H6 ONF C . -5.53 -10.58 -6.82
H7 ONF C . -4.50 -8.46 -7.67
H8 ONF C . -6.09 -7.70 -7.71
H9 ONF C . -4.90 -8.91 -5.15
H10 ONF C . -6.34 -7.90 -5.29
H11 ONF C . -4.85 -6.01 -6.16
H12 ONF C . -3.44 -7.01 -5.81
H13 ONF C . -5.55 -6.11 -3.78
H14 ONF C . -4.18 -7.12 -3.39
H15 ONF C . -3.74 -4.40 -4.71
H16 ONF C . -2.59 -5.36 -3.78
H17 ONF C . -3.96 -4.94 -1.68
H18 ONF C . -5.10 -4.01 -2.64
H19 ONF C . -5.54 -2.95 -0.55
H20 ONF C . -5.79 -0.68 0.82
H21 ONF C . -3.73 0.93 0.12
H22 ONF C . -2.37 -0.40 -1.60
#